data_7WRR
#
_entry.id   7WRR
#
_cell.length_a   72.720
_cell.length_b   88.840
_cell.length_c   117.610
_cell.angle_alpha   72.564
_cell.angle_beta   88.743
_cell.angle_gamma   73.740
#
_symmetry.space_group_name_H-M   'P 1'
#
loop_
_entity.id
_entity.type
_entity.pdbx_description
1 polymer Transketolase
2 non-polymer 'THIAMINE DIPHOSPHATE'
3 non-polymer 'CALCIUM ION'
4 non-polymer '2-(N-MORPHOLINO)-ETHANESULFONIC ACID'
5 water water
#
_entity_poly.entity_id   1
_entity_poly.type   'polypeptide(L)'
_entity_poly.pdbx_seq_one_letter_code
;MGSSHHHHHHSSGLVPRGSHSMKETRDLETLSVNAIRFLAIDAVEKARSGHPGMPMGMAPLAYLLFREVMRHNPLDPDWP
DRDRFVLSAGHGSMLLYAVLHLTGYDLPLEELKSFRQWGSKTPGHPERGHTPGVEVTTGPLGQGISTAVGLALAERKLAA
EFNRPGHVVVDHYTYVLASDGDLMEGVSGEAASLAGHWGLSKLIVFWDDNRISIDGPTDLAFTEDVLARYRAYGWQTLRV
EDVNDLEALRKAIKLAKLDERPTLIAVRSHIGFGSPKQDSAKAHGEPLGPEAVEATRRNLGWPYPPFVVPEEVYRHMDMR
EKGRAWQEAWEKALEAYARAYPDLHQELMRRLRGELPPLPEEPPSFDKPIATRAASGRALNLLAPRLPELLGGSADLTPS
NNTKAEGMEDFSRANPLGRYLHFGVREHAMGAILNGLNLHGGYRAYGGTFLVFSDYMRPAIRLAALMGVPTVFVFTHDSI
ALGEDGPTHQPVEHLMSLRAMPNLFVIRPADAYETFYAWLVALRRKEGPTALVLTRQAVPLLSPEKARGLLRGGYVLEDV
EEPQGVLVATGSEVHLALRAQALLREKGVRVRVVSLPSFELFAAQPEAYRKEVLPPGLPVVAVEAGASLGWERYAHKVVA
LDRFGASAPYPEVYERLGFTPERVAEAFLSLV
;
_entity_poly.pdbx_strand_id   A,B,C,D
#
loop_
_chem_comp.id
_chem_comp.type
_chem_comp.name
_chem_comp.formula
CA non-polymer 'CALCIUM ION' 'Ca 2'
MES non-polymer '2-(N-MORPHOLINO)-ETHANESULFONIC ACID' 'C6 H13 N O4 S'
TPP non-polymer 'THIAMINE DIPHOSPHATE' 'C12 H19 N4 O7 P2 S 1'
#
# COMPACT_ATOMS: atom_id res chain seq x y z
N LYS A 23 -4.16 11.61 -83.54
CA LYS A 23 -4.99 10.56 -82.86
C LYS A 23 -4.12 9.34 -82.50
N GLU A 24 -3.06 9.03 -83.24
CA GLU A 24 -2.17 7.86 -82.95
C GLU A 24 -1.23 8.19 -81.78
N THR A 25 -0.80 9.45 -81.63
CA THR A 25 -0.14 9.97 -80.41
C THR A 25 -1.15 9.86 -79.24
N ARG A 26 -2.31 10.51 -79.39
CA ARG A 26 -3.44 10.51 -78.43
C ARG A 26 -3.78 9.05 -78.04
N ASP A 27 -4.03 8.19 -79.03
CA ASP A 27 -4.38 6.76 -78.83
C ASP A 27 -3.29 6.01 -78.03
N LEU A 28 -2.02 6.28 -78.29
CA LEU A 28 -0.90 5.58 -77.62
C LEU A 28 -0.76 6.12 -76.18
N GLU A 29 -0.90 7.43 -75.97
CA GLU A 29 -1.04 8.07 -74.62
C GLU A 29 -2.18 7.39 -73.87
N THR A 30 -3.35 7.26 -74.51
CA THR A 30 -4.59 6.71 -73.88
C THR A 30 -4.42 5.21 -73.64
N LEU A 31 -3.77 4.53 -74.55
CA LEU A 31 -3.54 3.08 -74.36
C LEU A 31 -2.59 2.89 -73.17
N SER A 32 -1.56 3.74 -73.07
CA SER A 32 -0.51 3.56 -72.04
C SER A 32 -1.08 3.88 -70.65
N VAL A 33 -1.85 4.97 -70.56
CA VAL A 33 -2.55 5.42 -69.32
C VAL A 33 -3.48 4.30 -68.87
N ASN A 34 -4.24 3.70 -69.79
CA ASN A 34 -5.17 2.62 -69.39
C ASN A 34 -4.42 1.38 -68.96
N ALA A 35 -3.27 1.09 -69.58
CA ALA A 35 -2.37 0.03 -69.10
C ALA A 35 -2.08 0.29 -67.60
N ILE A 36 -1.82 1.52 -67.22
CA ILE A 36 -1.56 1.87 -65.78
C ILE A 36 -2.83 1.60 -64.99
N ARG A 37 -3.96 2.05 -65.50
CA ARG A 37 -5.25 1.91 -64.78
C ARG A 37 -5.52 0.43 -64.59
N PHE A 38 -5.37 -0.39 -65.63
CA PHE A 38 -5.81 -1.81 -65.59
C PHE A 38 -4.78 -2.68 -64.89
N LEU A 39 -3.49 -2.35 -64.93
CA LEU A 39 -2.52 -3.11 -64.10
C LEU A 39 -2.93 -2.94 -62.63
N ALA A 40 -3.31 -1.72 -62.22
CA ALA A 40 -3.67 -1.39 -60.81
C ALA A 40 -4.98 -2.11 -60.45
N ILE A 41 -5.99 -1.93 -61.27
CA ILE A 41 -7.32 -2.58 -61.07
C ILE A 41 -7.11 -4.08 -60.88
N ASP A 42 -6.45 -4.75 -61.83
CA ASP A 42 -6.33 -6.24 -61.84
C ASP A 42 -5.40 -6.73 -60.71
N ALA A 43 -4.34 -6.00 -60.36
CA ALA A 43 -3.46 -6.39 -59.22
C ALA A 43 -4.28 -6.34 -57.90
N VAL A 44 -5.12 -5.34 -57.71
CA VAL A 44 -5.95 -5.21 -56.49
C VAL A 44 -6.95 -6.36 -56.47
N GLU A 45 -7.55 -6.65 -57.62
CA GLU A 45 -8.60 -7.68 -57.76
C GLU A 45 -7.98 -9.04 -57.42
N LYS A 46 -6.85 -9.39 -58.02
CA LYS A 46 -6.20 -10.69 -57.75
C LYS A 46 -5.78 -10.75 -56.28
N ALA A 47 -5.26 -9.67 -55.69
CA ALA A 47 -4.91 -9.64 -54.24
C ALA A 47 -6.18 -9.64 -53.38
N ARG A 48 -7.31 -9.17 -53.92
CA ARG A 48 -8.57 -8.94 -53.18
C ARG A 48 -8.30 -8.00 -52.01
N SER A 49 -7.45 -7.01 -52.24
CA SER A 49 -6.96 -6.12 -51.16
C SER A 49 -6.22 -4.99 -51.84
N GLY A 50 -6.48 -3.77 -51.39
CA GLY A 50 -5.80 -2.58 -51.88
C GLY A 50 -6.76 -1.52 -52.33
N HIS A 51 -6.17 -0.55 -53.00
CA HIS A 51 -6.73 0.78 -53.27
C HIS A 51 -6.70 1.00 -54.78
N PRO A 52 -7.78 0.70 -55.53
CA PRO A 52 -7.79 0.89 -56.98
C PRO A 52 -8.20 2.31 -57.39
N GLY A 53 -8.93 3.03 -56.52
CA GLY A 53 -9.60 4.28 -56.85
C GLY A 53 -8.65 5.40 -57.23
N MET A 54 -7.67 5.72 -56.39
CA MET A 54 -6.78 6.86 -56.76
C MET A 54 -5.90 6.51 -57.98
N PRO A 55 -5.32 5.29 -58.09
CA PRO A 55 -4.53 4.94 -59.28
C PRO A 55 -5.33 5.11 -60.58
N MET A 56 -6.60 4.70 -60.56
CA MET A 56 -7.54 4.92 -61.69
C MET A 56 -7.62 6.42 -62.06
N GLY A 57 -7.79 7.30 -61.08
CA GLY A 57 -7.82 8.75 -61.33
C GLY A 57 -6.49 9.32 -61.76
N MET A 58 -5.40 8.91 -61.12
CA MET A 58 -4.11 9.61 -61.26
C MET A 58 -3.21 8.97 -62.34
N ALA A 59 -3.60 7.85 -62.97
CA ALA A 59 -2.81 7.17 -64.04
C ALA A 59 -2.20 8.15 -65.04
N PRO A 60 -2.94 9.15 -65.57
CA PRO A 60 -2.37 10.09 -66.53
C PRO A 60 -1.14 10.86 -66.05
N LEU A 61 -1.15 11.20 -64.76
CA LEU A 61 -0.02 11.95 -64.16
C LEU A 61 1.16 10.99 -64.03
N ALA A 62 0.93 9.74 -63.62
CA ALA A 62 2.07 8.82 -63.49
C ALA A 62 2.68 8.61 -64.88
N TYR A 63 1.81 8.41 -65.89
CA TYR A 63 2.23 8.31 -67.30
C TYR A 63 3.14 9.49 -67.62
N LEU A 64 2.68 10.69 -67.31
CA LEU A 64 3.35 11.89 -67.83
C LEU A 64 4.70 12.05 -67.11
N LEU A 65 4.76 11.72 -65.83
CA LEU A 65 6.00 12.01 -65.08
C LEU A 65 7.09 11.06 -65.55
N PHE A 66 6.75 9.79 -65.66
CA PHE A 66 7.74 8.72 -65.89
C PHE A 66 8.13 8.63 -67.37
N ARG A 67 7.22 9.00 -68.29
CA ARG A 67 7.45 8.90 -69.77
C ARG A 67 8.09 10.20 -70.27
N GLU A 68 7.65 11.35 -69.83
CA GLU A 68 8.04 12.64 -70.46
C GLU A 68 8.81 13.53 -69.50
N VAL A 69 8.40 13.67 -68.24
CA VAL A 69 8.89 14.86 -67.48
C VAL A 69 10.19 14.49 -66.77
N MET A 70 10.24 13.34 -66.13
CA MET A 70 11.35 13.04 -65.21
C MET A 70 12.53 12.46 -65.98
N ARG A 71 13.73 12.83 -65.54
CA ARG A 71 14.96 12.11 -65.94
C ARG A 71 15.21 11.04 -64.91
N HIS A 72 15.27 9.79 -65.35
CA HIS A 72 15.49 8.69 -64.41
C HIS A 72 16.00 7.53 -65.22
N ASN A 73 16.64 6.59 -64.54
CA ASN A 73 17.20 5.40 -65.20
C ASN A 73 16.62 4.13 -64.62
N PRO A 74 15.70 3.42 -65.30
CA PRO A 74 15.19 2.15 -64.78
C PRO A 74 16.29 1.11 -64.52
N LEU A 75 17.43 1.18 -65.22
CA LEU A 75 18.56 0.22 -65.00
C LEU A 75 19.36 0.64 -63.75
N ASP A 76 19.32 1.90 -63.30
CA ASP A 76 20.02 2.28 -62.06
C ASP A 76 19.14 3.22 -61.25
N PRO A 77 18.22 2.68 -60.41
CA PRO A 77 17.37 3.50 -59.55
C PRO A 77 18.14 4.44 -58.61
N ASP A 78 19.47 4.23 -58.46
CA ASP A 78 20.34 4.91 -57.47
C ASP A 78 21.16 6.00 -58.17
N TRP A 79 20.90 6.22 -59.44
CA TRP A 79 21.59 7.28 -60.21
C TRP A 79 21.50 8.58 -59.42
N PRO A 80 22.64 9.13 -58.92
CA PRO A 80 22.51 10.25 -57.98
C PRO A 80 21.78 11.47 -58.54
N ASP A 81 21.69 11.67 -59.87
CA ASP A 81 21.16 12.96 -60.40
C ASP A 81 19.78 12.74 -60.96
N ARG A 82 19.18 11.60 -60.69
CA ARG A 82 17.78 11.37 -61.10
C ARG A 82 16.84 12.41 -60.45
N ASP A 83 15.76 12.72 -61.13
CA ASP A 83 14.59 13.31 -60.44
C ASP A 83 14.03 12.27 -59.45
N ARG A 84 13.52 12.76 -58.31
CA ARG A 84 12.92 11.92 -57.25
C ARG A 84 11.39 12.06 -57.34
N PHE A 85 10.67 10.95 -57.40
CA PHE A 85 9.20 10.90 -57.26
C PHE A 85 8.85 10.30 -55.90
N VAL A 86 8.03 11.03 -55.14
CA VAL A 86 7.50 10.56 -53.84
C VAL A 86 5.99 10.31 -53.93
N LEU A 87 5.56 9.07 -53.77
CA LEU A 87 4.11 8.79 -53.65
C LEU A 87 3.74 9.00 -52.17
N SER A 88 3.39 10.23 -51.78
CA SER A 88 2.98 10.52 -50.39
C SER A 88 1.66 9.81 -50.11
N ALA A 89 0.79 9.75 -51.10
CA ALA A 89 -0.49 8.98 -51.06
C ALA A 89 -0.19 7.51 -51.29
N GLY A 90 0.46 6.85 -50.33
CA GLY A 90 1.03 5.50 -50.48
C GLY A 90 0.01 4.39 -50.71
N HIS A 91 -1.23 4.55 -50.25
CA HIS A 91 -2.32 3.59 -50.49
C HIS A 91 -2.41 3.32 -52.00
N GLY A 92 -2.17 4.33 -52.81
CA GLY A 92 -2.13 4.22 -54.28
C GLY A 92 -0.87 3.54 -54.83
N SER A 93 -0.36 2.54 -54.12
CA SER A 93 0.94 1.90 -54.45
C SER A 93 0.91 1.32 -55.87
N MET A 94 -0.24 0.81 -56.33
CA MET A 94 -0.27 0.10 -57.64
C MET A 94 -0.06 1.08 -58.79
N LEU A 95 -0.37 2.37 -58.59
CA LEU A 95 -0.07 3.39 -59.60
C LEU A 95 1.44 3.40 -59.88
N LEU A 96 2.22 3.39 -58.81
CA LEU A 96 3.70 3.45 -58.89
C LEU A 96 4.22 2.11 -59.41
N TYR A 97 3.76 0.97 -58.86
CA TYR A 97 4.25 -0.34 -59.35
C TYR A 97 3.97 -0.49 -60.86
N ALA A 98 2.80 -0.06 -61.33
CA ALA A 98 2.40 -0.25 -62.74
C ALA A 98 3.40 0.51 -63.59
N VAL A 99 3.71 1.75 -63.23
CA VAL A 99 4.55 2.63 -64.07
C VAL A 99 6.03 2.25 -63.95
N LEU A 100 6.48 1.68 -62.82
CA LEU A 100 7.85 1.14 -62.68
C LEU A 100 7.95 -0.06 -63.63
N HIS A 101 6.96 -0.94 -63.56
CA HIS A 101 6.91 -2.17 -64.38
C HIS A 101 6.97 -1.76 -65.85
N LEU A 102 6.14 -0.80 -66.25
CA LEU A 102 5.93 -0.50 -67.67
C LEU A 102 7.15 0.22 -68.24
N THR A 103 7.92 0.95 -67.43
CA THR A 103 9.01 1.81 -67.97
C THR A 103 10.34 1.06 -67.94
N GLY A 104 10.37 -0.17 -67.41
CA GLY A 104 11.51 -1.09 -67.57
C GLY A 104 12.32 -1.29 -66.30
N TYR A 105 11.80 -0.88 -65.13
CA TYR A 105 12.45 -1.20 -63.85
C TYR A 105 12.40 -2.70 -63.68
N ASP A 106 13.24 -3.21 -62.80
CA ASP A 106 13.31 -4.68 -62.55
C ASP A 106 12.16 -5.02 -61.58
N LEU A 107 10.95 -4.94 -62.09
CA LEU A 107 9.74 -5.24 -61.30
C LEU A 107 8.87 -6.05 -62.24
N PRO A 108 9.12 -7.37 -62.33
CA PRO A 108 8.42 -8.20 -63.31
C PRO A 108 6.91 -8.30 -63.00
N LEU A 109 6.19 -8.68 -64.02
CA LEU A 109 4.73 -8.88 -64.05
C LEU A 109 4.30 -9.79 -62.90
N GLU A 110 5.01 -10.91 -62.72
CA GLU A 110 4.83 -11.85 -61.59
C GLU A 110 4.81 -11.10 -60.24
N GLU A 111 5.55 -10.01 -60.09
CA GLU A 111 5.51 -9.25 -58.82
C GLU A 111 4.17 -8.48 -58.75
N LEU A 112 3.67 -7.96 -59.86
CA LEU A 112 2.36 -7.26 -59.85
C LEU A 112 1.24 -8.27 -59.52
N LYS A 113 1.39 -9.53 -59.92
CA LYS A 113 0.43 -10.61 -59.59
C LYS A 113 0.67 -11.13 -58.17
N SER A 114 1.66 -10.63 -57.45
CA SER A 114 1.88 -10.94 -56.02
C SER A 114 1.74 -9.69 -55.16
N PHE A 115 1.04 -8.66 -55.66
CA PHE A 115 0.66 -7.44 -54.90
C PHE A 115 0.14 -7.88 -53.53
N ARG A 116 0.77 -7.38 -52.47
CA ARG A 116 0.22 -7.48 -51.09
C ARG A 116 0.42 -8.92 -50.58
N GLN A 117 1.25 -9.73 -51.25
CA GLN A 117 1.53 -11.13 -50.85
C GLN A 117 2.90 -11.26 -50.16
N TRP A 118 3.04 -12.24 -49.28
CA TRP A 118 4.27 -12.47 -48.47
C TRP A 118 5.49 -12.49 -49.37
N GLY A 119 6.47 -11.62 -49.13
CA GLY A 119 7.79 -11.70 -49.76
C GLY A 119 7.81 -11.03 -51.11
N SER A 120 6.74 -10.32 -51.47
CA SER A 120 6.63 -9.70 -52.80
C SER A 120 7.38 -8.36 -52.80
N LYS A 121 7.77 -7.93 -53.99
CA LYS A 121 8.38 -6.60 -54.23
C LYS A 121 7.28 -5.56 -54.44
N THR A 122 6.03 -5.92 -54.11
CA THR A 122 4.84 -5.05 -54.32
C THR A 122 4.01 -5.05 -53.04
N PRO A 123 4.55 -4.58 -51.90
CA PRO A 123 3.75 -4.46 -50.70
C PRO A 123 2.62 -3.42 -50.87
N GLY A 124 1.63 -3.52 -49.98
CA GLY A 124 0.45 -2.65 -49.97
C GLY A 124 0.78 -1.18 -49.99
N HIS A 125 1.85 -0.78 -49.30
CA HIS A 125 2.33 0.64 -49.24
C HIS A 125 3.78 0.65 -49.68
N PRO A 126 4.29 1.72 -50.34
CA PRO A 126 5.64 1.66 -50.87
C PRO A 126 6.70 1.52 -49.75
N GLU A 127 7.66 0.60 -49.94
CA GLU A 127 8.78 0.41 -48.98
C GLU A 127 10.11 0.66 -49.65
N ARG A 128 10.73 1.79 -49.33
CA ARG A 128 12.11 2.08 -49.81
C ARG A 128 13.00 0.88 -49.44
N GLY A 129 13.80 0.38 -50.37
CA GLY A 129 14.72 -0.75 -50.13
C GLY A 129 14.14 -2.08 -50.57
N HIS A 130 12.82 -2.18 -50.76
CA HIS A 130 12.13 -3.47 -51.03
C HIS A 130 11.75 -3.54 -52.52
N THR A 131 11.67 -2.39 -53.18
CA THR A 131 11.21 -2.27 -54.58
C THR A 131 12.13 -1.28 -55.27
N PRO A 132 12.69 -1.62 -56.45
CA PRO A 132 13.52 -0.66 -57.15
C PRO A 132 12.68 0.56 -57.60
N GLY A 133 13.22 1.76 -57.38
CA GLY A 133 12.58 3.01 -57.78
C GLY A 133 11.68 3.60 -56.70
N VAL A 134 11.54 2.95 -55.54
CA VAL A 134 10.74 3.52 -54.43
C VAL A 134 11.67 4.41 -53.60
N GLU A 135 11.40 5.72 -53.59
CA GLU A 135 12.29 6.75 -52.99
C GLU A 135 12.06 6.92 -51.49
N VAL A 136 10.85 6.67 -51.00
CA VAL A 136 10.46 6.88 -49.57
C VAL A 136 9.39 5.86 -49.20
N THR A 137 9.46 5.35 -47.99
CA THR A 137 8.41 4.48 -47.46
C THR A 137 7.26 5.41 -47.12
N THR A 138 6.07 5.14 -47.69
CA THR A 138 4.89 5.95 -47.44
C THR A 138 3.71 5.04 -47.04
N GLY A 139 2.54 5.63 -46.84
CA GLY A 139 1.43 4.95 -46.15
C GLY A 139 0.96 5.76 -44.96
N PRO A 140 1.85 6.19 -44.04
CA PRO A 140 1.45 7.16 -43.04
C PRO A 140 1.33 8.54 -43.73
N LEU A 141 0.13 9.10 -43.78
CA LEU A 141 -0.15 10.31 -44.57
C LEU A 141 0.57 11.49 -43.95
N GLY A 142 0.99 12.42 -44.82
CA GLY A 142 1.85 13.56 -44.47
C GLY A 142 3.35 13.27 -44.50
N GLN A 143 3.78 12.02 -44.33
CA GLN A 143 5.23 11.63 -44.35
C GLN A 143 5.92 11.86 -45.72
N GLY A 144 5.33 11.40 -46.83
CA GLY A 144 5.98 11.54 -48.15
C GLY A 144 6.23 12.99 -48.49
N ILE A 145 5.16 13.79 -48.44
CA ILE A 145 5.20 15.22 -48.84
C ILE A 145 6.14 16.01 -47.93
N SER A 146 6.27 15.62 -46.66
CA SER A 146 7.14 16.28 -45.67
C SER A 146 8.61 15.85 -45.89
N THR A 147 8.84 14.55 -46.00
CA THR A 147 10.18 13.97 -46.32
C THR A 147 10.73 14.59 -47.61
N ALA A 148 9.86 14.89 -48.57
CA ALA A 148 10.26 15.43 -49.89
C ALA A 148 10.87 16.82 -49.70
N VAL A 149 10.53 17.51 -48.62
CA VAL A 149 11.15 18.83 -48.37
C VAL A 149 12.64 18.63 -48.08
N GLY A 150 12.97 17.55 -47.38
CA GLY A 150 14.37 17.14 -47.11
C GLY A 150 15.12 16.82 -48.38
N LEU A 151 14.52 16.04 -49.26
CA LEU A 151 15.13 15.62 -50.55
C LEU A 151 15.50 16.86 -51.39
N ALA A 152 14.55 17.76 -51.55
CA ALA A 152 14.70 19.05 -52.28
C ALA A 152 15.72 19.96 -51.60
N LEU A 153 15.70 20.04 -50.26
CA LEU A 153 16.71 20.82 -49.52
C LEU A 153 18.10 20.17 -49.75
N ALA A 154 18.19 18.83 -49.77
CA ALA A 154 19.45 18.12 -50.07
C ALA A 154 19.94 18.48 -51.46
N GLU A 155 19.07 18.50 -52.46
CA GLU A 155 19.49 18.79 -53.87
C GLU A 155 19.99 20.24 -53.96
N ARG A 156 19.24 21.17 -53.41
CA ARG A 156 19.56 22.62 -53.39
C ARG A 156 20.93 22.86 -52.74
N LYS A 157 21.17 22.30 -51.56
CA LYS A 157 22.44 22.57 -50.84
C LYS A 157 23.64 21.90 -51.52
N LEU A 158 23.43 20.74 -52.16
CA LEU A 158 24.54 19.98 -52.79
C LEU A 158 24.96 20.66 -54.09
N ALA A 159 23.99 21.15 -54.87
CA ALA A 159 24.20 22.07 -56.00
C ALA A 159 24.98 23.32 -55.53
N ALA A 160 24.56 23.99 -54.46
CA ALA A 160 25.26 25.19 -53.98
C ALA A 160 26.70 24.81 -53.66
N GLU A 161 26.90 23.69 -52.98
CA GLU A 161 28.23 23.24 -52.49
C GLU A 161 29.15 22.92 -53.67
N PHE A 162 28.65 22.23 -54.70
CA PHE A 162 29.51 21.51 -55.68
C PHE A 162 29.47 22.09 -57.09
N ASN A 163 28.33 22.65 -57.51
CA ASN A 163 28.22 23.15 -58.89
C ASN A 163 29.26 24.26 -59.06
N ARG A 164 29.87 24.31 -60.24
CA ARG A 164 30.89 25.31 -60.62
C ARG A 164 30.60 25.75 -62.06
N PRO A 165 31.00 26.97 -62.46
CA PRO A 165 30.74 27.44 -63.83
C PRO A 165 31.14 26.36 -64.86
N GLY A 166 30.22 26.00 -65.77
CA GLY A 166 30.40 24.95 -66.79
C GLY A 166 30.40 23.52 -66.26
N HIS A 167 30.22 23.31 -64.95
CA HIS A 167 30.12 21.95 -64.32
C HIS A 167 28.89 21.90 -63.40
N VAL A 168 27.72 21.64 -64.00
CA VAL A 168 26.41 21.50 -63.30
C VAL A 168 26.34 20.02 -62.98
N VAL A 169 26.86 19.62 -61.82
CA VAL A 169 26.93 18.19 -61.42
C VAL A 169 25.71 17.80 -60.56
N VAL A 170 24.98 18.77 -60.04
CA VAL A 170 23.75 18.49 -59.26
C VAL A 170 22.62 19.30 -59.88
N ASP A 171 21.62 18.62 -60.44
CA ASP A 171 20.47 19.30 -61.08
C ASP A 171 19.29 18.33 -61.22
N HIS A 172 18.42 18.28 -60.21
CA HIS A 172 17.20 17.44 -60.28
C HIS A 172 16.09 18.00 -59.40
N TYR A 173 14.89 17.55 -59.75
CA TYR A 173 13.60 18.00 -59.18
C TYR A 173 13.12 16.94 -58.20
N THR A 174 12.25 17.38 -57.30
CA THR A 174 11.59 16.51 -56.33
C THR A 174 10.09 16.65 -56.60
N TYR A 175 9.50 15.61 -57.11
CA TYR A 175 8.05 15.57 -57.42
C TYR A 175 7.36 14.74 -56.36
N VAL A 176 6.14 15.13 -56.01
CA VAL A 176 5.28 14.45 -55.00
C VAL A 176 3.87 14.32 -55.57
N LEU A 177 3.23 13.17 -55.37
CA LEU A 177 1.77 13.02 -55.50
C LEU A 177 1.18 12.88 -54.08
N ALA A 178 0.29 13.80 -53.72
CA ALA A 178 -0.28 13.89 -52.36
C ALA A 178 -1.79 13.79 -52.44
N SER A 179 -2.38 13.24 -51.40
CA SER A 179 -3.84 13.15 -51.33
C SER A 179 -4.41 14.19 -50.36
N ASP A 180 -5.74 14.28 -50.27
CA ASP A 180 -6.44 15.13 -49.27
C ASP A 180 -5.88 14.86 -47.87
N GLY A 181 -5.74 13.58 -47.49
CA GLY A 181 -5.19 13.13 -46.20
C GLY A 181 -3.84 13.74 -45.89
N ASP A 182 -2.93 13.72 -46.86
CA ASP A 182 -1.60 14.33 -46.74
C ASP A 182 -1.76 15.79 -46.31
N LEU A 183 -2.66 16.51 -46.97
CA LEU A 183 -2.79 17.98 -46.74
C LEU A 183 -3.58 18.28 -45.46
N MET A 184 -4.33 17.33 -44.91
CA MET A 184 -5.02 17.53 -43.59
C MET A 184 -4.04 17.38 -42.43
N GLU A 185 -3.00 16.54 -42.56
CA GLU A 185 -2.01 16.23 -41.51
C GLU A 185 -1.19 17.48 -41.19
N GLY A 186 -1.03 17.82 -39.92
CA GLY A 186 -0.27 19.02 -39.54
C GLY A 186 1.15 18.99 -40.07
N VAL A 187 1.77 17.82 -40.19
CA VAL A 187 3.20 17.76 -40.58
C VAL A 187 3.38 18.38 -41.96
N SER A 188 2.48 18.09 -42.89
CA SER A 188 2.55 18.63 -44.28
C SER A 188 2.50 20.17 -44.24
N GLY A 189 1.76 20.77 -43.31
CA GLY A 189 1.68 22.24 -43.14
C GLY A 189 2.96 22.80 -42.54
N GLU A 190 3.52 22.11 -41.54
CA GLU A 190 4.84 22.47 -40.96
C GLU A 190 5.92 22.48 -42.06
N ALA A 191 5.96 21.44 -42.87
CA ALA A 191 7.02 21.21 -43.88
C ALA A 191 6.85 22.22 -45.00
N ALA A 192 5.60 22.52 -45.36
CA ALA A 192 5.25 23.50 -46.40
C ALA A 192 5.66 24.91 -45.95
N SER A 193 5.44 25.26 -44.66
CA SER A 193 5.89 26.56 -44.08
C SER A 193 7.40 26.67 -44.27
N LEU A 194 8.12 25.59 -43.95
CA LEU A 194 9.60 25.62 -44.10
C LEU A 194 10.02 25.67 -45.59
N ALA A 195 9.45 24.85 -46.48
CA ALA A 195 9.83 24.79 -47.91
C ALA A 195 9.65 26.17 -48.55
N GLY A 196 8.55 26.86 -48.22
CA GLY A 196 8.30 28.26 -48.64
C GLY A 196 9.31 29.24 -48.06
N HIS A 197 9.57 29.15 -46.75
CA HIS A 197 10.58 30.00 -46.09
C HIS A 197 11.94 29.86 -46.81
N TRP A 198 12.27 28.62 -47.17
CA TRP A 198 13.56 28.20 -47.76
C TRP A 198 13.65 28.49 -49.26
N GLY A 199 12.54 28.84 -49.91
CA GLY A 199 12.49 29.05 -51.35
C GLY A 199 12.97 27.84 -52.14
N LEU A 200 12.40 26.65 -51.89
CA LEU A 200 12.82 25.40 -52.60
C LEU A 200 12.07 25.24 -53.93
N SER A 201 12.54 25.92 -54.98
CA SER A 201 11.83 26.04 -56.30
C SER A 201 11.67 24.71 -57.04
N LYS A 202 12.44 23.67 -56.69
CA LYS A 202 12.52 22.43 -57.50
C LYS A 202 11.67 21.36 -56.85
N LEU A 203 10.97 21.74 -55.79
CA LEU A 203 9.92 20.90 -55.15
C LEU A 203 8.60 21.20 -55.82
N ILE A 204 8.03 20.20 -56.47
CA ILE A 204 6.77 20.32 -57.26
C ILE A 204 5.82 19.23 -56.80
N VAL A 205 4.75 19.64 -56.14
CA VAL A 205 3.74 18.73 -55.55
C VAL A 205 2.46 18.79 -56.37
N PHE A 206 1.92 17.62 -56.65
CA PHE A 206 0.63 17.44 -57.32
C PHE A 206 -0.33 16.98 -56.23
N TRP A 207 -1.41 17.72 -56.03
CA TRP A 207 -2.49 17.29 -55.10
C TRP A 207 -3.64 16.74 -55.95
N ASP A 208 -3.99 15.48 -55.72
CA ASP A 208 -5.21 14.82 -56.26
C ASP A 208 -6.41 15.42 -55.52
N ASP A 209 -6.97 16.48 -56.07
CA ASP A 209 -8.21 17.13 -55.59
C ASP A 209 -9.42 16.35 -56.11
N ASN A 210 -9.76 15.23 -55.49
CA ASN A 210 -10.86 14.37 -56.00
C ASN A 210 -12.11 14.43 -55.13
N ARG A 211 -12.12 15.28 -54.08
CA ARG A 211 -13.31 15.61 -53.22
C ARG A 211 -13.79 14.37 -52.45
N ILE A 212 -13.03 13.28 -52.39
CA ILE A 212 -13.46 12.03 -51.70
C ILE A 212 -12.41 11.65 -50.66
N SER A 213 -12.82 11.18 -49.50
CA SER A 213 -11.87 10.61 -48.53
C SER A 213 -12.50 9.31 -48.05
N ILE A 214 -11.91 8.65 -47.06
CA ILE A 214 -12.46 7.34 -46.60
C ILE A 214 -13.89 7.52 -46.08
N ASP A 215 -14.14 8.57 -45.30
CA ASP A 215 -15.46 8.74 -44.61
C ASP A 215 -16.55 9.13 -45.62
N GLY A 216 -16.20 9.51 -46.85
CA GLY A 216 -17.17 9.94 -47.86
C GLY A 216 -16.72 11.25 -48.48
N PRO A 217 -17.65 12.13 -48.91
CA PRO A 217 -17.27 13.43 -49.41
C PRO A 217 -16.33 14.18 -48.45
N THR A 218 -15.31 14.84 -49.00
CA THR A 218 -14.38 15.65 -48.19
C THR A 218 -15.13 16.72 -47.41
N ASP A 219 -16.28 17.17 -47.89
CA ASP A 219 -16.92 18.34 -47.22
C ASP A 219 -17.54 17.89 -45.90
N LEU A 220 -17.42 16.61 -45.51
CA LEU A 220 -17.67 16.16 -44.12
C LEU A 220 -16.65 16.82 -43.17
N ALA A 221 -15.41 17.13 -43.59
CA ALA A 221 -14.31 17.48 -42.65
C ALA A 221 -13.25 18.44 -43.21
N PHE A 222 -13.32 18.83 -44.48
CA PHE A 222 -12.17 19.43 -45.22
C PHE A 222 -12.72 20.33 -46.32
N THR A 223 -12.91 21.61 -45.98
CA THR A 223 -13.47 22.65 -46.88
C THR A 223 -12.57 23.88 -46.87
N GLU A 224 -11.38 23.84 -46.27
CA GLU A 224 -10.47 25.04 -46.31
C GLU A 224 -10.11 25.37 -47.77
N ASP A 225 -9.63 26.58 -48.00
CA ASP A 225 -9.07 26.98 -49.31
C ASP A 225 -7.60 26.54 -49.32
N VAL A 226 -7.37 25.31 -49.79
CA VAL A 226 -6.04 24.65 -49.72
C VAL A 226 -4.99 25.53 -50.41
N LEU A 227 -5.26 26.05 -51.60
CA LEU A 227 -4.22 26.78 -52.40
C LEU A 227 -3.98 28.15 -51.78
N ALA A 228 -5.01 28.77 -51.20
CA ALA A 228 -4.83 30.03 -50.43
C ALA A 228 -3.87 29.76 -49.27
N ARG A 229 -4.01 28.64 -48.57
CA ARG A 229 -3.08 28.34 -47.43
C ARG A 229 -1.66 28.19 -47.99
N TYR A 230 -1.50 27.49 -49.12
CA TYR A 230 -0.15 27.25 -49.67
C TYR A 230 0.44 28.58 -50.14
N ARG A 231 -0.40 29.48 -50.66
CA ARG A 231 0.10 30.80 -51.06
C ARG A 231 0.58 31.52 -49.82
N ALA A 232 -0.14 31.38 -48.69
CA ALA A 232 0.28 32.01 -47.43
C ALA A 232 1.67 31.48 -47.02
N TYR A 233 2.00 30.23 -47.30
CA TYR A 233 3.33 29.67 -46.99
C TYR A 233 4.40 30.19 -47.94
N GLY A 234 4.06 30.95 -48.99
CA GLY A 234 5.06 31.44 -49.96
C GLY A 234 5.27 30.46 -51.10
N TRP A 235 4.31 29.56 -51.34
CA TRP A 235 4.38 28.66 -52.52
C TRP A 235 3.66 29.30 -53.73
N GLN A 236 4.00 28.84 -54.93
CA GLN A 236 3.21 29.03 -56.17
C GLN A 236 2.10 28.00 -56.12
N THR A 237 0.86 28.36 -56.49
CA THR A 237 -0.23 27.40 -56.69
C THR A 237 -0.69 27.49 -58.15
N LEU A 238 -1.00 26.34 -58.73
CA LEU A 238 -1.55 26.24 -60.08
C LEU A 238 -2.66 25.23 -59.99
N ARG A 239 -3.51 25.23 -60.99
CA ARG A 239 -4.68 24.34 -61.05
C ARG A 239 -4.75 23.67 -62.41
N VAL A 240 -5.07 22.41 -62.42
CA VAL A 240 -5.35 21.65 -63.66
C VAL A 240 -6.73 21.06 -63.48
N GLU A 241 -7.64 21.45 -64.37
CA GLU A 241 -9.08 21.24 -64.14
C GLU A 241 -9.42 19.82 -64.52
N ASP A 242 -8.57 19.12 -65.29
CA ASP A 242 -8.80 17.69 -65.66
C ASP A 242 -7.47 16.94 -65.83
N VAL A 243 -7.23 15.97 -64.94
CA VAL A 243 -5.98 15.16 -64.95
C VAL A 243 -5.80 14.49 -66.32
N ASN A 244 -6.88 14.21 -67.05
CA ASN A 244 -6.88 13.43 -68.32
C ASN A 244 -6.30 14.27 -69.44
N ASP A 245 -6.17 15.57 -69.20
CA ASP A 245 -5.71 16.57 -70.18
C ASP A 245 -4.19 16.75 -69.97
N LEU A 246 -3.40 15.93 -70.65
CA LEU A 246 -1.92 15.90 -70.59
C LEU A 246 -1.34 17.28 -70.96
N GLU A 247 -1.92 17.98 -71.94
CA GLU A 247 -1.38 19.30 -72.35
C GLU A 247 -1.49 20.26 -71.17
N ALA A 248 -2.61 20.26 -70.45
CA ALA A 248 -2.78 21.12 -69.25
C ALA A 248 -1.75 20.75 -68.17
N LEU A 249 -1.44 19.46 -67.98
CA LEU A 249 -0.38 19.06 -67.00
C LEU A 249 0.99 19.57 -67.46
N ARG A 250 1.35 19.43 -68.75
CA ARG A 250 2.68 19.87 -69.27
C ARG A 250 2.87 21.35 -68.98
N LYS A 251 1.87 22.17 -69.31
CA LYS A 251 1.95 23.65 -69.17
C LYS A 251 2.18 24.01 -67.69
N ALA A 252 1.44 23.40 -66.77
CA ALA A 252 1.50 23.70 -65.33
C ALA A 252 2.92 23.39 -64.83
N ILE A 253 3.47 22.26 -65.26
CA ILE A 253 4.84 21.81 -64.89
C ILE A 253 5.85 22.83 -65.45
N LYS A 254 5.71 23.26 -66.72
CA LYS A 254 6.64 24.28 -67.28
C LYS A 254 6.51 25.60 -66.51
N LEU A 255 5.28 26.01 -66.18
CA LEU A 255 5.03 27.17 -65.29
C LEU A 255 5.74 26.93 -63.94
N ALA A 256 5.61 25.74 -63.34
CA ALA A 256 6.27 25.45 -62.04
C ALA A 256 7.79 25.61 -62.20
N LYS A 257 8.41 25.09 -63.26
CA LYS A 257 9.90 25.14 -63.37
C LYS A 257 10.40 26.58 -63.52
N LEU A 258 9.59 27.52 -64.03
CA LEU A 258 10.04 28.92 -64.20
C LEU A 258 9.94 29.63 -62.85
N ASP A 259 9.26 29.07 -61.85
CA ASP A 259 8.94 29.81 -60.60
C ASP A 259 9.99 29.51 -59.55
N GLU A 260 10.38 30.53 -58.80
CA GLU A 260 11.40 30.45 -57.74
C GLU A 260 10.79 29.89 -56.44
N ARG A 261 9.49 29.57 -56.41
CA ARG A 261 8.84 29.11 -55.16
C ARG A 261 8.59 27.62 -55.30
N PRO A 262 8.48 26.82 -54.22
CA PRO A 262 7.95 25.47 -54.39
C PRO A 262 6.53 25.64 -54.93
N THR A 263 6.03 24.62 -55.59
CA THR A 263 4.75 24.74 -56.33
C THR A 263 3.84 23.63 -55.83
N LEU A 264 2.56 23.95 -55.57
CA LEU A 264 1.49 22.92 -55.41
C LEU A 264 0.58 23.08 -56.62
N ILE A 265 0.35 21.99 -57.36
CA ILE A 265 -0.56 21.93 -58.52
C ILE A 265 -1.78 21.13 -58.11
N ALA A 266 -2.92 21.78 -57.95
CA ALA A 266 -4.21 21.10 -57.69
C ALA A 266 -4.64 20.41 -58.97
N VAL A 267 -4.77 19.10 -58.94
CA VAL A 267 -5.20 18.33 -60.13
C VAL A 267 -6.53 17.69 -59.79
N ARG A 268 -7.58 18.15 -60.46
CA ARG A 268 -8.91 17.59 -60.26
C ARG A 268 -8.96 16.23 -60.94
N SER A 269 -9.35 15.21 -60.21
CA SER A 269 -9.57 13.87 -60.80
C SER A 269 -10.85 13.30 -60.23
N HIS A 270 -11.29 12.19 -60.81
CA HIS A 270 -12.40 11.36 -60.29
C HIS A 270 -11.83 10.06 -59.73
N ILE A 271 -11.90 9.86 -58.42
CA ILE A 271 -11.46 8.59 -57.81
C ILE A 271 -12.24 7.50 -58.57
N GLY A 272 -11.61 6.39 -58.91
CA GLY A 272 -12.31 5.28 -59.56
C GLY A 272 -12.82 5.68 -60.94
N PHE A 273 -12.13 6.62 -61.59
CA PHE A 273 -12.44 7.13 -62.95
C PHE A 273 -12.67 5.98 -63.92
N GLY A 274 -13.75 6.12 -64.69
CA GLY A 274 -14.17 5.14 -65.70
C GLY A 274 -15.02 4.02 -65.13
N SER A 275 -15.27 3.95 -63.83
CA SER A 275 -15.98 2.79 -63.22
C SER A 275 -17.34 3.20 -62.63
N PRO A 276 -18.22 2.24 -62.32
CA PRO A 276 -19.48 2.56 -61.64
C PRO A 276 -19.28 2.97 -60.16
N LYS A 277 -18.05 2.91 -59.65
CA LYS A 277 -17.71 3.39 -58.29
C LYS A 277 -17.05 4.77 -58.40
N GLN A 278 -16.96 5.31 -59.61
CA GLN A 278 -16.35 6.66 -59.79
C GLN A 278 -17.01 7.65 -58.82
N ASP A 279 -16.22 8.51 -58.16
CA ASP A 279 -16.64 9.65 -57.30
C ASP A 279 -17.30 9.11 -56.04
N SER A 280 -16.95 7.89 -55.64
CA SER A 280 -17.43 7.23 -54.41
C SER A 280 -16.27 6.81 -53.49
N ALA A 281 -16.43 6.99 -52.18
CA ALA A 281 -15.49 6.47 -51.16
C ALA A 281 -15.37 4.94 -51.32
N LYS A 282 -16.36 4.27 -51.90
CA LYS A 282 -16.27 2.81 -52.12
C LYS A 282 -15.13 2.47 -53.13
N ALA A 283 -14.71 3.43 -53.95
CA ALA A 283 -13.59 3.27 -54.92
C ALA A 283 -12.24 3.35 -54.20
N HIS A 284 -12.20 3.85 -52.96
CA HIS A 284 -10.96 4.22 -52.24
C HIS A 284 -10.07 3.00 -51.96
N GLY A 285 -10.64 2.01 -51.28
CA GLY A 285 -9.96 1.10 -50.34
C GLY A 285 -10.35 -0.37 -50.46
N GLU A 286 -11.03 -0.80 -51.53
CA GLU A 286 -11.35 -2.24 -51.68
C GLU A 286 -11.38 -2.57 -53.17
N PRO A 287 -11.19 -3.85 -53.53
CA PRO A 287 -11.24 -4.24 -54.95
C PRO A 287 -12.53 -3.76 -55.61
N LEU A 288 -12.48 -3.46 -56.91
CA LEU A 288 -13.65 -3.00 -57.69
C LEU A 288 -14.72 -4.11 -57.72
N GLY A 289 -14.34 -5.38 -57.62
CA GLY A 289 -15.27 -6.51 -57.83
C GLY A 289 -15.45 -6.83 -59.33
N PRO A 290 -15.81 -8.09 -59.66
CA PRO A 290 -15.81 -8.54 -61.06
C PRO A 290 -16.78 -7.71 -61.91
N GLU A 291 -17.92 -7.37 -61.33
CA GLU A 291 -18.95 -6.56 -62.03
C GLU A 291 -18.34 -5.22 -62.46
N ALA A 292 -17.85 -4.45 -61.49
CA ALA A 292 -17.33 -3.09 -61.79
C ALA A 292 -16.06 -3.20 -62.65
N VAL A 293 -15.28 -4.29 -62.54
CA VAL A 293 -14.06 -4.46 -63.40
C VAL A 293 -14.52 -4.68 -64.84
N GLU A 294 -15.53 -5.53 -65.04
CA GLU A 294 -16.10 -5.77 -66.40
C GLU A 294 -16.61 -4.44 -66.97
N ALA A 295 -17.34 -3.64 -66.17
CA ALA A 295 -17.90 -2.34 -66.63
C ALA A 295 -16.78 -1.35 -66.94
N THR A 296 -15.69 -1.34 -66.17
CA THR A 296 -14.60 -0.34 -66.38
C THR A 296 -13.95 -0.66 -67.73
N ARG A 297 -13.62 -1.92 -67.95
CA ARG A 297 -13.19 -2.50 -69.27
C ARG A 297 -14.06 -1.95 -70.41
N ARG A 298 -15.38 -2.19 -70.35
CA ARG A 298 -16.35 -1.70 -71.37
C ARG A 298 -16.27 -0.18 -71.44
N ASN A 299 -16.36 0.53 -70.31
CA ASN A 299 -16.43 2.02 -70.33
C ASN A 299 -15.14 2.60 -70.91
N LEU A 300 -13.98 1.99 -70.66
CA LEU A 300 -12.73 2.64 -71.10
C LEU A 300 -12.23 2.01 -72.42
N GLY A 301 -12.91 0.97 -72.91
CA GLY A 301 -12.59 0.38 -74.22
C GLY A 301 -11.30 -0.44 -74.13
N TRP A 302 -11.19 -1.28 -73.10
CA TRP A 302 -9.98 -2.07 -72.76
C TRP A 302 -10.29 -3.53 -73.03
N PRO A 303 -9.88 -4.04 -74.20
CA PRO A 303 -10.19 -5.41 -74.59
C PRO A 303 -9.23 -6.46 -73.98
N TYR A 304 -8.21 -6.02 -73.23
CA TYR A 304 -7.11 -6.89 -72.76
C TYR A 304 -7.52 -7.51 -71.44
N PRO A 305 -7.25 -8.81 -71.29
CA PRO A 305 -7.54 -9.51 -70.04
C PRO A 305 -6.49 -9.27 -68.93
N PRO A 306 -6.73 -9.72 -67.69
CA PRO A 306 -5.88 -9.29 -66.57
C PRO A 306 -4.36 -9.46 -66.78
N PHE A 307 -3.62 -8.37 -66.56
CA PHE A 307 -2.13 -8.32 -66.52
C PHE A 307 -1.56 -8.34 -67.93
N VAL A 308 -2.42 -8.39 -68.97
CA VAL A 308 -1.96 -8.32 -70.39
C VAL A 308 -1.93 -6.85 -70.84
N VAL A 309 -0.76 -6.39 -71.22
CA VAL A 309 -0.53 -5.06 -71.82
C VAL A 309 0.11 -5.30 -73.19
N PRO A 310 -0.33 -4.66 -74.29
CA PRO A 310 0.22 -4.96 -75.61
C PRO A 310 1.63 -4.38 -75.74
N GLU A 311 2.40 -4.97 -76.66
CA GLU A 311 3.86 -4.75 -76.81
C GLU A 311 4.10 -3.30 -77.23
N GLU A 312 3.22 -2.76 -78.07
CA GLU A 312 3.06 -1.32 -78.42
C GLU A 312 3.29 -0.39 -77.21
N VAL A 313 2.61 -0.63 -76.08
CA VAL A 313 2.74 0.23 -74.86
C VAL A 313 4.13 0.03 -74.25
N TYR A 314 4.57 -1.21 -74.12
CA TYR A 314 5.90 -1.54 -73.56
C TYR A 314 6.98 -0.86 -74.38
N ARG A 315 6.83 -0.89 -75.71
CA ARG A 315 7.82 -0.25 -76.60
C ARG A 315 7.75 1.26 -76.33
N HIS A 316 6.55 1.81 -76.28
CA HIS A 316 6.35 3.27 -76.06
C HIS A 316 6.87 3.68 -74.66
N MET A 317 6.77 2.83 -73.65
CA MET A 317 6.97 3.23 -72.23
C MET A 317 8.40 2.91 -71.77
N ASP A 318 9.15 2.12 -72.54
CA ASP A 318 10.53 1.69 -72.20
C ASP A 318 11.40 2.93 -72.01
N MET A 319 11.98 3.09 -70.82
CA MET A 319 12.83 4.27 -70.49
C MET A 319 14.29 3.81 -70.32
N ARG A 320 14.55 2.53 -70.56
CA ARG A 320 15.92 1.96 -70.34
C ARG A 320 16.98 2.71 -71.16
N GLU A 321 16.69 3.00 -72.42
CA GLU A 321 17.64 3.64 -73.37
C GLU A 321 17.79 5.12 -73.01
N LYS A 322 16.69 5.83 -72.74
CA LYS A 322 16.78 7.27 -72.34
C LYS A 322 17.48 7.37 -70.98
N GLY A 323 17.19 6.42 -70.08
CA GLY A 323 17.84 6.37 -68.77
C GLY A 323 19.32 6.14 -68.92
N ARG A 324 19.72 5.22 -69.79
CA ARG A 324 21.16 4.91 -69.94
C ARG A 324 21.82 6.20 -70.41
N ALA A 325 21.21 6.89 -71.38
CA ALA A 325 21.82 8.06 -72.05
C ALA A 325 21.87 9.21 -71.07
N TRP A 326 20.81 9.38 -70.27
CA TRP A 326 20.81 10.48 -69.25
C TRP A 326 21.95 10.23 -68.27
N GLN A 327 22.07 9.03 -67.72
CA GLN A 327 23.08 8.76 -66.66
C GLN A 327 24.51 8.85 -67.27
N GLU A 328 24.68 8.42 -68.52
CA GLU A 328 25.99 8.44 -69.21
C GLU A 328 26.35 9.91 -69.42
N ALA A 329 25.39 10.74 -69.79
CA ALA A 329 25.70 12.18 -69.94
C ALA A 329 26.14 12.72 -68.56
N TRP A 330 25.52 12.29 -67.47
CA TRP A 330 25.95 12.77 -66.13
C TRP A 330 27.36 12.27 -65.81
N GLU A 331 27.64 10.98 -66.05
CA GLU A 331 28.96 10.39 -65.73
C GLU A 331 30.07 11.09 -66.54
N LYS A 332 29.75 11.50 -67.77
CA LYS A 332 30.70 12.23 -68.65
C LYS A 332 30.89 13.63 -68.04
N ALA A 333 29.81 14.29 -67.61
CA ALA A 333 29.93 15.56 -66.87
C ALA A 333 30.74 15.36 -65.59
N LEU A 334 30.65 14.24 -64.89
CA LEU A 334 31.49 14.00 -63.67
C LEU A 334 32.98 13.91 -64.02
N GLU A 335 33.33 13.33 -65.18
CA GLU A 335 34.75 13.11 -65.59
C GLU A 335 35.39 14.46 -65.88
N ALA A 336 34.67 15.37 -66.53
CA ALA A 336 35.17 16.74 -66.81
C ALA A 336 35.30 17.51 -65.48
N TYR A 337 34.46 17.20 -64.50
CA TYR A 337 34.51 17.78 -63.13
C TYR A 337 35.78 17.30 -62.43
N ALA A 338 36.08 16.00 -62.54
CA ALA A 338 37.22 15.33 -61.86
C ALA A 338 38.54 15.94 -62.36
N ARG A 339 38.55 16.40 -63.61
CA ARG A 339 39.77 17.01 -64.20
C ARG A 339 39.83 18.48 -63.79
N ALA A 340 38.73 19.24 -63.89
CA ALA A 340 38.71 20.69 -63.59
C ALA A 340 38.80 20.94 -62.07
N TYR A 341 38.34 19.98 -61.25
CA TYR A 341 38.26 20.09 -59.78
C TYR A 341 38.42 18.73 -59.10
N PRO A 342 39.63 18.14 -59.04
CA PRO A 342 39.74 16.78 -58.55
C PRO A 342 39.38 16.64 -57.06
N ASP A 343 39.56 17.68 -56.24
CA ASP A 343 39.37 17.54 -54.77
C ASP A 343 37.85 17.56 -54.48
N LEU A 344 37.14 18.51 -55.11
CA LEU A 344 35.67 18.61 -55.04
C LEU A 344 35.08 17.28 -55.50
N HIS A 345 35.51 16.84 -56.68
CA HIS A 345 35.00 15.60 -57.28
C HIS A 345 35.21 14.44 -56.30
N GLN A 346 36.38 14.33 -55.71
CA GLN A 346 36.67 13.20 -54.80
C GLN A 346 35.75 13.31 -53.56
N GLU A 347 35.45 14.52 -53.10
CA GLU A 347 34.60 14.74 -51.90
C GLU A 347 33.16 14.39 -52.25
N LEU A 348 32.70 14.79 -53.44
CA LEU A 348 31.33 14.52 -53.91
C LEU A 348 31.15 13.02 -53.99
N MET A 349 32.05 12.32 -54.67
CA MET A 349 31.96 10.85 -54.80
C MET A 349 32.01 10.19 -53.42
N ARG A 350 32.86 10.64 -52.50
CA ARG A 350 32.94 9.98 -51.16
C ARG A 350 31.57 10.15 -50.46
N ARG A 351 30.97 11.32 -50.51
CA ARG A 351 29.73 11.64 -49.75
C ARG A 351 28.52 10.92 -50.39
N LEU A 352 28.42 10.94 -51.72
CA LEU A 352 27.41 10.17 -52.51
C LEU A 352 27.53 8.68 -52.23
N ARG A 353 28.70 8.17 -51.88
CA ARG A 353 28.82 6.73 -51.55
C ARG A 353 28.42 6.47 -50.08
N GLY A 354 28.17 7.48 -49.26
CA GLY A 354 27.92 7.31 -47.81
C GLY A 354 29.17 6.89 -47.05
N GLU A 355 30.37 7.23 -47.54
CA GLU A 355 31.64 6.83 -46.85
C GLU A 355 32.06 7.97 -45.90
N LEU A 356 32.12 7.69 -44.59
CA LEU A 356 32.63 8.68 -43.61
C LEU A 356 34.14 8.78 -43.78
N PRO A 357 34.78 9.92 -43.48
CA PRO A 357 36.25 9.98 -43.44
C PRO A 357 36.63 9.35 -42.11
N PRO A 358 37.94 9.13 -41.87
CA PRO A 358 38.40 8.70 -40.53
C PRO A 358 37.82 9.58 -39.41
N LEU A 359 37.40 8.98 -38.30
CA LEU A 359 36.81 9.74 -37.17
C LEU A 359 37.89 9.89 -36.10
N PRO A 360 37.85 10.98 -35.30
CA PRO A 360 38.80 11.15 -34.20
C PRO A 360 38.60 9.99 -33.24
N GLU A 361 39.67 9.51 -32.61
CA GLU A 361 39.58 8.46 -31.58
C GLU A 361 39.74 9.13 -30.23
N GLU A 362 40.19 10.38 -30.19
CA GLU A 362 40.47 11.02 -28.88
C GLU A 362 39.31 11.93 -28.55
N PRO A 363 38.73 11.83 -27.35
CA PRO A 363 37.62 12.70 -27.00
C PRO A 363 38.14 14.12 -26.78
N PRO A 364 37.26 15.15 -26.77
CA PRO A 364 37.64 16.46 -26.28
C PRO A 364 38.06 16.32 -24.81
N SER A 365 38.79 17.33 -24.36
CA SER A 365 39.32 17.46 -22.99
C SER A 365 38.28 18.15 -22.14
N PHE A 366 37.91 17.54 -21.03
CA PHE A 366 36.93 18.08 -20.07
C PHE A 366 37.68 18.25 -18.76
N ASP A 367 37.46 19.31 -18.02
CA ASP A 367 38.17 19.43 -16.73
C ASP A 367 37.18 19.70 -15.61
N LYS A 368 35.88 19.75 -15.89
CA LYS A 368 34.89 19.99 -14.81
C LYS A 368 33.54 19.41 -15.18
N PRO A 369 32.60 19.30 -14.22
CA PRO A 369 31.26 18.79 -14.51
C PRO A 369 30.62 19.61 -15.62
N ILE A 370 29.88 18.93 -16.49
CA ILE A 370 29.24 19.51 -17.68
C ILE A 370 28.00 18.65 -18.02
N ALA A 371 26.94 19.32 -18.43
CA ALA A 371 25.70 18.69 -18.94
C ALA A 371 26.07 17.89 -20.19
N THR A 372 25.42 16.73 -20.43
CA THR A 372 25.72 15.94 -21.64
C THR A 372 25.25 16.72 -22.86
N ARG A 373 24.32 17.68 -22.73
CA ARG A 373 24.02 18.55 -23.91
C ARG A 373 25.28 19.36 -24.28
N ALA A 374 26.00 19.90 -23.32
CA ALA A 374 27.19 20.74 -23.60
C ALA A 374 28.35 19.86 -24.07
N ALA A 375 28.60 18.74 -23.41
CA ALA A 375 29.54 17.71 -23.90
C ALA A 375 29.20 17.35 -25.33
N SER A 376 27.90 17.30 -25.66
CA SER A 376 27.47 16.98 -27.03
C SER A 376 27.89 18.12 -27.97
N GLY A 377 27.58 19.36 -27.63
CA GLY A 377 28.06 20.53 -28.39
C GLY A 377 29.59 20.53 -28.56
N ARG A 378 30.33 20.14 -27.51
CA ARG A 378 31.83 19.99 -27.59
C ARG A 378 32.24 18.87 -28.56
N ALA A 379 31.60 17.69 -28.53
CA ALA A 379 31.91 16.58 -29.48
C ALA A 379 31.62 17.05 -30.90
N LEU A 380 30.54 17.81 -31.09
CA LEU A 380 30.19 18.30 -32.43
C LEU A 380 31.24 19.31 -32.92
N ASN A 381 31.75 20.15 -32.03
CA ASN A 381 32.81 21.13 -32.39
C ASN A 381 34.03 20.40 -32.95
N LEU A 382 34.36 19.25 -32.38
CA LEU A 382 35.43 18.36 -32.86
C LEU A 382 35.03 17.68 -34.18
N LEU A 383 33.81 17.18 -34.28
CA LEU A 383 33.46 16.29 -35.43
C LEU A 383 33.10 17.12 -36.65
N ALA A 384 32.39 18.22 -36.50
CA ALA A 384 31.84 18.93 -37.66
C ALA A 384 32.96 19.38 -38.60
N PRO A 385 34.09 19.97 -38.12
CA PRO A 385 35.07 20.52 -39.06
C PRO A 385 35.61 19.45 -40.01
N ARG A 386 35.59 18.19 -39.58
CA ARG A 386 36.06 17.06 -40.41
C ARG A 386 34.88 16.33 -41.08
N LEU A 387 33.64 16.86 -41.04
CA LEU A 387 32.47 16.21 -41.71
C LEU A 387 31.68 17.24 -42.50
N PRO A 388 32.10 17.58 -43.73
CA PRO A 388 31.41 18.61 -44.49
C PRO A 388 29.98 18.14 -44.81
N GLU A 389 29.73 16.82 -44.77
CA GLU A 389 28.37 16.22 -45.00
C GLU A 389 27.45 16.49 -43.80
N LEU A 390 27.99 16.85 -42.64
CA LEU A 390 27.23 16.91 -41.38
C LEU A 390 26.39 18.18 -41.30
N LEU A 391 25.07 18.03 -41.26
CA LEU A 391 24.13 19.15 -41.09
C LEU A 391 23.43 19.01 -39.74
N GLY A 392 23.29 20.13 -39.02
CA GLY A 392 22.63 20.15 -37.71
C GLY A 392 21.45 21.08 -37.73
N GLY A 393 20.70 21.07 -36.65
CA GLY A 393 19.54 21.94 -36.49
C GLY A 393 18.83 21.68 -35.19
N SER A 394 17.79 22.46 -34.97
CA SER A 394 16.94 22.38 -33.78
C SER A 394 15.58 22.93 -34.13
N ALA A 395 14.59 22.39 -33.42
CA ALA A 395 13.21 22.88 -33.49
C ALA A 395 13.09 24.01 -32.47
N ASP A 396 13.74 25.13 -32.80
CA ASP A 396 13.70 26.40 -32.04
C ASP A 396 14.27 26.18 -30.64
N LEU A 397 15.27 25.30 -30.47
CA LEU A 397 15.92 25.10 -29.15
C LEU A 397 17.45 25.11 -29.29
N THR A 398 17.97 25.91 -30.23
CA THR A 398 19.41 25.99 -30.58
C THR A 398 20.24 26.31 -29.33
N PRO A 399 19.95 27.35 -28.53
CA PRO A 399 20.80 27.57 -27.37
C PRO A 399 20.54 26.56 -26.24
N SER A 400 19.46 25.79 -26.30
CA SER A 400 19.14 24.78 -25.25
C SER A 400 19.67 23.39 -25.61
N ASN A 401 19.88 23.10 -26.89
CA ASN A 401 20.26 21.77 -27.42
C ASN A 401 21.74 21.66 -27.80
N ASN A 402 22.48 22.76 -27.95
CA ASN A 402 23.93 22.72 -28.26
C ASN A 402 24.16 21.95 -29.56
N THR A 403 23.34 22.27 -30.55
CA THR A 403 23.35 21.61 -31.86
C THR A 403 24.11 22.41 -32.91
N LYS A 404 24.30 23.73 -32.72
CA LYS A 404 25.04 24.54 -33.75
C LYS A 404 26.53 24.38 -33.49
N ALA A 405 27.23 23.50 -34.21
CA ALA A 405 28.69 23.32 -33.99
C ALA A 405 29.47 24.60 -34.35
N GLU A 406 30.60 24.86 -33.68
CA GLU A 406 31.53 25.96 -34.07
C GLU A 406 31.88 25.80 -35.57
N GLY A 407 31.71 26.88 -36.34
CA GLY A 407 31.98 26.90 -37.78
C GLY A 407 30.71 26.73 -38.59
N MET A 408 29.63 26.17 -38.02
CA MET A 408 28.35 26.08 -38.77
C MET A 408 27.69 27.45 -38.81
N GLU A 409 27.17 27.80 -39.98
CA GLU A 409 26.37 29.01 -40.17
C GLU A 409 24.97 28.58 -40.59
N ASP A 410 24.03 29.47 -40.42
CA ASP A 410 22.60 29.27 -40.75
C ASP A 410 22.45 29.03 -42.25
N PHE A 411 21.70 27.98 -42.61
CA PHE A 411 21.12 27.84 -43.97
C PHE A 411 20.09 28.96 -44.13
N SER A 412 20.00 29.55 -45.33
CA SER A 412 18.83 30.39 -45.73
C SER A 412 18.76 30.44 -47.26
N ARG A 413 17.71 31.01 -47.86
CA ARG A 413 17.69 31.25 -49.33
C ARG A 413 18.94 32.01 -49.73
N ALA A 414 19.28 33.05 -48.97
CA ALA A 414 20.41 33.96 -49.26
C ALA A 414 21.71 33.19 -49.09
N ASN A 415 21.79 32.27 -48.13
CA ASN A 415 23.04 31.55 -47.80
C ASN A 415 22.86 30.04 -47.90
N PRO A 416 22.74 29.51 -49.15
CA PRO A 416 22.51 28.07 -49.37
C PRO A 416 23.60 27.10 -48.89
N LEU A 417 24.77 27.59 -48.47
CA LEU A 417 25.90 26.77 -47.98
C LEU A 417 25.83 26.54 -46.45
N GLY A 418 25.01 27.28 -45.71
CA GLY A 418 24.98 27.12 -44.25
C GLY A 418 24.58 25.69 -43.89
N ARG A 419 25.25 25.09 -42.91
CA ARG A 419 25.03 23.68 -42.54
C ARG A 419 24.14 23.59 -41.28
N TYR A 420 23.66 24.71 -40.77
CA TYR A 420 22.78 24.72 -39.58
C TYR A 420 21.34 25.09 -39.94
N LEU A 421 20.38 24.27 -39.55
CA LEU A 421 18.97 24.50 -39.88
C LEU A 421 18.16 24.91 -38.66
N HIS A 422 17.48 26.07 -38.80
CA HIS A 422 16.45 26.57 -37.85
C HIS A 422 15.11 25.97 -38.26
N PHE A 423 14.65 24.91 -37.59
CA PHE A 423 13.37 24.28 -38.00
C PHE A 423 12.14 25.03 -37.47
N GLY A 424 12.33 25.99 -36.58
CA GLY A 424 11.20 26.58 -35.83
C GLY A 424 10.50 25.52 -34.97
N VAL A 425 9.32 25.81 -34.48
CA VAL A 425 8.67 24.95 -33.46
C VAL A 425 7.89 23.89 -34.21
N ARG A 426 8.62 23.02 -34.91
CA ARG A 426 8.10 22.07 -35.89
C ARG A 426 8.86 20.73 -35.75
N GLU A 427 8.67 20.01 -34.66
CA GLU A 427 9.45 18.76 -34.41
C GLU A 427 9.13 17.74 -35.50
N HIS A 428 7.88 17.62 -35.83
CA HIS A 428 7.44 16.54 -36.73
C HIS A 428 8.05 16.71 -38.11
N ALA A 429 7.91 17.90 -38.68
CA ALA A 429 8.48 18.21 -40.01
C ALA A 429 10.01 18.21 -39.91
N MET A 430 10.58 18.63 -38.78
CA MET A 430 12.05 18.44 -38.56
C MET A 430 12.40 16.97 -38.77
N GLY A 431 11.64 16.03 -38.18
CA GLY A 431 11.97 14.60 -38.30
C GLY A 431 11.92 14.19 -39.75
N ALA A 432 10.88 14.62 -40.44
CA ALA A 432 10.62 14.25 -41.85
C ALA A 432 11.70 14.84 -42.74
N ILE A 433 12.05 16.09 -42.52
CA ILE A 433 13.12 16.77 -43.30
C ILE A 433 14.51 16.16 -43.03
N LEU A 434 14.87 15.87 -41.79
CA LEU A 434 16.12 15.12 -41.49
C LEU A 434 16.12 13.79 -42.25
N ASN A 435 15.00 13.07 -42.23
CA ASN A 435 14.92 11.78 -42.96
C ASN A 435 15.19 12.05 -44.44
N GLY A 436 14.61 13.09 -45.02
CA GLY A 436 14.80 13.34 -46.47
C GLY A 436 16.24 13.75 -46.79
N LEU A 437 16.81 14.56 -45.92
CA LEU A 437 18.22 14.99 -46.02
C LEU A 437 19.08 13.74 -45.98
N ASN A 438 18.77 12.78 -45.10
CA ASN A 438 19.58 11.53 -44.96
C ASN A 438 19.32 10.60 -46.15
N LEU A 439 18.12 10.61 -46.73
CA LEU A 439 17.79 9.67 -47.83
C LEU A 439 18.49 10.06 -49.13
N HIS A 440 18.66 11.35 -49.32
CA HIS A 440 19.03 11.91 -50.64
C HIS A 440 20.40 11.41 -51.09
N GLY A 441 21.38 11.28 -50.18
CA GLY A 441 22.80 11.05 -50.54
C GLY A 441 23.52 12.36 -50.50
N GLY A 442 24.66 12.41 -49.81
CA GLY A 442 25.48 13.64 -49.80
C GLY A 442 25.62 14.17 -48.40
N TYR A 443 24.61 13.95 -47.56
CA TYR A 443 24.52 14.56 -46.20
C TYR A 443 24.28 13.52 -45.12
N ARG A 444 24.65 13.90 -43.90
CA ARG A 444 24.30 13.19 -42.67
C ARG A 444 23.74 14.25 -41.76
N ALA A 445 22.48 14.12 -41.35
CA ALA A 445 21.78 15.24 -40.68
C ALA A 445 21.28 14.78 -39.32
N TYR A 446 21.39 15.66 -38.35
CA TYR A 446 20.85 15.48 -36.99
C TYR A 446 20.04 16.72 -36.70
N GLY A 447 19.05 16.57 -35.80
CA GLY A 447 18.32 17.72 -35.28
C GLY A 447 17.97 17.53 -33.83
N GLY A 448 17.76 18.65 -33.15
CA GLY A 448 17.62 18.68 -31.69
C GLY A 448 16.23 19.13 -31.25
N THR A 449 15.71 18.51 -30.18
CA THR A 449 14.70 19.13 -29.30
C THR A 449 14.82 18.54 -27.90
N PHE A 450 13.82 18.76 -27.06
CA PHE A 450 13.71 18.11 -25.74
C PHE A 450 13.15 16.69 -25.89
N LEU A 451 13.60 15.75 -25.08
CA LEU A 451 13.21 14.33 -25.20
C LEU A 451 11.68 14.27 -25.10
N VAL A 452 11.07 15.09 -24.28
CA VAL A 452 9.60 15.01 -24.09
C VAL A 452 8.97 15.26 -25.46
N PHE A 453 9.58 16.11 -26.29
CA PHE A 453 8.95 16.53 -27.55
C PHE A 453 9.36 15.58 -28.65
N SER A 454 10.04 14.49 -28.31
CA SER A 454 10.06 13.33 -29.23
C SER A 454 8.61 12.92 -29.58
N ASP A 455 7.65 13.16 -28.69
CA ASP A 455 6.24 12.76 -28.90
C ASP A 455 5.61 13.46 -30.09
N TYR A 456 6.07 14.68 -30.42
CA TYR A 456 5.56 15.47 -31.56
C TYR A 456 6.10 14.94 -32.89
N MET A 457 7.05 14.02 -32.88
CA MET A 457 7.67 13.60 -34.15
C MET A 457 7.71 12.07 -34.27
N ARG A 458 6.99 11.34 -33.44
CA ARG A 458 7.14 9.87 -33.39
C ARG A 458 7.01 9.26 -34.76
N PRO A 459 6.07 9.68 -35.63
CA PRO A 459 5.90 8.97 -36.90
C PRO A 459 7.12 9.09 -37.84
N ALA A 460 7.85 10.20 -37.76
CA ALA A 460 9.10 10.42 -38.55
C ALA A 460 10.21 9.57 -37.95
N ILE A 461 10.29 9.47 -36.63
CA ILE A 461 11.27 8.55 -35.97
C ILE A 461 10.99 7.11 -36.45
N ARG A 462 9.72 6.66 -36.43
CA ARG A 462 9.40 5.29 -36.90
C ARG A 462 9.71 5.15 -38.38
N LEU A 463 9.42 6.14 -39.19
CA LEU A 463 9.69 5.94 -40.62
C LEU A 463 11.20 5.82 -40.85
N ALA A 464 12.07 6.50 -40.11
CA ALA A 464 13.54 6.35 -40.30
C ALA A 464 13.92 4.90 -39.96
N ALA A 465 13.41 4.40 -38.84
CA ALA A 465 13.62 2.99 -38.43
C ALA A 465 13.16 2.01 -39.53
N LEU A 466 12.01 2.27 -40.15
CA LEU A 466 11.43 1.36 -41.18
C LEU A 466 12.28 1.41 -42.43
N MET A 467 12.70 2.62 -42.83
CA MET A 467 13.50 2.77 -44.06
C MET A 467 14.98 2.39 -43.80
N GLY A 468 15.42 2.20 -42.57
CA GLY A 468 16.85 2.02 -42.29
C GLY A 468 17.66 3.29 -42.57
N VAL A 469 17.07 4.46 -42.37
CA VAL A 469 17.72 5.78 -42.64
C VAL A 469 18.42 6.15 -41.35
N PRO A 470 19.76 6.42 -41.34
CA PRO A 470 20.50 6.69 -40.09
C PRO A 470 20.40 8.15 -39.60
N THR A 471 19.17 8.61 -39.47
CA THR A 471 18.89 9.95 -38.94
C THR A 471 19.31 9.97 -37.48
N VAL A 472 19.95 11.05 -37.04
CA VAL A 472 20.35 11.16 -35.61
C VAL A 472 19.45 12.18 -34.95
N PHE A 473 18.71 11.72 -33.93
CA PHE A 473 17.75 12.56 -33.17
C PHE A 473 18.42 12.91 -31.85
N VAL A 474 18.63 14.21 -31.65
CA VAL A 474 19.25 14.70 -30.41
C VAL A 474 18.16 15.17 -29.47
N PHE A 475 18.10 14.53 -28.30
CA PHE A 475 17.09 14.83 -27.25
C PHE A 475 17.81 15.26 -25.97
N THR A 476 17.59 16.49 -25.60
CA THR A 476 18.12 17.05 -24.34
C THR A 476 17.03 17.10 -23.28
N HIS A 477 17.36 17.57 -22.08
CA HIS A 477 16.37 17.76 -21.00
C HIS A 477 15.71 16.39 -20.72
N ASP A 478 16.55 15.41 -20.46
CA ASP A 478 16.15 13.98 -20.55
C ASP A 478 15.37 13.54 -19.31
N SER A 479 15.19 14.34 -18.27
CA SER A 479 14.61 13.81 -17.00
C SER A 479 14.06 14.94 -16.18
N ILE A 480 13.40 14.57 -15.08
CA ILE A 480 12.98 15.47 -13.97
C ILE A 480 14.12 16.39 -13.53
N ALA A 481 15.37 15.93 -13.61
CA ALA A 481 16.57 16.75 -13.31
C ALA A 481 16.56 18.09 -14.08
N LEU A 482 15.83 18.21 -15.21
CA LEU A 482 15.76 19.53 -15.91
C LEU A 482 15.14 20.61 -15.02
N GLY A 483 14.30 20.22 -14.06
CA GLY A 483 13.85 21.10 -12.96
C GLY A 483 12.54 21.85 -13.22
N GLU A 484 12.60 23.18 -13.13
CA GLU A 484 11.45 24.07 -12.86
C GLU A 484 10.40 24.04 -13.98
N ASP A 485 10.78 23.68 -15.19
CA ASP A 485 9.82 23.64 -16.32
C ASP A 485 8.74 22.59 -16.05
N GLY A 486 9.01 21.59 -15.24
CA GLY A 486 7.91 20.85 -14.59
C GLY A 486 7.35 19.75 -15.47
N PRO A 487 6.22 19.14 -15.07
CA PRO A 487 5.85 17.84 -15.60
C PRO A 487 5.54 17.78 -17.11
N THR A 488 5.09 18.87 -17.70
CA THR A 488 4.80 18.95 -19.15
C THR A 488 6.09 18.81 -19.93
N HIS A 489 7.23 19.08 -19.31
CA HIS A 489 8.57 19.04 -19.98
C HIS A 489 9.36 17.82 -19.55
N GLN A 490 8.96 17.13 -18.47
CA GLN A 490 9.82 16.09 -17.85
C GLN A 490 9.46 14.73 -18.42
N PRO A 491 10.41 14.09 -19.13
CA PRO A 491 10.19 12.73 -19.64
C PRO A 491 9.92 11.75 -18.51
N VAL A 492 9.15 10.71 -18.82
CA VAL A 492 8.96 9.57 -17.90
C VAL A 492 8.97 8.32 -18.75
N GLU A 493 8.01 8.19 -19.65
CA GLU A 493 7.77 6.96 -20.45
C GLU A 493 8.69 6.97 -21.66
N HIS A 494 9.36 8.08 -21.92
CA HIS A 494 10.02 8.33 -23.23
C HIS A 494 11.09 7.29 -23.53
N LEU A 495 11.92 7.00 -22.56
CA LEU A 495 13.08 6.09 -22.81
C LEU A 495 12.57 4.70 -23.25
N MET A 496 11.69 4.11 -22.48
CA MET A 496 11.18 2.76 -22.81
C MET A 496 10.29 2.79 -24.06
N SER A 497 9.59 3.89 -24.32
CA SER A 497 8.75 4.01 -25.54
C SER A 497 9.64 4.01 -26.77
N LEU A 498 10.85 4.58 -26.69
CA LEU A 498 11.75 4.58 -27.85
C LEU A 498 12.45 3.23 -27.89
N ARG A 499 12.84 2.69 -26.75
CA ARG A 499 13.59 1.41 -26.76
C ARG A 499 12.77 0.26 -27.36
N ALA A 500 11.45 0.34 -27.29
CA ALA A 500 10.58 -0.74 -27.78
C ALA A 500 10.53 -0.71 -29.31
N MET A 501 10.88 0.40 -29.95
CA MET A 501 10.76 0.54 -31.41
C MET A 501 11.87 -0.24 -32.10
N PRO A 502 11.53 -1.10 -33.08
CA PRO A 502 12.55 -1.79 -33.85
C PRO A 502 13.46 -0.80 -34.62
N ASN A 503 14.76 -1.15 -34.65
CA ASN A 503 15.79 -0.46 -35.47
C ASN A 503 15.96 0.99 -35.01
N LEU A 504 15.91 1.22 -33.72
CA LEU A 504 16.29 2.51 -33.11
C LEU A 504 17.32 2.25 -32.01
N PHE A 505 18.51 2.80 -32.13
CA PHE A 505 19.48 2.80 -31.01
C PHE A 505 19.05 3.94 -30.11
N VAL A 506 19.02 3.70 -28.81
CA VAL A 506 18.76 4.76 -27.81
C VAL A 506 19.99 4.84 -26.88
N ILE A 507 20.76 5.91 -26.98
CA ILE A 507 22.06 6.00 -26.25
C ILE A 507 21.93 7.15 -25.25
N ARG A 508 22.11 6.82 -23.99
CA ARG A 508 21.96 7.76 -22.87
C ARG A 508 23.32 7.87 -22.18
N PRO A 509 24.24 8.74 -22.64
CA PRO A 509 25.59 8.74 -22.08
C PRO A 509 25.57 9.26 -20.64
N ALA A 510 26.35 8.62 -19.79
CA ALA A 510 26.50 8.98 -18.37
C ALA A 510 27.21 10.33 -18.20
N ASP A 511 28.11 10.69 -19.13
CA ASP A 511 29.03 11.83 -18.88
C ASP A 511 29.52 12.44 -20.20
N ALA A 512 30.32 13.49 -20.09
CA ALA A 512 30.98 14.12 -21.25
C ALA A 512 31.70 13.08 -22.11
N TYR A 513 32.47 12.17 -21.49
CA TYR A 513 33.27 11.19 -22.26
C TYR A 513 32.34 10.19 -22.96
N GLU A 514 31.37 9.60 -22.26
CA GLU A 514 30.39 8.71 -22.91
C GLU A 514 29.75 9.45 -24.09
N THR A 515 29.44 10.73 -23.92
CA THR A 515 28.76 11.51 -24.97
C THR A 515 29.59 11.49 -26.26
N PHE A 516 30.93 11.54 -26.11
CA PHE A 516 31.80 11.54 -27.31
C PHE A 516 31.65 10.20 -27.99
N TYR A 517 31.72 9.11 -27.24
CA TYR A 517 31.60 7.75 -27.81
C TYR A 517 30.18 7.54 -28.37
N ALA A 518 29.17 8.24 -27.83
CA ALA A 518 27.76 8.07 -28.29
C ALA A 518 27.67 8.63 -29.71
N TRP A 519 28.32 9.77 -29.95
CA TRP A 519 28.38 10.37 -31.29
C TRP A 519 29.11 9.47 -32.28
N LEU A 520 30.19 8.81 -31.89
CA LEU A 520 30.91 7.88 -32.82
C LEU A 520 29.97 6.72 -33.16
N VAL A 521 29.31 6.17 -32.14
CA VAL A 521 28.34 5.06 -32.34
C VAL A 521 27.28 5.52 -33.32
N ALA A 522 26.67 6.67 -33.08
CA ALA A 522 25.58 7.17 -33.92
C ALA A 522 26.09 7.35 -35.34
N LEU A 523 27.22 8.04 -35.52
CA LEU A 523 27.70 8.32 -36.90
C LEU A 523 28.05 7.01 -37.61
N ARG A 524 28.64 6.04 -36.93
CA ARG A 524 29.03 4.80 -37.66
C ARG A 524 27.83 3.87 -37.91
N ARG A 525 26.73 4.05 -37.18
CA ARG A 525 25.50 3.20 -37.36
C ARG A 525 24.77 3.64 -38.64
N LYS A 526 24.82 2.84 -39.73
CA LYS A 526 24.19 3.18 -41.02
C LYS A 526 22.81 2.47 -41.21
N GLU A 527 22.48 1.48 -40.38
CA GLU A 527 21.33 0.55 -40.53
C GLU A 527 20.03 1.20 -40.11
N GLY A 528 20.09 2.22 -39.26
CA GLY A 528 18.86 2.88 -38.83
C GLY A 528 19.19 4.07 -37.96
N PRO A 529 18.14 4.73 -37.44
CA PRO A 529 18.33 5.92 -36.64
C PRO A 529 18.88 5.64 -35.23
N THR A 530 19.39 6.73 -34.66
CA THR A 530 19.96 6.78 -33.31
C THR A 530 19.31 7.97 -32.58
N ALA A 531 18.83 7.72 -31.38
CA ALA A 531 18.35 8.76 -30.45
C ALA A 531 19.48 9.00 -29.48
N LEU A 532 19.99 10.22 -29.42
CA LEU A 532 21.00 10.60 -28.39
C LEU A 532 20.31 11.32 -27.25
N VAL A 533 20.44 10.83 -26.02
CA VAL A 533 19.60 11.34 -24.90
C VAL A 533 20.52 12.01 -23.87
N LEU A 534 20.33 13.28 -23.61
CA LEU A 534 21.32 14.19 -22.99
C LEU A 534 20.65 14.99 -21.86
N THR A 535 21.44 15.43 -20.90
CA THR A 535 20.91 16.16 -19.73
C THR A 535 20.85 17.65 -19.99
N ARG A 536 20.00 18.33 -19.23
CA ARG A 536 20.10 19.78 -19.06
C ARG A 536 21.13 20.04 -17.97
N GLN A 537 21.05 19.32 -16.85
CA GLN A 537 21.89 19.63 -15.67
C GLN A 537 23.31 19.08 -15.87
N ALA A 538 24.24 19.69 -15.15
CA ALA A 538 25.67 19.33 -15.19
C ALA A 538 25.82 18.04 -14.42
N VAL A 539 26.58 17.09 -14.95
CA VAL A 539 26.90 15.83 -14.24
C VAL A 539 28.42 15.71 -14.17
N PRO A 540 28.95 14.99 -13.18
CA PRO A 540 30.38 14.74 -13.08
C PRO A 540 30.98 14.05 -14.32
N LEU A 541 32.31 14.11 -14.40
CA LEU A 541 33.06 13.38 -15.47
C LEU A 541 33.31 11.96 -15.04
N LEU A 542 33.35 11.06 -16.00
CA LEU A 542 33.99 9.76 -15.76
C LEU A 542 35.44 9.82 -16.28
N SER A 543 36.17 8.74 -16.13
CA SER A 543 37.49 8.50 -16.76
C SER A 543 37.27 8.34 -18.28
N PRO A 544 38.04 9.03 -19.15
CA PRO A 544 37.92 8.81 -20.59
C PRO A 544 38.19 7.35 -21.01
N GLU A 545 39.05 6.63 -20.28
CA GLU A 545 39.41 5.22 -20.62
C GLU A 545 38.21 4.31 -20.27
N LYS A 546 37.56 4.52 -19.13
CA LYS A 546 36.41 3.70 -18.71
C LYS A 546 35.24 3.91 -19.67
N ALA A 547 35.00 5.15 -20.09
CA ALA A 547 33.81 5.58 -20.86
C ALA A 547 33.81 4.95 -22.25
N ARG A 548 34.97 4.64 -22.83
CA ARG A 548 35.08 3.92 -24.11
C ARG A 548 34.25 2.62 -24.06
N GLY A 549 34.02 2.07 -22.88
CA GLY A 549 33.08 0.94 -22.69
C GLY A 549 31.70 1.19 -23.32
N LEU A 550 31.31 2.46 -23.53
CA LEU A 550 30.00 2.77 -24.20
C LEU A 550 29.96 2.05 -25.56
N LEU A 551 31.09 1.91 -26.23
CA LEU A 551 31.17 1.20 -27.54
C LEU A 551 30.63 -0.23 -27.45
N ARG A 552 30.52 -0.81 -26.26
CA ARG A 552 29.94 -2.16 -26.09
C ARG A 552 28.50 -2.08 -25.56
N GLY A 553 27.95 -0.88 -25.37
CA GLY A 553 26.52 -0.67 -25.02
C GLY A 553 26.30 -0.79 -23.53
N GLY A 554 26.95 -1.76 -22.91
CA GLY A 554 27.00 -1.83 -21.43
C GLY A 554 28.35 -2.33 -20.96
N TYR A 555 28.85 -1.80 -19.84
CA TYR A 555 30.18 -2.17 -19.31
C TYR A 555 30.26 -1.97 -17.79
N VAL A 556 31.25 -2.64 -17.22
CA VAL A 556 31.55 -2.54 -15.77
C VAL A 556 32.37 -1.26 -15.62
N LEU A 557 31.76 -0.24 -15.01
CA LEU A 557 32.38 1.09 -14.79
C LEU A 557 33.28 1.02 -13.55
N GLU A 558 32.77 0.55 -12.43
CA GLU A 558 33.53 0.45 -11.15
C GLU A 558 33.32 -0.96 -10.59
N ASP A 559 34.30 -1.84 -10.79
CA ASP A 559 34.26 -3.23 -10.30
C ASP A 559 34.68 -3.31 -8.84
N VAL A 560 34.46 -4.45 -8.19
CA VAL A 560 34.90 -4.73 -6.80
C VAL A 560 35.33 -6.20 -6.76
N GLU A 561 36.12 -6.53 -5.75
CA GLU A 561 36.52 -7.92 -5.41
C GLU A 561 35.24 -8.69 -5.04
N GLU A 562 35.03 -9.84 -5.67
CA GLU A 562 34.00 -10.83 -5.26
C GLU A 562 32.66 -10.12 -5.14
N PRO A 563 32.19 -9.54 -6.29
CA PRO A 563 30.89 -8.88 -6.36
C PRO A 563 29.78 -9.67 -5.66
N GLN A 564 29.09 -9.04 -4.71
CA GLN A 564 27.84 -9.58 -4.10
C GLN A 564 26.62 -9.12 -4.93
N GLY A 565 26.81 -8.21 -5.87
CA GLY A 565 25.67 -7.71 -6.66
C GLY A 565 26.05 -6.62 -7.63
N VAL A 566 25.04 -6.09 -8.33
CA VAL A 566 25.24 -5.12 -9.42
C VAL A 566 24.26 -3.96 -9.27
N LEU A 567 24.76 -2.73 -9.33
CA LEU A 567 23.92 -1.53 -9.60
C LEU A 567 24.10 -1.19 -11.08
N VAL A 568 23.00 -1.30 -11.83
CA VAL A 568 23.03 -1.01 -13.29
C VAL A 568 22.28 0.30 -13.48
N ALA A 569 22.87 1.18 -14.25
CA ALA A 569 22.34 2.53 -14.43
C ALA A 569 22.67 3.05 -15.82
N THR A 570 21.92 4.08 -16.20
CA THR A 570 22.03 4.76 -17.49
C THR A 570 22.12 6.25 -17.21
N GLY A 571 22.78 6.95 -18.11
CA GLY A 571 22.78 8.39 -18.11
C GLY A 571 23.21 8.94 -16.79
N SER A 572 22.56 10.03 -16.41
CA SER A 572 22.80 10.76 -15.16
C SER A 572 22.77 9.80 -13.96
N GLU A 573 21.98 8.71 -13.99
CA GLU A 573 21.80 7.86 -12.78
C GLU A 573 23.06 7.02 -12.50
N VAL A 574 23.99 6.96 -13.44
CA VAL A 574 25.25 6.21 -13.16
C VAL A 574 25.96 6.84 -11.95
N HIS A 575 25.90 8.17 -11.83
CA HIS A 575 26.57 8.96 -10.76
C HIS A 575 25.86 8.68 -9.45
N LEU A 576 24.51 8.56 -9.51
CA LEU A 576 23.74 8.17 -8.33
C LEU A 576 24.17 6.76 -7.89
N ALA A 577 24.34 5.86 -8.85
CA ALA A 577 24.75 4.46 -8.62
C ALA A 577 26.11 4.43 -7.91
N LEU A 578 27.08 5.24 -8.37
CA LEU A 578 28.46 5.27 -7.80
C LEU A 578 28.42 5.76 -6.37
N ARG A 579 27.60 6.77 -6.07
CA ARG A 579 27.46 7.27 -4.70
C ARG A 579 26.83 6.19 -3.82
N ALA A 580 25.97 5.34 -4.40
CA ALA A 580 25.25 4.26 -3.65
C ALA A 580 26.24 3.11 -3.42
N GLN A 581 27.16 2.91 -4.37
CA GLN A 581 28.23 1.89 -4.27
C GLN A 581 29.14 2.22 -3.08
N ALA A 582 29.45 3.50 -2.83
CA ALA A 582 30.24 3.96 -1.68
C ALA A 582 29.43 3.76 -0.38
N LEU A 583 28.13 4.06 -0.36
CA LEU A 583 27.36 3.87 0.89
C LEU A 583 27.37 2.39 1.23
N LEU A 584 27.19 1.49 0.26
CA LEU A 584 27.16 0.03 0.52
C LEU A 584 28.57 -0.45 0.93
N ARG A 585 29.63 0.07 0.31
CA ARG A 585 31.02 -0.35 0.60
C ARG A 585 31.37 0.03 2.05
N GLU A 586 30.87 1.17 2.56
CA GLU A 586 31.13 1.64 3.95
C GLU A 586 30.50 0.65 4.95
N LYS A 587 29.44 -0.09 4.56
CA LYS A 587 28.76 -1.12 5.37
C LYS A 587 29.26 -2.52 5.01
N GLY A 588 30.34 -2.65 4.25
CA GLY A 588 30.90 -3.97 3.95
C GLY A 588 30.11 -4.72 2.89
N VAL A 589 29.15 -4.10 2.21
CA VAL A 589 28.48 -4.74 1.04
C VAL A 589 29.18 -4.30 -0.23
N ARG A 590 29.55 -5.24 -1.08
CA ARG A 590 30.36 -4.98 -2.29
C ARG A 590 29.47 -5.21 -3.52
N VAL A 591 29.23 -4.13 -4.27
CA VAL A 591 28.49 -4.17 -5.56
C VAL A 591 29.36 -3.48 -6.62
N ARG A 592 29.32 -3.98 -7.84
CA ARG A 592 29.90 -3.28 -9.00
C ARG A 592 28.84 -2.40 -9.63
N VAL A 593 29.31 -1.39 -10.37
CA VAL A 593 28.43 -0.44 -11.09
C VAL A 593 28.61 -0.69 -12.59
N VAL A 594 27.48 -0.95 -13.22
CA VAL A 594 27.44 -1.13 -14.69
C VAL A 594 26.78 0.11 -15.27
N SER A 595 27.41 0.68 -16.29
CA SER A 595 26.86 1.76 -17.12
C SER A 595 26.29 1.11 -18.36
N LEU A 596 25.00 1.32 -18.60
CA LEU A 596 24.26 0.68 -19.72
C LEU A 596 23.74 1.79 -20.61
N PRO A 597 24.64 2.51 -21.31
CA PRO A 597 24.23 3.62 -22.17
C PRO A 597 23.29 3.20 -23.30
N SER A 598 23.38 1.96 -23.80
CA SER A 598 22.49 1.50 -24.89
C SER A 598 22.09 0.04 -24.71
N PHE A 599 20.80 -0.18 -24.52
CA PHE A 599 20.23 -1.56 -24.44
C PHE A 599 20.50 -2.32 -25.72
N GLU A 600 20.34 -1.64 -26.86
CA GLU A 600 20.34 -2.27 -28.20
C GLU A 600 21.77 -2.72 -28.48
N LEU A 601 22.72 -1.83 -28.28
CA LEU A 601 24.14 -2.17 -28.56
C LEU A 601 24.63 -3.23 -27.58
N PHE A 602 24.19 -3.19 -26.33
CA PHE A 602 24.58 -4.23 -25.35
C PHE A 602 24.01 -5.60 -25.79
N ALA A 603 22.70 -5.68 -26.16
CA ALA A 603 22.10 -6.97 -26.57
C ALA A 603 22.83 -7.47 -27.82
N ALA A 604 23.44 -6.62 -28.64
CA ALA A 604 24.09 -7.11 -29.88
C ALA A 604 25.43 -7.79 -29.54
N GLN A 605 25.93 -7.65 -28.32
CA GLN A 605 27.24 -8.21 -27.88
C GLN A 605 27.13 -9.73 -27.72
N PRO A 606 28.25 -10.46 -27.82
CA PRO A 606 28.27 -11.89 -27.50
C PRO A 606 27.70 -12.17 -26.09
N GLU A 607 27.07 -13.33 -25.92
CA GLU A 607 26.52 -13.78 -24.63
C GLU A 607 27.60 -13.81 -23.54
N ALA A 608 28.82 -14.23 -23.89
CA ALA A 608 29.95 -14.30 -22.94
C ALA A 608 30.18 -12.89 -22.38
N TYR A 609 30.25 -11.88 -23.24
CA TYR A 609 30.47 -10.48 -22.80
C TYR A 609 29.32 -10.07 -21.86
N ARG A 610 28.07 -10.33 -22.27
CA ARG A 610 26.89 -9.83 -21.52
C ARG A 610 26.91 -10.43 -20.12
N LYS A 611 27.32 -11.68 -20.02
CA LYS A 611 27.38 -12.45 -18.74
C LYS A 611 28.57 -12.00 -17.89
N GLU A 612 29.68 -11.58 -18.50
CA GLU A 612 30.82 -11.03 -17.72
C GLU A 612 30.31 -9.78 -17.01
N VAL A 613 29.48 -8.97 -17.70
CA VAL A 613 29.06 -7.61 -17.23
C VAL A 613 28.02 -7.76 -16.14
N LEU A 614 27.06 -8.66 -16.34
CA LEU A 614 25.91 -8.90 -15.42
C LEU A 614 25.95 -10.39 -15.10
N PRO A 615 26.77 -10.83 -14.12
CA PRO A 615 26.91 -12.26 -13.87
C PRO A 615 25.59 -12.90 -13.44
N PRO A 616 25.19 -14.00 -14.08
CA PRO A 616 24.07 -14.81 -13.59
C PRO A 616 24.25 -15.08 -12.09
N GLY A 617 23.14 -15.03 -11.35
CA GLY A 617 23.13 -15.36 -9.92
C GLY A 617 23.33 -14.16 -9.04
N LEU A 618 23.82 -13.04 -9.57
CA LEU A 618 24.03 -11.84 -8.72
C LEU A 618 22.76 -11.02 -8.71
N PRO A 619 22.28 -10.56 -7.54
CA PRO A 619 21.14 -9.65 -7.51
C PRO A 619 21.54 -8.31 -8.14
N VAL A 620 20.60 -7.71 -8.84
CA VAL A 620 20.81 -6.50 -9.67
C VAL A 620 19.70 -5.51 -9.32
N VAL A 621 20.10 -4.27 -9.01
CA VAL A 621 19.23 -3.07 -8.90
C VAL A 621 19.54 -2.13 -10.07
N ALA A 622 18.49 -1.71 -10.78
CA ALA A 622 18.58 -0.73 -11.87
C ALA A 622 18.16 0.64 -11.32
N VAL A 623 18.81 1.70 -11.81
CA VAL A 623 18.52 3.12 -11.48
C VAL A 623 18.40 3.93 -12.78
N GLU A 624 17.25 4.56 -12.99
CA GLU A 624 16.96 5.38 -14.20
C GLU A 624 15.76 6.25 -13.85
N ALA A 625 15.90 7.57 -13.97
CA ALA A 625 14.80 8.54 -13.76
C ALA A 625 13.80 8.45 -14.95
N GLY A 626 13.09 7.33 -15.07
CA GLY A 626 12.11 7.04 -16.13
C GLY A 626 11.21 5.91 -15.71
N ALA A 627 10.21 5.56 -16.50
CA ALA A 627 9.35 4.37 -16.26
C ALA A 627 10.15 3.08 -15.97
N SER A 628 9.65 2.23 -15.06
CA SER A 628 10.24 0.94 -14.64
C SER A 628 9.99 -0.15 -15.68
N LEU A 629 8.97 0.01 -16.51
CA LEU A 629 8.56 -1.08 -17.44
C LEU A 629 9.68 -1.39 -18.45
N GLY A 630 10.14 -2.65 -18.45
CA GLY A 630 11.24 -3.13 -19.28
C GLY A 630 12.47 -3.45 -18.46
N TRP A 631 12.65 -2.85 -17.27
CA TRP A 631 13.91 -3.00 -16.49
C TRP A 631 14.05 -4.41 -15.93
N GLU A 632 12.96 -5.19 -15.90
CA GLU A 632 12.93 -6.56 -15.34
C GLU A 632 13.73 -7.46 -16.27
N ARG A 633 13.99 -7.00 -17.48
CA ARG A 633 14.90 -7.73 -18.41
C ARG A 633 16.33 -7.85 -17.83
N TYR A 634 16.75 -6.93 -16.97
CA TYR A 634 18.15 -6.85 -16.45
C TYR A 634 18.17 -6.84 -14.92
N ALA A 635 17.13 -6.41 -14.22
CA ALA A 635 17.18 -6.08 -12.79
C ALA A 635 16.08 -6.78 -12.01
N HIS A 636 16.38 -7.16 -10.76
CA HIS A 636 15.42 -7.78 -9.81
C HIS A 636 14.61 -6.69 -9.13
N LYS A 637 15.16 -5.49 -9.04
CA LYS A 637 14.49 -4.33 -8.40
C LYS A 637 14.94 -3.07 -9.13
N VAL A 638 14.06 -2.07 -9.25
CA VAL A 638 14.43 -0.85 -10.03
C VAL A 638 14.06 0.40 -9.22
N VAL A 639 14.96 1.37 -9.21
CA VAL A 639 14.70 2.73 -8.68
C VAL A 639 14.37 3.60 -9.89
N ALA A 640 13.09 3.86 -10.10
CA ALA A 640 12.58 4.47 -11.34
C ALA A 640 11.46 5.41 -10.99
N LEU A 641 10.83 6.00 -12.01
CA LEU A 641 9.80 7.04 -11.80
C LEU A 641 8.56 6.65 -12.62
N ASP A 642 7.48 6.28 -11.95
CA ASP A 642 6.27 5.75 -12.63
C ASP A 642 5.14 6.73 -12.35
N ARG A 643 5.41 8.04 -12.30
CA ARG A 643 4.41 9.13 -12.16
C ARG A 643 4.99 10.31 -12.93
N PHE A 644 4.18 11.31 -13.23
CA PHE A 644 4.65 12.58 -13.83
C PHE A 644 5.44 13.38 -12.79
N GLY A 645 6.23 14.32 -13.29
CA GLY A 645 7.19 15.04 -12.47
C GLY A 645 6.58 16.11 -11.64
N ALA A 646 7.29 17.22 -11.49
CA ALA A 646 6.93 18.35 -10.62
C ALA A 646 7.77 19.57 -11.03
N SER A 647 7.20 20.78 -10.91
CA SER A 647 7.89 22.06 -11.17
C SER A 647 8.64 22.46 -9.91
N ALA A 648 9.93 22.12 -9.87
CA ALA A 648 10.84 22.48 -8.77
C ALA A 648 12.29 22.45 -9.25
N PRO A 649 13.19 23.19 -8.58
CA PRO A 649 14.61 23.19 -8.96
C PRO A 649 15.31 21.85 -8.75
N TYR A 650 16.29 21.58 -9.58
CA TYR A 650 17.30 20.50 -9.37
C TYR A 650 18.33 21.04 -8.39
N PRO A 651 18.89 20.24 -7.47
CA PRO A 651 18.56 18.81 -7.29
C PRO A 651 17.37 18.43 -6.40
N GLU A 652 16.67 19.40 -5.80
CA GLU A 652 15.55 19.11 -4.89
C GLU A 652 14.51 18.18 -5.55
N VAL A 653 14.10 18.48 -6.78
CA VAL A 653 13.00 17.75 -7.46
C VAL A 653 13.42 16.30 -7.64
N TYR A 654 14.71 16.09 -7.91
CA TYR A 654 15.31 14.77 -8.19
C TYR A 654 15.28 13.96 -6.89
N GLU A 655 15.74 14.60 -5.81
CA GLU A 655 15.87 13.94 -4.48
C GLU A 655 14.46 13.60 -3.95
N ARG A 656 13.57 14.57 -3.98
CA ARG A 656 12.24 14.35 -3.38
C ARG A 656 11.37 13.41 -4.23
N LEU A 657 11.67 13.21 -5.51
CA LEU A 657 11.00 12.16 -6.31
C LEU A 657 11.74 10.82 -6.21
N GLY A 658 12.66 10.66 -5.26
CA GLY A 658 13.15 9.31 -4.90
C GLY A 658 14.57 8.99 -5.39
N PHE A 659 15.26 9.92 -6.03
CA PHE A 659 16.59 9.67 -6.64
C PHE A 659 17.65 10.15 -5.64
N THR A 660 17.92 9.33 -4.62
CA THR A 660 19.02 9.55 -3.66
C THR A 660 19.86 8.30 -3.62
N PRO A 661 21.14 8.42 -3.29
CA PRO A 661 22.01 7.24 -3.18
C PRO A 661 21.58 6.37 -2.00
N GLU A 662 21.01 6.97 -0.95
CA GLU A 662 20.43 6.22 0.20
C GLU A 662 19.31 5.28 -0.28
N ARG A 663 18.45 5.70 -1.21
CA ARG A 663 17.36 4.80 -1.68
C ARG A 663 17.92 3.68 -2.57
N VAL A 664 18.93 3.96 -3.39
CA VAL A 664 19.53 2.89 -4.25
C VAL A 664 20.13 1.85 -3.28
N ALA A 665 20.89 2.32 -2.29
CA ALA A 665 21.53 1.45 -1.28
C ALA A 665 20.43 0.60 -0.64
N GLU A 666 19.37 1.22 -0.13
CA GLU A 666 18.27 0.50 0.59
C GLU A 666 17.66 -0.54 -0.34
N ALA A 667 17.57 -0.21 -1.63
CA ALA A 667 16.91 -1.10 -2.58
C ALA A 667 17.82 -2.29 -2.72
N PHE A 668 19.14 -2.08 -2.74
CA PHE A 668 20.09 -3.21 -2.87
C PHE A 668 20.03 -4.10 -1.61
N LEU A 669 20.09 -3.49 -0.42
CA LEU A 669 20.09 -4.22 0.88
C LEU A 669 18.83 -5.11 0.99
N SER A 670 17.71 -4.77 0.32
CA SER A 670 16.42 -5.51 0.40
C SER A 670 16.54 -6.85 -0.32
N LEU A 671 17.52 -7.02 -1.20
CA LEU A 671 17.74 -8.27 -1.95
C LEU A 671 18.80 -9.17 -1.26
N VAL A 672 19.50 -8.73 -0.19
CA VAL A 672 20.60 -9.53 0.42
C VAL A 672 20.40 -9.56 1.94
N LYS B 23 -8.07 60.77 -17.69
CA LYS B 23 -6.67 60.92 -17.18
C LYS B 23 -6.45 60.10 -15.89
N GLU B 24 -7.50 59.84 -15.10
CA GLU B 24 -7.42 59.07 -13.83
C GLU B 24 -7.90 57.62 -14.04
N THR B 25 -8.83 57.39 -14.97
CA THR B 25 -9.18 56.04 -15.50
C THR B 25 -7.93 55.44 -16.15
N ARG B 26 -7.37 56.17 -17.12
CA ARG B 26 -6.08 55.88 -17.83
C ARG B 26 -4.98 55.48 -16.82
N ASP B 27 -4.79 56.25 -15.74
CA ASP B 27 -3.76 56.00 -14.69
C ASP B 27 -4.00 54.63 -14.04
N LEU B 28 -5.25 54.30 -13.70
CA LEU B 28 -5.64 53.04 -13.02
C LEU B 28 -5.42 51.85 -13.97
N GLU B 29 -5.63 52.05 -15.27
CA GLU B 29 -5.35 51.03 -16.33
C GLU B 29 -3.84 50.81 -16.40
N THR B 30 -3.06 51.89 -16.54
CA THR B 30 -1.59 51.81 -16.63
C THR B 30 -1.07 51.16 -15.35
N LEU B 31 -1.62 51.57 -14.20
CA LEU B 31 -1.16 51.08 -12.89
C LEU B 31 -1.47 49.59 -12.80
N SER B 32 -2.64 49.15 -13.26
CA SER B 32 -3.09 47.75 -13.09
C SER B 32 -2.31 46.85 -14.04
N VAL B 33 -2.12 47.32 -15.26
CA VAL B 33 -1.27 46.68 -16.31
C VAL B 33 0.14 46.52 -15.76
N ASN B 34 0.73 47.55 -15.15
CA ASN B 34 2.14 47.43 -14.66
C ASN B 34 2.23 46.46 -13.47
N ALA B 35 1.21 46.42 -12.60
CA ALA B 35 1.15 45.45 -11.47
C ALA B 35 1.25 44.01 -12.02
N ILE B 36 0.59 43.74 -13.15
CA ILE B 36 0.71 42.43 -13.85
C ILE B 36 2.15 42.23 -14.33
N ARG B 37 2.77 43.22 -14.97
CA ARG B 37 4.17 43.14 -15.47
C ARG B 37 5.14 42.88 -14.32
N PHE B 38 5.02 43.63 -13.23
CA PHE B 38 6.05 43.59 -12.16
C PHE B 38 5.83 42.35 -11.30
N LEU B 39 4.59 41.90 -11.11
CA LEU B 39 4.39 40.61 -10.38
C LEU B 39 5.09 39.49 -11.17
N ALA B 40 4.92 39.46 -12.51
CA ALA B 40 5.60 38.50 -13.44
C ALA B 40 7.13 38.62 -13.33
N ILE B 41 7.66 39.85 -13.50
CA ILE B 41 9.14 40.12 -13.49
C ILE B 41 9.73 39.62 -12.16
N ASP B 42 9.10 39.96 -11.03
CA ASP B 42 9.69 39.80 -9.68
C ASP B 42 9.58 38.33 -9.28
N ALA B 43 8.50 37.65 -9.66
CA ALA B 43 8.32 36.21 -9.39
C ALA B 43 9.39 35.40 -10.13
N VAL B 44 9.62 35.73 -11.40
CA VAL B 44 10.69 35.08 -12.23
C VAL B 44 12.05 35.38 -11.62
N GLU B 45 12.25 36.62 -11.14
CA GLU B 45 13.52 37.04 -10.54
C GLU B 45 13.79 36.24 -9.26
N LYS B 46 12.82 36.14 -8.38
CA LYS B 46 12.96 35.40 -7.10
C LYS B 46 13.15 33.90 -7.38
N ALA B 47 12.44 33.32 -8.36
CA ALA B 47 12.65 31.91 -8.72
C ALA B 47 14.01 31.72 -9.39
N ARG B 48 14.54 32.76 -10.02
CA ARG B 48 15.78 32.64 -10.82
C ARG B 48 15.50 31.65 -11.97
N SER B 49 14.28 31.66 -12.48
CA SER B 49 13.81 30.65 -13.46
C SER B 49 12.47 31.11 -14.03
N GLY B 50 12.29 30.94 -15.33
CA GLY B 50 11.03 31.25 -15.99
C GLY B 50 11.16 32.32 -17.03
N HIS B 51 10.02 32.83 -17.45
CA HIS B 51 9.83 33.51 -18.77
C HIS B 51 9.13 34.84 -18.52
N PRO B 52 9.89 35.94 -18.38
CA PRO B 52 9.32 37.25 -18.08
C PRO B 52 8.82 37.98 -19.34
N GLY B 53 9.39 37.64 -20.51
CA GLY B 53 9.27 38.47 -21.73
C GLY B 53 7.85 38.57 -22.25
N MET B 54 7.19 37.44 -22.47
CA MET B 54 5.82 37.46 -23.03
C MET B 54 4.84 38.05 -22.02
N PRO B 55 4.90 37.76 -20.70
CA PRO B 55 3.99 38.44 -19.78
C PRO B 55 4.10 39.97 -19.79
N MET B 56 5.31 40.49 -20.00
CA MET B 56 5.58 41.94 -20.09
C MET B 56 4.83 42.52 -21.27
N GLY B 57 4.98 41.91 -22.45
CA GLY B 57 4.27 42.44 -23.62
C GLY B 57 2.77 42.27 -23.49
N MET B 58 2.30 41.16 -22.93
CA MET B 58 0.87 40.81 -23.07
C MET B 58 0.01 41.22 -21.84
N ALA B 59 0.59 41.88 -20.83
CA ALA B 59 -0.14 42.34 -19.62
C ALA B 59 -1.43 43.08 -20.01
N PRO B 60 -1.37 44.07 -20.93
CA PRO B 60 -2.59 44.78 -21.31
C PRO B 60 -3.76 43.85 -21.64
N LEU B 61 -3.47 42.76 -22.38
CA LEU B 61 -4.51 41.82 -22.84
C LEU B 61 -5.08 41.10 -21.62
N ALA B 62 -4.21 40.60 -20.75
CA ALA B 62 -4.62 39.87 -19.52
C ALA B 62 -5.50 40.79 -18.66
N TYR B 63 -5.03 42.02 -18.42
CA TYR B 63 -5.80 43.11 -17.78
C TYR B 63 -7.22 43.12 -18.37
N LEU B 64 -7.31 43.28 -19.68
CA LEU B 64 -8.60 43.56 -20.36
C LEU B 64 -9.50 42.33 -20.28
N LEU B 65 -8.99 41.12 -20.53
CA LEU B 65 -9.85 39.91 -20.49
C LEU B 65 -10.45 39.78 -19.08
N PHE B 66 -9.62 39.83 -18.05
CA PHE B 66 -9.99 39.44 -16.66
C PHE B 66 -10.76 40.59 -15.97
N ARG B 67 -10.48 41.84 -16.35
CA ARG B 67 -11.12 43.04 -15.77
C ARG B 67 -12.44 43.39 -16.51
N GLU B 68 -12.50 43.35 -17.84
CA GLU B 68 -13.66 43.90 -18.63
C GLU B 68 -14.35 42.84 -19.48
N VAL B 69 -13.60 42.02 -20.22
CA VAL B 69 -14.24 41.26 -21.33
C VAL B 69 -14.95 40.05 -20.76
N MET B 70 -14.24 39.30 -19.94
CA MET B 70 -14.70 37.92 -19.62
C MET B 70 -15.75 37.96 -18.52
N ARG B 71 -16.72 37.06 -18.59
CA ARG B 71 -17.58 36.73 -17.43
C ARG B 71 -16.92 35.56 -16.71
N HIS B 72 -16.49 35.81 -15.48
CA HIS B 72 -15.89 34.75 -14.64
C HIS B 72 -16.17 35.09 -13.19
N ASN B 73 -16.09 34.08 -12.34
CA ASN B 73 -16.28 34.26 -10.88
C ASN B 73 -15.05 33.72 -10.13
N PRO B 74 -14.14 34.60 -9.66
CA PRO B 74 -12.98 34.21 -8.87
C PRO B 74 -13.32 33.36 -7.62
N LEU B 75 -14.54 33.54 -7.11
CA LEU B 75 -15.07 32.82 -5.92
C LEU B 75 -15.47 31.41 -6.35
N ASP B 76 -15.75 31.17 -7.63
CA ASP B 76 -16.08 29.79 -8.12
C ASP B 76 -15.54 29.58 -9.55
N PRO B 77 -14.28 29.13 -9.67
CA PRO B 77 -13.65 28.81 -10.97
C PRO B 77 -14.33 27.70 -11.76
N ASP B 78 -15.22 26.98 -11.09
CA ASP B 78 -15.96 25.84 -11.67
C ASP B 78 -17.34 26.27 -12.16
N TRP B 79 -17.64 27.56 -12.15
CA TRP B 79 -18.95 28.04 -12.65
C TRP B 79 -19.15 27.60 -14.11
N PRO B 80 -20.05 26.64 -14.41
CA PRO B 80 -20.11 26.04 -15.75
C PRO B 80 -20.38 26.99 -16.92
N ASP B 81 -20.86 28.22 -16.67
CA ASP B 81 -21.17 29.18 -17.75
C ASP B 81 -20.14 30.31 -17.76
N ARG B 82 -19.03 30.13 -17.09
CA ARG B 82 -17.89 31.10 -17.20
C ARG B 82 -17.35 31.07 -18.63
N ASP B 83 -16.84 32.20 -19.10
CA ASP B 83 -15.93 32.24 -20.26
C ASP B 83 -14.65 31.48 -19.89
N ARG B 84 -14.13 30.73 -20.86
CA ARG B 84 -12.90 29.94 -20.67
C ARG B 84 -11.73 30.74 -21.24
N PHE B 85 -10.66 30.86 -20.48
CA PHE B 85 -9.38 31.41 -20.99
C PHE B 85 -8.34 30.28 -21.01
N VAL B 86 -7.75 30.07 -22.18
CA VAL B 86 -6.65 29.08 -22.34
C VAL B 86 -5.37 29.82 -22.67
N LEU B 87 -4.39 29.72 -21.77
CA LEU B 87 -3.03 30.23 -22.02
C LEU B 87 -2.27 29.15 -22.79
N SER B 88 -2.35 29.15 -24.13
CA SER B 88 -1.69 28.14 -24.98
C SER B 88 -0.17 28.30 -24.88
N ALA B 89 0.27 29.54 -24.82
CA ALA B 89 1.70 29.86 -24.61
C ALA B 89 2.05 29.73 -23.10
N GLY B 90 2.16 28.48 -22.63
CA GLY B 90 2.16 28.15 -21.20
C GLY B 90 3.38 28.70 -20.48
N HIS B 91 4.46 28.91 -21.22
CA HIS B 91 5.71 29.45 -20.65
C HIS B 91 5.40 30.78 -19.94
N GLY B 92 4.43 31.55 -20.43
CA GLY B 92 4.04 32.85 -19.85
C GLY B 92 3.15 32.72 -18.62
N SER B 93 3.32 31.66 -17.83
CA SER B 93 2.43 31.26 -16.71
C SER B 93 2.22 32.44 -15.74
N MET B 94 3.26 33.22 -15.46
CA MET B 94 3.17 34.33 -14.48
C MET B 94 2.20 35.42 -14.97
N LEU B 95 1.99 35.54 -16.28
CA LEU B 95 0.95 36.45 -16.78
C LEU B 95 -0.36 36.04 -16.15
N LEU B 96 -0.66 34.73 -16.19
CA LEU B 96 -1.98 34.22 -15.73
C LEU B 96 -2.02 34.28 -14.19
N TYR B 97 -0.98 33.78 -13.54
CA TYR B 97 -0.86 33.81 -12.06
C TYR B 97 -1.04 35.25 -11.52
N ALA B 98 -0.39 36.24 -12.11
CA ALA B 98 -0.49 37.65 -11.68
C ALA B 98 -1.96 38.09 -11.74
N VAL B 99 -2.63 37.80 -12.85
CA VAL B 99 -3.96 38.41 -13.10
C VAL B 99 -5.00 37.63 -12.28
N LEU B 100 -4.77 36.35 -12.01
CA LEU B 100 -5.69 35.54 -11.14
C LEU B 100 -5.59 36.08 -9.70
N HIS B 101 -4.37 36.27 -9.21
CA HIS B 101 -4.07 36.92 -7.91
C HIS B 101 -4.79 38.28 -7.83
N LEU B 102 -4.52 39.16 -8.81
CA LEU B 102 -5.04 40.54 -8.78
C LEU B 102 -6.55 40.59 -8.75
N THR B 103 -7.25 39.60 -9.33
CA THR B 103 -8.73 39.67 -9.53
C THR B 103 -9.47 38.97 -8.40
N GLY B 104 -8.73 38.35 -7.45
CA GLY B 104 -9.27 37.85 -6.19
C GLY B 104 -9.52 36.35 -6.22
N TYR B 105 -8.95 35.62 -7.20
CA TYR B 105 -8.92 34.14 -7.20
C TYR B 105 -8.18 33.71 -5.94
N ASP B 106 -8.36 32.49 -5.49
CA ASP B 106 -7.70 31.98 -4.27
C ASP B 106 -6.22 31.66 -4.59
N LEU B 107 -5.41 32.68 -4.85
CA LEU B 107 -3.98 32.50 -5.25
C LEU B 107 -3.22 33.60 -4.52
N PRO B 108 -2.83 33.34 -3.26
CA PRO B 108 -2.18 34.37 -2.46
C PRO B 108 -0.82 34.83 -3.01
N LEU B 109 -0.38 35.99 -2.52
CA LEU B 109 0.93 36.59 -2.88
C LEU B 109 2.06 35.60 -2.56
N GLU B 110 1.86 34.81 -1.51
CA GLU B 110 2.88 33.83 -1.06
C GLU B 110 3.09 32.77 -2.15
N GLU B 111 2.07 32.44 -2.93
CA GLU B 111 2.23 31.41 -3.99
C GLU B 111 3.03 32.04 -5.13
N LEU B 112 2.79 33.31 -5.42
CA LEU B 112 3.56 34.02 -6.48
C LEU B 112 5.04 34.02 -6.06
N LYS B 113 5.30 34.22 -4.78
CA LYS B 113 6.67 34.17 -4.18
C LYS B 113 7.25 32.76 -4.26
N SER B 114 6.43 31.76 -4.54
CA SER B 114 6.89 30.35 -4.64
C SER B 114 6.75 29.87 -6.08
N PHE B 115 6.73 30.77 -7.05
CA PHE B 115 6.71 30.40 -8.50
C PHE B 115 7.75 29.29 -8.70
N ARG B 116 7.37 28.18 -9.34
CA ARG B 116 8.31 27.12 -9.81
C ARG B 116 9.02 26.45 -8.63
N GLN B 117 8.46 26.49 -7.42
CA GLN B 117 9.06 25.83 -6.21
C GLN B 117 8.21 24.61 -5.84
N TRP B 118 8.83 23.63 -5.21
CA TRP B 118 8.21 22.33 -4.87
C TRP B 118 6.88 22.56 -4.12
N GLY B 119 5.79 21.99 -4.64
CA GLY B 119 4.48 21.91 -3.95
C GLY B 119 3.68 23.19 -4.09
N SER B 120 4.21 24.19 -4.79
CA SER B 120 3.53 25.50 -4.94
C SER B 120 2.33 25.39 -5.90
N LYS B 121 1.43 26.35 -5.82
CA LYS B 121 0.28 26.50 -6.75
C LYS B 121 0.68 27.34 -7.94
N THR B 122 1.97 27.65 -8.12
CA THR B 122 2.46 28.41 -9.31
C THR B 122 3.57 27.63 -10.03
N PRO B 123 3.28 26.43 -10.57
CA PRO B 123 4.27 25.67 -11.34
C PRO B 123 4.69 26.44 -12.60
N GLY B 124 5.84 26.07 -13.17
CA GLY B 124 6.45 26.87 -14.26
C GLY B 124 5.56 26.93 -15.49
N HIS B 125 4.73 25.90 -15.68
CA HIS B 125 3.69 25.85 -16.72
C HIS B 125 2.36 25.53 -16.07
N PRO B 126 1.25 26.09 -16.62
CA PRO B 126 -0.07 25.96 -16.01
C PRO B 126 -0.55 24.51 -15.99
N GLU B 127 -1.08 24.10 -14.85
CA GLU B 127 -1.51 22.71 -14.58
C GLU B 127 -2.94 22.76 -14.08
N ARG B 128 -3.86 22.28 -14.89
CA ARG B 128 -5.28 22.24 -14.49
C ARG B 128 -5.40 21.42 -13.19
N GLY B 129 -6.25 21.84 -12.22
CA GLY B 129 -6.44 21.16 -10.90
C GLY B 129 -5.37 21.50 -9.85
N HIS B 130 -4.28 22.19 -10.20
CA HIS B 130 -3.24 22.60 -9.23
C HIS B 130 -3.40 24.09 -8.89
N THR B 131 -4.16 24.84 -9.69
CA THR B 131 -4.28 26.31 -9.52
C THR B 131 -5.72 26.70 -9.84
N PRO B 132 -6.43 27.46 -8.98
CA PRO B 132 -7.79 27.85 -9.31
C PRO B 132 -7.77 28.75 -10.53
N GLY B 133 -8.72 28.52 -11.42
CA GLY B 133 -8.87 29.26 -12.68
C GLY B 133 -7.95 28.80 -13.81
N VAL B 134 -7.16 27.72 -13.67
CA VAL B 134 -6.35 27.25 -14.84
C VAL B 134 -7.19 26.24 -15.63
N GLU B 135 -7.55 26.50 -16.90
CA GLU B 135 -8.56 25.68 -17.64
C GLU B 135 -7.93 24.45 -18.30
N VAL B 136 -6.68 24.56 -18.75
CA VAL B 136 -5.98 23.49 -19.50
C VAL B 136 -4.55 23.48 -19.00
N THR B 137 -3.97 22.28 -18.86
CA THR B 137 -2.52 22.15 -18.65
C THR B 137 -1.85 22.49 -19.97
N THR B 138 -0.96 23.48 -19.98
CA THR B 138 -0.22 23.89 -21.18
C THR B 138 1.27 23.93 -20.89
N GLY B 139 2.05 24.36 -21.87
CA GLY B 139 3.50 24.16 -21.88
C GLY B 139 3.94 23.45 -23.15
N PRO B 140 3.32 22.31 -23.57
CA PRO B 140 3.59 21.78 -24.91
C PRO B 140 2.87 22.65 -25.93
N LEU B 141 3.61 23.36 -26.77
CA LEU B 141 2.99 24.37 -27.68
C LEU B 141 2.08 23.66 -28.68
N GLY B 142 1.00 24.35 -29.04
CA GLY B 142 -0.07 23.82 -29.89
C GLY B 142 -1.20 23.23 -29.08
N GLN B 143 -0.97 22.72 -27.86
CA GLN B 143 -2.02 21.97 -27.10
C GLN B 143 -3.17 22.92 -26.69
N GLY B 144 -2.88 24.09 -26.15
CA GLY B 144 -3.92 24.99 -25.61
C GLY B 144 -4.85 25.48 -26.68
N ILE B 145 -4.28 25.98 -27.77
CA ILE B 145 -5.07 26.55 -28.90
C ILE B 145 -5.89 25.42 -29.53
N SER B 146 -5.39 24.20 -29.51
CA SER B 146 -6.05 23.06 -30.19
C SER B 146 -7.15 22.52 -29.27
N THR B 147 -6.83 22.40 -27.99
CA THR B 147 -7.78 21.89 -27.00
C THR B 147 -8.97 22.84 -26.93
N ALA B 148 -8.71 24.16 -27.04
CA ALA B 148 -9.73 25.24 -27.08
C ALA B 148 -10.80 24.95 -28.11
N VAL B 149 -10.45 24.27 -29.19
CA VAL B 149 -11.49 23.95 -30.20
C VAL B 149 -12.54 23.01 -29.58
N GLY B 150 -12.12 22.04 -28.78
CA GLY B 150 -13.05 21.12 -28.11
C GLY B 150 -13.87 21.84 -27.05
N LEU B 151 -13.26 22.82 -26.35
CA LEU B 151 -13.98 23.63 -25.36
C LEU B 151 -15.12 24.35 -26.11
N ALA B 152 -14.83 24.98 -27.26
CA ALA B 152 -15.82 25.77 -28.04
C ALA B 152 -16.85 24.85 -28.68
N LEU B 153 -16.44 23.67 -29.14
CA LEU B 153 -17.38 22.69 -29.74
C LEU B 153 -18.37 22.22 -28.68
N ALA B 154 -17.90 21.95 -27.48
CA ALA B 154 -18.74 21.50 -26.35
C ALA B 154 -19.77 22.59 -26.01
N GLU B 155 -19.35 23.84 -25.89
CA GLU B 155 -20.28 24.96 -25.57
C GLU B 155 -21.35 25.05 -26.66
N ARG B 156 -20.92 24.96 -27.91
CA ARG B 156 -21.82 25.11 -29.07
C ARG B 156 -22.83 23.98 -29.05
N LYS B 157 -22.41 22.75 -28.83
CA LYS B 157 -23.34 21.60 -28.85
C LYS B 157 -24.25 21.61 -27.61
N LEU B 158 -23.72 21.95 -26.44
CA LEU B 158 -24.52 21.93 -25.18
C LEU B 158 -25.58 23.02 -25.24
N ALA B 159 -25.23 24.18 -25.79
CA ALA B 159 -26.15 25.30 -26.12
C ALA B 159 -27.26 24.84 -27.08
N ALA B 160 -26.91 24.18 -28.19
CA ALA B 160 -27.89 23.56 -29.11
C ALA B 160 -28.77 22.55 -28.35
N GLU B 161 -28.21 21.73 -27.48
CA GLU B 161 -28.97 20.62 -26.86
C GLU B 161 -29.96 21.21 -25.82
N PHE B 162 -29.54 22.23 -25.08
CA PHE B 162 -30.22 22.57 -23.81
C PHE B 162 -30.93 23.92 -23.86
N ASN B 163 -30.48 24.86 -24.68
CA ASN B 163 -31.08 26.21 -24.72
C ASN B 163 -32.50 26.08 -25.26
N ARG B 164 -33.43 26.85 -24.70
CA ARG B 164 -34.83 26.87 -25.14
C ARG B 164 -35.27 28.32 -25.18
N PRO B 165 -36.38 28.66 -25.90
CA PRO B 165 -36.79 30.05 -26.07
C PRO B 165 -37.01 30.66 -24.67
N GLY B 166 -36.44 31.83 -24.38
CA GLY B 166 -36.51 32.48 -23.06
C GLY B 166 -35.65 31.78 -22.01
N HIS B 167 -34.76 30.84 -22.38
CA HIS B 167 -33.94 30.02 -21.44
C HIS B 167 -32.54 29.73 -22.03
N VAL B 168 -31.69 30.74 -22.06
CA VAL B 168 -30.26 30.62 -22.44
C VAL B 168 -29.47 30.08 -21.23
N VAL B 169 -29.32 28.75 -21.12
CA VAL B 169 -28.60 28.17 -19.95
C VAL B 169 -27.11 27.92 -20.28
N VAL B 170 -26.76 27.88 -21.56
CA VAL B 170 -25.36 27.74 -22.04
C VAL B 170 -25.03 28.96 -22.90
N ASP B 171 -24.07 29.80 -22.48
CA ASP B 171 -23.67 31.00 -23.26
C ASP B 171 -22.31 31.52 -22.83
N HIS B 172 -21.23 31.01 -23.41
CA HIS B 172 -19.89 31.55 -23.07
C HIS B 172 -18.89 31.34 -24.21
N TYR B 173 -17.84 32.15 -24.14
CA TYR B 173 -16.77 32.32 -25.15
C TYR B 173 -15.56 31.50 -24.71
N THR B 174 -14.75 31.13 -25.70
CA THR B 174 -13.47 30.44 -25.47
C THR B 174 -12.36 31.36 -25.97
N TYR B 175 -11.65 31.98 -25.07
CA TYR B 175 -10.54 32.89 -25.43
C TYR B 175 -9.25 32.11 -25.31
N VAL B 176 -8.30 32.36 -26.23
CA VAL B 176 -6.95 31.74 -26.23
C VAL B 176 -5.89 32.85 -26.37
N LEU B 177 -4.81 32.73 -25.62
CA LEU B 177 -3.55 33.46 -25.92
C LEU B 177 -2.53 32.45 -26.41
N ALA B 178 -2.03 32.68 -27.64
CA ALA B 178 -1.13 31.80 -28.40
C ALA B 178 0.11 32.60 -28.79
N SER B 179 1.26 31.95 -28.83
CA SER B 179 2.55 32.54 -29.29
C SER B 179 2.85 32.02 -30.70
N ASP B 180 3.92 32.53 -31.30
CA ASP B 180 4.41 32.09 -32.62
C ASP B 180 4.56 30.57 -32.61
N GLY B 181 5.12 30.05 -31.52
CA GLY B 181 5.41 28.63 -31.35
C GLY B 181 4.13 27.84 -31.45
N ASP B 182 3.03 28.30 -30.86
CA ASP B 182 1.73 27.61 -31.03
C ASP B 182 1.39 27.47 -32.51
N LEU B 183 1.64 28.53 -33.30
CA LEU B 183 1.16 28.63 -34.70
C LEU B 183 2.09 27.92 -35.70
N MET B 184 3.31 27.56 -35.32
CA MET B 184 4.22 26.77 -36.19
C MET B 184 3.86 25.28 -36.05
N GLU B 185 3.37 24.88 -34.88
CA GLU B 185 3.00 23.48 -34.57
C GLU B 185 1.85 23.07 -35.48
N GLY B 186 2.02 21.96 -36.21
CA GLY B 186 1.03 21.50 -37.18
C GLY B 186 -0.32 21.21 -36.49
N VAL B 187 -0.32 20.86 -35.21
CA VAL B 187 -1.61 20.54 -34.51
C VAL B 187 -2.50 21.78 -34.51
N SER B 188 -1.95 22.96 -34.31
CA SER B 188 -2.76 24.21 -34.29
C SER B 188 -3.41 24.45 -35.66
N GLY B 189 -2.79 24.00 -36.76
CA GLY B 189 -3.32 24.14 -38.15
C GLY B 189 -4.47 23.19 -38.41
N GLU B 190 -4.28 21.93 -38.01
CA GLU B 190 -5.32 20.89 -38.04
C GLU B 190 -6.55 21.41 -37.29
N ALA B 191 -6.37 21.87 -36.05
CA ALA B 191 -7.46 22.31 -35.15
C ALA B 191 -8.16 23.53 -35.76
N ALA B 192 -7.41 24.48 -36.31
CA ALA B 192 -7.95 25.69 -36.97
C ALA B 192 -8.75 25.33 -38.23
N SER B 193 -8.28 24.38 -39.02
CA SER B 193 -9.03 23.85 -40.18
C SER B 193 -10.40 23.33 -39.73
N LEU B 194 -10.44 22.51 -38.69
CA LEU B 194 -11.72 21.97 -38.18
C LEU B 194 -12.56 23.12 -37.56
N ALA B 195 -11.99 24.08 -36.83
CA ALA B 195 -12.80 25.13 -36.16
C ALA B 195 -13.51 25.99 -37.22
N GLY B 196 -12.80 26.36 -38.28
CA GLY B 196 -13.37 27.11 -39.41
C GLY B 196 -14.42 26.30 -40.16
N HIS B 197 -14.17 25.02 -40.41
CA HIS B 197 -15.13 24.08 -41.06
C HIS B 197 -16.42 24.03 -40.22
N TRP B 198 -16.23 24.04 -38.90
CA TRP B 198 -17.36 23.85 -37.96
C TRP B 198 -18.05 25.17 -37.66
N GLY B 199 -17.41 26.31 -37.97
CA GLY B 199 -17.98 27.66 -37.78
C GLY B 199 -18.08 28.06 -36.32
N LEU B 200 -17.06 27.76 -35.51
CA LEU B 200 -17.16 27.93 -34.03
C LEU B 200 -16.92 29.39 -33.72
N SER B 201 -17.95 30.20 -33.91
CA SER B 201 -17.91 31.69 -33.82
C SER B 201 -17.45 32.19 -32.44
N LYS B 202 -17.58 31.43 -31.36
CA LYS B 202 -17.34 31.99 -30.01
C LYS B 202 -15.95 31.56 -29.53
N LEU B 203 -15.13 31.00 -30.44
CA LEU B 203 -13.69 30.79 -30.24
C LEU B 203 -12.95 32.04 -30.70
N ILE B 204 -12.22 32.66 -29.80
CA ILE B 204 -11.49 33.91 -30.09
C ILE B 204 -10.07 33.73 -29.61
N VAL B 205 -9.12 33.81 -30.55
CA VAL B 205 -7.69 33.54 -30.29
C VAL B 205 -6.95 34.86 -30.46
N PHE B 206 -6.09 35.19 -29.50
CA PHE B 206 -5.13 36.31 -29.63
C PHE B 206 -3.76 35.67 -29.88
N TRP B 207 -3.09 36.08 -30.96
CA TRP B 207 -1.68 35.71 -31.25
C TRP B 207 -0.78 36.88 -30.87
N ASP B 208 0.20 36.60 -30.03
CA ASP B 208 1.27 37.52 -29.64
C ASP B 208 2.25 37.58 -30.81
N ASP B 209 2.05 38.52 -31.72
CA ASP B 209 2.93 38.73 -32.90
C ASP B 209 4.07 39.64 -32.48
N ASN B 210 5.08 39.10 -31.81
CA ASN B 210 6.22 39.86 -31.25
C ASN B 210 7.52 39.60 -32.04
N ARG B 211 7.46 38.82 -33.12
CA ARG B 211 8.60 38.60 -34.06
C ARG B 211 9.82 37.98 -33.37
N ILE B 212 9.71 37.43 -32.17
CA ILE B 212 10.87 36.82 -31.44
C ILE B 212 10.49 35.37 -31.13
N SER B 213 11.42 34.44 -31.26
CA SER B 213 11.28 33.06 -30.74
C SER B 213 12.57 32.74 -30.00
N ILE B 214 12.74 31.50 -29.53
CA ILE B 214 13.91 31.19 -28.68
C ILE B 214 15.19 31.34 -29.50
N ASP B 215 15.16 31.03 -30.81
CA ASP B 215 16.37 30.94 -31.65
C ASP B 215 16.82 32.37 -32.03
N GLY B 216 15.99 33.38 -31.77
CA GLY B 216 16.19 34.77 -32.24
C GLY B 216 14.99 35.28 -33.01
N PRO B 217 15.17 36.24 -33.96
CA PRO B 217 14.04 36.71 -34.75
C PRO B 217 13.29 35.55 -35.41
N THR B 218 11.97 35.64 -35.46
CA THR B 218 11.09 34.65 -36.14
C THR B 218 11.50 34.51 -37.61
N ASP B 219 12.08 35.52 -38.23
CA ASP B 219 12.39 35.43 -39.67
C ASP B 219 13.58 34.48 -39.88
N LEU B 220 14.13 33.86 -38.84
CA LEU B 220 15.05 32.72 -39.03
C LEU B 220 14.31 31.49 -39.59
N ALA B 221 13.01 31.34 -39.32
CA ALA B 221 12.29 30.07 -39.58
C ALA B 221 10.79 30.26 -39.83
N PHE B 222 10.23 31.48 -39.73
CA PHE B 222 8.77 31.73 -39.66
C PHE B 222 8.42 33.07 -40.32
N THR B 223 8.14 33.03 -41.62
CA THR B 223 7.79 34.20 -42.45
C THR B 223 6.51 33.97 -43.24
N GLU B 224 5.75 32.91 -42.99
CA GLU B 224 4.46 32.75 -43.70
C GLU B 224 3.57 33.95 -43.36
N ASP B 225 2.52 34.13 -44.16
CA ASP B 225 1.44 35.10 -43.91
C ASP B 225 0.41 34.36 -43.06
N VAL B 226 0.51 34.48 -41.74
CA VAL B 226 -0.29 33.65 -40.80
C VAL B 226 -1.78 33.97 -41.00
N LEU B 227 -2.13 35.24 -41.10
CA LEU B 227 -3.56 35.65 -41.21
C LEU B 227 -4.12 35.20 -42.55
N ALA B 228 -3.33 35.14 -43.62
CA ALA B 228 -3.83 34.60 -44.91
C ALA B 228 -4.11 33.11 -44.71
N ARG B 229 -3.28 32.41 -43.97
CA ARG B 229 -3.53 30.96 -43.76
C ARG B 229 -4.82 30.80 -42.96
N TYR B 230 -5.01 31.63 -41.94
CA TYR B 230 -6.24 31.54 -41.08
C TYR B 230 -7.46 31.93 -41.90
N ARG B 231 -7.35 32.84 -42.85
CA ARG B 231 -8.52 33.13 -43.73
C ARG B 231 -8.79 31.91 -44.61
N ALA B 232 -7.77 31.19 -45.08
CA ALA B 232 -8.02 29.99 -45.91
C ALA B 232 -8.77 28.95 -45.08
N TYR B 233 -8.60 28.96 -43.75
CA TYR B 233 -9.35 28.02 -42.88
C TYR B 233 -10.78 28.51 -42.65
N GLY B 234 -11.17 29.73 -43.09
CA GLY B 234 -12.54 30.23 -42.88
C GLY B 234 -12.68 30.96 -41.55
N TRP B 235 -11.56 31.44 -41.03
CA TRP B 235 -11.53 32.29 -39.84
C TRP B 235 -11.65 33.75 -40.27
N GLN B 236 -12.25 34.57 -39.42
CA GLN B 236 -12.03 36.02 -39.42
C GLN B 236 -10.63 36.26 -38.87
N THR B 237 -9.91 37.26 -39.39
CA THR B 237 -8.57 37.70 -38.96
C THR B 237 -8.59 39.22 -38.76
N LEU B 238 -8.03 39.68 -37.66
CA LEU B 238 -7.93 41.11 -37.30
C LEU B 238 -6.51 41.38 -36.83
N ARG B 239 -6.17 42.66 -36.86
CA ARG B 239 -4.84 43.20 -36.52
C ARG B 239 -5.06 44.22 -35.41
N VAL B 240 -4.30 44.15 -34.33
CA VAL B 240 -4.15 45.26 -33.36
C VAL B 240 -2.67 45.65 -33.40
N GLU B 241 -2.38 46.88 -33.80
CA GLU B 241 -1.02 47.34 -34.16
C GLU B 241 -0.23 47.57 -32.87
N ASP B 242 -0.92 47.72 -31.74
CA ASP B 242 -0.23 47.96 -30.45
C ASP B 242 -1.06 47.41 -29.28
N VAL B 243 -0.60 46.32 -28.62
CA VAL B 243 -1.27 45.62 -27.48
C VAL B 243 -1.62 46.61 -26.35
N ASN B 244 -0.86 47.69 -26.20
CA ASN B 244 -1.00 48.73 -25.13
C ASN B 244 -2.24 49.60 -25.38
N ASP B 245 -2.72 49.61 -26.63
CA ASP B 245 -3.94 50.36 -27.02
C ASP B 245 -5.17 49.54 -26.66
N LEU B 246 -5.74 49.79 -25.48
CA LEU B 246 -6.82 48.94 -24.93
C LEU B 246 -8.07 49.15 -25.76
N GLU B 247 -8.26 50.35 -26.31
CA GLU B 247 -9.42 50.68 -27.17
C GLU B 247 -9.35 49.80 -28.44
N ALA B 248 -8.19 49.70 -29.08
CA ALA B 248 -8.00 48.81 -30.25
C ALA B 248 -8.37 47.37 -29.85
N LEU B 249 -7.98 46.92 -28.65
CA LEU B 249 -8.28 45.53 -28.21
C LEU B 249 -9.80 45.38 -28.07
N ARG B 250 -10.46 46.32 -27.38
CA ARG B 250 -11.92 46.32 -27.15
C ARG B 250 -12.58 46.23 -28.51
N LYS B 251 -12.08 47.01 -29.46
CA LYS B 251 -12.61 47.06 -30.85
C LYS B 251 -12.58 45.65 -31.46
N ALA B 252 -11.40 45.05 -31.54
CA ALA B 252 -11.23 43.72 -32.17
C ALA B 252 -12.16 42.69 -31.53
N ILE B 253 -12.23 42.64 -30.20
CA ILE B 253 -13.10 41.63 -29.50
C ILE B 253 -14.57 41.86 -29.88
N LYS B 254 -15.01 43.12 -29.93
CA LYS B 254 -16.41 43.40 -30.36
C LYS B 254 -16.55 42.90 -31.81
N LEU B 255 -15.59 43.19 -32.70
CA LEU B 255 -15.62 42.64 -34.10
C LEU B 255 -15.66 41.11 -34.09
N ALA B 256 -14.96 40.42 -33.17
CA ALA B 256 -14.98 38.95 -33.13
C ALA B 256 -16.37 38.46 -32.71
N LYS B 257 -16.99 39.04 -31.67
CA LYS B 257 -18.30 38.55 -31.16
C LYS B 257 -19.45 38.78 -32.17
N LEU B 258 -19.35 39.78 -33.04
CA LEU B 258 -20.36 40.03 -34.13
C LEU B 258 -20.25 38.97 -35.24
N ASP B 259 -19.09 38.31 -35.37
CA ASP B 259 -18.79 37.47 -36.56
C ASP B 259 -19.30 36.06 -36.34
N GLU B 260 -19.69 35.39 -37.43
CA GLU B 260 -20.16 33.98 -37.37
C GLU B 260 -18.96 33.04 -37.61
N ARG B 261 -17.73 33.54 -37.62
CA ARG B 261 -16.51 32.68 -37.76
C ARG B 261 -15.67 32.72 -36.49
N PRO B 262 -14.86 31.67 -36.19
CA PRO B 262 -13.78 31.80 -35.20
C PRO B 262 -12.83 32.92 -35.62
N THR B 263 -12.35 33.71 -34.68
CA THR B 263 -11.52 34.89 -35.00
C THR B 263 -10.10 34.70 -34.51
N LEU B 264 -9.15 35.12 -35.33
CA LEU B 264 -7.76 35.23 -34.89
C LEU B 264 -7.43 36.70 -34.90
N ILE B 265 -6.95 37.21 -33.78
CA ILE B 265 -6.56 38.62 -33.60
C ILE B 265 -5.05 38.62 -33.41
N ALA B 266 -4.34 39.01 -34.45
CA ALA B 266 -2.88 39.25 -34.39
C ALA B 266 -2.66 40.49 -33.56
N VAL B 267 -1.87 40.38 -32.51
CA VAL B 267 -1.67 41.49 -31.54
C VAL B 267 -0.18 41.73 -31.40
N ARG B 268 0.25 42.87 -31.91
CA ARG B 268 1.68 43.22 -31.96
C ARG B 268 2.10 43.68 -30.57
N SER B 269 3.24 43.17 -30.12
CA SER B 269 3.79 43.46 -28.77
C SER B 269 5.30 43.43 -28.91
N HIS B 270 5.97 44.04 -27.96
CA HIS B 270 7.42 43.93 -27.73
C HIS B 270 7.62 42.93 -26.60
N ILE B 271 8.30 41.84 -26.91
CA ILE B 271 8.74 40.90 -25.85
C ILE B 271 9.68 41.72 -24.96
N GLY B 272 9.53 41.59 -23.65
CA GLY B 272 10.34 42.34 -22.67
C GLY B 272 10.03 43.83 -22.74
N PHE B 273 8.77 44.19 -23.01
CA PHE B 273 8.32 45.61 -23.09
C PHE B 273 8.88 46.36 -21.89
N GLY B 274 9.69 47.40 -22.14
CA GLY B 274 10.06 48.38 -21.13
C GLY B 274 11.37 48.05 -20.46
N SER B 275 12.04 46.97 -20.86
CA SER B 275 13.34 46.55 -20.31
C SER B 275 14.44 46.80 -21.34
N PRO B 276 15.71 46.82 -20.92
CA PRO B 276 16.84 46.72 -21.84
C PRO B 276 16.82 45.46 -22.75
N LYS B 277 16.09 44.40 -22.38
CA LYS B 277 16.00 43.12 -23.17
C LYS B 277 14.78 43.16 -24.10
N GLN B 278 14.03 44.26 -24.13
CA GLN B 278 12.92 44.45 -25.10
C GLN B 278 13.36 44.04 -26.52
N ASP B 279 12.51 43.25 -27.21
CA ASP B 279 12.66 42.82 -28.63
C ASP B 279 13.91 41.96 -28.79
N SER B 280 14.30 41.24 -27.73
CA SER B 280 15.41 40.25 -27.73
C SER B 280 14.94 38.87 -27.23
N ALA B 281 15.43 37.79 -27.86
CA ALA B 281 15.27 36.38 -27.42
C ALA B 281 15.76 36.21 -25.98
N LYS B 282 16.67 37.06 -25.52
CA LYS B 282 17.12 37.12 -24.12
C LYS B 282 15.95 37.40 -23.16
N ALA B 283 14.85 38.01 -23.59
CA ALA B 283 13.73 38.33 -22.66
C ALA B 283 12.84 37.10 -22.50
N HIS B 284 13.05 36.08 -23.33
CA HIS B 284 12.07 34.98 -23.48
C HIS B 284 12.00 34.11 -22.19
N GLY B 285 13.13 33.58 -21.73
CA GLY B 285 13.17 32.37 -20.90
C GLY B 285 14.22 32.38 -19.81
N GLU B 286 14.66 33.56 -19.37
CA GLU B 286 15.54 33.68 -18.20
C GLU B 286 15.10 34.92 -17.43
N PRO B 287 15.44 35.01 -16.13
CA PRO B 287 15.17 36.23 -15.38
C PRO B 287 15.91 37.43 -16.02
N LEU B 288 15.24 38.59 -16.07
CA LEU B 288 15.80 39.89 -16.54
C LEU B 288 17.19 40.08 -15.91
N GLY B 289 17.36 39.70 -14.64
CA GLY B 289 18.57 40.04 -13.86
C GLY B 289 18.45 41.41 -13.17
N PRO B 290 19.19 41.66 -12.07
CA PRO B 290 18.98 42.86 -11.23
C PRO B 290 19.05 44.20 -12.00
N GLU B 291 20.06 44.41 -12.84
CA GLU B 291 20.25 45.65 -13.66
C GLU B 291 19.02 45.87 -14.56
N ALA B 292 18.65 44.86 -15.34
CA ALA B 292 17.48 44.98 -16.24
C ALA B 292 16.21 45.20 -15.41
N VAL B 293 16.10 44.60 -14.21
CA VAL B 293 14.91 44.82 -13.32
C VAL B 293 14.82 46.31 -12.94
N GLU B 294 15.91 46.86 -12.41
CA GLU B 294 16.04 48.28 -11.94
C GLU B 294 15.74 49.19 -13.14
N ALA B 295 16.38 48.94 -14.30
CA ALA B 295 16.18 49.73 -15.55
C ALA B 295 14.70 49.64 -15.96
N THR B 296 14.02 48.51 -15.76
CA THR B 296 12.57 48.37 -16.15
C THR B 296 11.69 49.19 -15.19
N ARG B 297 11.91 49.13 -13.86
CA ARG B 297 11.20 49.97 -12.84
C ARG B 297 11.32 51.45 -13.24
N ARG B 298 12.49 51.90 -13.66
CA ARG B 298 12.70 53.32 -14.09
C ARG B 298 11.93 53.65 -15.38
N ASN B 299 12.17 52.90 -16.47
CA ASN B 299 11.58 53.19 -17.81
C ASN B 299 10.05 53.25 -17.70
N LEU B 300 9.45 52.38 -16.88
CA LEU B 300 7.96 52.32 -16.77
C LEU B 300 7.49 53.10 -15.52
N GLY B 301 8.43 53.64 -14.73
CA GLY B 301 8.15 54.51 -13.57
C GLY B 301 7.32 53.78 -12.55
N TRP B 302 7.81 52.63 -12.07
CA TRP B 302 7.11 51.76 -11.09
C TRP B 302 7.88 51.85 -9.78
N PRO B 303 7.32 52.58 -8.77
CA PRO B 303 8.03 52.86 -7.53
C PRO B 303 8.05 51.65 -6.58
N TYR B 304 7.13 50.70 -6.76
CA TYR B 304 6.82 49.66 -5.75
C TYR B 304 7.88 48.55 -5.72
N PRO B 305 8.35 48.14 -4.52
CA PRO B 305 9.35 47.09 -4.43
C PRO B 305 8.71 45.77 -4.82
N PRO B 306 9.49 44.67 -4.87
CA PRO B 306 8.97 43.38 -5.35
C PRO B 306 7.75 42.83 -4.60
N PHE B 307 6.74 42.43 -5.39
CA PHE B 307 5.49 41.76 -4.94
C PHE B 307 4.61 42.78 -4.22
N VAL B 308 5.04 44.05 -4.10
CA VAL B 308 4.15 45.13 -3.56
C VAL B 308 3.28 45.70 -4.69
N VAL B 309 1.97 45.59 -4.50
CA VAL B 309 0.96 46.21 -5.39
C VAL B 309 0.05 47.12 -4.58
N PRO B 310 -0.14 48.40 -4.98
CA PRO B 310 -0.94 49.34 -4.19
C PRO B 310 -2.40 48.90 -4.11
N GLU B 311 -2.96 49.13 -2.93
CA GLU B 311 -4.37 48.82 -2.59
C GLU B 311 -5.27 49.36 -3.71
N GLU B 312 -4.90 50.51 -4.28
CA GLU B 312 -5.57 51.18 -5.42
C GLU B 312 -5.90 50.16 -6.53
N VAL B 313 -4.92 49.31 -6.87
CA VAL B 313 -5.04 48.30 -7.97
C VAL B 313 -5.92 47.13 -7.54
N TYR B 314 -5.70 46.58 -6.36
CA TYR B 314 -6.48 45.42 -5.83
C TYR B 314 -7.96 45.76 -5.84
N ARG B 315 -8.31 46.96 -5.38
CA ARG B 315 -9.72 47.44 -5.34
C ARG B 315 -10.24 47.58 -6.77
N HIS B 316 -9.49 48.20 -7.70
CA HIS B 316 -9.94 48.32 -9.11
C HIS B 316 -10.14 46.93 -9.76
N MET B 317 -9.30 45.94 -9.43
CA MET B 317 -9.18 44.66 -10.18
C MET B 317 -10.03 43.56 -9.53
N ASP B 318 -10.55 43.79 -8.33
CA ASP B 318 -11.34 42.79 -7.55
C ASP B 318 -12.59 42.41 -8.34
N MET B 319 -12.73 41.14 -8.74
CA MET B 319 -13.84 40.70 -9.62
C MET B 319 -14.79 39.83 -8.81
N ARG B 320 -14.57 39.73 -7.51
CA ARG B 320 -15.35 38.83 -6.62
C ARG B 320 -16.83 39.23 -6.61
N GLU B 321 -17.13 40.53 -6.59
CA GLU B 321 -18.52 41.06 -6.51
C GLU B 321 -19.21 40.83 -7.86
N LYS B 322 -18.60 41.29 -8.94
CA LYS B 322 -19.14 41.11 -10.32
C LYS B 322 -19.22 39.60 -10.63
N GLY B 323 -18.24 38.81 -10.19
CA GLY B 323 -18.21 37.35 -10.41
C GLY B 323 -19.42 36.69 -9.78
N ARG B 324 -19.66 37.00 -8.52
CA ARG B 324 -20.83 36.44 -7.79
C ARG B 324 -22.14 36.89 -8.46
N ALA B 325 -22.22 38.12 -8.96
CA ALA B 325 -23.45 38.67 -9.57
C ALA B 325 -23.77 37.91 -10.87
N TRP B 326 -22.79 37.79 -11.78
CA TRP B 326 -22.87 36.96 -13.01
C TRP B 326 -23.32 35.53 -12.66
N GLN B 327 -22.71 34.90 -11.66
CA GLN B 327 -23.07 33.48 -11.37
C GLN B 327 -24.50 33.39 -10.78
N GLU B 328 -24.94 34.32 -9.94
CA GLU B 328 -26.30 34.23 -9.30
C GLU B 328 -27.35 34.42 -10.41
N ALA B 329 -27.13 35.38 -11.32
CA ALA B 329 -27.97 35.55 -12.53
C ALA B 329 -28.12 34.22 -13.28
N TRP B 330 -27.03 33.45 -13.39
CA TRP B 330 -27.08 32.16 -14.14
C TRP B 330 -27.80 31.12 -13.27
N GLU B 331 -27.51 31.11 -11.99
CA GLU B 331 -28.17 30.22 -10.99
C GLU B 331 -29.71 30.45 -11.03
N LYS B 332 -30.14 31.73 -11.11
CA LYS B 332 -31.56 32.18 -11.24
C LYS B 332 -32.18 31.62 -12.53
N ALA B 333 -31.47 31.78 -13.64
CA ALA B 333 -31.91 31.29 -14.98
C ALA B 333 -32.00 29.77 -14.95
N LEU B 334 -31.16 29.07 -14.18
CA LEU B 334 -31.20 27.59 -14.11
C LEU B 334 -32.46 27.10 -13.37
N GLU B 335 -32.81 27.78 -12.29
CA GLU B 335 -34.00 27.45 -11.46
C GLU B 335 -35.26 27.66 -12.33
N ALA B 336 -35.29 28.76 -13.06
CA ALA B 336 -36.36 29.09 -14.01
C ALA B 336 -36.42 28.01 -15.11
N TYR B 337 -35.25 27.59 -15.61
CA TYR B 337 -35.15 26.44 -16.54
C TYR B 337 -35.73 25.19 -15.89
N ALA B 338 -35.42 24.92 -14.62
CA ALA B 338 -35.88 23.68 -13.94
C ALA B 338 -37.41 23.69 -13.82
N ARG B 339 -37.99 24.88 -13.68
CA ARG B 339 -39.47 25.03 -13.60
C ARG B 339 -40.06 24.75 -14.99
N ALA B 340 -39.53 25.40 -16.03
CA ALA B 340 -40.01 25.33 -17.43
C ALA B 340 -39.72 23.93 -18.01
N TYR B 341 -38.54 23.37 -17.76
CA TYR B 341 -38.04 22.14 -18.42
C TYR B 341 -37.47 21.18 -17.39
N PRO B 342 -38.33 20.61 -16.53
CA PRO B 342 -37.83 19.77 -15.43
C PRO B 342 -36.86 18.70 -15.93
N ASP B 343 -37.25 17.97 -16.99
CA ASP B 343 -36.51 16.77 -17.49
C ASP B 343 -35.16 17.21 -18.11
N LEU B 344 -35.12 18.24 -18.95
CA LEU B 344 -33.84 18.79 -19.49
C LEU B 344 -32.91 19.23 -18.36
N HIS B 345 -33.40 20.08 -17.47
CA HIS B 345 -32.65 20.51 -16.26
C HIS B 345 -32.04 19.29 -15.54
N GLN B 346 -32.82 18.27 -15.19
CA GLN B 346 -32.26 17.07 -14.51
C GLN B 346 -31.10 16.48 -15.35
N GLU B 347 -31.29 16.29 -16.65
CA GLU B 347 -30.24 15.69 -17.51
C GLU B 347 -29.00 16.59 -17.51
N LEU B 348 -29.19 17.89 -17.65
CA LEU B 348 -28.10 18.87 -17.70
C LEU B 348 -27.24 18.78 -16.44
N MET B 349 -27.87 18.84 -15.26
CA MET B 349 -27.16 18.80 -13.96
C MET B 349 -26.48 17.44 -13.80
N ARG B 350 -27.15 16.36 -14.15
CA ARG B 350 -26.50 15.04 -14.10
C ARG B 350 -25.20 15.10 -14.93
N ARG B 351 -25.27 15.65 -16.15
CA ARG B 351 -24.16 15.58 -17.11
C ARG B 351 -23.05 16.53 -16.65
N LEU B 352 -23.40 17.76 -16.27
CA LEU B 352 -22.45 18.73 -15.68
C LEU B 352 -21.71 18.15 -14.49
N ARG B 353 -22.31 17.26 -13.69
CA ARG B 353 -21.63 16.65 -12.53
C ARG B 353 -20.79 15.43 -12.92
N GLY B 354 -20.86 14.96 -14.17
CA GLY B 354 -20.16 13.76 -14.66
C GLY B 354 -20.71 12.46 -14.07
N GLU B 355 -22.01 12.39 -13.76
CA GLU B 355 -22.62 11.12 -13.25
C GLU B 355 -23.08 10.28 -14.44
N LEU B 356 -22.72 9.01 -14.45
CA LEU B 356 -23.23 8.06 -15.45
C LEU B 356 -24.69 7.75 -15.14
N PRO B 357 -25.58 7.58 -16.15
CA PRO B 357 -26.93 7.12 -15.89
C PRO B 357 -26.71 5.62 -15.77
N PRO B 358 -27.76 4.83 -15.45
CA PRO B 358 -27.59 3.39 -15.37
C PRO B 358 -27.21 2.88 -16.76
N LEU B 359 -26.44 1.81 -16.81
CA LEU B 359 -25.92 1.26 -18.08
C LEU B 359 -26.29 -0.20 -18.18
N PRO B 360 -26.41 -0.77 -19.41
CA PRO B 360 -26.70 -2.18 -19.60
C PRO B 360 -25.58 -2.98 -18.92
N GLU B 361 -25.99 -4.09 -18.33
CA GLU B 361 -25.13 -4.92 -17.47
C GLU B 361 -24.79 -6.19 -18.23
N GLU B 362 -25.47 -6.49 -19.32
CA GLU B 362 -25.04 -7.70 -20.07
C GLU B 362 -24.64 -7.28 -21.47
N PRO B 363 -23.63 -8.00 -22.00
CA PRO B 363 -23.01 -7.66 -23.25
C PRO B 363 -23.98 -7.92 -24.38
N PRO B 364 -23.68 -7.41 -25.59
CA PRO B 364 -24.46 -7.77 -26.76
C PRO B 364 -24.31 -9.28 -26.85
N SER B 365 -25.24 -9.89 -27.58
CA SER B 365 -25.28 -11.35 -27.84
C SER B 365 -24.57 -11.58 -29.17
N PHE B 366 -23.55 -12.42 -29.20
CA PHE B 366 -22.73 -12.67 -30.41
C PHE B 366 -22.86 -14.14 -30.74
N ASP B 367 -22.83 -14.48 -32.02
CA ASP B 367 -23.03 -15.90 -32.40
C ASP B 367 -21.81 -16.43 -33.16
N LYS B 368 -20.98 -15.55 -33.73
CA LYS B 368 -19.92 -15.99 -34.68
C LYS B 368 -18.60 -15.29 -34.37
N PRO B 369 -17.50 -15.81 -34.92
CA PRO B 369 -16.22 -15.08 -34.87
C PRO B 369 -16.41 -13.65 -35.38
N ILE B 370 -15.86 -12.70 -34.60
CA ILE B 370 -16.00 -11.25 -34.90
C ILE B 370 -14.73 -10.51 -34.47
N ALA B 371 -14.33 -9.50 -35.25
CA ALA B 371 -13.21 -8.60 -34.89
C ALA B 371 -13.62 -7.81 -33.64
N THR B 372 -12.69 -7.46 -32.75
CA THR B 372 -13.06 -6.65 -31.55
C THR B 372 -13.44 -5.24 -31.99
N ARG B 373 -12.99 -4.74 -33.17
CA ARG B 373 -13.54 -3.46 -33.67
C ARG B 373 -15.06 -3.62 -33.91
N ALA B 374 -15.51 -4.71 -34.50
CA ALA B 374 -16.97 -4.87 -34.79
C ALA B 374 -17.71 -5.06 -33.46
N ALA B 375 -17.16 -5.82 -32.53
CA ALA B 375 -17.76 -6.00 -31.17
C ALA B 375 -17.82 -4.67 -30.43
N SER B 376 -16.86 -3.79 -30.69
CA SER B 376 -16.82 -2.44 -30.06
C SER B 376 -17.99 -1.64 -30.60
N GLY B 377 -18.20 -1.74 -31.91
CA GLY B 377 -19.36 -1.13 -32.59
C GLY B 377 -20.67 -1.66 -31.97
N ARG B 378 -20.76 -2.96 -31.77
CA ARG B 378 -21.97 -3.58 -31.16
C ARG B 378 -22.13 -3.11 -29.71
N ALA B 379 -21.03 -2.98 -28.95
CA ALA B 379 -21.12 -2.45 -27.56
C ALA B 379 -21.64 -1.01 -27.61
N LEU B 380 -21.22 -0.20 -28.58
CA LEU B 380 -21.61 1.25 -28.60
C LEU B 380 -23.10 1.38 -28.99
N ASN B 381 -23.58 0.49 -29.84
CA ASN B 381 -25.00 0.46 -30.28
C ASN B 381 -25.87 0.26 -29.02
N LEU B 382 -25.40 -0.57 -28.09
CA LEU B 382 -26.08 -0.91 -26.82
C LEU B 382 -25.93 0.28 -25.87
N LEU B 383 -24.74 0.88 -25.79
CA LEU B 383 -24.41 1.89 -24.76
C LEU B 383 -24.90 3.28 -25.17
N ALA B 384 -24.60 3.73 -26.38
CA ALA B 384 -24.88 5.13 -26.79
C ALA B 384 -26.33 5.57 -26.50
N PRO B 385 -27.39 4.77 -26.78
CA PRO B 385 -28.75 5.29 -26.59
C PRO B 385 -29.04 5.66 -25.14
N ARG B 386 -28.33 5.07 -24.18
CA ARG B 386 -28.46 5.37 -22.73
C ARG B 386 -27.61 6.57 -22.31
N LEU B 387 -26.79 7.09 -23.23
CA LEU B 387 -25.73 8.10 -22.96
C LEU B 387 -25.82 9.24 -23.96
N PRO B 388 -26.73 10.19 -23.68
CA PRO B 388 -26.83 11.42 -24.47
C PRO B 388 -25.58 12.29 -24.37
N GLU B 389 -24.79 12.15 -23.32
CA GLU B 389 -23.49 12.87 -23.18
C GLU B 389 -22.46 12.30 -24.17
N LEU B 390 -22.65 11.08 -24.69
CA LEU B 390 -21.57 10.31 -25.39
C LEU B 390 -21.39 10.86 -26.82
N LEU B 391 -20.19 11.34 -27.11
CA LEU B 391 -19.81 11.85 -28.44
C LEU B 391 -18.73 10.94 -29.01
N GLY B 392 -18.89 10.57 -30.27
CA GLY B 392 -18.02 9.61 -30.98
C GLY B 392 -17.35 10.28 -32.14
N GLY B 393 -16.34 9.64 -32.71
CA GLY B 393 -15.58 10.28 -33.79
C GLY B 393 -14.51 9.37 -34.37
N SER B 394 -13.96 9.75 -35.52
CA SER B 394 -12.82 9.07 -36.18
C SER B 394 -12.04 10.08 -37.02
N ALA B 395 -10.74 9.88 -37.10
CA ALA B 395 -9.86 10.63 -38.00
C ALA B 395 -9.93 9.97 -39.39
N ASP B 396 -11.05 10.19 -40.08
CA ASP B 396 -11.31 9.67 -41.43
C ASP B 396 -11.17 8.15 -41.46
N LEU B 397 -11.54 7.42 -40.41
CA LEU B 397 -11.58 5.93 -40.47
C LEU B 397 -12.92 5.38 -39.91
N THR B 398 -14.00 6.13 -40.07
CA THR B 398 -15.35 5.76 -39.57
C THR B 398 -15.73 4.34 -40.00
N PRO B 399 -15.75 3.95 -41.29
CA PRO B 399 -16.06 2.56 -41.60
C PRO B 399 -15.03 1.54 -41.08
N SER B 400 -13.80 1.94 -40.79
CA SER B 400 -12.79 0.97 -40.32
C SER B 400 -12.82 0.85 -38.80
N ASN B 401 -13.30 1.86 -38.07
CA ASN B 401 -13.07 1.88 -36.60
C ASN B 401 -14.32 1.44 -35.82
N ASN B 402 -15.47 1.40 -36.50
CA ASN B 402 -16.80 1.11 -35.93
C ASN B 402 -17.10 2.04 -34.77
N THR B 403 -16.91 3.35 -34.95
CA THR B 403 -17.07 4.37 -33.91
C THR B 403 -18.39 5.16 -34.05
N LYS B 404 -19.09 5.02 -35.19
CA LYS B 404 -20.45 5.62 -35.34
C LYS B 404 -21.52 4.68 -34.78
N ALA B 405 -21.93 4.83 -33.53
CA ALA B 405 -23.04 4.01 -32.99
C ALA B 405 -24.31 4.24 -33.84
N GLU B 406 -25.05 3.19 -34.10
CA GLU B 406 -26.46 3.30 -34.59
C GLU B 406 -27.20 4.34 -33.74
N GLY B 407 -27.77 5.36 -34.38
CA GLY B 407 -28.55 6.41 -33.70
C GLY B 407 -27.81 7.72 -33.76
N MET B 408 -26.49 7.69 -33.89
CA MET B 408 -25.67 8.92 -33.98
C MET B 408 -25.82 9.56 -35.37
N GLU B 409 -25.88 10.88 -35.45
CA GLU B 409 -25.85 11.58 -36.76
C GLU B 409 -24.60 12.48 -36.79
N ASP B 410 -24.16 12.89 -37.98
CA ASP B 410 -22.98 13.77 -38.12
C ASP B 410 -23.24 15.13 -37.49
N PHE B 411 -22.34 15.57 -36.64
CA PHE B 411 -22.25 16.98 -36.26
C PHE B 411 -21.78 17.76 -37.49
N SER B 412 -22.35 18.94 -37.66
CA SER B 412 -21.93 19.89 -38.71
C SER B 412 -22.41 21.26 -38.26
N ARG B 413 -21.95 22.33 -38.88
CA ARG B 413 -22.47 23.67 -38.53
C ARG B 413 -24.00 23.70 -38.65
N ALA B 414 -24.56 23.06 -39.69
CA ALA B 414 -26.02 23.09 -39.99
C ALA B 414 -26.77 22.17 -39.01
N ASN B 415 -26.09 21.16 -38.47
CA ASN B 415 -26.69 20.12 -37.59
C ASN B 415 -25.91 20.07 -36.27
N PRO B 416 -25.93 21.15 -35.45
CA PRO B 416 -25.13 21.18 -34.22
C PRO B 416 -25.49 20.08 -33.21
N LEU B 417 -26.59 19.36 -33.36
CA LEU B 417 -27.02 18.27 -32.44
C LEU B 417 -26.38 16.91 -32.78
N GLY B 418 -25.84 16.68 -33.96
CA GLY B 418 -25.21 15.39 -34.27
C GLY B 418 -24.14 15.04 -33.24
N ARG B 419 -24.11 13.79 -32.80
CA ARG B 419 -23.16 13.31 -31.76
C ARG B 419 -21.94 12.64 -32.41
N TYR B 420 -21.85 12.58 -33.74
CA TYR B 420 -20.70 11.91 -34.40
C TYR B 420 -19.83 12.93 -35.13
N LEU B 421 -18.51 12.86 -34.89
CA LEU B 421 -17.54 13.87 -35.37
C LEU B 421 -16.58 13.24 -36.39
N HIS B 422 -16.58 13.78 -37.60
CA HIS B 422 -15.62 13.38 -38.66
C HIS B 422 -14.41 14.29 -38.51
N PHE B 423 -13.30 13.82 -37.94
CA PHE B 423 -12.14 14.71 -37.66
C PHE B 423 -11.27 14.94 -38.91
N GLY B 424 -11.52 14.16 -39.97
CA GLY B 424 -10.63 14.02 -41.13
C GLY B 424 -9.28 13.44 -40.72
N VAL B 425 -8.26 13.56 -41.57
CA VAL B 425 -6.96 12.92 -41.29
C VAL B 425 -6.13 13.83 -40.37
N ARG B 426 -6.58 13.93 -39.11
CA ARG B 426 -6.07 14.86 -38.08
C ARG B 426 -6.07 14.20 -36.68
N GLU B 427 -5.25 13.16 -36.46
CA GLU B 427 -5.22 12.41 -35.17
C GLU B 427 -4.85 13.35 -34.02
N HIS B 428 -3.89 14.25 -34.25
CA HIS B 428 -3.39 15.14 -33.20
C HIS B 428 -4.48 16.10 -32.78
N ALA B 429 -5.03 16.88 -33.69
CA ALA B 429 -6.14 17.78 -33.34
C ALA B 429 -7.32 16.93 -32.84
N MET B 430 -7.57 15.74 -33.34
CA MET B 430 -8.67 14.88 -32.74
C MET B 430 -8.39 14.63 -31.25
N GLY B 431 -7.15 14.30 -30.89
CA GLY B 431 -6.73 14.08 -29.50
C GLY B 431 -7.09 15.27 -28.66
N ALA B 432 -6.69 16.44 -29.13
CA ALA B 432 -6.77 17.70 -28.38
C ALA B 432 -8.24 18.12 -28.22
N ILE B 433 -9.01 17.95 -29.28
CA ILE B 433 -10.45 18.30 -29.37
C ILE B 433 -11.19 17.37 -28.43
N LEU B 434 -10.86 16.08 -28.42
CA LEU B 434 -11.50 15.10 -27.50
C LEU B 434 -11.26 15.55 -26.06
N ASN B 435 -10.06 16.02 -25.79
CA ASN B 435 -9.68 16.47 -24.45
C ASN B 435 -10.49 17.71 -24.10
N GLY B 436 -10.60 18.66 -25.03
CA GLY B 436 -11.42 19.87 -24.89
C GLY B 436 -12.86 19.50 -24.57
N LEU B 437 -13.44 18.62 -25.38
CA LEU B 437 -14.83 18.17 -25.15
C LEU B 437 -14.95 17.60 -23.74
N ASN B 438 -14.00 16.75 -23.32
CA ASN B 438 -14.10 15.98 -22.06
C ASN B 438 -13.82 16.87 -20.86
N LEU B 439 -13.01 17.93 -21.04
CA LEU B 439 -12.71 18.96 -20.00
C LEU B 439 -13.93 19.84 -19.74
N HIS B 440 -14.67 20.21 -20.79
CA HIS B 440 -15.65 21.32 -20.72
C HIS B 440 -16.71 21.03 -19.65
N GLY B 441 -17.21 19.80 -19.61
CA GLY B 441 -18.38 19.47 -18.78
C GLY B 441 -19.58 19.26 -19.67
N GLY B 442 -20.28 18.14 -19.52
CA GLY B 442 -21.56 17.87 -20.19
C GLY B 442 -21.44 16.72 -21.18
N TYR B 443 -20.20 16.38 -21.56
CA TYR B 443 -19.88 15.38 -22.61
C TYR B 443 -18.86 14.39 -22.12
N ARG B 444 -18.99 13.18 -22.63
CA ARG B 444 -17.94 12.14 -22.66
C ARG B 444 -17.62 11.85 -24.13
N ALA B 445 -16.39 12.08 -24.57
CA ALA B 445 -16.00 11.98 -26.01
C ALA B 445 -14.99 10.87 -26.24
N TYR B 446 -15.17 10.07 -27.27
CA TYR B 446 -14.12 9.11 -27.76
C TYR B 446 -13.90 9.38 -29.24
N GLY B 447 -12.72 9.02 -29.74
CA GLY B 447 -12.42 9.06 -31.17
C GLY B 447 -11.51 7.90 -31.55
N GLY B 448 -11.67 7.38 -32.77
CA GLY B 448 -10.91 6.24 -33.31
C GLY B 448 -9.84 6.63 -34.34
N THR B 449 -8.73 5.89 -34.33
CA THR B 449 -7.83 5.70 -35.49
C THR B 449 -7.23 4.33 -35.33
N PHE B 450 -6.28 3.97 -36.18
CA PHE B 450 -5.48 2.74 -36.08
C PHE B 450 -4.45 2.95 -34.99
N LEU B 451 -4.10 1.87 -34.29
CA LEU B 451 -3.19 1.93 -33.14
C LEU B 451 -1.85 2.55 -33.60
N VAL B 452 -1.38 2.19 -34.78
CA VAL B 452 -0.09 2.73 -35.30
C VAL B 452 -0.19 4.26 -35.33
N PHE B 453 -1.37 4.82 -35.63
CA PHE B 453 -1.49 6.31 -35.73
C PHE B 453 -1.73 6.93 -34.35
N SER B 454 -1.72 6.22 -33.24
CA SER B 454 -1.52 6.93 -31.94
C SER B 454 -0.23 7.79 -31.97
N ASP B 455 0.78 7.43 -32.78
CA ASP B 455 2.07 8.17 -32.87
C ASP B 455 1.82 9.63 -33.29
N TYR B 456 0.78 9.88 -34.08
CA TYR B 456 0.47 11.23 -34.61
C TYR B 456 -0.16 12.08 -33.53
N MET B 457 -0.67 11.48 -32.45
CA MET B 457 -1.44 12.27 -31.46
C MET B 457 -0.83 12.15 -30.06
N ARG B 458 0.34 11.55 -29.96
CA ARG B 458 0.93 11.25 -28.63
C ARG B 458 0.92 12.42 -27.66
N PRO B 459 1.32 13.67 -28.01
CA PRO B 459 1.32 14.71 -26.97
C PRO B 459 -0.07 14.98 -26.36
N ALA B 460 -1.15 14.75 -27.12
CA ALA B 460 -2.50 15.01 -26.58
C ALA B 460 -2.92 13.82 -25.70
N ILE B 461 -2.54 12.59 -26.07
CA ILE B 461 -2.69 11.42 -25.17
C ILE B 461 -2.00 11.75 -23.83
N ARG B 462 -0.73 12.18 -23.87
CA ARG B 462 0.03 12.51 -22.65
C ARG B 462 -0.68 13.66 -21.94
N LEU B 463 -1.18 14.62 -22.66
CA LEU B 463 -1.81 15.73 -21.93
C LEU B 463 -3.13 15.28 -21.25
N ALA B 464 -3.85 14.31 -21.79
CA ALA B 464 -5.02 13.73 -21.08
C ALA B 464 -4.55 13.09 -19.78
N ALA B 465 -3.44 12.36 -19.81
CA ALA B 465 -2.94 11.61 -18.63
C ALA B 465 -2.46 12.59 -17.58
N LEU B 466 -1.81 13.68 -17.98
CA LEU B 466 -1.36 14.74 -17.03
C LEU B 466 -2.55 15.37 -16.33
N MET B 467 -3.56 15.75 -17.10
CA MET B 467 -4.75 16.49 -16.57
C MET B 467 -5.74 15.54 -15.84
N GLY B 468 -5.63 14.22 -16.00
CA GLY B 468 -6.64 13.26 -15.52
C GLY B 468 -7.99 13.42 -16.22
N VAL B 469 -7.96 13.80 -17.49
CA VAL B 469 -9.16 13.93 -18.35
C VAL B 469 -9.47 12.54 -18.92
N PRO B 470 -10.68 11.99 -18.69
CA PRO B 470 -10.95 10.61 -19.08
C PRO B 470 -11.33 10.46 -20.57
N THR B 471 -10.50 10.97 -21.48
CA THR B 471 -10.72 10.79 -22.93
C THR B 471 -10.63 9.30 -23.21
N VAL B 472 -11.45 8.77 -24.11
CA VAL B 472 -11.34 7.34 -24.47
C VAL B 472 -10.79 7.28 -25.89
N PHE B 473 -9.61 6.70 -26.07
CA PHE B 473 -8.96 6.68 -27.39
C PHE B 473 -9.23 5.31 -27.95
N VAL B 474 -9.94 5.24 -29.07
CA VAL B 474 -10.24 3.94 -29.69
C VAL B 474 -9.19 3.66 -30.78
N PHE B 475 -8.49 2.54 -30.68
CA PHE B 475 -7.41 2.21 -31.64
C PHE B 475 -7.63 0.82 -32.18
N THR B 476 -7.88 0.70 -33.47
CA THR B 476 -8.17 -0.60 -34.09
C THR B 476 -6.92 -1.03 -34.83
N HIS B 477 -7.01 -2.14 -35.54
CA HIS B 477 -5.87 -2.54 -36.43
C HIS B 477 -4.60 -2.72 -35.56
N ASP B 478 -4.71 -3.50 -34.49
CA ASP B 478 -3.78 -3.50 -33.36
C ASP B 478 -2.54 -4.36 -33.59
N SER B 479 -2.36 -5.08 -34.68
CA SER B 479 -1.21 -6.03 -34.78
C SER B 479 -0.93 -6.30 -36.25
N ILE B 480 0.09 -7.12 -36.49
CA ILE B 480 0.41 -7.69 -37.84
C ILE B 480 -0.81 -8.40 -38.42
N ALA B 481 -1.73 -8.85 -37.56
CA ALA B 481 -2.92 -9.59 -38.03
C ALA B 481 -3.80 -8.70 -38.93
N LEU B 482 -3.59 -7.38 -39.00
CA LEU B 482 -4.39 -6.55 -39.92
C LEU B 482 -4.07 -6.93 -41.36
N GLY B 483 -2.96 -7.61 -41.61
CA GLY B 483 -2.70 -8.15 -42.95
C GLY B 483 -2.02 -7.17 -43.92
N GLU B 484 -2.60 -7.01 -45.11
CA GLU B 484 -1.93 -6.57 -46.37
C GLU B 484 -1.40 -5.13 -46.27
N ASP B 485 -1.99 -4.27 -45.45
CA ASP B 485 -1.55 -2.83 -45.45
C ASP B 485 -0.07 -2.76 -45.03
N GLY B 486 0.46 -3.75 -44.33
CA GLY B 486 1.93 -3.86 -44.22
C GLY B 486 2.53 -3.13 -43.02
N PRO B 487 3.88 -3.10 -42.97
CA PRO B 487 4.60 -2.67 -41.77
C PRO B 487 4.39 -1.21 -41.35
N THR B 488 4.04 -0.34 -42.29
CA THR B 488 3.76 1.09 -41.96
C THR B 488 2.46 1.22 -41.16
N HIS B 489 1.59 0.21 -41.21
CA HIS B 489 0.27 0.23 -40.53
C HIS B 489 0.29 -0.70 -39.30
N GLN B 490 1.24 -1.60 -39.22
CA GLN B 490 1.32 -2.68 -38.20
C GLN B 490 2.10 -2.23 -36.97
N PRO B 491 1.40 -2.11 -35.83
CA PRO B 491 2.00 -1.74 -34.56
C PRO B 491 2.97 -2.82 -34.12
N VAL B 492 4.00 -2.39 -33.39
CA VAL B 492 4.93 -3.32 -32.72
C VAL B 492 5.18 -2.75 -31.34
N GLU B 493 5.75 -1.56 -31.30
CA GLU B 493 6.20 -0.94 -30.03
C GLU B 493 5.01 -0.33 -29.28
N HIS B 494 3.87 -0.17 -29.92
CA HIS B 494 2.82 0.78 -29.47
C HIS B 494 2.23 0.37 -28.12
N LEU B 495 2.01 -0.91 -27.89
CA LEU B 495 1.36 -1.36 -26.62
C LEU B 495 2.26 -0.94 -25.44
N MET B 496 3.52 -1.32 -25.47
CA MET B 496 4.42 -1.04 -24.31
C MET B 496 4.71 0.47 -24.22
N SER B 497 4.72 1.16 -25.37
CA SER B 497 5.00 2.60 -25.42
C SER B 497 3.88 3.31 -24.70
N LEU B 498 2.66 2.76 -24.76
CA LEU B 498 1.49 3.41 -24.13
C LEU B 498 1.46 3.00 -22.67
N ARG B 499 1.76 1.72 -22.37
CA ARG B 499 1.71 1.14 -20.99
C ARG B 499 2.74 1.80 -20.09
N ALA B 500 3.86 2.28 -20.67
CA ALA B 500 4.91 2.98 -19.91
C ALA B 500 4.42 4.33 -19.42
N MET B 501 3.41 4.91 -20.07
CA MET B 501 2.91 6.26 -19.74
C MET B 501 2.08 6.27 -18.45
N PRO B 502 2.41 7.12 -17.44
CA PRO B 502 1.58 7.21 -16.25
C PRO B 502 0.12 7.57 -16.57
N ASN B 503 -0.81 7.03 -15.75
CA ASN B 503 -2.23 7.43 -15.76
C ASN B 503 -2.89 7.19 -17.12
N LEU B 504 -2.56 6.08 -17.77
CA LEU B 504 -3.27 5.62 -18.98
C LEU B 504 -3.59 4.14 -18.84
N PHE B 505 -4.87 3.77 -18.92
CA PHE B 505 -5.24 2.33 -19.00
C PHE B 505 -5.11 1.96 -20.46
N VAL B 506 -4.47 0.84 -20.72
CA VAL B 506 -4.41 0.21 -22.07
C VAL B 506 -5.13 -1.13 -21.97
N ILE B 507 -6.33 -1.22 -22.56
CA ILE B 507 -7.15 -2.46 -22.44
C ILE B 507 -7.22 -3.07 -23.83
N ARG B 508 -6.77 -4.30 -23.93
CA ARG B 508 -6.70 -5.03 -25.20
C ARG B 508 -7.63 -6.24 -25.10
N PRO B 509 -8.96 -6.09 -25.30
CA PRO B 509 -9.87 -7.21 -25.03
C PRO B 509 -9.58 -8.41 -25.97
N ALA B 510 -9.72 -9.62 -25.42
CA ALA B 510 -9.49 -10.88 -26.16
C ALA B 510 -10.59 -11.09 -27.19
N ASP B 511 -11.81 -10.61 -26.95
CA ASP B 511 -12.93 -11.03 -27.81
C ASP B 511 -14.08 -10.05 -27.72
N ALA B 512 -15.16 -10.36 -28.45
CA ALA B 512 -16.42 -9.59 -28.39
C ALA B 512 -16.83 -9.35 -26.93
N TYR B 513 -16.74 -10.37 -26.07
CA TYR B 513 -17.29 -10.27 -24.70
C TYR B 513 -16.35 -9.44 -23.83
N GLU B 514 -15.04 -9.67 -23.95
CA GLU B 514 -14.09 -8.79 -23.22
C GLU B 514 -14.31 -7.35 -23.67
N THR B 515 -14.61 -7.13 -24.96
CA THR B 515 -14.70 -5.76 -25.54
C THR B 515 -15.81 -4.96 -24.85
N PHE B 516 -16.96 -5.59 -24.58
CA PHE B 516 -18.04 -4.94 -23.84
C PHE B 516 -17.57 -4.53 -22.44
N TYR B 517 -16.93 -5.41 -21.68
CA TYR B 517 -16.43 -5.06 -20.32
C TYR B 517 -15.31 -3.98 -20.40
N ALA B 518 -14.54 -3.96 -21.48
CA ALA B 518 -13.47 -2.93 -21.69
C ALA B 518 -14.13 -1.55 -21.75
N TRP B 519 -15.23 -1.43 -22.51
CA TRP B 519 -16.01 -0.17 -22.63
C TRP B 519 -16.58 0.23 -21.26
N LEU B 520 -17.08 -0.73 -20.48
CA LEU B 520 -17.60 -0.43 -19.13
C LEU B 520 -16.44 0.11 -18.28
N VAL B 521 -15.34 -0.62 -18.23
CA VAL B 521 -14.12 -0.14 -17.49
C VAL B 521 -13.77 1.28 -17.95
N ALA B 522 -13.70 1.54 -19.24
CA ALA B 522 -13.25 2.87 -19.72
C ALA B 522 -14.25 3.95 -19.30
N LEU B 523 -15.56 3.67 -19.43
CA LEU B 523 -16.59 4.71 -19.18
C LEU B 523 -16.55 5.05 -17.69
N ARG B 524 -16.33 4.05 -16.86
CA ARG B 524 -16.39 4.24 -15.39
C ARG B 524 -15.06 4.83 -14.87
N ARG B 525 -13.95 4.62 -15.56
CA ARG B 525 -12.64 5.22 -15.11
C ARG B 525 -12.72 6.74 -15.37
N LYS B 526 -12.75 7.58 -14.33
CA LYS B 526 -12.80 9.06 -14.48
C LYS B 526 -11.43 9.72 -14.25
N GLU B 527 -10.44 8.98 -13.75
CA GLU B 527 -9.15 9.49 -13.21
C GLU B 527 -8.20 9.88 -14.34
N GLY B 528 -8.42 9.31 -15.52
CA GLY B 528 -7.52 9.60 -16.65
C GLY B 528 -7.98 8.81 -17.84
N PRO B 529 -7.25 8.93 -18.95
CA PRO B 529 -7.69 8.35 -20.19
C PRO B 529 -7.53 6.85 -20.24
N THR B 530 -8.16 6.30 -21.26
CA THR B 530 -8.22 4.87 -21.53
C THR B 530 -8.00 4.71 -23.04
N ALA B 531 -7.13 3.80 -23.40
CA ALA B 531 -6.91 3.40 -24.79
C ALA B 531 -7.54 2.03 -24.94
N LEU B 532 -8.46 1.89 -25.89
CA LEU B 532 -9.06 0.59 -26.16
C LEU B 532 -8.43 0.08 -27.43
N VAL B 533 -7.89 -1.12 -27.36
CA VAL B 533 -7.08 -1.64 -28.48
C VAL B 533 -7.77 -2.85 -29.09
N LEU B 534 -8.09 -2.72 -30.38
CA LEU B 534 -9.04 -3.63 -31.06
C LEU B 534 -8.47 -4.17 -32.36
N THR B 535 -8.98 -5.32 -32.79
CA THR B 535 -8.45 -6.05 -33.95
C THR B 535 -9.14 -5.58 -35.22
N ARG B 536 -8.46 -5.80 -36.34
CA ARG B 536 -9.06 -5.76 -37.68
C ARG B 536 -9.70 -7.13 -37.95
N GLN B 537 -8.99 -8.20 -37.60
CA GLN B 537 -9.38 -9.54 -38.06
C GLN B 537 -10.39 -10.12 -37.08
N ALA B 538 -11.25 -11.02 -37.56
CA ALA B 538 -12.19 -11.76 -36.68
C ALA B 538 -11.38 -12.66 -35.75
N VAL B 539 -11.80 -12.78 -34.50
CA VAL B 539 -11.27 -13.79 -33.54
C VAL B 539 -12.46 -14.55 -32.96
N PRO B 540 -12.26 -15.78 -32.45
CA PRO B 540 -13.36 -16.54 -31.85
C PRO B 540 -13.98 -15.80 -30.63
N LEU B 541 -15.14 -16.27 -30.20
CA LEU B 541 -15.84 -15.88 -28.94
C LEU B 541 -15.29 -16.68 -27.75
N LEU B 542 -15.15 -16.01 -26.61
CA LEU B 542 -14.97 -16.69 -25.30
C LEU B 542 -16.35 -16.81 -24.64
N SER B 543 -16.44 -17.57 -23.55
CA SER B 543 -17.65 -17.60 -22.69
C SER B 543 -17.99 -16.17 -22.29
N PRO B 544 -19.27 -15.69 -22.43
CA PRO B 544 -19.70 -14.41 -21.87
C PRO B 544 -19.30 -14.25 -20.40
N GLU B 545 -19.55 -15.27 -19.58
CA GLU B 545 -19.31 -15.22 -18.13
C GLU B 545 -17.79 -15.20 -17.86
N LYS B 546 -17.01 -16.01 -18.55
CA LYS B 546 -15.54 -16.04 -18.32
C LYS B 546 -14.98 -14.62 -18.52
N ALA B 547 -15.45 -13.91 -19.56
CA ALA B 547 -14.89 -12.63 -20.11
C ALA B 547 -15.07 -11.46 -19.13
N ARG B 548 -16.03 -11.57 -18.23
CA ARG B 548 -16.21 -10.68 -17.05
C ARG B 548 -14.93 -10.45 -16.23
N GLY B 549 -14.06 -11.46 -16.19
CA GLY B 549 -12.73 -11.44 -15.56
C GLY B 549 -11.92 -10.24 -16.04
N LEU B 550 -12.22 -9.70 -17.22
CA LEU B 550 -11.55 -8.46 -17.69
C LEU B 550 -11.67 -7.37 -16.61
N LEU B 551 -12.75 -7.32 -15.82
CA LEU B 551 -12.91 -6.27 -14.77
C LEU B 551 -11.79 -6.33 -13.72
N ARG B 552 -11.06 -7.45 -13.60
CA ARG B 552 -9.88 -7.61 -12.69
C ARG B 552 -8.54 -7.43 -13.43
N GLY B 553 -8.53 -7.06 -14.71
CA GLY B 553 -7.29 -6.69 -15.43
C GLY B 553 -6.59 -7.91 -15.98
N GLY B 554 -6.44 -8.93 -15.14
CA GLY B 554 -5.90 -10.25 -15.49
C GLY B 554 -6.71 -11.35 -14.81
N TYR B 555 -6.93 -12.49 -15.44
CA TYR B 555 -7.70 -13.58 -14.78
C TYR B 555 -7.36 -14.91 -15.43
N VAL B 556 -7.63 -15.99 -14.70
CA VAL B 556 -7.40 -17.34 -15.24
C VAL B 556 -8.54 -17.62 -16.22
N LEU B 557 -8.23 -17.77 -17.51
CA LEU B 557 -9.30 -17.99 -18.52
C LEU B 557 -9.65 -19.48 -18.60
N GLU B 558 -8.68 -20.36 -18.87
CA GLU B 558 -8.84 -21.83 -18.85
C GLU B 558 -7.79 -22.42 -17.91
N ASP B 559 -8.24 -22.82 -16.74
CA ASP B 559 -7.40 -23.53 -15.73
C ASP B 559 -7.22 -24.97 -16.17
N VAL B 560 -6.22 -25.64 -15.58
CA VAL B 560 -6.06 -27.12 -15.61
C VAL B 560 -5.80 -27.58 -14.17
N GLU B 561 -5.68 -28.90 -14.02
CA GLU B 561 -5.32 -29.65 -12.80
C GLU B 561 -3.80 -29.59 -12.63
N GLU B 562 -3.31 -29.29 -11.43
CA GLU B 562 -1.86 -29.32 -11.10
C GLU B 562 -1.13 -28.65 -12.27
N PRO B 563 -1.31 -27.32 -12.47
CA PRO B 563 -0.64 -26.60 -13.55
C PRO B 563 0.88 -26.81 -13.50
N GLN B 564 1.49 -27.19 -14.62
CA GLN B 564 2.99 -27.23 -14.76
C GLN B 564 3.52 -25.88 -15.28
N GLY B 565 2.63 -24.90 -15.54
CA GLY B 565 3.03 -23.58 -16.07
C GLY B 565 1.83 -22.74 -16.51
N VAL B 566 2.13 -21.55 -17.06
CA VAL B 566 1.13 -20.53 -17.46
C VAL B 566 1.49 -20.03 -18.85
N LEU B 567 0.49 -19.95 -19.74
CA LEU B 567 0.58 -19.10 -20.94
C LEU B 567 -0.19 -17.85 -20.60
N VAL B 568 0.47 -16.70 -20.56
CA VAL B 568 -0.27 -15.41 -20.35
C VAL B 568 -0.31 -14.64 -21.67
N ALA B 569 -1.46 -14.05 -21.98
CA ALA B 569 -1.64 -13.43 -23.31
C ALA B 569 -2.64 -12.29 -23.22
N THR B 570 -2.63 -11.47 -24.24
CA THR B 570 -3.51 -10.28 -24.37
C THR B 570 -4.21 -10.29 -25.72
N GLY B 571 -5.37 -9.64 -25.79
CA GLY B 571 -6.21 -9.55 -26.99
C GLY B 571 -6.23 -10.83 -27.79
N SER B 572 -6.04 -10.71 -29.10
CA SER B 572 -6.10 -11.84 -30.07
C SER B 572 -5.23 -13.03 -29.64
N GLU B 573 -4.07 -12.81 -29.00
CA GLU B 573 -3.10 -13.87 -28.67
C GLU B 573 -3.60 -14.79 -27.54
N VAL B 574 -4.57 -14.35 -26.75
CA VAL B 574 -5.36 -15.28 -25.88
C VAL B 574 -5.85 -16.50 -26.67
N HIS B 575 -6.34 -16.32 -27.89
CA HIS B 575 -6.88 -17.44 -28.69
C HIS B 575 -5.70 -18.34 -29.10
N LEU B 576 -4.56 -17.74 -29.44
CA LEU B 576 -3.35 -18.52 -29.80
C LEU B 576 -2.90 -19.31 -28.57
N ALA B 577 -3.03 -18.70 -27.40
CA ALA B 577 -2.61 -19.38 -26.16
C ALA B 577 -3.53 -20.60 -25.87
N LEU B 578 -4.83 -20.54 -26.16
CA LEU B 578 -5.72 -21.72 -25.93
C LEU B 578 -5.35 -22.83 -26.89
N ARG B 579 -5.08 -22.51 -28.16
CA ARG B 579 -4.58 -23.48 -29.16
C ARG B 579 -3.29 -24.14 -28.66
N ALA B 580 -2.35 -23.35 -28.09
CA ALA B 580 -1.06 -23.87 -27.61
C ALA B 580 -1.31 -24.72 -26.37
N GLN B 581 -2.24 -24.32 -25.52
CA GLN B 581 -2.64 -25.12 -24.33
C GLN B 581 -3.08 -26.54 -24.75
N ALA B 582 -3.97 -26.62 -25.73
CA ALA B 582 -4.53 -27.90 -26.26
C ALA B 582 -3.38 -28.67 -26.93
N LEU B 583 -2.49 -27.95 -27.61
CA LEU B 583 -1.36 -28.58 -28.32
C LEU B 583 -0.49 -29.29 -27.30
N LEU B 584 -0.23 -28.61 -26.18
CA LEU B 584 0.64 -29.13 -25.11
C LEU B 584 -0.08 -30.29 -24.41
N ARG B 585 -1.41 -30.24 -24.20
CA ARG B 585 -2.13 -31.35 -23.51
C ARG B 585 -2.03 -32.62 -24.34
N GLU B 586 -2.07 -32.52 -25.67
CA GLU B 586 -1.98 -33.71 -26.55
C GLU B 586 -0.62 -34.42 -26.33
N LYS B 587 0.37 -33.77 -25.68
CA LYS B 587 1.66 -34.40 -25.29
C LYS B 587 1.82 -34.53 -23.76
N GLY B 588 0.74 -34.41 -22.99
CA GLY B 588 0.76 -34.67 -21.53
C GLY B 588 1.21 -33.49 -20.69
N VAL B 589 1.37 -32.30 -21.30
CA VAL B 589 1.83 -31.09 -20.59
C VAL B 589 0.60 -30.23 -20.28
N ARG B 590 0.45 -29.82 -19.02
CA ARG B 590 -0.73 -29.11 -18.50
C ARG B 590 -0.33 -27.67 -18.20
N VAL B 591 -0.89 -26.70 -18.94
CA VAL B 591 -0.68 -25.25 -18.62
C VAL B 591 -2.02 -24.56 -18.50
N ARG B 592 -2.09 -23.59 -17.59
CA ARG B 592 -3.25 -22.67 -17.53
C ARG B 592 -3.07 -21.51 -18.53
N VAL B 593 -4.17 -20.91 -18.93
CA VAL B 593 -4.19 -19.75 -19.85
C VAL B 593 -4.75 -18.58 -19.04
N VAL B 594 -3.97 -17.50 -18.95
CA VAL B 594 -4.37 -16.22 -18.29
C VAL B 594 -4.56 -15.17 -19.38
N SER B 595 -5.70 -14.49 -19.35
CA SER B 595 -6.02 -13.31 -20.21
C SER B 595 -5.65 -12.07 -19.37
N LEU B 596 -4.77 -11.24 -19.94
CA LEU B 596 -4.26 -10.03 -19.27
C LEU B 596 -4.65 -8.83 -20.13
N PRO B 597 -5.97 -8.52 -20.22
CA PRO B 597 -6.42 -7.44 -21.08
C PRO B 597 -5.92 -6.08 -20.62
N SER B 598 -5.56 -5.93 -19.34
CA SER B 598 -4.97 -4.66 -18.87
C SER B 598 -3.92 -4.87 -17.78
N PHE B 599 -2.67 -4.49 -18.07
CA PHE B 599 -1.57 -4.45 -17.08
C PHE B 599 -1.93 -3.56 -15.88
N GLU B 600 -2.50 -2.38 -16.12
CA GLU B 600 -2.72 -1.36 -15.05
C GLU B 600 -3.87 -1.84 -14.16
N LEU B 601 -4.91 -2.43 -14.74
CA LEU B 601 -6.06 -2.86 -13.88
C LEU B 601 -5.60 -4.07 -13.08
N PHE B 602 -4.77 -4.96 -13.64
CA PHE B 602 -4.22 -6.14 -12.93
C PHE B 602 -3.26 -5.68 -11.80
N ALA B 603 -2.32 -4.75 -12.09
CA ALA B 603 -1.36 -4.21 -11.09
C ALA B 603 -2.15 -3.63 -9.90
N ALA B 604 -3.30 -3.01 -10.16
CA ALA B 604 -4.14 -2.39 -9.11
C ALA B 604 -4.89 -3.44 -8.23
N GLN B 605 -4.84 -4.73 -8.55
CA GLN B 605 -5.50 -5.79 -7.73
C GLN B 605 -4.61 -6.14 -6.56
N PRO B 606 -5.19 -6.70 -5.45
CA PRO B 606 -4.39 -7.19 -4.33
C PRO B 606 -3.40 -8.27 -4.77
N GLU B 607 -2.27 -8.27 -4.06
CA GLU B 607 -1.12 -9.14 -4.35
C GLU B 607 -1.61 -10.59 -4.32
N ALA B 608 -2.46 -10.93 -3.35
CA ALA B 608 -3.00 -12.29 -3.19
C ALA B 608 -3.76 -12.69 -4.48
N TYR B 609 -4.63 -11.83 -5.04
CA TYR B 609 -5.26 -12.08 -6.36
C TYR B 609 -4.19 -12.32 -7.43
N ARG B 610 -3.25 -11.38 -7.56
CA ARG B 610 -2.26 -11.42 -8.66
C ARG B 610 -1.54 -12.76 -8.56
N LYS B 611 -1.19 -13.20 -7.34
CA LYS B 611 -0.43 -14.48 -7.11
C LYS B 611 -1.31 -15.73 -7.24
N GLU B 612 -2.63 -15.62 -7.05
CA GLU B 612 -3.58 -16.69 -7.49
C GLU B 612 -3.49 -16.82 -9.01
N VAL B 613 -3.45 -15.68 -9.72
CA VAL B 613 -3.52 -15.67 -11.21
C VAL B 613 -2.18 -16.21 -11.74
N LEU B 614 -1.08 -15.70 -11.20
CA LEU B 614 0.27 -16.15 -11.63
C LEU B 614 0.95 -16.75 -10.39
N PRO B 615 0.87 -18.08 -10.17
CA PRO B 615 1.49 -18.68 -9.00
C PRO B 615 3.00 -18.53 -9.06
N PRO B 616 3.64 -17.98 -8.00
CA PRO B 616 5.09 -18.01 -7.91
C PRO B 616 5.57 -19.46 -8.07
N GLY B 617 6.72 -19.66 -8.68
CA GLY B 617 7.28 -21.01 -8.94
C GLY B 617 6.90 -21.52 -10.32
N LEU B 618 5.71 -21.19 -10.83
CA LEU B 618 5.27 -21.73 -12.14
C LEU B 618 5.97 -20.96 -13.27
N PRO B 619 6.66 -21.67 -14.19
CA PRO B 619 7.16 -21.11 -15.44
C PRO B 619 6.06 -20.46 -16.30
N VAL B 620 6.28 -19.23 -16.78
CA VAL B 620 5.30 -18.38 -17.52
C VAL B 620 5.86 -18.05 -18.90
N VAL B 621 5.10 -18.35 -19.95
CA VAL B 621 5.37 -17.89 -21.35
C VAL B 621 4.31 -16.86 -21.69
N ALA B 622 4.72 -15.66 -22.10
CA ALA B 622 3.78 -14.62 -22.59
C ALA B 622 3.71 -14.69 -24.11
N VAL B 623 2.57 -14.26 -24.64
CA VAL B 623 2.25 -14.25 -26.08
C VAL B 623 1.55 -12.92 -26.33
N GLU B 624 2.15 -12.07 -27.14
CA GLU B 624 1.59 -10.77 -27.59
C GLU B 624 2.27 -10.40 -28.90
N ALA B 625 1.49 -9.95 -29.89
CA ALA B 625 2.05 -9.64 -31.22
C ALA B 625 2.51 -8.18 -31.19
N GLY B 626 3.49 -7.94 -30.35
CA GLY B 626 4.10 -6.60 -30.14
C GLY B 626 5.45 -6.78 -29.49
N ALA B 627 6.15 -5.68 -29.23
CA ALA B 627 7.52 -5.69 -28.64
C ALA B 627 7.59 -6.55 -27.35
N SER B 628 8.68 -7.31 -27.18
CA SER B 628 8.97 -8.07 -25.93
C SER B 628 9.23 -7.16 -24.72
N LEU B 629 9.82 -5.97 -24.91
CA LEU B 629 10.36 -5.16 -23.78
C LEU B 629 9.24 -4.86 -22.77
N GLY B 630 9.38 -5.19 -21.49
CA GLY B 630 8.32 -5.02 -20.48
C GLY B 630 7.71 -6.35 -20.03
N TRP B 631 7.67 -7.38 -20.87
CA TRP B 631 7.02 -8.69 -20.53
C TRP B 631 7.77 -9.45 -19.44
N GLU B 632 9.01 -9.07 -19.14
CA GLU B 632 9.84 -9.74 -18.12
C GLU B 632 9.23 -9.50 -16.74
N ARG B 633 8.42 -8.46 -16.58
CA ARG B 633 7.65 -8.25 -15.33
C ARG B 633 6.69 -9.41 -14.97
N TYR B 634 6.29 -10.26 -15.91
CA TYR B 634 5.23 -11.28 -15.71
C TYR B 634 5.70 -12.64 -16.22
N ALA B 635 6.64 -12.70 -17.16
CA ALA B 635 6.94 -13.93 -17.94
C ALA B 635 8.43 -14.18 -18.00
N HIS B 636 8.81 -15.46 -18.14
CA HIS B 636 10.20 -15.96 -18.21
C HIS B 636 10.66 -16.05 -19.67
N LYS B 637 9.71 -16.27 -20.57
CA LYS B 637 9.99 -16.37 -22.00
C LYS B 637 8.82 -15.64 -22.64
N VAL B 638 9.05 -14.99 -23.77
CA VAL B 638 7.95 -14.22 -24.38
C VAL B 638 7.95 -14.57 -25.86
N VAL B 639 6.78 -14.90 -26.39
CA VAL B 639 6.60 -15.05 -27.86
C VAL B 639 6.05 -13.73 -28.38
N ALA B 640 6.90 -12.95 -29.05
CA ALA B 640 6.67 -11.51 -29.26
C ALA B 640 7.21 -11.15 -30.62
N LEU B 641 7.06 -9.88 -30.98
CA LEU B 641 7.55 -9.41 -32.27
C LEU B 641 8.48 -8.23 -32.03
N ASP B 642 9.75 -8.37 -32.42
CA ASP B 642 10.75 -7.28 -32.15
C ASP B 642 11.34 -6.84 -33.49
N ARG B 643 10.53 -6.88 -34.53
CA ARG B 643 10.86 -6.39 -35.88
C ARG B 643 9.58 -5.81 -36.44
N PHE B 644 9.69 -4.98 -37.47
CA PHE B 644 8.52 -4.46 -38.22
C PHE B 644 7.87 -5.60 -38.99
N GLY B 645 6.64 -5.38 -39.44
CA GLY B 645 5.80 -6.48 -39.95
C GLY B 645 6.02 -6.73 -41.41
N ALA B 646 4.95 -7.05 -42.12
CA ALA B 646 5.00 -7.51 -43.52
C ALA B 646 3.62 -7.32 -44.17
N SER B 647 3.62 -6.96 -45.45
CA SER B 647 2.45 -6.86 -46.34
C SER B 647 2.07 -8.27 -46.85
N ALA B 648 1.15 -8.91 -46.15
CA ALA B 648 0.63 -10.22 -46.57
C ALA B 648 -0.68 -10.46 -45.86
N PRO B 649 -1.51 -11.38 -46.40
CA PRO B 649 -2.82 -11.66 -45.81
C PRO B 649 -2.67 -12.32 -44.43
N TYR B 650 -3.64 -12.05 -43.58
CA TYR B 650 -3.92 -12.87 -42.39
C TYR B 650 -4.68 -14.14 -42.84
N PRO B 651 -4.47 -15.37 -42.31
CA PRO B 651 -3.55 -15.65 -41.20
C PRO B 651 -2.06 -15.82 -41.50
N GLU B 652 -1.69 -15.80 -42.77
CA GLU B 652 -0.32 -16.18 -43.22
C GLU B 652 0.72 -15.26 -42.58
N VAL B 653 0.49 -13.95 -42.60
CA VAL B 653 1.45 -12.94 -42.07
C VAL B 653 1.68 -13.20 -40.57
N TYR B 654 0.64 -13.58 -39.84
CA TYR B 654 0.70 -13.78 -38.38
C TYR B 654 1.47 -15.08 -38.10
N GLU B 655 1.16 -16.08 -38.91
CA GLU B 655 1.83 -17.40 -38.81
C GLU B 655 3.31 -17.25 -39.20
N ARG B 656 3.62 -16.66 -40.34
CA ARG B 656 5.03 -16.63 -40.81
C ARG B 656 5.88 -15.72 -39.91
N LEU B 657 5.29 -14.79 -39.17
CA LEU B 657 6.05 -13.96 -38.18
C LEU B 657 6.03 -14.61 -36.81
N GLY B 658 5.60 -15.88 -36.70
CA GLY B 658 5.99 -16.73 -35.55
C GLY B 658 4.89 -16.83 -34.51
N PHE B 659 3.67 -16.45 -34.85
CA PHE B 659 2.51 -16.59 -33.93
C PHE B 659 1.73 -17.85 -34.36
N THR B 660 2.27 -19.03 -34.02
CA THR B 660 1.66 -20.38 -34.20
C THR B 660 1.56 -21.10 -32.86
N PRO B 661 0.58 -22.04 -32.73
CA PRO B 661 0.49 -22.87 -31.54
C PRO B 661 1.77 -23.70 -31.34
N GLU B 662 2.34 -24.24 -32.44
CA GLU B 662 3.65 -24.98 -32.48
C GLU B 662 4.80 -24.10 -31.94
N ARG B 663 4.98 -22.85 -32.41
CA ARG B 663 6.03 -21.95 -31.82
C ARG B 663 5.74 -21.72 -30.34
N VAL B 664 4.49 -21.47 -29.93
CA VAL B 664 4.22 -21.18 -28.48
C VAL B 664 4.50 -22.42 -27.63
N ALA B 665 4.03 -23.59 -28.07
CA ALA B 665 4.30 -24.88 -27.38
C ALA B 665 5.83 -25.06 -27.33
N GLU B 666 6.51 -24.90 -28.47
CA GLU B 666 7.99 -25.04 -28.55
C GLU B 666 8.67 -24.18 -27.49
N ALA B 667 8.25 -22.92 -27.30
CA ALA B 667 8.84 -21.97 -26.31
C ALA B 667 8.57 -22.47 -24.89
N PHE B 668 7.36 -22.96 -24.59
CA PHE B 668 7.10 -23.54 -23.24
C PHE B 668 7.95 -24.82 -23.03
N LEU B 669 8.09 -25.70 -24.02
CA LEU B 669 8.87 -26.97 -23.92
C LEU B 669 10.37 -26.66 -23.78
N SER B 670 10.82 -25.49 -24.24
CA SER B 670 12.22 -25.00 -24.06
C SER B 670 12.42 -24.48 -22.63
N LEU B 671 11.34 -24.34 -21.83
CA LEU B 671 11.37 -24.11 -20.36
C LEU B 671 11.05 -25.42 -19.63
N VAL B 672 9.83 -25.93 -19.85
CA VAL B 672 8.99 -26.68 -18.85
C VAL B 672 9.74 -26.76 -17.51
N LYS C 23 -45.40 7.49 7.60
CA LYS C 23 -44.33 6.70 8.30
C LYS C 23 -43.46 5.99 7.25
N GLU C 24 -42.61 6.73 6.51
CA GLU C 24 -41.89 6.18 5.33
C GLU C 24 -40.38 6.46 5.34
N THR C 25 -39.86 7.43 6.12
CA THR C 25 -38.42 7.42 6.52
C THR C 25 -38.21 6.16 7.36
N ARG C 26 -39.17 5.90 8.28
CA ARG C 26 -39.26 4.72 9.19
C ARG C 26 -39.07 3.42 8.39
N ASP C 27 -39.85 3.23 7.32
CA ASP C 27 -39.92 2.00 6.49
C ASP C 27 -38.51 1.64 6.03
N LEU C 28 -37.80 2.58 5.43
CA LEU C 28 -36.40 2.39 4.95
C LEU C 28 -35.44 2.14 6.13
N GLU C 29 -35.73 2.71 7.31
CA GLU C 29 -34.90 2.50 8.54
C GLU C 29 -35.10 1.05 8.98
N THR C 30 -36.35 0.61 9.09
CA THR C 30 -36.68 -0.77 9.50
C THR C 30 -36.23 -1.79 8.43
N LEU C 31 -36.40 -1.52 7.14
CA LEU C 31 -35.94 -2.44 6.07
C LEU C 31 -34.42 -2.59 6.12
N SER C 32 -33.65 -1.51 6.30
CA SER C 32 -32.16 -1.50 6.41
C SER C 32 -31.69 -2.20 7.70
N VAL C 33 -32.42 -2.03 8.81
CA VAL C 33 -32.08 -2.68 10.12
C VAL C 33 -32.27 -4.18 9.95
N ASN C 34 -33.42 -4.56 9.40
CA ASN C 34 -33.74 -5.98 9.07
C ASN C 34 -32.73 -6.52 8.06
N ALA C 35 -32.27 -5.73 7.09
CA ALA C 35 -31.21 -6.20 6.16
C ALA C 35 -30.03 -6.71 6.98
N ILE C 36 -29.65 -5.96 8.03
CA ILE C 36 -28.45 -6.27 8.86
C ILE C 36 -28.76 -7.54 9.61
N ARG C 37 -29.92 -7.61 10.27
CA ARG C 37 -30.31 -8.82 11.02
C ARG C 37 -30.23 -10.06 10.13
N PHE C 38 -30.92 -10.09 8.98
CA PHE C 38 -31.12 -11.34 8.19
C PHE C 38 -29.79 -11.71 7.50
N LEU C 39 -29.00 -10.74 7.08
CA LEU C 39 -27.63 -11.03 6.61
C LEU C 39 -26.88 -11.80 7.71
N ALA C 40 -27.09 -11.46 8.97
CA ALA C 40 -26.35 -12.11 10.08
C ALA C 40 -26.94 -13.51 10.28
N ILE C 41 -28.26 -13.63 10.36
CA ILE C 41 -28.95 -14.92 10.62
C ILE C 41 -28.56 -15.94 9.55
N ASP C 42 -28.69 -15.52 8.30
CA ASP C 42 -28.49 -16.37 7.10
C ASP C 42 -27.01 -16.73 6.96
N ALA C 43 -26.06 -15.84 7.24
CA ALA C 43 -24.61 -16.17 7.16
C ALA C 43 -24.27 -17.22 8.23
N VAL C 44 -24.84 -17.06 9.43
CA VAL C 44 -24.67 -18.01 10.56
C VAL C 44 -25.35 -19.32 10.18
N GLU C 45 -26.57 -19.25 9.64
CA GLU C 45 -27.33 -20.46 9.25
C GLU C 45 -26.50 -21.24 8.20
N LYS C 46 -26.07 -20.58 7.12
CA LYS C 46 -25.25 -21.20 6.04
C LYS C 46 -23.98 -21.83 6.60
N ALA C 47 -23.26 -21.15 7.51
CA ALA C 47 -22.04 -21.72 8.14
C ALA C 47 -22.41 -22.80 9.15
N ARG C 48 -23.68 -22.94 9.53
CA ARG C 48 -24.11 -23.86 10.61
C ARG C 48 -23.21 -23.63 11.83
N SER C 49 -22.86 -22.37 12.09
CA SER C 49 -21.83 -21.95 13.06
C SER C 49 -21.89 -20.42 13.30
N GLY C 50 -21.73 -20.00 14.55
CA GLY C 50 -21.55 -18.58 14.93
C GLY C 50 -22.71 -18.09 15.80
N HIS C 51 -22.78 -16.77 15.95
CA HIS C 51 -23.57 -16.07 16.99
C HIS C 51 -24.59 -15.14 16.32
N PRO C 52 -25.86 -15.55 16.19
CA PRO C 52 -26.89 -14.71 15.59
C PRO C 52 -27.57 -13.76 16.58
N GLY C 53 -27.67 -14.16 17.84
CA GLY C 53 -28.52 -13.50 18.85
C GLY C 53 -28.16 -12.02 19.00
N MET C 54 -26.89 -11.71 19.27
CA MET C 54 -26.53 -10.30 19.56
C MET C 54 -26.63 -9.49 18.27
N PRO C 55 -26.12 -9.93 17.10
CA PRO C 55 -26.37 -9.16 15.87
C PRO C 55 -27.87 -8.88 15.68
N MET C 56 -28.76 -9.79 16.05
CA MET C 56 -30.22 -9.55 15.96
C MET C 56 -30.60 -8.34 16.81
N GLY C 57 -30.07 -8.24 18.03
CA GLY C 57 -30.48 -7.21 19.00
C GLY C 57 -29.90 -5.86 18.67
N MET C 58 -28.67 -5.81 18.19
CA MET C 58 -27.90 -4.54 18.08
C MET C 58 -27.88 -4.02 16.64
N ALA C 59 -28.53 -4.73 15.71
CA ALA C 59 -28.79 -4.28 14.32
C ALA C 59 -29.07 -2.78 14.29
N PRO C 60 -30.05 -2.25 15.07
CA PRO C 60 -30.36 -0.81 14.98
C PRO C 60 -29.18 0.13 15.23
N LEU C 61 -28.33 -0.21 16.21
CA LEU C 61 -27.18 0.62 16.58
C LEU C 61 -26.14 0.57 15.45
N ALA C 62 -25.90 -0.58 14.83
CA ALA C 62 -24.89 -0.63 13.74
C ALA C 62 -25.39 0.22 12.57
N TYR C 63 -26.68 0.13 12.23
CA TYR C 63 -27.30 0.98 11.18
C TYR C 63 -26.90 2.44 11.44
N LEU C 64 -27.33 2.97 12.60
CA LEU C 64 -27.09 4.38 13.01
C LEU C 64 -25.62 4.74 12.87
N LEU C 65 -24.71 3.94 13.41
CA LEU C 65 -23.30 4.40 13.48
C LEU C 65 -22.73 4.53 12.06
N PHE C 66 -22.99 3.55 11.21
CA PHE C 66 -22.34 3.47 9.88
C PHE C 66 -23.07 4.38 8.86
N ARG C 67 -24.37 4.55 9.02
CA ARG C 67 -25.21 5.31 8.06
C ARG C 67 -25.26 6.80 8.46
N GLU C 68 -25.31 7.15 9.75
CA GLU C 68 -25.55 8.54 10.24
C GLU C 68 -24.34 9.14 10.98
N VAL C 69 -23.79 8.45 12.00
CA VAL C 69 -22.94 9.09 13.07
C VAL C 69 -21.49 9.25 12.63
N MET C 70 -20.89 8.16 12.15
CA MET C 70 -19.44 8.14 11.85
C MET C 70 -19.14 8.79 10.51
N ARG C 71 -18.02 9.48 10.46
CA ARG C 71 -17.29 9.84 9.22
C ARG C 71 -16.35 8.67 8.91
N HIS C 72 -16.56 8.00 7.77
CA HIS C 72 -15.71 6.87 7.32
C HIS C 72 -15.80 6.74 5.80
N ASN C 73 -14.74 6.22 5.22
CA ASN C 73 -14.68 6.05 3.75
C ASN C 73 -14.57 4.57 3.44
N PRO C 74 -15.69 3.95 2.99
CA PRO C 74 -15.66 2.58 2.50
C PRO C 74 -14.63 2.32 1.39
N LEU C 75 -14.22 3.33 0.60
CA LEU C 75 -13.24 3.18 -0.51
C LEU C 75 -11.83 3.32 0.05
N ASP C 76 -11.66 3.78 1.29
CA ASP C 76 -10.32 3.82 1.94
C ASP C 76 -10.45 3.68 3.47
N PRO C 77 -10.50 2.43 3.99
CA PRO C 77 -10.61 2.21 5.44
C PRO C 77 -9.41 2.73 6.25
N ASP C 78 -8.33 3.15 5.59
CA ASP C 78 -7.07 3.67 6.20
C ASP C 78 -7.04 5.20 6.17
N TRP C 79 -8.14 5.85 5.80
CA TRP C 79 -8.33 7.31 5.96
C TRP C 79 -7.96 7.68 7.39
N PRO C 80 -6.85 8.42 7.62
CA PRO C 80 -6.36 8.67 8.99
C PRO C 80 -7.31 9.44 9.92
N ASP C 81 -8.30 10.18 9.39
CA ASP C 81 -9.18 11.03 10.24
C ASP C 81 -10.57 10.41 10.39
N ARG C 82 -10.73 9.17 9.93
CA ARG C 82 -11.99 8.43 10.09
C ARG C 82 -12.29 8.30 11.58
N ASP C 83 -13.57 8.31 11.93
CA ASP C 83 -14.00 7.79 13.24
C ASP C 83 -13.63 6.30 13.31
N ARG C 84 -13.26 5.82 14.49
CA ARG C 84 -12.88 4.40 14.71
C ARG C 84 -14.05 3.70 15.39
N PHE C 85 -14.51 2.58 14.86
CA PHE C 85 -15.44 1.64 15.53
C PHE C 85 -14.74 0.33 15.94
N VAL C 86 -15.00 -0.11 17.17
CA VAL C 86 -14.41 -1.32 17.81
C VAL C 86 -15.56 -2.20 18.26
N LEU C 87 -15.71 -3.37 17.62
CA LEU C 87 -16.61 -4.43 18.12
C LEU C 87 -15.85 -5.26 19.17
N SER C 88 -15.88 -4.82 20.44
CA SER C 88 -15.27 -5.52 21.62
C SER C 88 -16.00 -6.86 21.85
N ALA C 89 -17.31 -6.94 21.59
CA ALA C 89 -18.07 -8.21 21.62
C ALA C 89 -17.92 -8.95 20.27
N GLY C 90 -16.72 -9.46 19.97
CA GLY C 90 -16.30 -9.91 18.63
C GLY C 90 -17.15 -11.09 18.12
N HIS C 91 -17.79 -11.84 19.02
CA HIS C 91 -18.68 -12.97 18.68
C HIS C 91 -19.79 -12.51 17.70
N GLY C 92 -20.24 -11.24 17.78
CA GLY C 92 -21.29 -10.67 16.89
C GLY C 92 -20.70 -10.19 15.57
N SER C 93 -19.68 -10.89 15.06
CA SER C 93 -18.85 -10.48 13.91
C SER C 93 -19.74 -10.18 12.71
N MET C 94 -20.84 -10.92 12.56
CA MET C 94 -21.71 -10.76 11.37
C MET C 94 -22.42 -9.40 11.44
N LEU C 95 -22.58 -8.80 12.63
CA LEU C 95 -23.15 -7.44 12.75
C LEU C 95 -22.26 -6.44 12.01
N LEU C 96 -20.94 -6.57 12.18
CA LEU C 96 -19.95 -5.68 11.55
C LEU C 96 -19.82 -6.06 10.06
N TYR C 97 -19.67 -7.34 9.72
CA TYR C 97 -19.61 -7.80 8.31
C TYR C 97 -20.82 -7.32 7.50
N ALA C 98 -22.04 -7.46 8.03
CA ALA C 98 -23.30 -6.97 7.42
C ALA C 98 -23.18 -5.48 7.04
N VAL C 99 -22.86 -4.64 8.01
CA VAL C 99 -22.95 -3.16 7.79
C VAL C 99 -21.77 -2.72 6.91
N LEU C 100 -20.59 -3.37 7.00
CA LEU C 100 -19.42 -3.06 6.11
C LEU C 100 -19.84 -3.34 4.66
N HIS C 101 -20.50 -4.47 4.42
CA HIS C 101 -21.03 -4.86 3.08
C HIS C 101 -22.11 -3.86 2.63
N LEU C 102 -23.13 -3.64 3.44
CA LEU C 102 -24.26 -2.75 3.06
C LEU C 102 -23.80 -1.33 2.75
N THR C 103 -22.74 -0.81 3.38
CA THR C 103 -22.31 0.62 3.23
C THR C 103 -21.27 0.73 2.13
N GLY C 104 -20.83 -0.40 1.58
CA GLY C 104 -20.08 -0.44 0.31
C GLY C 104 -18.59 -0.64 0.53
N TYR C 105 -18.17 -1.26 1.64
CA TYR C 105 -16.74 -1.63 1.82
C TYR C 105 -16.46 -2.73 0.82
N ASP C 106 -15.20 -2.96 0.43
CA ASP C 106 -14.84 -4.10 -0.45
C ASP C 106 -15.02 -5.40 0.35
N LEU C 107 -16.27 -5.76 0.64
CA LEU C 107 -16.64 -7.03 1.30
C LEU C 107 -17.86 -7.61 0.59
N PRO C 108 -17.69 -8.33 -0.54
CA PRO C 108 -18.81 -8.76 -1.38
C PRO C 108 -19.72 -9.80 -0.70
N LEU C 109 -20.92 -9.96 -1.23
CA LEU C 109 -21.90 -10.96 -0.71
C LEU C 109 -21.22 -12.31 -0.54
N GLU C 110 -20.56 -12.80 -1.60
CA GLU C 110 -19.92 -14.15 -1.61
C GLU C 110 -19.08 -14.32 -0.35
N GLU C 111 -18.36 -13.28 0.12
CA GLU C 111 -17.54 -13.35 1.37
C GLU C 111 -18.47 -13.59 2.57
N LEU C 112 -19.63 -12.94 2.65
CA LEU C 112 -20.58 -13.23 3.76
C LEU C 112 -21.07 -14.68 3.65
N LYS C 113 -21.33 -15.19 2.44
CA LYS C 113 -21.74 -16.62 2.24
C LYS C 113 -20.58 -17.56 2.59
N SER C 114 -19.40 -17.01 2.86
CA SER C 114 -18.19 -17.76 3.29
C SER C 114 -17.85 -17.45 4.76
N PHE C 115 -18.77 -16.84 5.50
CA PHE C 115 -18.65 -16.67 6.98
C PHE C 115 -18.05 -17.97 7.54
N ARG C 116 -16.91 -17.81 8.22
CA ARG C 116 -16.25 -18.80 9.11
C ARG C 116 -15.58 -19.92 8.29
N GLN C 117 -15.29 -19.67 7.01
CA GLN C 117 -14.72 -20.68 6.07
C GLN C 117 -13.25 -20.34 5.77
N TRP C 118 -12.43 -21.37 5.49
CA TRP C 118 -10.98 -21.24 5.25
C TRP C 118 -10.72 -20.06 4.31
N GLY C 119 -9.89 -19.11 4.76
CA GLY C 119 -9.34 -18.04 3.91
C GLY C 119 -10.34 -16.96 3.55
N SER C 120 -11.56 -16.95 4.10
CA SER C 120 -12.56 -15.89 3.78
C SER C 120 -12.13 -14.57 4.43
N LYS C 121 -12.72 -13.46 4.02
CA LYS C 121 -12.56 -12.17 4.73
C LYS C 121 -13.65 -12.05 5.81
N THR C 122 -14.24 -13.16 6.25
CA THR C 122 -15.34 -13.15 7.24
C THR C 122 -15.08 -14.20 8.30
N PRO C 123 -13.93 -14.13 8.99
CA PRO C 123 -13.63 -15.03 10.10
C PRO C 123 -14.63 -14.84 11.24
N GLY C 124 -14.71 -15.86 12.09
CA GLY C 124 -15.78 -15.94 13.09
C GLY C 124 -15.65 -14.86 14.13
N HIS C 125 -14.43 -14.33 14.36
CA HIS C 125 -14.19 -13.11 15.18
C HIS C 125 -13.48 -12.08 14.31
N PRO C 126 -13.64 -10.76 14.51
CA PRO C 126 -13.02 -9.78 13.63
C PRO C 126 -11.50 -9.83 13.66
N GLU C 127 -10.85 -9.72 12.50
CA GLU C 127 -9.37 -9.81 12.36
C GLU C 127 -8.87 -8.63 11.54
N ARG C 128 -8.15 -7.75 12.24
CA ARG C 128 -7.55 -6.54 11.67
C ARG C 128 -6.47 -6.95 10.67
N GLY C 129 -6.55 -6.43 9.44
CA GLY C 129 -5.67 -6.79 8.32
C GLY C 129 -6.30 -7.83 7.40
N HIS C 130 -7.34 -8.54 7.84
CA HIS C 130 -7.96 -9.65 7.07
C HIS C 130 -9.26 -9.15 6.45
N THR C 131 -9.84 -8.07 6.98
CA THR C 131 -11.14 -7.53 6.51
C THR C 131 -11.08 -6.01 6.44
N PRO C 132 -11.51 -5.38 5.35
CA PRO C 132 -11.55 -3.92 5.30
C PRO C 132 -12.50 -3.32 6.33
N GLY C 133 -12.02 -2.33 7.07
CA GLY C 133 -12.86 -1.62 8.06
C GLY C 133 -12.89 -2.32 9.43
N VAL C 134 -12.03 -3.32 9.65
CA VAL C 134 -11.90 -3.99 10.98
C VAL C 134 -10.75 -3.29 11.68
N GLU C 135 -11.04 -2.58 12.76
CA GLU C 135 -10.10 -1.64 13.44
C GLU C 135 -9.26 -2.42 14.46
N VAL C 136 -9.87 -3.37 15.16
CA VAL C 136 -9.21 -4.13 16.25
C VAL C 136 -9.64 -5.60 16.14
N THR C 137 -8.70 -6.51 16.32
CA THR C 137 -8.96 -7.96 16.33
C THR C 137 -9.58 -8.25 17.67
N THR C 138 -10.81 -8.73 17.70
CA THR C 138 -11.47 -8.96 19.00
C THR C 138 -11.93 -10.41 19.02
N GLY C 139 -12.69 -10.76 20.06
CA GLY C 139 -13.06 -12.15 20.37
C GLY C 139 -12.79 -12.42 21.85
N PRO C 140 -11.54 -12.21 22.33
CA PRO C 140 -11.25 -12.34 23.74
C PRO C 140 -11.89 -11.11 24.43
N LEU C 141 -12.96 -11.31 25.18
CA LEU C 141 -13.72 -10.18 25.76
C LEU C 141 -12.82 -9.28 26.61
N GLY C 142 -13.06 -7.98 26.54
CA GLY C 142 -12.34 -6.95 27.28
C GLY C 142 -11.28 -6.32 26.43
N GLN C 143 -10.81 -6.99 25.37
CA GLN C 143 -9.65 -6.43 24.63
C GLN C 143 -10.06 -5.18 23.84
N GLY C 144 -11.21 -5.26 23.17
CA GLY C 144 -11.65 -4.21 22.24
C GLY C 144 -11.87 -2.91 23.01
N ILE C 145 -12.74 -2.99 24.01
CA ILE C 145 -13.19 -1.84 24.84
C ILE C 145 -11.96 -1.23 25.48
N SER C 146 -11.00 -2.06 25.92
CA SER C 146 -9.77 -1.58 26.60
C SER C 146 -8.78 -1.00 25.59
N THR C 147 -8.67 -1.59 24.40
CA THR C 147 -7.71 -1.09 23.36
C THR C 147 -8.16 0.29 22.83
N ALA C 148 -9.48 0.54 22.87
CA ALA C 148 -10.16 1.75 22.37
C ALA C 148 -9.64 2.96 23.16
N VAL C 149 -9.30 2.76 24.43
CA VAL C 149 -8.72 3.83 25.27
C VAL C 149 -7.43 4.28 24.58
N GLY C 150 -6.64 3.33 24.09
CA GLY C 150 -5.41 3.64 23.33
C GLY C 150 -5.70 4.38 22.02
N LEU C 151 -6.70 3.95 21.25
CA LEU C 151 -7.22 4.65 20.04
C LEU C 151 -7.61 6.10 20.39
N ALA C 152 -8.43 6.31 21.41
CA ALA C 152 -8.92 7.66 21.84
C ALA C 152 -7.75 8.53 22.35
N LEU C 153 -6.80 7.95 23.08
CA LEU C 153 -5.63 8.69 23.62
C LEU C 153 -4.75 9.12 22.44
N ALA C 154 -4.52 8.26 21.47
CA ALA C 154 -3.67 8.60 20.30
C ALA C 154 -4.30 9.81 19.60
N GLU C 155 -5.62 9.81 19.47
CA GLU C 155 -6.36 10.91 18.80
C GLU C 155 -6.14 12.19 19.60
N ARG C 156 -6.55 12.17 20.87
CA ARG C 156 -6.37 13.32 21.78
C ARG C 156 -4.96 13.90 21.61
N LYS C 157 -3.94 13.06 21.74
CA LYS C 157 -2.52 13.52 21.77
C LYS C 157 -2.09 14.03 20.39
N LEU C 158 -2.56 13.42 19.31
CA LEU C 158 -2.04 13.79 17.97
C LEU C 158 -2.62 15.15 17.58
N ALA C 159 -3.85 15.44 18.04
CA ALA C 159 -4.58 16.72 17.89
C ALA C 159 -3.79 17.84 18.57
N ALA C 160 -3.53 17.68 19.88
CA ALA C 160 -2.72 18.59 20.71
C ALA C 160 -1.45 18.95 19.96
N GLU C 161 -0.77 17.91 19.45
CA GLU C 161 0.55 18.01 18.82
C GLU C 161 0.48 18.77 17.48
N PHE C 162 -0.50 18.49 16.59
CA PHE C 162 -0.44 18.94 15.16
C PHE C 162 -1.50 19.98 14.79
N ASN C 163 -2.60 20.11 15.56
CA ASN C 163 -3.70 21.05 15.24
C ASN C 163 -3.20 22.48 15.47
N ARG C 164 -3.58 23.40 14.57
CA ARG C 164 -3.14 24.83 14.55
C ARG C 164 -4.34 25.73 14.31
N PRO C 165 -4.24 27.06 14.59
CA PRO C 165 -5.34 27.99 14.29
C PRO C 165 -5.71 27.86 12.80
N GLY C 166 -6.96 27.49 12.52
CA GLY C 166 -7.48 27.38 11.14
C GLY C 166 -7.06 26.09 10.45
N HIS C 167 -6.41 25.14 11.14
CA HIS C 167 -6.05 23.80 10.59
C HIS C 167 -6.31 22.68 11.63
N VAL C 168 -7.53 22.13 11.68
CA VAL C 168 -7.93 20.97 12.54
C VAL C 168 -7.70 19.69 11.72
N VAL C 169 -6.47 19.18 11.71
CA VAL C 169 -6.02 18.07 10.81
C VAL C 169 -6.26 16.72 11.49
N VAL C 170 -6.51 16.72 12.80
CA VAL C 170 -6.92 15.50 13.57
C VAL C 170 -8.15 15.84 14.38
N ASP C 171 -9.24 15.11 14.16
CA ASP C 171 -10.53 15.29 14.86
C ASP C 171 -11.38 14.07 14.49
N HIS C 172 -11.29 13.00 15.27
CA HIS C 172 -12.18 11.82 15.13
C HIS C 172 -12.50 11.20 16.48
N TYR C 173 -13.62 10.50 16.53
CA TYR C 173 -14.16 9.82 17.73
C TYR C 173 -13.84 8.32 17.73
N THR C 174 -14.03 7.72 18.90
CA THR C 174 -13.73 6.29 19.16
C THR C 174 -14.99 5.68 19.77
N TYR C 175 -15.71 4.90 18.98
CA TYR C 175 -16.96 4.23 19.38
C TYR C 175 -16.65 2.77 19.65
N VAL C 176 -17.39 2.15 20.55
CA VAL C 176 -17.15 0.74 20.96
C VAL C 176 -18.50 0.11 21.13
N LEU C 177 -18.70 -1.12 20.66
CA LEU C 177 -19.84 -1.96 21.12
C LEU C 177 -19.29 -3.07 22.00
N ALA C 178 -19.77 -3.14 23.25
CA ALA C 178 -19.34 -4.09 24.29
C ALA C 178 -20.54 -4.88 24.79
N SER C 179 -20.28 -6.08 25.29
CA SER C 179 -21.28 -7.01 25.88
C SER C 179 -21.04 -7.11 27.40
N ASP C 180 -21.92 -7.82 28.07
CA ASP C 180 -21.82 -8.12 29.53
C ASP C 180 -20.41 -8.64 29.84
N GLY C 181 -19.96 -9.61 29.04
CA GLY C 181 -18.65 -10.26 29.24
C GLY C 181 -17.55 -9.24 29.18
N ASP C 182 -17.65 -8.31 28.23
CA ASP C 182 -16.61 -7.24 28.14
C ASP C 182 -16.49 -6.58 29.52
N LEU C 183 -17.60 -6.32 30.21
CA LEU C 183 -17.58 -5.47 31.43
C LEU C 183 -17.39 -6.36 32.69
N MET C 184 -17.61 -7.67 32.63
CA MET C 184 -17.24 -8.57 33.77
C MET C 184 -15.72 -8.74 33.82
N GLU C 185 -15.05 -8.72 32.68
CA GLU C 185 -13.57 -8.84 32.60
C GLU C 185 -12.90 -7.66 33.29
N GLY C 186 -11.94 -7.93 34.18
CA GLY C 186 -11.28 -6.88 34.99
C GLY C 186 -10.48 -5.93 34.13
N VAL C 187 -9.98 -6.37 32.98
CA VAL C 187 -9.20 -5.45 32.12
C VAL C 187 -10.10 -4.23 31.79
N SER C 188 -11.42 -4.40 31.62
CA SER C 188 -12.30 -3.29 31.15
C SER C 188 -12.44 -2.21 32.25
N GLY C 189 -12.55 -2.63 33.53
CA GLY C 189 -12.44 -1.76 34.72
C GLY C 189 -11.13 -0.99 34.73
N GLU C 190 -10.01 -1.66 34.47
CA GLU C 190 -8.70 -1.00 34.54
C GLU C 190 -8.67 0.13 33.52
N ALA C 191 -9.09 -0.14 32.28
CA ALA C 191 -9.02 0.82 31.17
C ALA C 191 -10.01 1.99 31.41
N ALA C 192 -11.21 1.67 31.89
CA ALA C 192 -12.23 2.66 32.33
C ALA C 192 -11.59 3.65 33.32
N SER C 193 -11.07 3.13 34.45
CA SER C 193 -10.42 3.96 35.50
C SER C 193 -9.50 4.96 34.83
N LEU C 194 -8.58 4.49 33.96
CA LEU C 194 -7.58 5.36 33.27
C LEU C 194 -8.26 6.35 32.30
N ALA C 195 -9.24 5.92 31.50
CA ALA C 195 -9.90 6.77 30.48
C ALA C 195 -10.57 7.99 31.16
N GLY C 196 -11.41 7.75 32.18
CA GLY C 196 -12.04 8.77 33.04
C GLY C 196 -10.98 9.70 33.64
N HIS C 197 -10.00 9.13 34.34
CA HIS C 197 -8.86 9.86 34.95
C HIS C 197 -8.24 10.78 33.91
N TRP C 198 -8.14 10.31 32.67
CA TRP C 198 -7.52 11.05 31.55
C TRP C 198 -8.55 11.99 30.88
N GLY C 199 -9.84 11.88 31.24
CA GLY C 199 -10.96 12.62 30.58
C GLY C 199 -10.91 12.54 29.05
N LEU C 200 -10.98 11.32 28.48
CA LEU C 200 -11.02 11.07 26.99
C LEU C 200 -12.50 11.13 26.56
N SER C 201 -12.99 12.35 26.34
CA SER C 201 -14.42 12.67 26.07
C SER C 201 -14.87 12.06 24.73
N LYS C 202 -13.97 11.95 23.77
CA LYS C 202 -14.25 11.50 22.39
C LYS C 202 -14.25 9.97 22.30
N LEU C 203 -14.15 9.27 23.46
CA LEU C 203 -14.38 7.80 23.62
C LEU C 203 -15.81 7.59 24.10
N ILE C 204 -16.59 6.84 23.31
CA ILE C 204 -18.05 6.63 23.47
C ILE C 204 -18.31 5.13 23.32
N VAL C 205 -18.93 4.54 24.32
CA VAL C 205 -19.04 3.08 24.46
C VAL C 205 -20.51 2.76 24.62
N PHE C 206 -21.01 1.87 23.79
CA PHE C 206 -22.38 1.31 23.89
C PHE C 206 -22.24 -0.04 24.56
N TRP C 207 -23.07 -0.35 25.57
CA TRP C 207 -23.16 -1.68 26.22
C TRP C 207 -24.51 -2.27 25.91
N ASP C 208 -24.51 -3.42 25.24
CA ASP C 208 -25.70 -4.25 24.96
C ASP C 208 -26.14 -4.86 26.27
N ASP C 209 -26.99 -4.15 26.99
CA ASP C 209 -27.50 -4.60 28.29
C ASP C 209 -28.64 -5.55 28.03
N ASN C 210 -28.36 -6.81 27.68
CA ASN C 210 -29.47 -7.69 27.20
C ASN C 210 -29.85 -8.74 28.25
N ARG C 211 -29.18 -8.79 29.39
CA ARG C 211 -29.52 -9.70 30.53
C ARG C 211 -29.36 -11.20 30.20
N ILE C 212 -28.60 -11.58 29.16
CA ILE C 212 -28.34 -13.02 28.86
C ILE C 212 -26.83 -13.19 28.62
N SER C 213 -26.29 -14.30 29.09
CA SER C 213 -24.89 -14.76 28.87
C SER C 213 -24.96 -16.23 28.47
N ILE C 214 -23.83 -16.88 28.28
CA ILE C 214 -23.82 -18.27 27.75
C ILE C 214 -24.49 -19.20 28.77
N ASP C 215 -24.22 -19.01 30.06
CA ASP C 215 -24.72 -19.90 31.14
C ASP C 215 -26.24 -19.76 31.26
N GLY C 216 -26.77 -18.58 30.97
CA GLY C 216 -28.22 -18.32 31.03
C GLY C 216 -28.48 -16.87 31.41
N PRO C 217 -29.59 -16.57 32.13
CA PRO C 217 -29.81 -15.23 32.66
C PRO C 217 -28.53 -14.76 33.37
N THR C 218 -28.14 -13.51 33.14
CA THR C 218 -26.94 -12.85 33.72
C THR C 218 -27.00 -12.79 35.24
N ASP C 219 -28.18 -12.80 35.84
CA ASP C 219 -28.32 -12.61 37.31
C ASP C 219 -27.78 -13.88 37.98
N LEU C 220 -27.44 -14.91 37.21
CA LEU C 220 -26.72 -16.12 37.73
C LEU C 220 -25.35 -15.71 38.31
N ALA C 221 -24.81 -14.54 37.95
CA ALA C 221 -23.40 -14.20 38.19
C ALA C 221 -23.08 -12.70 38.05
N PHE C 222 -24.04 -11.86 37.63
CA PHE C 222 -23.74 -10.48 37.19
C PHE C 222 -24.94 -9.58 37.52
N THR C 223 -24.89 -8.93 38.69
CA THR C 223 -25.99 -8.11 39.26
C THR C 223 -25.48 -6.75 39.72
N GLU C 224 -24.19 -6.46 39.61
CA GLU C 224 -23.66 -5.12 39.97
C GLU C 224 -24.43 -4.01 39.21
N ASP C 225 -24.39 -2.80 39.78
CA ASP C 225 -24.90 -1.57 39.14
C ASP C 225 -23.77 -1.03 38.27
N VAL C 226 -23.73 -1.50 37.03
CA VAL C 226 -22.62 -1.24 36.07
C VAL C 226 -22.43 0.28 35.93
N LEU C 227 -23.55 1.01 35.76
CA LEU C 227 -23.52 2.46 35.44
C LEU C 227 -22.99 3.24 36.65
N ALA C 228 -23.43 2.87 37.86
CA ALA C 228 -22.79 3.39 39.12
C ALA C 228 -21.25 3.22 39.03
N ARG C 229 -20.77 2.01 38.75
CA ARG C 229 -19.30 1.77 38.74
C ARG C 229 -18.66 2.73 37.74
N TYR C 230 -19.28 2.98 36.56
CA TYR C 230 -18.64 3.78 35.49
C TYR C 230 -18.55 5.26 35.90
N ARG C 231 -19.58 5.75 36.59
CA ARG C 231 -19.55 7.15 37.11
C ARG C 231 -18.45 7.21 38.19
N ALA C 232 -18.29 6.20 39.04
CA ALA C 232 -17.13 6.11 39.96
C ALA C 232 -15.81 6.36 39.22
N TYR C 233 -15.65 5.89 37.98
CA TYR C 233 -14.38 6.09 37.21
C TYR C 233 -14.31 7.50 36.65
N GLY C 234 -15.40 8.27 36.76
CA GLY C 234 -15.49 9.67 36.25
C GLY C 234 -16.00 9.75 34.82
N TRP C 235 -16.77 8.76 34.38
CA TRP C 235 -17.34 8.70 33.00
C TRP C 235 -18.69 9.44 32.99
N GLN C 236 -19.06 10.06 31.88
CA GLN C 236 -20.51 10.29 31.65
C GLN C 236 -21.17 8.91 31.49
N THR C 237 -22.35 8.72 32.08
CA THR C 237 -23.21 7.52 31.85
C THR C 237 -24.61 7.96 31.39
N LEU C 238 -25.21 7.22 30.43
CA LEU C 238 -26.55 7.48 29.81
C LEU C 238 -27.26 6.15 29.64
N ARG C 239 -28.60 6.16 29.60
CA ARG C 239 -29.47 4.97 29.32
C ARG C 239 -30.31 5.22 28.06
N VAL C 240 -30.36 4.21 27.18
CA VAL C 240 -31.38 4.09 26.09
C VAL C 240 -32.18 2.82 26.41
N GLU C 241 -33.50 2.94 26.62
CA GLU C 241 -34.40 1.85 27.11
C GLU C 241 -34.87 0.91 25.99
N ASP C 242 -34.64 1.24 24.72
CA ASP C 242 -34.98 0.34 23.59
C ASP C 242 -34.05 0.62 22.41
N VAL C 243 -33.24 -0.36 22.04
CA VAL C 243 -32.21 -0.20 20.97
C VAL C 243 -32.93 0.19 19.67
N ASN C 244 -34.18 -0.27 19.51
CA ASN C 244 -35.03 -0.08 18.30
C ASN C 244 -35.40 1.41 18.14
N ASP C 245 -35.39 2.16 19.24
CA ASP C 245 -35.69 3.62 19.30
C ASP C 245 -34.49 4.39 18.75
N LEU C 246 -34.41 4.47 17.43
CA LEU C 246 -33.29 5.16 16.77
C LEU C 246 -33.18 6.60 17.31
N GLU C 247 -34.29 7.31 17.52
CA GLU C 247 -34.23 8.75 17.92
C GLU C 247 -33.55 8.89 19.31
N ALA C 248 -33.88 8.01 20.26
CA ALA C 248 -33.23 7.88 21.59
C ALA C 248 -31.71 7.72 21.43
N LEU C 249 -31.24 6.84 20.55
CA LEU C 249 -29.80 6.58 20.30
C LEU C 249 -29.11 7.84 19.73
N ARG C 250 -29.76 8.54 18.78
CA ARG C 250 -29.24 9.81 18.19
C ARG C 250 -29.01 10.84 19.31
N LYS C 251 -29.92 10.89 20.28
CA LYS C 251 -29.89 11.86 21.41
C LYS C 251 -28.72 11.52 22.35
N ALA C 252 -28.73 10.33 22.93
CA ALA C 252 -27.59 9.76 23.69
C ALA C 252 -26.28 10.21 23.03
N ILE C 253 -26.10 9.91 21.74
CA ILE C 253 -24.82 10.19 21.04
C ILE C 253 -24.53 11.72 20.98
N LYS C 254 -25.54 12.57 20.73
CA LYS C 254 -25.32 14.05 20.74
C LYS C 254 -24.88 14.48 22.17
N LEU C 255 -25.51 13.90 23.19
CA LEU C 255 -25.14 14.16 24.61
C LEU C 255 -23.68 13.76 24.81
N ALA C 256 -23.33 12.57 24.34
CA ALA C 256 -21.98 12.01 24.56
C ALA C 256 -20.96 13.03 24.04
N LYS C 257 -21.19 13.56 22.84
CA LYS C 257 -20.19 14.42 22.15
C LYS C 257 -20.09 15.82 22.79
N LEU C 258 -21.03 16.24 23.65
CA LEU C 258 -20.97 17.58 24.31
C LEU C 258 -20.19 17.48 25.63
N ASP C 259 -20.32 16.37 26.34
CA ASP C 259 -19.67 16.08 27.65
C ASP C 259 -18.15 15.92 27.49
N GLU C 260 -17.35 16.45 28.44
CA GLU C 260 -15.86 16.44 28.28
C GLU C 260 -15.28 15.25 29.08
N ARG C 261 -16.16 14.35 29.56
CA ARG C 261 -15.84 12.98 30.06
C ARG C 261 -16.01 11.95 28.93
N PRO C 262 -15.39 10.75 29.03
CA PRO C 262 -15.80 9.58 28.25
C PRO C 262 -17.19 9.10 28.61
N THR C 263 -17.93 8.56 27.63
CA THR C 263 -19.33 8.15 27.88
C THR C 263 -19.55 6.65 27.65
N LEU C 264 -20.27 6.06 28.62
CA LEU C 264 -20.86 4.72 28.51
C LEU C 264 -22.36 4.88 28.38
N ILE C 265 -22.91 4.34 27.29
CA ILE C 265 -24.38 4.35 27.00
C ILE C 265 -24.88 2.92 27.17
N ALA C 266 -25.72 2.69 28.18
CA ALA C 266 -26.36 1.37 28.37
C ALA C 266 -27.52 1.30 27.37
N VAL C 267 -27.48 0.33 26.47
CA VAL C 267 -28.51 0.14 25.43
C VAL C 267 -29.18 -1.20 25.71
N ARG C 268 -30.43 -1.17 26.17
CA ARG C 268 -31.24 -2.39 26.40
C ARG C 268 -31.65 -3.01 25.04
N SER C 269 -31.54 -4.34 24.89
CA SER C 269 -31.99 -5.09 23.69
C SER C 269 -32.46 -6.48 24.08
N HIS C 270 -33.17 -7.16 23.17
CA HIS C 270 -33.47 -8.62 23.24
C HIS C 270 -32.49 -9.38 22.33
N ILE C 271 -31.73 -10.30 22.94
CA ILE C 271 -30.88 -11.27 22.20
C ILE C 271 -31.79 -12.11 21.29
N GLY C 272 -31.42 -12.25 20.01
CA GLY C 272 -32.27 -12.98 19.05
C GLY C 272 -33.66 -12.32 18.93
N PHE C 273 -33.68 -10.98 18.88
CA PHE C 273 -34.88 -10.15 18.66
C PHE C 273 -35.57 -10.63 17.39
N GLY C 274 -36.79 -11.15 17.54
CA GLY C 274 -37.71 -11.46 16.42
C GLY C 274 -37.96 -12.94 16.27
N SER C 275 -37.14 -13.80 16.90
CA SER C 275 -37.13 -15.28 16.73
C SER C 275 -37.88 -15.97 17.88
N PRO C 276 -38.33 -17.24 17.71
CA PRO C 276 -38.78 -18.03 18.86
C PRO C 276 -37.69 -18.33 19.92
N LYS C 277 -36.45 -17.86 19.70
CA LYS C 277 -35.30 -18.00 20.65
C LYS C 277 -34.96 -16.65 21.33
N GLN C 278 -35.83 -15.64 21.24
CA GLN C 278 -35.60 -14.31 21.85
C GLN C 278 -35.45 -14.46 23.38
N ASP C 279 -34.56 -13.66 23.99
CA ASP C 279 -34.36 -13.62 25.46
C ASP C 279 -33.98 -15.02 25.98
N SER C 280 -33.22 -15.80 25.22
CA SER C 280 -32.76 -17.15 25.63
C SER C 280 -31.31 -17.36 25.20
N ALA C 281 -30.57 -18.16 25.98
CA ALA C 281 -29.13 -18.42 25.79
C ALA C 281 -28.93 -19.16 24.46
N LYS C 282 -29.91 -19.97 24.06
CA LYS C 282 -29.95 -20.69 22.76
C LYS C 282 -29.68 -19.74 21.59
N ALA C 283 -30.08 -18.47 21.68
CA ALA C 283 -29.92 -17.47 20.58
C ALA C 283 -28.47 -17.01 20.47
N HIS C 284 -27.64 -17.33 21.46
CA HIS C 284 -26.32 -16.67 21.64
C HIS C 284 -25.33 -17.16 20.57
N GLY C 285 -25.13 -18.47 20.46
CA GLY C 285 -23.88 -19.01 19.87
C GLY C 285 -24.08 -20.23 19.00
N GLU C 286 -25.27 -20.41 18.42
CA GLU C 286 -25.52 -21.49 17.43
C GLU C 286 -26.57 -21.01 16.44
N PRO C 287 -26.62 -21.61 15.23
CA PRO C 287 -27.62 -21.25 14.24
C PRO C 287 -29.04 -21.33 14.81
N LEU C 288 -29.91 -20.45 14.35
CA LEU C 288 -31.34 -20.48 14.65
C LEU C 288 -31.94 -21.84 14.24
N GLY C 289 -31.53 -22.40 13.10
CA GLY C 289 -32.15 -23.61 12.53
C GLY C 289 -33.34 -23.25 11.63
N PRO C 290 -33.61 -24.04 10.55
CA PRO C 290 -34.65 -23.69 9.56
C PRO C 290 -35.94 -23.11 10.15
N GLU C 291 -36.50 -23.81 11.13
CA GLU C 291 -37.84 -23.49 11.72
C GLU C 291 -37.81 -22.07 12.31
N ALA C 292 -36.82 -21.80 13.16
CA ALA C 292 -36.63 -20.49 13.82
C ALA C 292 -36.35 -19.38 12.78
N VAL C 293 -35.60 -19.70 11.71
CA VAL C 293 -35.30 -18.71 10.64
C VAL C 293 -36.64 -18.33 10.00
N GLU C 294 -37.45 -19.34 9.63
CA GLU C 294 -38.75 -19.11 8.95
C GLU C 294 -39.66 -18.27 9.88
N ALA C 295 -39.66 -18.57 11.17
CA ALA C 295 -40.55 -17.86 12.14
C ALA C 295 -40.07 -16.41 12.25
N THR C 296 -38.76 -16.15 12.23
CA THR C 296 -38.21 -14.78 12.34
C THR C 296 -38.57 -13.95 11.08
N ARG C 297 -38.48 -14.56 9.90
CA ARG C 297 -38.85 -13.88 8.62
C ARG C 297 -40.32 -13.45 8.71
N ARG C 298 -41.13 -14.30 9.32
CA ARG C 298 -42.58 -14.13 9.46
C ARG C 298 -42.90 -13.12 10.57
N ASN C 299 -42.16 -13.11 11.68
CA ASN C 299 -42.44 -12.20 12.82
C ASN C 299 -42.05 -10.78 12.40
N LEU C 300 -40.98 -10.63 11.64
CA LEU C 300 -40.48 -9.31 11.22
C LEU C 300 -40.96 -8.94 9.82
N GLY C 301 -41.89 -9.69 9.22
CA GLY C 301 -42.40 -9.41 7.85
C GLY C 301 -41.28 -9.15 6.86
N TRP C 302 -40.35 -10.09 6.77
CA TRP C 302 -39.19 -9.99 5.86
C TRP C 302 -39.25 -11.07 4.77
N PRO C 303 -39.69 -10.69 3.56
CA PRO C 303 -39.93 -11.66 2.47
C PRO C 303 -38.75 -12.02 1.56
N TYR C 304 -37.53 -11.67 1.94
CA TYR C 304 -36.35 -11.88 1.08
C TYR C 304 -35.70 -13.20 1.46
N PRO C 305 -35.30 -14.03 0.46
CA PRO C 305 -34.54 -15.26 0.74
C PRO C 305 -33.12 -14.99 1.26
N PRO C 306 -32.42 -16.03 1.74
CA PRO C 306 -31.09 -15.87 2.33
C PRO C 306 -30.17 -15.00 1.46
N PHE C 307 -29.58 -13.99 2.11
CA PHE C 307 -28.46 -13.17 1.59
C PHE C 307 -28.96 -12.13 0.59
N VAL C 308 -30.28 -11.98 0.48
CA VAL C 308 -30.88 -11.06 -0.51
C VAL C 308 -31.37 -9.83 0.23
N VAL C 309 -30.86 -8.66 -0.17
CA VAL C 309 -31.23 -7.34 0.40
C VAL C 309 -31.87 -6.52 -0.72
N PRO C 310 -33.03 -5.88 -0.52
CA PRO C 310 -33.60 -5.09 -1.61
C PRO C 310 -32.62 -3.99 -2.04
N GLU C 311 -32.63 -3.65 -3.33
CA GLU C 311 -31.79 -2.61 -4.01
C GLU C 311 -31.99 -1.24 -3.30
N GLU C 312 -33.20 -0.96 -2.85
CA GLU C 312 -33.62 0.18 -1.98
C GLU C 312 -32.64 0.31 -0.79
N VAL C 313 -32.32 -0.82 -0.15
CA VAL C 313 -31.49 -0.76 1.09
C VAL C 313 -30.05 -0.41 0.68
N TYR C 314 -29.52 -1.05 -0.36
CA TYR C 314 -28.13 -0.79 -0.83
C TYR C 314 -27.95 0.69 -1.19
N ARG C 315 -28.91 1.29 -1.89
CA ARG C 315 -28.83 2.72 -2.31
C ARG C 315 -28.93 3.65 -1.09
N HIS C 316 -29.85 3.38 -0.15
CA HIS C 316 -29.99 4.08 1.15
C HIS C 316 -28.66 4.01 1.94
N MET C 317 -28.06 2.82 2.00
CA MET C 317 -26.90 2.46 2.87
C MET C 317 -25.55 2.79 2.20
N ASP C 318 -25.52 3.14 0.90
CA ASP C 318 -24.24 3.37 0.16
C ASP C 318 -23.56 4.62 0.72
N MET C 319 -22.35 4.47 1.28
CA MET C 319 -21.63 5.55 2.01
C MET C 319 -20.38 5.93 1.21
N ARG C 320 -20.24 5.40 0.00
CA ARG C 320 -19.07 5.57 -0.89
C ARG C 320 -18.86 7.05 -1.25
N GLU C 321 -19.93 7.74 -1.66
CA GLU C 321 -19.93 9.12 -2.18
C GLU C 321 -19.68 10.06 -0.99
N LYS C 322 -20.47 9.93 0.08
CA LYS C 322 -20.30 10.69 1.36
C LYS C 322 -18.90 10.42 1.94
N GLY C 323 -18.46 9.16 1.93
CA GLY C 323 -17.10 8.75 2.33
C GLY C 323 -16.04 9.55 1.59
N ARG C 324 -16.15 9.59 0.26
CA ARG C 324 -15.10 10.14 -0.62
C ARG C 324 -15.05 11.67 -0.46
N ALA C 325 -16.20 12.30 -0.18
CA ALA C 325 -16.33 13.75 0.07
C ALA C 325 -15.66 14.09 1.42
N TRP C 326 -16.06 13.39 2.49
CA TRP C 326 -15.43 13.51 3.84
C TRP C 326 -13.91 13.45 3.71
N GLN C 327 -13.37 12.42 3.05
CA GLN C 327 -11.90 12.25 2.90
C GLN C 327 -11.29 13.31 1.95
N GLU C 328 -12.02 13.73 0.91
CA GLU C 328 -11.53 14.79 -0.02
C GLU C 328 -11.33 16.10 0.76
N ALA C 329 -12.27 16.46 1.65
CA ALA C 329 -12.21 17.68 2.48
C ALA C 329 -10.98 17.63 3.41
N TRP C 330 -10.65 16.45 3.94
CA TRP C 330 -9.51 16.28 4.87
C TRP C 330 -8.20 16.45 4.08
N GLU C 331 -8.11 15.83 2.89
CA GLU C 331 -6.91 15.93 2.03
C GLU C 331 -6.68 17.39 1.65
N LYS C 332 -7.75 18.16 1.44
CA LYS C 332 -7.73 19.63 1.16
C LYS C 332 -7.26 20.40 2.41
N ALA C 333 -7.83 20.17 3.59
CA ALA C 333 -7.42 20.89 4.84
C ALA C 333 -5.94 20.60 5.12
N LEU C 334 -5.47 19.44 4.64
CA LEU C 334 -4.10 18.91 4.84
C LEU C 334 -3.14 19.60 3.86
N GLU C 335 -3.62 19.89 2.64
CA GLU C 335 -2.82 20.57 1.58
C GLU C 335 -2.45 21.97 2.06
N ALA C 336 -3.43 22.68 2.61
CA ALA C 336 -3.31 23.99 3.31
C ALA C 336 -2.32 23.90 4.48
N TYR C 337 -2.44 22.86 5.30
CA TYR C 337 -1.51 22.59 6.43
C TYR C 337 -0.07 22.55 5.89
N ALA C 338 0.13 21.90 4.74
CA ALA C 338 1.44 21.75 4.05
C ALA C 338 1.99 23.13 3.63
N ARG C 339 1.14 24.05 3.18
CA ARG C 339 1.53 25.43 2.76
C ARG C 339 1.76 26.30 4.01
N ALA C 340 0.91 26.20 5.05
CA ALA C 340 0.94 27.08 6.25
C ALA C 340 1.98 26.59 7.29
N TYR C 341 2.18 25.27 7.45
CA TYR C 341 3.14 24.65 8.40
C TYR C 341 3.84 23.49 7.70
N PRO C 342 4.81 23.73 6.80
CA PRO C 342 5.34 22.66 5.93
C PRO C 342 6.19 21.64 6.71
N ASP C 343 6.87 22.12 7.76
CA ASP C 343 7.73 21.33 8.69
C ASP C 343 6.83 20.35 9.46
N LEU C 344 5.79 20.86 10.12
CA LEU C 344 4.76 20.05 10.83
C LEU C 344 4.18 18.97 9.91
N HIS C 345 3.48 19.38 8.85
CA HIS C 345 2.87 18.49 7.83
C HIS C 345 3.83 17.35 7.43
N GLN C 346 5.10 17.67 7.13
CA GLN C 346 6.08 16.67 6.65
C GLN C 346 6.29 15.60 7.74
N GLU C 347 6.35 16.03 9.01
CA GLU C 347 6.45 15.15 10.22
C GLU C 347 5.19 14.31 10.38
N LEU C 348 4.00 14.91 10.33
CA LEU C 348 2.71 14.19 10.42
C LEU C 348 2.68 13.06 9.37
N MET C 349 3.04 13.36 8.12
CA MET C 349 2.98 12.38 6.99
C MET C 349 3.98 11.25 7.26
N ARG C 350 5.19 11.59 7.70
CA ARG C 350 6.25 10.61 8.11
C ARG C 350 5.68 9.66 9.17
N ARG C 351 5.09 10.21 10.23
CA ARG C 351 4.60 9.44 11.40
C ARG C 351 3.35 8.65 11.05
N LEU C 352 2.49 9.21 10.21
CA LEU C 352 1.24 8.50 9.80
C LEU C 352 1.61 7.33 8.90
N ARG C 353 2.69 7.43 8.13
CA ARG C 353 3.20 6.31 7.29
C ARG C 353 3.97 5.32 8.17
N GLY C 354 4.22 5.64 9.45
CA GLY C 354 5.04 4.84 10.36
C GLY C 354 6.50 4.74 9.94
N GLU C 355 7.05 5.76 9.26
CA GLU C 355 8.49 5.78 8.88
C GLU C 355 9.28 6.36 10.06
N LEU C 356 10.34 5.66 10.50
CA LEU C 356 11.25 6.19 11.55
C LEU C 356 12.16 7.24 10.91
N PRO C 357 12.69 8.19 11.70
CA PRO C 357 13.71 9.12 11.20
C PRO C 357 15.06 8.42 11.23
N PRO C 358 16.11 9.02 10.64
CA PRO C 358 17.49 8.67 10.98
C PRO C 358 17.73 8.48 12.49
N LEU C 359 18.43 7.39 12.83
CA LEU C 359 18.75 6.99 14.22
C LEU C 359 20.27 6.87 14.37
N PRO C 360 20.83 7.18 15.56
CA PRO C 360 22.23 6.87 15.81
C PRO C 360 22.35 5.35 15.81
N GLU C 361 23.34 4.80 15.09
CA GLU C 361 23.67 3.34 15.05
C GLU C 361 24.85 3.08 15.98
N GLU C 362 25.25 4.10 16.77
CA GLU C 362 26.36 4.02 17.75
C GLU C 362 25.84 4.30 19.16
N PRO C 363 26.12 3.37 20.10
CA PRO C 363 25.50 3.39 21.42
C PRO C 363 26.06 4.53 22.26
N PRO C 364 25.43 4.86 23.41
CA PRO C 364 25.96 5.85 24.34
C PRO C 364 27.30 5.40 24.94
N SER C 365 27.91 6.27 25.75
CA SER C 365 29.19 5.99 26.44
C SER C 365 28.89 5.38 27.81
N PHE C 366 29.53 4.27 28.13
CA PHE C 366 29.38 3.57 29.42
C PHE C 366 30.76 3.42 30.07
N ASP C 367 30.89 3.91 31.30
CA ASP C 367 32.13 3.93 32.11
C ASP C 367 32.12 2.69 33.02
N LYS C 368 31.13 2.58 33.91
CA LYS C 368 31.11 1.59 35.02
C LYS C 368 30.17 0.44 34.68
N PRO C 369 30.25 -0.70 35.39
CA PRO C 369 29.19 -1.70 35.33
C PRO C 369 27.83 -1.01 35.57
N ILE C 370 26.77 -1.50 34.92
CA ILE C 370 25.41 -0.90 35.03
C ILE C 370 24.36 -1.98 34.75
N ALA C 371 23.15 -1.80 35.30
CA ALA C 371 21.99 -2.71 35.09
C ALA C 371 21.46 -2.45 33.68
N THR C 372 20.89 -3.45 33.00
CA THR C 372 20.38 -3.25 31.62
C THR C 372 19.11 -2.39 31.67
N ARG C 373 18.36 -2.40 32.78
CA ARG C 373 17.26 -1.43 32.96
C ARG C 373 17.86 -0.04 32.82
N ALA C 374 18.96 0.25 33.51
CA ALA C 374 19.51 1.63 33.57
C ALA C 374 20.18 1.97 32.24
N ALA C 375 20.83 1.00 31.60
CA ALA C 375 21.43 1.19 30.26
C ALA C 375 20.29 1.46 29.26
N SER C 376 19.08 0.99 29.58
CA SER C 376 17.85 1.10 28.73
C SER C 376 17.39 2.54 28.76
N GLY C 377 17.19 3.09 29.97
CA GLY C 377 17.02 4.53 30.22
C GLY C 377 18.04 5.38 29.46
N ARG C 378 19.29 4.95 29.39
CA ARG C 378 20.37 5.76 28.77
C ARG C 378 20.25 5.70 27.22
N ALA C 379 19.87 4.56 26.65
CA ALA C 379 19.61 4.44 25.19
C ALA C 379 18.39 5.30 24.83
N LEU C 380 17.36 5.32 25.69
CA LEU C 380 16.16 6.16 25.49
C LEU C 380 16.57 7.63 25.52
N ASN C 381 17.41 8.02 26.47
CA ASN C 381 17.86 9.43 26.58
C ASN C 381 18.44 9.85 25.23
N LEU C 382 19.17 8.95 24.56
CA LEU C 382 19.81 9.20 23.25
C LEU C 382 18.79 9.07 22.10
N LEU C 383 17.73 8.26 22.25
CA LEU C 383 16.80 7.92 21.14
C LEU C 383 15.58 8.84 21.15
N ALA C 384 14.98 9.10 22.32
CA ALA C 384 13.64 9.71 22.49
C ALA C 384 13.57 11.14 21.97
N PRO C 385 14.59 12.02 22.21
CA PRO C 385 14.57 13.38 21.70
C PRO C 385 14.30 13.45 20.19
N ARG C 386 14.94 12.59 19.39
CA ARG C 386 14.76 12.55 17.91
C ARG C 386 13.71 11.51 17.47
N LEU C 387 12.80 11.08 18.35
CA LEU C 387 11.51 10.41 17.98
C LEU C 387 10.36 11.11 18.72
N PRO C 388 9.78 12.20 18.15
CA PRO C 388 8.59 12.80 18.76
C PRO C 388 7.37 11.86 18.68
N GLU C 389 7.41 10.82 17.84
CA GLU C 389 6.37 9.76 17.88
C GLU C 389 6.49 8.96 19.21
N LEU C 390 7.64 8.98 19.92
CA LEU C 390 7.91 7.95 20.96
C LEU C 390 7.27 8.32 22.31
N LEU C 391 6.34 7.47 22.75
CA LEU C 391 5.66 7.54 24.06
C LEU C 391 6.19 6.42 24.96
N GLY C 392 6.51 6.75 26.22
CA GLY C 392 6.87 5.75 27.24
C GLY C 392 5.85 5.67 28.34
N GLY C 393 6.09 4.79 29.31
CA GLY C 393 5.17 4.59 30.45
C GLY C 393 5.48 3.35 31.28
N SER C 394 4.80 3.21 32.40
CA SER C 394 5.05 2.10 33.34
C SER C 394 3.81 1.93 34.20
N ALA C 395 3.57 0.70 34.63
CA ALA C 395 2.45 0.35 35.51
C ALA C 395 2.95 0.50 36.95
N ASP C 396 3.26 1.75 37.34
CA ASP C 396 3.59 2.15 38.74
C ASP C 396 4.96 1.60 39.10
N LEU C 397 5.90 1.54 38.15
CA LEU C 397 7.31 1.11 38.41
C LEU C 397 8.25 2.02 37.64
N THR C 398 7.84 3.28 37.43
CA THR C 398 8.62 4.32 36.70
C THR C 398 10.04 4.42 37.26
N PRO C 399 10.27 4.47 38.59
CA PRO C 399 11.64 4.59 39.07
C PRO C 399 12.40 3.23 39.00
N SER C 400 11.70 2.08 38.99
CA SER C 400 12.32 0.73 38.81
C SER C 400 12.57 0.37 37.34
N ASN C 401 11.95 1.05 36.38
CA ASN C 401 11.89 0.55 34.97
C ASN C 401 12.73 1.39 34.03
N ASN C 402 13.14 2.59 34.48
CA ASN C 402 13.93 3.54 33.67
C ASN C 402 13.19 3.86 32.37
N THR C 403 11.87 3.98 32.42
CA THR C 403 11.04 4.06 31.19
C THR C 403 10.88 5.53 30.83
N LYS C 404 11.25 6.43 31.74
CA LYS C 404 10.91 7.86 31.55
C LYS C 404 12.15 8.57 31.03
N ALA C 405 12.27 8.68 29.71
CA ALA C 405 13.46 9.24 29.03
C ALA C 405 13.68 10.69 29.47
N GLU C 406 14.95 11.12 29.44
CA GLU C 406 15.39 12.53 29.57
C GLU C 406 14.61 13.33 28.52
N GLY C 407 13.73 14.24 28.96
CA GLY C 407 12.94 15.13 28.08
C GLY C 407 11.44 14.92 28.24
N MET C 408 10.99 13.68 28.41
CA MET C 408 9.54 13.37 28.49
C MET C 408 8.98 14.04 29.74
N GLU C 409 7.80 14.66 29.64
CA GLU C 409 6.99 15.13 30.78
C GLU C 409 5.78 14.22 30.88
N ASP C 410 5.07 14.25 32.01
CA ASP C 410 3.85 13.42 32.21
C ASP C 410 2.80 13.85 31.17
N PHE C 411 2.07 12.88 30.63
CA PHE C 411 0.73 13.12 30.05
C PHE C 411 -0.29 13.24 31.18
N SER C 412 -1.23 14.16 31.01
CA SER C 412 -2.44 14.27 31.86
C SER C 412 -3.49 15.08 31.09
N ARG C 413 -4.71 15.10 31.61
CA ARG C 413 -5.76 16.04 31.14
C ARG C 413 -5.17 17.42 30.88
N ALA C 414 -4.62 18.03 31.93
CA ALA C 414 -4.06 19.39 31.90
C ALA C 414 -2.86 19.44 30.94
N ASN C 415 -2.02 18.39 30.86
CA ASN C 415 -0.83 18.45 29.97
C ASN C 415 -0.85 17.35 28.91
N PRO C 416 -1.75 17.45 27.92
CA PRO C 416 -2.00 16.33 27.02
C PRO C 416 -0.88 16.24 25.96
N LEU C 417 0.10 17.17 25.99
CA LEU C 417 1.32 17.12 25.14
C LEU C 417 2.38 16.19 25.76
N GLY C 418 2.20 15.77 27.01
CA GLY C 418 3.20 14.93 27.73
C GLY C 418 3.31 13.55 27.09
N ARG C 419 4.53 13.09 26.77
CA ARG C 419 4.79 11.79 26.10
C ARG C 419 4.97 10.66 27.13
N TYR C 420 4.93 10.92 28.44
CA TYR C 420 5.15 9.84 29.44
C TYR C 420 3.84 9.55 30.15
N LEU C 421 3.49 8.26 30.22
CA LEU C 421 2.19 7.77 30.73
C LEU C 421 2.38 6.96 32.01
N HIS C 422 1.64 7.36 33.05
CA HIS C 422 1.53 6.67 34.35
C HIS C 422 0.28 5.79 34.30
N PHE C 423 0.43 4.47 34.21
CA PHE C 423 -0.71 3.53 34.05
C PHE C 423 -1.28 3.12 35.40
N GLY C 424 -0.56 3.30 36.49
CA GLY C 424 -0.93 2.71 37.79
C GLY C 424 -0.78 1.19 37.76
N VAL C 425 -1.44 0.48 38.67
CA VAL C 425 -1.19 -0.97 38.87
C VAL C 425 -2.17 -1.74 37.99
N ARG C 426 -1.93 -1.64 36.68
CA ARG C 426 -2.92 -2.03 35.64
C ARG C 426 -2.14 -2.53 34.42
N GLU C 427 -1.47 -3.68 34.56
CA GLU C 427 -0.56 -4.16 33.50
C GLU C 427 -1.45 -4.50 32.31
N HIS C 428 -2.63 -5.04 32.55
CA HIS C 428 -3.49 -5.60 31.49
C HIS C 428 -3.96 -4.42 30.62
N ALA C 429 -4.62 -3.43 31.22
CA ALA C 429 -4.98 -2.16 30.54
C ALA C 429 -3.73 -1.52 29.92
N MET C 430 -2.59 -1.51 30.61
CA MET C 430 -1.39 -0.90 30.01
C MET C 430 -1.14 -1.59 28.67
N GLY C 431 -1.30 -2.92 28.61
CA GLY C 431 -0.99 -3.65 27.37
C GLY C 431 -1.91 -3.23 26.25
N ALA C 432 -3.21 -3.24 26.52
CA ALA C 432 -4.29 -2.93 25.56
C ALA C 432 -4.12 -1.50 25.03
N ILE C 433 -3.85 -0.57 25.94
CA ILE C 433 -3.75 0.87 25.62
C ILE C 433 -2.52 1.05 24.77
N LEU C 434 -1.39 0.43 25.10
CA LEU C 434 -0.19 0.51 24.22
C LEU C 434 -0.57 0.05 22.80
N ASN C 435 -1.35 -1.02 22.73
CA ASN C 435 -1.80 -1.61 21.46
C ASN C 435 -2.68 -0.58 20.77
N GLY C 436 -3.60 0.04 21.51
CA GLY C 436 -4.44 1.09 20.95
C GLY C 436 -3.59 2.19 20.32
N LEU C 437 -2.60 2.67 21.06
CA LEU C 437 -1.73 3.78 20.63
C LEU C 437 -0.95 3.37 19.39
N ASN C 438 -0.48 2.11 19.33
CA ASN C 438 0.37 1.61 18.21
C ASN C 438 -0.51 1.30 17.00
N LEU C 439 -1.77 0.96 17.20
CA LEU C 439 -2.74 0.72 16.11
C LEU C 439 -3.08 2.06 15.43
N HIS C 440 -3.23 3.13 16.20
CA HIS C 440 -3.86 4.37 15.73
C HIS C 440 -3.15 4.94 14.48
N GLY C 441 -1.83 5.00 14.48
CA GLY C 441 -1.06 5.80 13.51
C GLY C 441 -0.49 7.02 14.19
N GLY C 442 0.80 7.22 14.01
CA GLY C 442 1.48 8.48 14.35
C GLY C 442 2.31 8.37 15.60
N TYR C 443 2.15 7.26 16.34
CA TYR C 443 2.82 7.00 17.65
C TYR C 443 3.53 5.64 17.61
N ARG C 444 4.61 5.57 18.38
CA ARG C 444 5.27 4.30 18.77
C ARG C 444 5.46 4.33 20.29
N ALA C 445 4.83 3.40 21.00
CA ALA C 445 4.57 3.44 22.46
C ALA C 445 5.17 2.19 23.11
N TYR C 446 5.88 2.37 24.23
CA TYR C 446 6.43 1.29 25.08
C TYR C 446 5.87 1.51 26.49
N GLY C 447 5.79 0.41 27.25
CA GLY C 447 5.32 0.36 28.64
C GLY C 447 6.15 -0.63 29.44
N GLY C 448 6.54 -0.25 30.66
CA GLY C 448 7.36 -1.05 31.59
C GLY C 448 6.52 -1.72 32.67
N THR C 449 6.85 -2.97 33.00
CA THR C 449 6.56 -3.59 34.33
C THR C 449 7.69 -4.58 34.61
N PHE C 450 7.57 -5.37 35.67
CA PHE C 450 8.49 -6.50 35.99
C PHE C 450 8.09 -7.69 35.08
N LEU C 451 9.09 -8.37 34.53
CA LEU C 451 8.89 -9.56 33.65
C LEU C 451 7.85 -10.48 34.25
N VAL C 452 7.90 -10.68 35.57
CA VAL C 452 6.98 -11.58 36.31
C VAL C 452 5.55 -11.15 36.06
N PHE C 453 5.28 -9.85 35.97
CA PHE C 453 3.90 -9.32 35.82
C PHE C 453 3.49 -9.27 34.33
N SER C 454 4.33 -9.78 33.43
CA SER C 454 3.86 -10.13 32.07
C SER C 454 2.63 -11.03 32.20
N ASP C 455 2.54 -11.83 33.26
CA ASP C 455 1.39 -12.75 33.46
C ASP C 455 0.07 -11.97 33.49
N TYR C 456 0.04 -10.83 34.16
CA TYR C 456 -1.19 -10.01 34.28
C TYR C 456 -1.68 -9.52 32.92
N MET C 457 -0.78 -9.31 31.92
CA MET C 457 -1.09 -8.59 30.65
C MET C 457 -1.02 -9.54 29.43
N ARG C 458 -1.12 -10.84 29.67
CA ARG C 458 -0.85 -11.89 28.67
C ARG C 458 -1.78 -11.76 27.47
N PRO C 459 -3.11 -11.66 27.62
CA PRO C 459 -3.98 -11.60 26.45
C PRO C 459 -3.68 -10.41 25.53
N ALA C 460 -3.18 -9.30 26.09
CA ALA C 460 -2.82 -8.06 25.37
C ALA C 460 -1.50 -8.28 24.66
N ILE C 461 -0.56 -9.00 25.25
CA ILE C 461 0.66 -9.38 24.50
C ILE C 461 0.23 -10.24 23.31
N ARG C 462 -0.65 -11.22 23.53
CA ARG C 462 -1.11 -12.13 22.46
C ARG C 462 -1.82 -11.32 21.37
N LEU C 463 -2.66 -10.35 21.74
CA LEU C 463 -3.46 -9.62 20.74
C LEU C 463 -2.52 -8.88 19.79
N ALA C 464 -1.42 -8.34 20.33
CA ALA C 464 -0.42 -7.58 19.56
C ALA C 464 0.25 -8.53 18.58
N ALA C 465 0.59 -9.74 19.03
CA ALA C 465 1.24 -10.76 18.17
C ALA C 465 0.28 -11.11 17.02
N LEU C 466 -0.99 -11.33 17.35
CA LEU C 466 -2.08 -11.64 16.38
C LEU C 466 -2.23 -10.52 15.34
N MET C 467 -2.23 -9.25 15.77
CA MET C 467 -2.54 -8.12 14.85
C MET C 467 -1.28 -7.61 14.16
N GLY C 468 -0.08 -8.05 14.56
CA GLY C 468 1.15 -7.54 13.95
C GLY C 468 1.48 -6.12 14.40
N VAL C 469 0.96 -5.71 15.57
CA VAL C 469 1.22 -4.38 16.19
C VAL C 469 2.57 -4.40 16.90
N PRO C 470 3.52 -3.49 16.54
CA PRO C 470 4.83 -3.46 17.15
C PRO C 470 4.87 -2.77 18.51
N THR C 471 3.97 -3.14 19.42
CA THR C 471 4.08 -2.71 20.82
C THR C 471 5.42 -3.24 21.36
N VAL C 472 6.15 -2.36 22.03
CA VAL C 472 7.38 -2.74 22.77
C VAL C 472 7.01 -2.88 24.24
N PHE C 473 7.08 -4.10 24.78
CA PHE C 473 6.83 -4.32 26.22
C PHE C 473 8.20 -4.31 26.88
N VAL C 474 8.38 -3.44 27.87
CA VAL C 474 9.64 -3.40 28.67
C VAL C 474 9.41 -4.23 29.94
N PHE C 475 10.21 -5.28 30.12
CA PHE C 475 10.16 -6.14 31.33
C PHE C 475 11.52 -6.05 32.03
N THR C 476 11.55 -5.48 33.24
CA THR C 476 12.80 -5.44 34.08
C THR C 476 12.73 -6.52 35.16
N HIS C 477 13.75 -6.61 36.02
CA HIS C 477 13.71 -7.59 37.14
C HIS C 477 13.53 -9.00 36.57
N ASP C 478 14.33 -9.35 35.57
CA ASP C 478 14.12 -10.54 34.69
C ASP C 478 14.48 -11.87 35.35
N SER C 479 15.09 -11.91 36.54
CA SER C 479 15.56 -13.20 37.12
C SER C 479 15.62 -13.16 38.64
N ILE C 480 15.95 -14.32 39.22
CA ILE C 480 16.23 -14.50 40.68
C ILE C 480 17.27 -13.45 41.10
N ALA C 481 18.07 -12.92 40.18
CA ALA C 481 19.08 -11.87 40.50
C ALA C 481 18.45 -10.56 41.00
N LEU C 482 17.12 -10.38 40.92
CA LEU C 482 16.43 -9.18 41.49
C LEU C 482 16.51 -9.24 43.01
N GLY C 483 16.69 -10.44 43.57
CA GLY C 483 17.07 -10.60 44.99
C GLY C 483 15.88 -10.68 45.93
N GLU C 484 15.85 -9.83 46.96
CA GLU C 484 15.07 -9.95 48.23
C GLU C 484 13.55 -10.11 48.02
N ASP C 485 12.97 -9.54 46.96
CA ASP C 485 11.51 -9.60 46.74
C ASP C 485 11.06 -11.07 46.63
N GLY C 486 11.97 -11.95 46.21
CA GLY C 486 11.73 -13.39 46.30
C GLY C 486 10.72 -13.92 45.27
N PRO C 487 10.29 -15.17 45.48
CA PRO C 487 9.70 -15.98 44.41
C PRO C 487 8.46 -15.45 43.69
N THR C 488 7.57 -14.72 44.37
CA THR C 488 6.36 -14.13 43.78
C THR C 488 6.75 -13.12 42.70
N HIS C 489 7.97 -12.59 42.79
CA HIS C 489 8.54 -11.56 41.89
C HIS C 489 9.57 -12.13 40.92
N GLN C 490 10.07 -13.34 41.13
CA GLN C 490 11.21 -13.85 40.32
C GLN C 490 10.60 -14.67 39.20
N PRO C 491 10.90 -14.27 37.95
CA PRO C 491 10.43 -15.01 36.78
C PRO C 491 11.12 -16.38 36.77
N VAL C 492 10.47 -17.42 36.26
CA VAL C 492 11.13 -18.72 35.97
C VAL C 492 10.72 -19.15 34.57
N GLU C 493 9.44 -19.45 34.42
CA GLU C 493 8.85 -19.98 33.18
C GLU C 493 8.66 -18.87 32.13
N HIS C 494 8.86 -17.61 32.50
CA HIS C 494 8.37 -16.42 31.75
C HIS C 494 9.05 -16.31 30.38
N LEU C 495 10.39 -16.37 30.31
CA LEU C 495 11.11 -16.25 29.01
C LEU C 495 10.55 -17.27 28.03
N MET C 496 10.40 -18.52 28.46
CA MET C 496 10.01 -19.62 27.55
C MET C 496 8.50 -19.56 27.25
N SER C 497 7.68 -19.11 28.21
CA SER C 497 6.22 -18.92 28.01
C SER C 497 6.02 -17.90 26.90
N LEU C 498 6.91 -16.89 26.86
CA LEU C 498 6.86 -15.80 25.84
C LEU C 498 7.47 -16.30 24.52
N ARG C 499 8.57 -17.06 24.57
CA ARG C 499 9.31 -17.49 23.32
C ARG C 499 8.45 -18.47 22.51
N ALA C 500 7.54 -19.19 23.15
CA ALA C 500 6.55 -20.10 22.51
C ALA C 500 5.45 -19.37 21.74
N MET C 501 5.20 -18.07 22.00
CA MET C 501 4.12 -17.31 21.32
C MET C 501 4.60 -16.91 19.94
N PRO C 502 3.88 -17.22 18.85
CA PRO C 502 4.29 -16.75 17.54
C PRO C 502 4.33 -15.22 17.49
N ASN C 503 5.23 -14.68 16.67
CA ASN C 503 5.31 -13.25 16.29
C ASN C 503 5.61 -12.37 17.53
N LEU C 504 6.45 -12.87 18.44
CA LEU C 504 6.92 -12.08 19.59
C LEU C 504 8.45 -12.22 19.64
N PHE C 505 9.18 -11.13 19.40
CA PHE C 505 10.64 -11.10 19.67
C PHE C 505 10.78 -11.00 21.18
N VAL C 506 11.61 -11.87 21.76
CA VAL C 506 11.97 -11.84 23.19
C VAL C 506 13.47 -11.64 23.23
N ILE C 507 13.87 -10.40 23.47
CA ILE C 507 15.27 -9.94 23.42
C ILE C 507 15.72 -9.69 24.85
N ARG C 508 16.84 -10.32 25.21
CA ARG C 508 17.47 -10.30 26.55
C ARG C 508 18.92 -9.88 26.36
N PRO C 509 19.21 -8.56 26.31
CA PRO C 509 20.57 -8.08 26.11
C PRO C 509 21.51 -8.32 27.30
N ALA C 510 22.73 -8.81 27.03
CA ALA C 510 23.73 -9.23 28.04
C ALA C 510 24.21 -8.02 28.84
N ASP C 511 24.34 -6.84 28.20
CA ASP C 511 25.01 -5.65 28.79
C ASP C 511 24.43 -4.36 28.22
N ALA C 512 25.01 -3.22 28.59
CA ALA C 512 24.53 -1.86 28.25
C ALA C 512 24.53 -1.72 26.74
N TYR C 513 25.56 -2.28 26.08
CA TYR C 513 25.78 -2.19 24.61
C TYR C 513 24.72 -3.03 23.89
N GLU C 514 24.49 -4.28 24.29
CA GLU C 514 23.41 -5.14 23.72
C GLU C 514 22.05 -4.43 23.92
N THR C 515 21.81 -3.79 25.06
CA THR C 515 20.55 -3.05 25.35
C THR C 515 20.29 -1.98 24.28
N PHE C 516 21.29 -1.17 23.98
CA PHE C 516 21.19 -0.14 22.93
C PHE C 516 20.76 -0.83 21.62
N TYR C 517 21.50 -1.84 21.17
CA TYR C 517 21.22 -2.57 19.92
C TYR C 517 19.85 -3.26 19.98
N ALA C 518 19.37 -3.65 21.17
CA ALA C 518 18.05 -4.31 21.34
C ALA C 518 16.93 -3.30 21.05
N TRP C 519 17.13 -2.05 21.45
CA TRP C 519 16.18 -0.95 21.17
C TRP C 519 16.08 -0.74 19.67
N LEU C 520 17.22 -0.72 18.96
CA LEU C 520 17.23 -0.51 17.48
C LEU C 520 16.46 -1.64 16.81
N VAL C 521 16.67 -2.88 17.23
CA VAL C 521 15.92 -4.04 16.65
C VAL C 521 14.42 -3.88 16.97
N ALA C 522 14.07 -3.57 18.22
CA ALA C 522 12.67 -3.40 18.66
C ALA C 522 11.97 -2.35 17.79
N LEU C 523 12.58 -1.18 17.68
CA LEU C 523 12.03 -0.01 16.94
C LEU C 523 11.97 -0.32 15.44
N ARG C 524 12.94 -1.02 14.85
CA ARG C 524 12.92 -1.36 13.38
C ARG C 524 11.98 -2.55 13.09
N ARG C 525 11.71 -3.41 14.07
CA ARG C 525 10.71 -4.52 13.92
C ARG C 525 9.27 -3.97 13.89
N LYS C 526 8.56 -4.02 12.75
CA LYS C 526 7.17 -3.50 12.59
C LYS C 526 6.15 -4.65 12.39
N GLU C 527 6.61 -5.88 12.17
CA GLU C 527 5.71 -7.02 11.86
C GLU C 527 4.98 -7.47 13.13
N GLY C 528 5.54 -7.17 14.32
CA GLY C 528 4.97 -7.70 15.58
C GLY C 528 5.63 -7.15 16.84
N PRO C 529 5.07 -7.51 18.01
CA PRO C 529 5.55 -6.96 19.27
C PRO C 529 6.98 -7.40 19.60
N THR C 530 7.61 -6.59 20.45
CA THR C 530 8.91 -6.92 21.06
C THR C 530 8.76 -6.82 22.57
N ALA C 531 9.28 -7.83 23.27
CA ALA C 531 9.54 -7.81 24.73
C ALA C 531 11.03 -7.59 24.92
N LEU C 532 11.40 -6.49 25.58
CA LEU C 532 12.78 -6.21 26.00
C LEU C 532 12.92 -6.67 27.43
N VAL C 533 13.89 -7.54 27.72
CA VAL C 533 14.02 -8.22 29.04
C VAL C 533 15.33 -7.77 29.68
N LEU C 534 15.24 -7.07 30.81
CA LEU C 534 16.33 -6.24 31.36
C LEU C 534 16.55 -6.57 32.84
N THR C 535 17.76 -6.32 33.35
CA THR C 535 18.17 -6.71 34.72
C THR C 535 17.79 -5.61 35.71
N ARG C 536 17.51 -5.98 36.96
CA ARG C 536 17.55 -5.02 38.09
C ARG C 536 19.01 -4.75 38.47
N GLN C 537 19.83 -5.80 38.63
CA GLN C 537 21.21 -5.78 39.20
C GLN C 537 22.21 -5.27 38.17
N ALA C 538 23.25 -4.56 38.61
CA ALA C 538 24.34 -4.12 37.70
C ALA C 538 25.01 -5.37 37.08
N VAL C 539 25.51 -5.24 35.85
CA VAL C 539 26.34 -6.29 35.18
C VAL C 539 27.47 -5.61 34.43
N PRO C 540 28.58 -6.35 34.19
CA PRO C 540 29.71 -5.81 33.44
C PRO C 540 29.31 -5.29 32.06
N LEU C 541 30.14 -4.41 31.49
CA LEU C 541 30.09 -3.93 30.09
C LEU C 541 30.76 -4.98 29.22
N LEU C 542 30.40 -5.05 27.95
CA LEU C 542 31.25 -5.66 26.90
C LEU C 542 31.82 -4.51 26.08
N SER C 543 32.28 -4.79 24.86
CA SER C 543 32.63 -3.79 23.82
C SER C 543 31.41 -3.53 22.94
N PRO C 544 31.13 -2.27 22.52
CA PRO C 544 30.10 -2.03 21.50
C PRO C 544 30.38 -2.77 20.17
N GLU C 545 31.64 -3.10 19.87
CA GLU C 545 32.02 -3.91 18.67
C GLU C 545 31.47 -5.32 18.78
N LYS C 546 31.62 -5.97 19.94
CA LYS C 546 31.13 -7.37 20.13
C LYS C 546 29.59 -7.30 20.20
N ALA C 547 29.07 -6.38 21.00
CA ALA C 547 27.62 -6.25 21.33
C ALA C 547 26.79 -6.08 20.05
N ARG C 548 27.32 -5.41 19.02
CA ARG C 548 26.67 -5.25 17.68
C ARG C 548 26.09 -6.59 17.23
N GLY C 549 26.78 -7.70 17.55
CA GLY C 549 26.38 -9.10 17.21
C GLY C 549 24.92 -9.40 17.52
N LEU C 550 24.30 -8.67 18.47
CA LEU C 550 22.87 -8.83 18.83
C LEU C 550 21.95 -8.60 17.62
N LEU C 551 22.40 -7.87 16.59
CA LEU C 551 21.66 -7.72 15.30
C LEU C 551 21.43 -9.08 14.62
N ARG C 552 22.24 -10.10 14.92
CA ARG C 552 22.09 -11.44 14.29
C ARG C 552 21.35 -12.39 15.25
N GLY C 553 20.97 -11.94 16.46
CA GLY C 553 20.12 -12.70 17.40
C GLY C 553 20.95 -13.60 18.30
N GLY C 554 21.94 -14.27 17.71
CA GLY C 554 23.04 -14.99 18.40
C GLY C 554 24.36 -14.83 17.67
N TYR C 555 25.47 -14.88 18.40
CA TYR C 555 26.83 -14.59 17.85
C TYR C 555 27.90 -15.05 18.86
N VAL C 556 29.12 -15.21 18.34
CA VAL C 556 30.29 -15.64 19.14
C VAL C 556 30.84 -14.39 19.82
N LEU C 557 30.79 -14.35 21.15
CA LEU C 557 31.24 -13.16 21.91
C LEU C 557 32.75 -13.30 22.25
N GLU C 558 33.18 -14.50 22.67
CA GLU C 558 34.60 -14.87 22.95
C GLU C 558 34.87 -16.25 22.35
N ASP C 559 35.72 -16.31 21.32
CA ASP C 559 36.02 -17.56 20.59
C ASP C 559 37.34 -18.13 21.08
N VAL C 560 37.74 -19.32 20.59
CA VAL C 560 39.03 -19.99 20.91
C VAL C 560 39.54 -20.75 19.68
N GLU C 561 40.85 -20.97 19.65
CA GLU C 561 41.55 -21.95 18.79
C GLU C 561 40.91 -23.31 19.02
N GLU C 562 40.30 -23.91 17.99
CA GLU C 562 39.80 -25.31 18.04
C GLU C 562 38.92 -25.44 19.28
N PRO C 563 37.69 -24.87 19.23
CA PRO C 563 36.72 -25.06 20.30
C PRO C 563 36.44 -26.55 20.58
N GLN C 564 36.49 -26.94 21.86
CA GLN C 564 36.13 -28.30 22.31
C GLN C 564 34.68 -28.32 22.76
N GLY C 565 34.03 -27.16 22.74
CA GLY C 565 32.60 -27.02 23.08
C GLY C 565 32.20 -25.56 23.13
N VAL C 566 30.92 -25.35 23.47
CA VAL C 566 30.27 -24.01 23.53
C VAL C 566 29.49 -23.87 24.84
N LEU C 567 29.67 -22.73 25.47
CA LEU C 567 28.71 -22.19 26.46
C LEU C 567 27.80 -21.18 25.75
N VAL C 568 26.51 -21.51 25.63
CA VAL C 568 25.47 -20.61 25.07
C VAL C 568 24.66 -19.99 26.21
N ALA C 569 24.57 -18.66 26.26
CA ALA C 569 23.87 -17.96 27.35
C ALA C 569 23.15 -16.73 26.80
N THR C 570 22.22 -16.23 27.60
CA THR C 570 21.33 -15.09 27.30
C THR C 570 21.49 -14.08 28.42
N GLY C 571 21.39 -12.80 28.10
CA GLY C 571 21.28 -11.75 29.14
C GLY C 571 22.40 -11.86 30.16
N SER C 572 22.06 -11.67 31.44
CA SER C 572 22.99 -11.64 32.60
C SER C 572 23.87 -12.90 32.63
N GLU C 573 23.37 -14.03 32.14
CA GLU C 573 24.11 -15.32 32.20
C GLU C 573 25.29 -15.29 31.21
N VAL C 574 25.26 -14.44 30.19
CA VAL C 574 26.43 -14.27 29.28
C VAL C 574 27.70 -14.08 30.12
N HIS C 575 27.66 -13.15 31.08
CA HIS C 575 28.82 -12.82 31.95
C HIS C 575 29.26 -14.07 32.70
N LEU C 576 28.31 -14.87 33.20
CA LEU C 576 28.61 -16.10 34.01
C LEU C 576 29.31 -17.12 33.11
N ALA C 577 28.89 -17.24 31.85
CA ALA C 577 29.47 -18.14 30.83
C ALA C 577 30.93 -17.75 30.55
N LEU C 578 31.28 -16.45 30.54
CA LEU C 578 32.66 -15.94 30.31
C LEU C 578 33.56 -16.30 31.49
N ARG C 579 33.12 -16.01 32.71
CA ARG C 579 33.89 -16.38 33.94
C ARG C 579 34.11 -17.89 33.97
N ALA C 580 33.12 -18.67 33.50
CA ALA C 580 33.14 -20.14 33.41
C ALA C 580 34.08 -20.56 32.27
N GLN C 581 34.09 -19.81 31.16
CA GLN C 581 35.09 -19.97 30.08
C GLN C 581 36.48 -19.94 30.72
N ALA C 582 36.73 -18.89 31.50
CA ALA C 582 38.02 -18.55 32.15
C ALA C 582 38.44 -19.67 33.13
N LEU C 583 37.51 -20.20 33.95
CA LEU C 583 37.75 -21.41 34.79
C LEU C 583 38.15 -22.61 33.92
N LEU C 584 37.31 -23.01 32.95
CA LEU C 584 37.56 -24.18 32.06
C LEU C 584 38.97 -24.04 31.44
N ARG C 585 39.28 -22.88 30.85
CA ARG C 585 40.58 -22.55 30.19
C ARG C 585 41.75 -22.89 31.14
N GLU C 586 41.75 -22.24 32.31
CA GLU C 586 42.67 -22.46 33.47
C GLU C 586 42.98 -23.96 33.67
N LYS C 587 42.10 -24.87 33.26
CA LYS C 587 42.28 -26.35 33.32
C LYS C 587 42.42 -26.94 31.91
N GLY C 588 42.97 -26.16 30.96
CA GLY C 588 43.30 -26.60 29.59
C GLY C 588 42.09 -27.06 28.80
N VAL C 589 40.88 -26.62 29.13
CA VAL C 589 39.65 -26.96 28.35
C VAL C 589 39.14 -25.69 27.68
N ARG C 590 38.86 -25.76 26.38
CA ARG C 590 38.65 -24.57 25.52
C ARG C 590 37.21 -24.55 25.05
N VAL C 591 36.42 -23.61 25.55
CA VAL C 591 35.03 -23.43 25.07
C VAL C 591 34.89 -22.02 24.52
N ARG C 592 34.09 -21.87 23.47
CA ARG C 592 33.67 -20.52 23.05
C ARG C 592 32.31 -20.21 23.68
N VAL C 593 32.11 -18.92 23.97
CA VAL C 593 30.90 -18.37 24.62
C VAL C 593 30.08 -17.67 23.54
N VAL C 594 28.83 -18.11 23.42
CA VAL C 594 27.81 -17.55 22.50
C VAL C 594 26.80 -16.76 23.34
N SER C 595 26.48 -15.56 22.87
CA SER C 595 25.43 -14.65 23.40
C SER C 595 24.23 -14.82 22.48
N LEU C 596 23.09 -15.20 23.03
CA LEU C 596 21.88 -15.47 22.23
C LEU C 596 20.76 -14.60 22.80
N PRO C 597 20.91 -13.26 22.67
CA PRO C 597 19.91 -12.29 23.12
C PRO C 597 18.49 -12.57 22.63
N SER C 598 18.35 -13.13 21.43
CA SER C 598 17.01 -13.45 20.86
C SER C 598 17.06 -14.77 20.08
N PHE C 599 16.27 -15.75 20.53
CA PHE C 599 15.97 -17.03 19.83
C PHE C 599 15.33 -16.78 18.47
N GLU C 600 14.34 -15.88 18.41
CA GLU C 600 13.56 -15.59 17.17
C GLU C 600 14.47 -14.91 16.13
N LEU C 601 15.25 -13.89 16.49
CA LEU C 601 16.10 -13.19 15.49
C LEU C 601 17.15 -14.17 15.00
N PHE C 602 17.75 -14.94 15.93
CA PHE C 602 18.75 -15.98 15.61
C PHE C 602 18.14 -16.98 14.63
N ALA C 603 16.98 -17.54 14.96
CA ALA C 603 16.23 -18.50 14.12
C ALA C 603 16.01 -17.94 12.70
N ALA C 604 15.91 -16.60 12.54
CA ALA C 604 15.67 -15.94 11.23
C ALA C 604 16.95 -15.89 10.37
N GLN C 605 18.14 -16.10 10.92
CA GLN C 605 19.41 -16.01 10.12
C GLN C 605 19.49 -17.22 9.19
N PRO C 606 20.31 -17.20 8.10
CA PRO C 606 20.42 -18.36 7.24
C PRO C 606 21.17 -19.49 7.95
N GLU C 607 20.88 -20.74 7.55
CA GLU C 607 21.38 -21.99 8.18
C GLU C 607 22.90 -21.92 8.40
N ALA C 608 23.64 -21.42 7.40
CA ALA C 608 25.13 -21.36 7.40
C ALA C 608 25.64 -20.44 8.53
N TYR C 609 24.90 -19.38 8.87
CA TYR C 609 25.30 -18.49 9.98
C TYR C 609 25.10 -19.19 11.32
N ARG C 610 23.95 -19.85 11.49
CA ARG C 610 23.63 -20.58 12.75
C ARG C 610 24.70 -21.65 13.01
N LYS C 611 25.04 -22.43 11.98
CA LYS C 611 26.08 -23.49 12.05
C LYS C 611 27.46 -22.88 12.30
N GLU C 612 27.75 -21.69 11.77
CA GLU C 612 28.99 -20.95 12.16
C GLU C 612 28.99 -20.87 13.69
N VAL C 613 27.92 -20.32 14.28
CA VAL C 613 27.91 -19.86 15.70
C VAL C 613 27.81 -21.07 16.64
N LEU C 614 27.09 -22.12 16.22
CA LEU C 614 26.86 -23.39 16.97
C LEU C 614 27.25 -24.56 16.08
N PRO C 615 28.56 -24.86 15.90
CA PRO C 615 29.01 -25.79 14.86
C PRO C 615 28.62 -27.21 15.26
N PRO C 616 27.87 -27.93 14.41
CA PRO C 616 27.43 -29.29 14.75
C PRO C 616 28.59 -30.15 15.28
N GLY C 617 28.25 -31.24 15.95
CA GLY C 617 29.20 -32.13 16.63
C GLY C 617 29.60 -31.59 18.01
N LEU C 618 29.76 -30.27 18.19
CA LEU C 618 30.34 -29.71 19.45
C LEU C 618 29.31 -29.75 20.58
N PRO C 619 29.70 -30.31 21.75
CA PRO C 619 28.90 -30.24 22.98
C PRO C 619 28.60 -28.82 23.47
N VAL C 620 27.32 -28.56 23.79
CA VAL C 620 26.83 -27.21 24.17
C VAL C 620 26.17 -27.27 25.54
N VAL C 621 26.69 -26.50 26.49
CA VAL C 621 26.02 -26.17 27.78
C VAL C 621 25.38 -24.78 27.65
N ALA C 622 24.07 -24.72 27.90
CA ALA C 622 23.26 -23.49 27.97
C ALA C 622 23.18 -23.02 29.42
N VAL C 623 23.21 -21.70 29.62
CA VAL C 623 23.09 -21.05 30.95
C VAL C 623 22.02 -19.95 30.86
N GLU C 624 20.98 -20.05 31.67
CA GLU C 624 19.91 -19.02 31.75
C GLU C 624 19.11 -19.21 33.05
N ALA C 625 18.87 -18.12 33.78
CA ALA C 625 18.18 -18.13 35.08
C ALA C 625 16.67 -18.15 34.81
N GLY C 626 16.20 -19.27 34.25
CA GLY C 626 14.82 -19.49 33.82
C GLY C 626 14.59 -20.97 33.64
N ALA C 627 13.40 -21.37 33.20
CA ALA C 627 13.03 -22.78 33.04
C ALA C 627 13.89 -23.42 31.94
N SER C 628 14.08 -24.75 32.02
CA SER C 628 14.95 -25.54 31.11
C SER C 628 14.16 -25.91 29.86
N LEU C 629 12.85 -26.10 29.99
CA LEU C 629 11.97 -26.61 28.90
C LEU C 629 12.15 -25.72 27.66
N GLY C 630 12.66 -26.29 26.56
CA GLY C 630 12.90 -25.55 25.29
C GLY C 630 14.38 -25.41 24.97
N TRP C 631 15.28 -25.45 25.96
CA TRP C 631 16.74 -25.26 25.72
C TRP C 631 17.32 -26.44 24.94
N GLU C 632 16.62 -27.57 24.87
CA GLU C 632 17.11 -28.79 24.19
C GLU C 632 17.27 -28.48 22.69
N ARG C 633 16.72 -27.35 22.20
CA ARG C 633 16.80 -26.91 20.78
C ARG C 633 18.24 -26.57 20.43
N TYR C 634 19.01 -26.05 21.40
CA TYR C 634 20.36 -25.50 21.16
C TYR C 634 21.41 -26.16 22.05
N ALA C 635 21.03 -26.94 23.06
CA ALA C 635 22.03 -27.45 24.03
C ALA C 635 21.79 -28.90 24.40
N HIS C 636 22.88 -29.60 24.73
CA HIS C 636 22.88 -30.99 25.25
C HIS C 636 22.56 -30.96 26.74
N LYS C 637 23.04 -29.93 27.43
CA LYS C 637 22.91 -29.78 28.90
C LYS C 637 22.59 -28.32 29.25
N VAL C 638 21.86 -28.10 30.34
CA VAL C 638 21.22 -26.80 30.65
C VAL C 638 21.43 -26.50 32.13
N VAL C 639 22.17 -25.42 32.42
CA VAL C 639 22.25 -24.77 33.76
C VAL C 639 21.10 -23.76 33.83
N ALA C 640 20.00 -24.18 34.44
CA ALA C 640 18.70 -23.47 34.40
C ALA C 640 18.10 -23.49 35.80
N LEU C 641 16.84 -23.06 35.93
CA LEU C 641 16.09 -23.08 37.21
C LEU C 641 14.68 -23.58 36.95
N ASP C 642 14.32 -24.76 37.48
CA ASP C 642 12.98 -25.40 37.32
C ASP C 642 12.31 -25.53 38.67
N ARG C 643 12.61 -24.57 39.54
CA ARG C 643 11.86 -24.35 40.78
C ARG C 643 11.64 -22.83 40.93
N PHE C 644 10.65 -22.46 41.72
CA PHE C 644 10.44 -21.07 42.18
C PHE C 644 11.68 -20.61 42.97
N GLY C 645 11.87 -19.30 43.09
CA GLY C 645 13.12 -18.71 43.61
C GLY C 645 13.16 -18.63 45.14
N ALA C 646 13.80 -17.58 45.63
CA ALA C 646 14.10 -17.39 47.06
C ALA C 646 14.19 -15.90 47.39
N SER C 647 13.58 -15.51 48.51
CA SER C 647 13.80 -14.19 49.13
C SER C 647 15.21 -14.18 49.75
N ALA C 648 16.13 -13.46 49.11
CA ALA C 648 17.54 -13.32 49.52
C ALA C 648 18.24 -12.35 48.59
N PRO C 649 19.31 -11.68 49.07
CA PRO C 649 20.03 -10.69 48.26
C PRO C 649 20.86 -11.28 47.11
N TYR C 650 21.07 -10.47 46.06
CA TYR C 650 22.07 -10.67 44.97
C TYR C 650 23.45 -10.21 45.47
N PRO C 651 24.60 -10.87 45.15
CA PRO C 651 24.68 -12.11 44.36
C PRO C 651 24.37 -13.44 45.09
N GLU C 652 24.11 -13.39 46.40
CA GLU C 652 23.94 -14.62 47.23
C GLU C 652 22.83 -15.52 46.66
N VAL C 653 21.66 -14.98 46.31
CA VAL C 653 20.49 -15.82 45.88
C VAL C 653 20.79 -16.50 44.52
N TYR C 654 21.58 -15.85 43.68
CA TYR C 654 21.90 -16.28 42.30
C TYR C 654 22.92 -17.43 42.38
N GLU C 655 23.93 -17.25 43.23
CA GLU C 655 24.97 -18.26 43.51
C GLU C 655 24.32 -19.50 44.12
N ARG C 656 23.54 -19.34 45.18
CA ARG C 656 23.00 -20.50 45.95
C ARG C 656 21.94 -21.24 45.19
N LEU C 657 21.29 -20.63 44.19
CA LEU C 657 20.33 -21.35 43.33
C LEU C 657 21.06 -21.96 42.13
N GLY C 658 22.39 -21.94 42.11
CA GLY C 658 23.19 -22.79 41.20
C GLY C 658 23.84 -22.01 40.07
N PHE C 659 23.80 -20.68 40.10
CA PHE C 659 24.41 -19.85 39.03
C PHE C 659 25.80 -19.37 39.50
N THR C 660 26.80 -20.26 39.35
CA THR C 660 28.23 -20.03 39.69
C THR C 660 29.12 -20.49 38.52
N PRO C 661 30.32 -19.88 38.34
CA PRO C 661 31.27 -20.37 37.34
C PRO C 661 31.61 -21.86 37.58
N GLU C 662 31.98 -22.19 38.82
CA GLU C 662 32.22 -23.57 39.33
C GLU C 662 31.10 -24.49 38.78
N ARG C 663 29.82 -24.22 39.06
CA ARG C 663 28.68 -25.06 38.61
C ARG C 663 28.65 -25.23 37.08
N VAL C 664 28.81 -24.13 36.31
CA VAL C 664 28.73 -24.21 34.82
C VAL C 664 29.90 -25.04 34.28
N ALA C 665 31.11 -24.76 34.81
CA ALA C 665 32.36 -25.46 34.49
C ALA C 665 32.18 -26.95 34.75
N GLU C 666 31.63 -27.33 35.91
CA GLU C 666 31.52 -28.77 36.28
C GLU C 666 30.44 -29.41 35.39
N ALA C 667 29.38 -28.69 35.07
CA ALA C 667 28.33 -29.13 34.11
C ALA C 667 28.99 -29.41 32.75
N PHE C 668 29.94 -28.57 32.32
CA PHE C 668 30.62 -28.78 31.01
C PHE C 668 31.58 -30.00 31.05
N LEU C 669 32.39 -30.09 32.11
CA LEU C 669 33.34 -31.21 32.33
C LEU C 669 32.59 -32.54 32.36
N SER C 670 31.37 -32.58 32.94
CA SER C 670 30.58 -33.85 33.02
C SER C 670 29.84 -34.13 31.70
N LEU C 671 29.92 -33.25 30.69
CA LEU C 671 29.22 -33.47 29.40
C LEU C 671 30.19 -34.10 28.39
N VAL C 672 31.40 -33.53 28.24
CA VAL C 672 32.48 -34.08 27.35
C VAL C 672 33.07 -35.34 28.01
N LYS D 23 -4.25 6.99 79.76
CA LYS D 23 -2.79 7.30 79.83
C LYS D 23 -1.98 6.05 80.19
N GLU D 24 -2.59 5.07 80.90
CA GLU D 24 -1.96 3.77 81.25
C GLU D 24 -2.08 2.78 80.09
N THR D 25 -3.20 2.78 79.35
CA THR D 25 -3.37 1.98 78.10
C THR D 25 -3.18 2.84 76.85
N ARG D 26 -3.35 4.17 76.93
CA ARG D 26 -3.10 5.10 75.79
C ARG D 26 -1.58 5.25 75.61
N ASP D 27 -0.77 4.57 76.44
CA ASP D 27 0.69 4.39 76.20
C ASP D 27 1.05 2.89 76.26
N LEU D 28 0.09 1.96 76.39
CA LEU D 28 0.30 0.46 76.31
C LEU D 28 -0.30 -0.09 75.01
N GLU D 29 -1.50 0.37 74.62
CA GLU D 29 -2.00 0.27 73.21
C GLU D 29 -0.92 0.86 72.30
N THR D 30 -0.51 2.11 72.62
CA THR D 30 0.44 2.97 71.85
C THR D 30 1.85 2.39 71.84
N LEU D 31 2.25 1.68 72.91
CA LEU D 31 3.62 1.10 73.08
C LEU D 31 3.69 -0.11 72.15
N SER D 32 2.74 -1.04 72.31
CA SER D 32 2.51 -2.25 71.49
C SER D 32 2.40 -1.91 70.00
N VAL D 33 1.79 -0.76 69.69
CA VAL D 33 1.56 -0.27 68.29
C VAL D 33 2.86 0.34 67.77
N ASN D 34 3.65 0.98 68.65
CA ASN D 34 4.99 1.50 68.29
C ASN D 34 6.00 0.34 68.22
N ALA D 35 5.75 -0.75 68.95
CA ALA D 35 6.55 -1.98 68.88
C ALA D 35 6.43 -2.54 67.46
N ILE D 36 5.18 -2.77 67.03
CA ILE D 36 4.85 -3.25 65.66
C ILE D 36 5.62 -2.36 64.69
N ARG D 37 5.48 -1.05 64.82
CA ARG D 37 6.18 -0.08 63.95
C ARG D 37 7.67 -0.44 63.90
N PHE D 38 8.39 -0.41 65.01
CA PHE D 38 9.88 -0.34 65.03
C PHE D 38 10.56 -1.67 64.64
N LEU D 39 9.97 -2.82 64.98
CA LEU D 39 10.42 -4.13 64.43
C LEU D 39 10.48 -4.02 62.89
N ALA D 40 9.34 -3.71 62.28
CA ALA D 40 9.19 -3.50 60.82
C ALA D 40 10.31 -2.60 60.32
N ILE D 41 10.48 -1.41 60.90
CA ILE D 41 11.48 -0.38 60.47
C ILE D 41 12.89 -0.99 60.51
N ASP D 42 13.26 -1.63 61.62
CA ASP D 42 14.65 -2.06 61.90
C ASP D 42 14.99 -3.30 61.06
N ALA D 43 14.05 -4.24 60.94
CA ALA D 43 14.11 -5.42 60.04
C ALA D 43 14.56 -4.94 58.65
N VAL D 44 13.91 -3.89 58.15
CA VAL D 44 14.18 -3.31 56.79
C VAL D 44 15.58 -2.71 56.79
N GLU D 45 15.92 -1.90 57.80
CA GLU D 45 17.22 -1.18 57.90
C GLU D 45 18.42 -2.16 57.88
N LYS D 46 18.28 -3.29 58.58
CA LYS D 46 19.34 -4.35 58.68
C LYS D 46 19.41 -5.11 57.34
N ALA D 47 18.26 -5.55 56.82
CA ALA D 47 18.10 -6.12 55.45
C ALA D 47 18.67 -5.16 54.40
N ARG D 48 18.71 -3.84 54.66
CA ARG D 48 18.96 -2.79 53.63
C ARG D 48 18.07 -3.03 52.38
N SER D 49 16.82 -3.44 52.58
CA SER D 49 15.90 -3.87 51.50
C SER D 49 14.53 -4.16 52.12
N GLY D 50 13.45 -3.74 51.45
CA GLY D 50 12.07 -4.00 51.91
C GLY D 50 11.29 -2.71 52.07
N HIS D 51 10.14 -2.80 52.73
CA HIS D 51 8.96 -1.91 52.59
C HIS D 51 8.49 -1.41 53.95
N PRO D 52 9.08 -0.32 54.49
CA PRO D 52 8.76 0.18 55.82
C PRO D 52 7.49 1.06 55.89
N GLY D 53 7.32 1.90 54.86
CA GLY D 53 6.28 2.95 54.80
C GLY D 53 4.91 2.44 55.21
N MET D 54 4.43 1.34 54.61
CA MET D 54 3.05 0.85 54.85
C MET D 54 2.92 0.21 56.23
N PRO D 55 3.84 -0.68 56.68
CA PRO D 55 3.76 -1.24 58.03
C PRO D 55 3.62 -0.17 59.12
N MET D 56 4.43 0.90 59.00
CA MET D 56 4.41 2.11 59.87
C MET D 56 2.97 2.65 59.95
N GLY D 57 2.40 3.12 58.83
CA GLY D 57 1.04 3.68 58.76
C GLY D 57 -0.04 2.75 59.31
N MET D 58 0.10 1.42 59.16
CA MET D 58 -1.05 0.49 59.34
C MET D 58 -0.93 -0.35 60.62
N ALA D 59 0.07 -0.05 61.43
CA ALA D 59 0.44 -0.82 62.64
C ALA D 59 -0.73 -0.95 63.61
N PRO D 60 -1.53 0.13 63.85
CA PRO D 60 -2.67 0.06 64.78
C PRO D 60 -3.78 -0.92 64.41
N LEU D 61 -3.94 -1.23 63.11
CA LEU D 61 -4.96 -2.17 62.59
C LEU D 61 -4.44 -3.60 62.80
N ALA D 62 -3.15 -3.81 62.55
CA ALA D 62 -2.46 -5.09 62.86
C ALA D 62 -2.64 -5.39 64.35
N TYR D 63 -2.22 -4.44 65.21
CA TYR D 63 -2.52 -4.44 66.66
C TYR D 63 -3.97 -4.91 66.85
N LEU D 64 -4.93 -4.10 66.34
CA LEU D 64 -6.35 -4.19 66.72
C LEU D 64 -6.93 -5.57 66.34
N LEU D 65 -6.57 -6.07 65.16
CA LEU D 65 -7.14 -7.34 64.62
C LEU D 65 -6.59 -8.52 65.41
N PHE D 66 -5.29 -8.50 65.71
CA PHE D 66 -4.58 -9.63 66.35
C PHE D 66 -4.76 -9.50 67.87
N ARG D 67 -4.46 -8.34 68.44
CA ARG D 67 -4.75 -8.01 69.87
C ARG D 67 -6.24 -8.29 70.17
N GLU D 68 -7.18 -7.47 69.68
CA GLU D 68 -8.61 -7.47 70.13
C GLU D 68 -9.52 -8.31 69.21
N VAL D 69 -9.56 -8.04 67.89
CA VAL D 69 -10.75 -8.37 67.01
C VAL D 69 -10.81 -9.88 66.66
N MET D 70 -9.72 -10.51 66.22
CA MET D 70 -9.77 -11.91 65.71
C MET D 70 -9.80 -12.92 66.87
N ARG D 71 -10.52 -14.02 66.61
CA ARG D 71 -10.34 -15.32 67.27
C ARG D 71 -9.24 -16.06 66.49
N HIS D 72 -8.01 -16.10 67.03
CA HIS D 72 -6.88 -16.89 66.49
C HIS D 72 -6.21 -17.69 67.61
N ASN D 73 -5.29 -18.61 67.26
CA ASN D 73 -4.50 -19.47 68.19
C ASN D 73 -3.04 -19.54 67.74
N PRO D 74 -2.12 -18.73 68.33
CA PRO D 74 -0.71 -18.71 67.93
C PRO D 74 -0.06 -20.09 68.11
N LEU D 75 -0.50 -20.84 69.12
CA LEU D 75 -0.01 -22.21 69.42
C LEU D 75 -0.44 -23.17 68.31
N ASP D 76 -1.58 -22.91 67.61
CA ASP D 76 -2.06 -23.77 66.49
C ASP D 76 -2.59 -22.93 65.33
N PRO D 77 -1.72 -22.51 64.40
CA PRO D 77 -2.15 -21.72 63.24
C PRO D 77 -3.20 -22.41 62.37
N ASP D 78 -3.33 -23.73 62.50
CA ASP D 78 -4.15 -24.60 61.61
C ASP D 78 -5.54 -24.86 62.22
N TRP D 79 -5.87 -24.22 63.34
CA TRP D 79 -7.20 -24.36 64.01
C TRP D 79 -8.31 -24.00 63.00
N PRO D 80 -9.10 -24.99 62.53
CA PRO D 80 -10.06 -24.76 61.44
C PRO D 80 -11.05 -23.59 61.61
N ASP D 81 -11.49 -23.25 62.83
CA ASP D 81 -12.51 -22.18 63.04
C ASP D 81 -11.83 -20.85 63.40
N ARG D 82 -10.55 -20.69 63.08
CA ARG D 82 -9.84 -19.40 63.29
C ARG D 82 -10.37 -18.36 62.28
N ASP D 83 -10.26 -17.08 62.63
CA ASP D 83 -10.43 -15.97 61.66
C ASP D 83 -9.20 -16.00 60.76
N ARG D 84 -9.38 -15.89 59.44
CA ARG D 84 -8.29 -15.87 58.43
C ARG D 84 -7.97 -14.40 58.17
N PHE D 85 -6.76 -13.96 58.46
CA PHE D 85 -6.25 -12.66 57.97
C PHE D 85 -5.47 -12.92 56.66
N VAL D 86 -5.70 -12.08 55.64
CA VAL D 86 -4.94 -12.11 54.34
C VAL D 86 -4.35 -10.72 54.10
N LEU D 87 -3.03 -10.59 54.15
CA LEU D 87 -2.32 -9.33 53.79
C LEU D 87 -2.14 -9.31 52.27
N SER D 88 -3.04 -8.67 51.50
CA SER D 88 -2.99 -8.58 50.01
C SER D 88 -1.83 -7.69 49.59
N ALA D 89 -1.56 -6.64 50.36
CA ALA D 89 -0.42 -5.74 50.12
C ALA D 89 0.78 -6.43 50.74
N GLY D 90 1.23 -7.49 50.08
CA GLY D 90 2.27 -8.40 50.61
C GLY D 90 3.56 -7.66 50.89
N HIS D 91 3.80 -6.54 50.21
CA HIS D 91 5.08 -5.77 50.29
C HIS D 91 5.30 -5.28 51.72
N GLY D 92 4.23 -5.13 52.50
CA GLY D 92 4.24 -4.74 53.91
C GLY D 92 4.24 -5.97 54.81
N SER D 93 5.15 -6.90 54.51
CA SER D 93 5.22 -8.26 55.09
C SER D 93 5.58 -8.14 56.59
N MET D 94 6.55 -7.27 56.90
CA MET D 94 7.10 -7.09 58.26
C MET D 94 5.95 -6.83 59.23
N LEU D 95 5.05 -5.91 58.86
CA LEU D 95 3.81 -5.63 59.62
C LEU D 95 3.25 -6.96 60.11
N LEU D 96 3.12 -7.97 59.24
CA LEU D 96 2.53 -9.29 59.61
C LEU D 96 3.50 -10.01 60.55
N TYR D 97 4.79 -10.01 60.21
CA TYR D 97 5.84 -10.79 60.92
C TYR D 97 5.89 -10.29 62.37
N ALA D 98 6.18 -8.99 62.58
CA ALA D 98 6.02 -8.25 63.87
C ALA D 98 4.82 -8.80 64.66
N VAL D 99 3.60 -8.49 64.26
CA VAL D 99 2.39 -8.79 65.09
C VAL D 99 2.37 -10.28 65.46
N LEU D 100 2.76 -11.19 64.54
CA LEU D 100 2.72 -12.66 64.78
C LEU D 100 3.65 -13.01 65.92
N HIS D 101 4.83 -12.38 65.94
CA HIS D 101 5.85 -12.45 67.01
C HIS D 101 5.22 -11.98 68.34
N LEU D 102 5.05 -10.66 68.53
CA LEU D 102 4.49 -10.03 69.76
C LEU D 102 3.26 -10.80 70.30
N THR D 103 2.53 -11.53 69.45
CA THR D 103 1.28 -12.22 69.86
C THR D 103 1.53 -13.69 70.21
N GLY D 104 2.74 -14.21 69.92
CA GLY D 104 3.23 -15.50 70.43
C GLY D 104 3.17 -16.64 69.43
N TYR D 105 3.10 -16.34 68.13
CA TYR D 105 3.29 -17.34 67.04
C TYR D 105 4.76 -17.81 67.06
N ASP D 106 5.02 -19.06 66.65
CA ASP D 106 6.37 -19.70 66.61
C ASP D 106 7.27 -18.97 65.60
N LEU D 107 7.76 -17.78 65.94
CA LEU D 107 8.57 -16.99 64.97
C LEU D 107 9.53 -16.07 65.70
N PRO D 108 10.70 -16.62 66.11
CA PRO D 108 11.62 -15.91 67.02
C PRO D 108 12.06 -14.52 66.53
N LEU D 109 12.61 -13.72 67.44
CA LEU D 109 13.22 -12.41 67.09
C LEU D 109 14.34 -12.64 66.09
N GLU D 110 15.02 -13.80 66.18
CA GLU D 110 16.19 -14.14 65.31
C GLU D 110 15.71 -14.19 63.85
N GLU D 111 14.52 -14.72 63.60
CA GLU D 111 13.93 -14.79 62.23
C GLU D 111 13.66 -13.37 61.69
N LEU D 112 13.18 -12.43 62.51
CA LEU D 112 12.94 -11.02 62.09
C LEU D 112 14.28 -10.35 61.82
N LYS D 113 15.34 -10.86 62.44
CA LYS D 113 16.72 -10.34 62.26
C LYS D 113 17.28 -10.77 60.90
N SER D 114 16.68 -11.78 60.26
CA SER D 114 17.07 -12.34 58.92
C SER D 114 15.91 -12.20 57.93
N PHE D 115 15.11 -11.15 58.12
CA PHE D 115 14.18 -10.59 57.12
C PHE D 115 14.89 -10.56 55.76
N ARG D 116 14.31 -11.24 54.77
CA ARG D 116 14.72 -11.18 53.34
C ARG D 116 16.05 -11.90 53.12
N GLN D 117 16.54 -12.70 54.08
CA GLN D 117 17.86 -13.39 53.98
C GLN D 117 17.64 -14.87 53.69
N TRP D 118 18.66 -15.46 53.08
CA TRP D 118 18.62 -16.88 52.63
C TRP D 118 18.05 -17.79 53.74
N GLY D 119 16.99 -18.54 53.41
CA GLY D 119 16.43 -19.66 54.19
C GLY D 119 15.50 -19.21 55.32
N SER D 120 15.33 -17.91 55.55
CA SER D 120 14.61 -17.41 56.75
C SER D 120 13.10 -17.72 56.62
N LYS D 121 12.39 -17.58 57.75
CA LYS D 121 10.91 -17.63 57.82
C LYS D 121 10.33 -16.20 57.73
N THR D 122 11.11 -15.23 57.24
CA THR D 122 10.66 -13.85 56.93
C THR D 122 11.11 -13.43 55.53
N PRO D 123 10.58 -14.07 54.46
CA PRO D 123 10.89 -13.66 53.09
C PRO D 123 10.21 -12.31 52.80
N GLY D 124 10.78 -11.56 51.86
CA GLY D 124 10.36 -10.22 51.42
C GLY D 124 8.86 -10.09 51.27
N HIS D 125 8.18 -11.19 50.89
CA HIS D 125 6.71 -11.29 50.78
C HIS D 125 6.28 -12.60 51.43
N PRO D 126 5.08 -12.64 52.06
CA PRO D 126 4.67 -13.82 52.81
C PRO D 126 4.47 -15.05 51.93
N GLU D 127 4.83 -16.23 52.43
CA GLU D 127 4.60 -17.52 51.73
C GLU D 127 3.90 -18.46 52.72
N ARG D 128 2.63 -18.79 52.45
CA ARG D 128 1.88 -19.85 53.19
C ARG D 128 2.72 -21.12 53.14
N GLY D 129 3.20 -21.59 54.29
CA GLY D 129 4.03 -22.81 54.44
C GLY D 129 5.43 -22.55 54.95
N HIS D 130 5.98 -21.33 54.76
CA HIS D 130 7.33 -20.95 55.25
C HIS D 130 7.25 -20.23 56.61
N THR D 131 6.07 -19.74 56.99
CA THR D 131 5.89 -18.88 58.19
C THR D 131 4.55 -19.20 58.82
N PRO D 132 4.51 -19.68 60.08
CA PRO D 132 3.24 -20.11 60.66
C PRO D 132 2.25 -18.93 60.74
N GLY D 133 0.98 -19.17 60.41
CA GLY D 133 -0.08 -18.14 60.44
C GLY D 133 -0.07 -17.24 59.20
N VAL D 134 0.62 -17.62 58.12
CA VAL D 134 0.48 -16.98 56.78
C VAL D 134 -0.63 -17.75 56.03
N GLU D 135 -1.74 -17.06 55.79
CA GLU D 135 -2.98 -17.67 55.25
C GLU D 135 -2.85 -17.85 53.74
N VAL D 136 -2.13 -16.95 53.08
CA VAL D 136 -2.04 -16.89 51.59
C VAL D 136 -0.70 -16.29 51.19
N THR D 137 -0.08 -16.85 50.16
CA THR D 137 1.12 -16.26 49.54
C THR D 137 0.67 -15.01 48.77
N THR D 138 1.20 -13.84 49.09
CA THR D 138 0.80 -12.55 48.47
C THR D 138 2.07 -11.85 48.04
N GLY D 139 1.95 -10.62 47.52
CA GLY D 139 3.06 -9.90 46.84
C GLY D 139 2.66 -9.53 45.41
N PRO D 140 2.00 -10.44 44.66
CA PRO D 140 1.29 -10.04 43.44
C PRO D 140 -0.03 -9.34 43.82
N LEU D 141 -0.06 -8.02 43.63
CA LEU D 141 -1.23 -7.18 44.00
C LEU D 141 -2.50 -7.72 43.33
N GLY D 142 -3.51 -7.91 44.17
CA GLY D 142 -4.88 -8.32 43.83
C GLY D 142 -5.16 -9.74 44.24
N GLN D 143 -4.11 -10.56 44.36
CA GLN D 143 -4.30 -12.01 44.60
C GLN D 143 -4.94 -12.21 45.96
N GLY D 144 -4.38 -11.58 47.00
CA GLY D 144 -4.83 -11.84 48.38
C GLY D 144 -6.32 -11.52 48.56
N ILE D 145 -6.69 -10.29 48.22
CA ILE D 145 -8.10 -9.78 48.26
C ILE D 145 -9.01 -10.69 47.44
N SER D 146 -8.57 -11.11 46.26
CA SER D 146 -9.38 -11.98 45.37
C SER D 146 -9.46 -13.38 45.96
N THR D 147 -8.34 -13.88 46.49
CA THR D 147 -8.28 -15.26 47.03
C THR D 147 -9.18 -15.33 48.28
N ALA D 148 -9.30 -14.20 48.99
CA ALA D 148 -10.09 -14.12 50.26
C ALA D 148 -11.57 -14.46 49.99
N VAL D 149 -12.06 -14.17 48.78
CA VAL D 149 -13.47 -14.42 48.40
C VAL D 149 -13.69 -15.93 48.44
N GLY D 150 -12.75 -16.71 47.93
CA GLY D 150 -12.84 -18.18 48.00
C GLY D 150 -12.74 -18.67 49.44
N LEU D 151 -11.99 -17.95 50.29
CA LEU D 151 -11.87 -18.26 51.75
C LEU D 151 -13.23 -18.03 52.42
N ALA D 152 -13.79 -16.82 52.26
CA ALA D 152 -15.17 -16.44 52.67
C ALA D 152 -16.17 -17.44 52.10
N LEU D 153 -16.05 -17.77 50.80
CA LEU D 153 -17.06 -18.64 50.13
C LEU D 153 -17.05 -20.02 50.80
N ALA D 154 -15.88 -20.56 51.10
CA ALA D 154 -15.69 -21.88 51.75
C ALA D 154 -16.32 -21.87 53.16
N GLU D 155 -16.05 -20.82 53.95
CA GLU D 155 -16.70 -20.59 55.27
C GLU D 155 -18.22 -20.70 55.10
N ARG D 156 -18.82 -19.74 54.37
CA ARG D 156 -20.30 -19.62 54.18
C ARG D 156 -20.84 -20.98 53.70
N LYS D 157 -20.15 -21.64 52.76
CA LYS D 157 -20.65 -22.95 52.22
C LYS D 157 -20.54 -24.00 53.33
N LEU D 158 -19.48 -23.95 54.15
CA LEU D 158 -19.21 -25.04 55.13
C LEU D 158 -20.14 -24.90 56.35
N ALA D 159 -20.39 -23.68 56.84
CA ALA D 159 -21.46 -23.34 57.80
C ALA D 159 -22.79 -23.96 57.35
N ALA D 160 -23.19 -23.71 56.10
CA ALA D 160 -24.52 -24.11 55.57
C ALA D 160 -24.67 -25.64 55.59
N GLU D 161 -23.62 -26.39 55.26
CA GLU D 161 -23.72 -27.87 55.09
C GLU D 161 -23.79 -28.58 56.46
N PHE D 162 -23.03 -28.08 57.43
CA PHE D 162 -22.68 -28.82 58.67
C PHE D 162 -23.36 -28.20 59.91
N ASN D 163 -23.29 -26.88 60.12
CA ASN D 163 -23.97 -26.19 61.26
C ASN D 163 -25.41 -26.69 61.39
N ARG D 164 -25.79 -27.01 62.63
CA ARG D 164 -27.17 -27.43 63.00
C ARG D 164 -27.57 -26.55 64.18
N PRO D 165 -28.88 -26.42 64.49
CA PRO D 165 -29.32 -25.59 65.61
C PRO D 165 -28.63 -26.03 66.91
N GLY D 166 -27.99 -25.08 67.60
CA GLY D 166 -27.30 -25.30 68.90
C GLY D 166 -25.81 -25.59 68.71
N HIS D 167 -25.41 -26.13 67.55
CA HIS D 167 -24.05 -26.62 67.21
C HIS D 167 -23.38 -25.73 66.15
N VAL D 168 -22.92 -24.53 66.53
CA VAL D 168 -22.22 -23.57 65.62
C VAL D 168 -20.75 -23.98 65.47
N VAL D 169 -20.45 -25.01 64.65
CA VAL D 169 -19.09 -25.59 64.44
C VAL D 169 -18.29 -24.70 63.47
N VAL D 170 -18.92 -24.02 62.50
CA VAL D 170 -18.24 -23.12 61.51
C VAL D 170 -18.73 -21.68 61.69
N ASP D 171 -17.84 -20.79 62.14
CA ASP D 171 -18.15 -19.34 62.34
C ASP D 171 -16.83 -18.58 62.49
N HIS D 172 -16.30 -18.10 61.37
CA HIS D 172 -15.16 -17.15 61.35
C HIS D 172 -15.34 -16.21 60.18
N TYR D 173 -14.72 -15.05 60.34
CA TYR D 173 -14.69 -13.94 59.37
C TYR D 173 -13.41 -14.08 58.56
N THR D 174 -13.43 -13.56 57.34
CA THR D 174 -12.23 -13.40 56.50
C THR D 174 -11.93 -11.92 56.43
N TYR D 175 -10.81 -11.50 57.04
CA TYR D 175 -10.34 -10.10 57.08
C TYR D 175 -9.20 -9.96 56.08
N VAL D 176 -9.00 -8.77 55.52
CA VAL D 176 -8.01 -8.55 54.44
C VAL D 176 -7.50 -7.14 54.63
N LEU D 177 -6.22 -6.95 54.42
CA LEU D 177 -5.69 -5.57 54.26
C LEU D 177 -5.19 -5.40 52.83
N ALA D 178 -5.75 -4.43 52.07
CA ALA D 178 -5.37 -4.16 50.65
C ALA D 178 -4.75 -2.76 50.54
N SER D 179 -3.83 -2.54 49.61
CA SER D 179 -3.31 -1.20 49.24
C SER D 179 -4.09 -0.66 48.03
N ASP D 180 -3.71 0.53 47.54
CA ASP D 180 -4.27 1.14 46.31
C ASP D 180 -3.99 0.22 45.12
N GLY D 181 -2.72 -0.19 44.95
CA GLY D 181 -2.27 -1.09 43.86
C GLY D 181 -3.18 -2.30 43.73
N ASP D 182 -3.66 -2.83 44.87
CA ASP D 182 -4.57 -4.00 44.89
C ASP D 182 -5.85 -3.59 44.18
N LEU D 183 -6.31 -2.36 44.44
CA LEU D 183 -7.68 -1.96 44.06
C LEU D 183 -7.66 -1.46 42.61
N MET D 184 -6.50 -1.02 42.13
CA MET D 184 -6.21 -0.72 40.70
C MET D 184 -6.21 -2.00 39.85
N GLU D 185 -5.66 -3.12 40.34
CA GLU D 185 -5.61 -4.43 39.62
C GLU D 185 -7.03 -4.91 39.29
N GLY D 186 -7.25 -5.31 38.04
CA GLY D 186 -8.56 -5.77 37.54
C GLY D 186 -9.13 -6.94 38.31
N VAL D 187 -8.32 -7.93 38.72
CA VAL D 187 -8.84 -9.17 39.39
C VAL D 187 -9.59 -8.80 40.69
N SER D 188 -9.20 -7.75 41.40
CA SER D 188 -9.92 -7.35 42.65
C SER D 188 -11.38 -6.95 42.33
N GLY D 189 -11.60 -6.19 41.24
CA GLY D 189 -12.96 -5.78 40.80
C GLY D 189 -13.78 -7.00 40.45
N GLU D 190 -13.19 -7.90 39.67
CA GLU D 190 -13.88 -9.14 39.28
C GLU D 190 -14.37 -9.83 40.55
N ALA D 191 -13.46 -9.94 41.54
CA ALA D 191 -13.66 -10.71 42.77
C ALA D 191 -14.76 -10.05 43.61
N ALA D 192 -14.65 -8.73 43.81
CA ALA D 192 -15.63 -7.84 44.48
C ALA D 192 -17.02 -7.98 43.84
N SER D 193 -17.12 -8.03 42.51
CA SER D 193 -18.42 -8.15 41.80
C SER D 193 -19.09 -9.46 42.25
N LEU D 194 -18.31 -10.54 42.29
CA LEU D 194 -18.79 -11.89 42.64
C LEU D 194 -19.13 -12.00 44.14
N ALA D 195 -18.28 -11.45 45.01
CA ALA D 195 -18.50 -11.49 46.46
C ALA D 195 -19.82 -10.75 46.75
N GLY D 196 -19.98 -9.55 46.17
CA GLY D 196 -21.22 -8.75 46.17
C GLY D 196 -22.40 -9.60 45.75
N HIS D 197 -22.40 -10.07 44.50
CA HIS D 197 -23.46 -10.95 43.96
C HIS D 197 -23.79 -12.05 44.98
N TRP D 198 -22.75 -12.62 45.60
CA TRP D 198 -22.81 -13.82 46.46
C TRP D 198 -23.22 -13.47 47.89
N GLY D 199 -23.11 -12.20 48.29
CA GLY D 199 -23.56 -11.67 49.60
C GLY D 199 -22.76 -12.24 50.74
N LEU D 200 -21.43 -12.09 50.68
CA LEU D 200 -20.48 -12.71 51.64
C LEU D 200 -20.20 -11.69 52.76
N SER D 201 -21.12 -11.67 53.73
CA SER D 201 -21.20 -10.76 54.92
C SER D 201 -19.91 -10.83 55.75
N LYS D 202 -19.31 -12.02 55.82
CA LYS D 202 -18.22 -12.36 56.77
C LYS D 202 -16.86 -11.89 56.22
N LEU D 203 -16.84 -11.40 54.98
CA LEU D 203 -15.63 -10.86 54.32
C LEU D 203 -15.50 -9.37 54.61
N ILE D 204 -14.41 -8.94 55.26
CA ILE D 204 -14.23 -7.51 55.61
C ILE D 204 -12.85 -7.12 55.15
N VAL D 205 -12.74 -5.99 54.49
CA VAL D 205 -11.49 -5.56 53.80
C VAL D 205 -11.18 -4.16 54.26
N PHE D 206 -9.95 -3.96 54.72
CA PHE D 206 -9.39 -2.64 55.04
C PHE D 206 -8.57 -2.22 53.83
N TRP D 207 -8.82 -1.02 53.34
CA TRP D 207 -7.98 -0.42 52.27
C TRP D 207 -7.19 0.70 52.91
N ASP D 208 -5.87 0.68 52.74
CA ASP D 208 -4.99 1.77 53.23
C ASP D 208 -5.14 2.90 52.23
N ASP D 209 -6.01 3.87 52.55
CA ASP D 209 -6.28 5.03 51.66
C ASP D 209 -5.23 6.11 51.95
N ASN D 210 -4.00 5.94 51.49
CA ASN D 210 -2.87 6.81 51.91
C ASN D 210 -2.40 7.70 50.78
N ARG D 211 -3.03 7.71 49.60
CA ARG D 211 -2.76 8.70 48.51
C ARG D 211 -1.33 8.58 47.99
N ILE D 212 -0.65 7.46 48.24
CA ILE D 212 0.72 7.24 47.69
C ILE D 212 0.84 5.83 47.09
N SER D 213 1.52 5.83 45.95
CA SER D 213 1.94 4.69 45.08
C SER D 213 3.43 4.86 44.82
N ILE D 214 4.07 3.94 44.11
CA ILE D 214 5.54 4.00 43.81
C ILE D 214 5.82 5.22 42.94
N ASP D 215 4.95 5.47 41.96
CA ASP D 215 5.24 6.50 40.93
C ASP D 215 5.17 7.89 41.57
N GLY D 216 4.46 8.01 42.68
CA GLY D 216 4.32 9.24 43.46
C GLY D 216 2.93 9.32 44.06
N PRO D 217 2.30 10.53 44.07
CA PRO D 217 0.91 10.69 44.51
C PRO D 217 -0.03 9.83 43.65
N THR D 218 -1.01 9.14 44.25
CA THR D 218 -1.95 8.24 43.54
C THR D 218 -2.71 8.99 42.42
N ASP D 219 -3.02 10.28 42.62
CA ASP D 219 -3.78 11.08 41.64
C ASP D 219 -2.89 11.37 40.43
N LEU D 220 -1.73 10.70 40.31
CA LEU D 220 -0.99 10.65 39.03
C LEU D 220 -1.72 9.70 38.07
N ALA D 221 -2.60 8.82 38.57
CA ALA D 221 -3.17 7.71 37.77
C ALA D 221 -4.32 6.98 38.48
N PHE D 222 -4.76 7.41 39.66
CA PHE D 222 -5.81 6.69 40.43
C PHE D 222 -6.72 7.70 41.16
N THR D 223 -7.71 8.24 40.45
CA THR D 223 -8.62 9.29 40.97
C THR D 223 -10.06 8.78 41.03
N GLU D 224 -10.27 7.49 40.76
CA GLU D 224 -11.61 6.90 40.80
C GLU D 224 -12.18 7.15 42.19
N ASP D 225 -13.49 7.00 42.35
CA ASP D 225 -14.22 7.06 43.63
C ASP D 225 -14.45 5.63 44.08
N VAL D 226 -13.49 5.07 44.83
CA VAL D 226 -13.40 3.62 45.16
C VAL D 226 -14.65 3.13 45.86
N LEU D 227 -15.07 3.86 46.88
CA LEU D 227 -16.24 3.44 47.71
C LEU D 227 -17.52 3.40 46.84
N ALA D 228 -17.73 4.40 45.98
CA ALA D 228 -18.89 4.40 45.05
C ALA D 228 -18.84 3.11 44.19
N ARG D 229 -17.67 2.77 43.64
CA ARG D 229 -17.49 1.55 42.81
C ARG D 229 -17.87 0.33 43.65
N TYR D 230 -17.41 0.28 44.90
CA TYR D 230 -17.65 -0.90 45.77
C TYR D 230 -19.15 -0.97 46.12
N ARG D 231 -19.81 0.18 46.28
CA ARG D 231 -21.29 0.20 46.44
C ARG D 231 -21.93 -0.41 45.19
N ALA D 232 -21.46 -0.05 43.98
CA ALA D 232 -21.95 -0.66 42.70
C ALA D 232 -21.88 -2.19 42.78
N TYR D 233 -20.81 -2.78 43.37
CA TYR D 233 -20.74 -4.27 43.49
C TYR D 233 -21.72 -4.84 44.52
N GLY D 234 -22.49 -4.00 45.21
CA GLY D 234 -23.31 -4.40 46.39
C GLY D 234 -22.45 -4.57 47.65
N TRP D 235 -21.46 -3.71 47.85
CA TRP D 235 -20.62 -3.71 49.09
C TRP D 235 -21.12 -2.62 50.05
N GLN D 236 -21.13 -2.90 51.36
CA GLN D 236 -21.08 -1.86 52.42
C GLN D 236 -19.72 -1.16 52.31
N THR D 237 -19.71 0.17 52.25
CA THR D 237 -18.47 1.00 52.29
C THR D 237 -18.53 1.86 53.55
N LEU D 238 -17.61 1.64 54.46
CA LEU D 238 -17.43 2.49 55.66
C LEU D 238 -16.12 3.22 55.52
N ARG D 239 -15.95 4.24 56.34
CA ARG D 239 -14.81 5.16 56.24
C ARG D 239 -14.35 5.46 57.67
N VAL D 240 -13.03 5.56 57.85
CA VAL D 240 -12.36 5.94 59.12
C VAL D 240 -11.25 6.93 58.72
N GLU D 241 -11.26 8.13 59.30
CA GLU D 241 -10.46 9.28 58.79
C GLU D 241 -9.03 9.26 59.37
N ASP D 242 -8.76 8.40 60.35
CA ASP D 242 -7.39 8.08 60.86
C ASP D 242 -7.37 6.72 61.56
N VAL D 243 -6.50 5.83 61.07
CA VAL D 243 -6.25 4.45 61.59
C VAL D 243 -5.87 4.48 63.08
N ASN D 244 -5.13 5.52 63.51
CA ASN D 244 -4.66 5.76 64.91
C ASN D 244 -5.83 5.86 65.90
N ASP D 245 -6.95 6.45 65.47
CA ASP D 245 -8.20 6.40 66.26
C ASP D 245 -8.68 4.94 66.27
N LEU D 246 -8.09 4.17 67.16
CA LEU D 246 -8.49 2.76 67.40
C LEU D 246 -10.01 2.71 67.61
N GLU D 247 -10.59 3.72 68.25
CA GLU D 247 -12.02 3.69 68.65
C GLU D 247 -12.89 3.58 67.38
N ALA D 248 -12.61 4.44 66.39
CA ALA D 248 -13.25 4.47 65.06
C ALA D 248 -13.24 3.07 64.41
N LEU D 249 -12.09 2.40 64.45
CA LEU D 249 -11.88 1.06 63.81
C LEU D 249 -12.76 0.01 64.50
N ARG D 250 -12.76 -0.04 65.84
CA ARG D 250 -13.68 -0.91 66.63
C ARG D 250 -15.11 -0.62 66.17
N LYS D 251 -15.43 0.66 65.90
CA LYS D 251 -16.80 1.13 65.53
C LYS D 251 -17.18 0.61 64.15
N ALA D 252 -16.38 0.97 63.12
CA ALA D 252 -16.50 0.51 61.72
C ALA D 252 -16.73 -1.01 61.67
N ILE D 253 -15.91 -1.79 62.37
CA ILE D 253 -15.92 -3.30 62.34
C ILE D 253 -17.19 -3.79 63.03
N LYS D 254 -17.58 -3.13 64.13
CA LYS D 254 -18.90 -3.37 64.78
C LYS D 254 -20.01 -3.21 63.71
N LEU D 255 -20.00 -2.12 62.93
CA LEU D 255 -21.04 -1.86 61.89
C LEU D 255 -20.96 -2.95 60.80
N ALA D 256 -19.74 -3.20 60.27
CA ALA D 256 -19.46 -4.23 59.24
C ALA D 256 -20.11 -5.58 59.63
N LYS D 257 -19.93 -6.03 60.88
CA LYS D 257 -20.41 -7.36 61.36
C LYS D 257 -21.94 -7.43 61.36
N LEU D 258 -22.61 -6.28 61.48
CA LEU D 258 -24.10 -6.22 61.50
C LEU D 258 -24.64 -6.38 60.08
N ASP D 259 -23.83 -6.10 59.06
CA ASP D 259 -24.27 -5.93 57.65
C ASP D 259 -24.25 -7.25 56.87
N GLU D 260 -25.30 -7.49 56.06
CA GLU D 260 -25.54 -8.75 55.30
C GLU D 260 -24.67 -8.84 54.02
N ARG D 261 -23.92 -7.78 53.67
CA ARG D 261 -23.04 -7.71 52.48
C ARG D 261 -21.58 -7.68 52.91
N PRO D 262 -20.62 -8.05 52.03
CA PRO D 262 -19.20 -7.94 52.34
C PRO D 262 -18.98 -6.45 52.61
N THR D 263 -18.00 -6.12 53.45
CA THR D 263 -17.69 -4.72 53.80
C THR D 263 -16.29 -4.38 53.29
N LEU D 264 -16.14 -3.19 52.71
CA LEU D 264 -14.83 -2.57 52.41
C LEU D 264 -14.74 -1.32 53.27
N ILE D 265 -13.71 -1.22 54.10
CA ILE D 265 -13.50 -0.13 55.09
C ILE D 265 -12.29 0.69 54.65
N ALA D 266 -12.54 1.89 54.10
CA ALA D 266 -11.50 2.81 53.60
C ALA D 266 -10.83 3.47 54.80
N VAL D 267 -9.60 3.06 55.10
CA VAL D 267 -8.90 3.47 56.34
C VAL D 267 -7.77 4.43 55.94
N ARG D 268 -7.98 5.69 56.27
CA ARG D 268 -6.99 6.74 55.96
C ARG D 268 -5.80 6.51 56.89
N SER D 269 -4.62 6.86 56.41
CA SER D 269 -3.32 6.49 57.03
C SER D 269 -2.29 7.30 56.28
N HIS D 270 -1.15 7.58 56.91
CA HIS D 270 0.03 8.22 56.25
C HIS D 270 1.08 7.12 56.07
N ILE D 271 1.40 6.78 54.82
CA ILE D 271 2.67 6.07 54.46
C ILE D 271 3.81 6.82 55.17
N GLY D 272 4.62 6.11 55.98
CA GLY D 272 5.87 6.60 56.58
C GLY D 272 5.67 7.31 57.91
N PHE D 273 4.68 6.88 58.70
CA PHE D 273 4.12 7.57 59.89
C PHE D 273 5.20 7.79 60.96
N GLY D 274 5.81 8.98 60.97
CA GLY D 274 6.75 9.41 62.02
C GLY D 274 8.02 10.01 61.45
N SER D 275 8.39 9.69 60.21
CA SER D 275 9.71 10.04 59.60
C SER D 275 9.59 11.32 58.77
N PRO D 276 10.73 11.96 58.38
CA PRO D 276 10.76 13.01 57.37
C PRO D 276 10.49 12.57 55.92
N LYS D 277 9.98 11.35 55.74
CA LYS D 277 9.52 10.79 54.45
C LYS D 277 8.07 10.33 54.57
N GLN D 278 7.28 10.93 55.48
CA GLN D 278 5.82 10.64 55.57
C GLN D 278 5.14 11.21 54.31
N ASP D 279 4.07 10.56 53.82
CA ASP D 279 3.28 11.00 52.64
C ASP D 279 4.24 11.22 51.49
N SER D 280 5.15 10.26 51.27
CA SER D 280 6.22 10.29 50.25
C SER D 280 6.34 8.90 49.62
N ALA D 281 6.65 8.85 48.33
CA ALA D 281 7.02 7.61 47.59
C ALA D 281 8.28 7.01 48.22
N LYS D 282 9.24 7.86 48.59
CA LYS D 282 10.60 7.48 49.07
C LYS D 282 10.53 6.73 50.41
N ALA D 283 9.33 6.48 50.95
CA ALA D 283 9.12 5.69 52.18
C ALA D 283 8.41 4.37 51.86
N HIS D 284 8.20 4.10 50.58
CA HIS D 284 7.37 2.95 50.12
C HIS D 284 8.17 1.66 50.26
N GLY D 285 9.31 1.57 49.56
CA GLY D 285 10.05 0.32 49.31
C GLY D 285 11.54 0.53 49.20
N GLU D 286 12.07 1.37 50.09
CA GLU D 286 13.53 1.47 50.40
C GLU D 286 13.65 1.64 51.92
N PRO D 287 14.85 1.39 52.49
CA PRO D 287 15.02 1.52 53.94
C PRO D 287 14.98 3.03 54.28
N LEU D 288 14.47 3.38 55.46
CA LEU D 288 14.42 4.80 55.92
C LEU D 288 15.83 5.42 55.90
N GLY D 289 16.85 4.66 56.30
CA GLY D 289 18.23 5.16 56.48
C GLY D 289 18.46 5.65 57.91
N PRO D 290 19.57 6.38 58.17
CA PRO D 290 20.00 6.62 59.54
C PRO D 290 19.20 7.77 60.18
N GLU D 291 19.44 9.00 59.69
CA GLU D 291 18.74 10.24 60.12
C GLU D 291 17.26 9.93 60.37
N ALA D 292 16.62 9.35 59.36
CA ALA D 292 15.17 9.11 59.28
C ALA D 292 14.76 8.07 60.34
N VAL D 293 15.57 7.04 60.57
CA VAL D 293 15.36 6.06 61.68
C VAL D 293 15.39 6.84 63.02
N GLU D 294 16.36 7.75 63.17
CA GLU D 294 16.57 8.49 64.45
C GLU D 294 15.46 9.53 64.62
N ALA D 295 15.28 10.41 63.62
CA ALA D 295 14.20 11.42 63.59
C ALA D 295 12.84 10.75 63.86
N THR D 296 12.64 9.49 63.45
CA THR D 296 11.42 8.68 63.74
C THR D 296 11.37 8.23 65.20
N ARG D 297 12.48 7.69 65.71
CA ARG D 297 12.67 7.32 67.14
C ARG D 297 12.37 8.54 68.03
N ARG D 298 12.96 9.71 67.72
CA ARG D 298 12.71 10.99 68.43
C ARG D 298 11.20 11.29 68.36
N ASN D 299 10.64 11.37 67.14
CA ASN D 299 9.26 11.87 66.88
C ASN D 299 8.20 11.07 67.65
N LEU D 300 8.36 9.76 67.82
CA LEU D 300 7.32 8.93 68.49
C LEU D 300 7.75 8.58 69.92
N GLY D 301 8.85 9.18 70.39
CA GLY D 301 9.40 8.94 71.75
C GLY D 301 9.60 7.45 71.96
N TRP D 302 10.44 6.85 71.12
CA TRP D 302 10.89 5.44 71.22
C TRP D 302 12.38 5.44 71.54
N PRO D 303 12.79 5.13 72.80
CA PRO D 303 14.20 5.02 73.16
C PRO D 303 14.84 3.64 72.87
N TYR D 304 14.03 2.57 72.85
CA TYR D 304 14.47 1.15 72.74
C TYR D 304 15.30 0.96 71.47
N PRO D 305 16.46 0.26 71.56
CA PRO D 305 17.33 0.04 70.40
C PRO D 305 16.85 -1.13 69.55
N PRO D 306 17.37 -1.28 68.31
CA PRO D 306 16.77 -2.21 67.34
C PRO D 306 16.39 -3.57 67.95
N PHE D 307 15.17 -4.04 67.66
CA PHE D 307 14.68 -5.42 67.93
C PHE D 307 14.34 -5.63 69.40
N VAL D 308 14.55 -4.62 70.25
CA VAL D 308 14.20 -4.70 71.70
C VAL D 308 12.78 -4.19 71.87
N VAL D 309 11.88 -5.07 72.29
CA VAL D 309 10.48 -4.72 72.67
C VAL D 309 10.36 -4.82 74.19
N PRO D 310 9.96 -3.74 74.89
CA PRO D 310 9.78 -3.78 76.34
C PRO D 310 8.87 -4.95 76.71
N GLU D 311 9.20 -5.62 77.80
CA GLU D 311 8.55 -6.87 78.25
C GLU D 311 7.05 -6.61 78.39
N GLU D 312 6.69 -5.48 79.01
CA GLU D 312 5.28 -5.07 79.27
C GLU D 312 4.41 -5.36 78.02
N VAL D 313 4.98 -5.18 76.82
CA VAL D 313 4.31 -5.38 75.51
C VAL D 313 4.12 -6.88 75.26
N TYR D 314 5.20 -7.67 75.33
CA TYR D 314 5.14 -9.13 75.14
C TYR D 314 4.03 -9.73 76.01
N ARG D 315 3.93 -9.28 77.26
CA ARG D 315 2.91 -9.79 78.22
C ARG D 315 1.53 -9.29 77.78
N HIS D 316 1.44 -8.01 77.38
CA HIS D 316 0.21 -7.36 76.82
C HIS D 316 -0.28 -8.14 75.60
N MET D 317 0.57 -8.27 74.57
CA MET D 317 0.19 -8.78 73.23
C MET D 317 0.07 -10.31 73.22
N ASP D 318 0.54 -11.02 74.25
CA ASP D 318 0.60 -12.51 74.18
C ASP D 318 -0.83 -13.06 74.11
N MET D 319 -1.15 -13.82 73.05
CA MET D 319 -2.52 -14.37 72.79
C MET D 319 -2.54 -15.90 72.95
N ARG D 320 -1.53 -16.49 73.60
CA ARG D 320 -1.43 -17.97 73.72
C ARG D 320 -2.62 -18.53 74.52
N GLU D 321 -2.94 -17.90 75.65
CA GLU D 321 -4.00 -18.36 76.59
C GLU D 321 -5.37 -18.06 75.97
N LYS D 322 -5.60 -16.83 75.52
CA LYS D 322 -6.85 -16.46 74.80
C LYS D 322 -7.01 -17.47 73.66
N GLY D 323 -5.86 -17.88 73.06
CA GLY D 323 -5.71 -18.91 72.02
C GLY D 323 -6.36 -20.24 72.34
N ARG D 324 -5.86 -20.99 73.33
CA ARG D 324 -6.39 -22.35 73.66
C ARG D 324 -7.80 -22.22 74.25
N ALA D 325 -8.10 -21.11 74.95
CA ALA D 325 -9.47 -20.77 75.37
C ALA D 325 -10.37 -20.93 74.14
N TRP D 326 -10.09 -20.15 73.09
CA TRP D 326 -10.86 -20.13 71.82
C TRP D 326 -10.82 -21.53 71.16
N GLN D 327 -9.65 -22.17 71.07
CA GLN D 327 -9.56 -23.50 70.41
C GLN D 327 -10.32 -24.53 71.27
N GLU D 328 -9.97 -24.69 72.56
CA GLU D 328 -10.62 -25.68 73.45
C GLU D 328 -12.15 -25.58 73.29
N ALA D 329 -12.73 -24.39 73.47
CA ALA D 329 -14.20 -24.17 73.43
C ALA D 329 -14.73 -24.78 72.12
N TRP D 330 -14.03 -24.56 71.00
CA TRP D 330 -14.35 -25.14 69.67
C TRP D 330 -14.21 -26.68 69.72
N GLU D 331 -13.11 -27.19 70.25
CA GLU D 331 -12.87 -28.66 70.35
C GLU D 331 -13.99 -29.30 71.16
N LYS D 332 -14.48 -28.59 72.19
CA LYS D 332 -15.57 -29.05 73.11
C LYS D 332 -16.90 -29.12 72.33
N ALA D 333 -17.22 -28.07 71.57
CA ALA D 333 -18.47 -27.98 70.79
C ALA D 333 -18.49 -29.07 69.69
N LEU D 334 -17.30 -29.53 69.25
CA LEU D 334 -17.14 -30.64 68.27
C LEU D 334 -17.46 -32.00 68.92
N GLU D 335 -17.12 -32.18 70.20
CA GLU D 335 -17.41 -33.46 70.93
C GLU D 335 -18.92 -33.70 70.90
N ALA D 336 -19.71 -32.67 71.26
CA ALA D 336 -21.20 -32.67 71.30
C ALA D 336 -21.79 -32.89 69.90
N TYR D 337 -21.18 -32.29 68.86
CA TYR D 337 -21.59 -32.46 67.44
C TYR D 337 -21.45 -33.94 67.07
N ALA D 338 -20.30 -34.57 67.36
CA ALA D 338 -20.04 -36.01 67.11
C ALA D 338 -21.22 -36.82 67.69
N ARG D 339 -21.46 -36.63 68.99
CA ARG D 339 -22.53 -37.30 69.78
C ARG D 339 -23.92 -36.99 69.20
N ALA D 340 -24.19 -35.74 68.80
CA ALA D 340 -25.50 -35.27 68.26
C ALA D 340 -25.69 -35.70 66.79
N TYR D 341 -24.68 -35.47 65.93
CA TYR D 341 -24.70 -35.79 64.48
C TYR D 341 -23.45 -36.59 64.12
N PRO D 342 -23.49 -37.94 64.22
CA PRO D 342 -22.27 -38.76 64.17
C PRO D 342 -21.64 -38.88 62.78
N ASP D 343 -22.44 -39.18 61.75
CA ASP D 343 -21.99 -39.39 60.35
C ASP D 343 -21.57 -38.04 59.72
N LEU D 344 -22.18 -36.92 60.12
CA LEU D 344 -21.87 -35.57 59.55
C LEU D 344 -20.57 -35.05 60.17
N HIS D 345 -20.16 -35.58 61.32
CA HIS D 345 -18.91 -35.25 62.08
C HIS D 345 -17.72 -36.06 61.53
N GLN D 346 -17.96 -37.32 61.19
CA GLN D 346 -16.95 -38.23 60.59
C GLN D 346 -16.67 -37.82 59.14
N GLU D 347 -17.61 -37.16 58.47
CA GLU D 347 -17.44 -36.59 57.10
C GLU D 347 -16.73 -35.25 57.22
N LEU D 348 -17.26 -34.35 58.07
CA LEU D 348 -16.68 -33.01 58.30
C LEU D 348 -15.20 -33.18 58.61
N MET D 349 -14.88 -34.16 59.44
CA MET D 349 -13.48 -34.33 59.92
C MET D 349 -12.68 -35.01 58.79
N ARG D 350 -13.31 -35.86 57.99
CA ARG D 350 -12.67 -36.45 56.78
C ARG D 350 -12.22 -35.30 55.86
N ARG D 351 -13.18 -34.45 55.50
CA ARG D 351 -12.97 -33.35 54.54
C ARG D 351 -11.99 -32.33 55.14
N LEU D 352 -12.07 -32.06 56.44
CA LEU D 352 -11.16 -31.08 57.09
C LEU D 352 -9.72 -31.64 57.12
N ARG D 353 -9.54 -32.96 57.02
CA ARG D 353 -8.18 -33.58 56.97
C ARG D 353 -7.71 -33.79 55.52
N GLY D 354 -8.51 -33.47 54.51
CA GLY D 354 -8.13 -33.63 53.08
C GLY D 354 -8.03 -35.09 52.66
N GLU D 355 -8.74 -35.98 53.35
CA GLU D 355 -8.74 -37.45 53.06
C GLU D 355 -9.80 -37.74 51.98
N LEU D 356 -9.37 -38.23 50.82
CA LEU D 356 -10.27 -38.70 49.74
C LEU D 356 -11.07 -39.90 50.24
N PRO D 357 -12.38 -40.01 49.93
CA PRO D 357 -13.07 -41.29 50.02
C PRO D 357 -12.48 -42.32 49.07
N PRO D 358 -12.91 -43.60 49.16
CA PRO D 358 -12.54 -44.59 48.18
C PRO D 358 -13.37 -44.25 46.93
N LEU D 359 -12.73 -44.16 45.77
CA LEU D 359 -13.39 -43.74 44.51
C LEU D 359 -13.35 -44.90 43.54
N PRO D 360 -14.28 -44.96 42.55
CA PRO D 360 -14.19 -45.97 41.51
C PRO D 360 -12.76 -45.85 40.98
N GLU D 361 -12.23 -46.93 40.42
CA GLU D 361 -10.95 -46.91 39.67
C GLU D 361 -11.24 -47.60 38.34
N GLU D 362 -12.46 -47.40 37.85
CA GLU D 362 -12.96 -48.00 36.59
C GLU D 362 -13.70 -46.92 35.80
N PRO D 363 -13.34 -46.68 34.52
CA PRO D 363 -13.95 -45.61 33.74
C PRO D 363 -15.39 -45.94 33.34
N PRO D 364 -16.27 -44.93 33.25
CA PRO D 364 -17.61 -45.10 32.67
C PRO D 364 -17.56 -45.77 31.28
N SER D 365 -18.71 -46.26 30.84
CA SER D 365 -18.92 -46.99 29.55
C SER D 365 -19.09 -45.99 28.42
N PHE D 366 -18.47 -46.27 27.27
CA PHE D 366 -18.47 -45.42 26.06
C PHE D 366 -18.57 -46.33 24.82
N ASP D 367 -19.61 -46.15 24.00
CA ASP D 367 -19.85 -46.96 22.78
C ASP D 367 -19.30 -46.22 21.56
N LYS D 368 -19.36 -44.88 21.50
CA LYS D 368 -19.03 -44.14 20.25
C LYS D 368 -18.01 -43.00 20.49
N PRO D 369 -17.40 -42.49 19.39
CA PRO D 369 -16.40 -41.41 19.49
C PRO D 369 -17.01 -40.23 20.24
N ILE D 370 -16.20 -39.51 21.01
CA ILE D 370 -16.69 -38.46 21.94
C ILE D 370 -15.53 -37.52 22.27
N ALA D 371 -15.81 -36.21 22.32
CA ALA D 371 -14.88 -35.17 22.78
C ALA D 371 -14.46 -35.52 24.21
N THR D 372 -13.23 -35.18 24.59
CA THR D 372 -12.72 -35.44 25.96
C THR D 372 -13.47 -34.54 26.93
N ARG D 373 -13.96 -33.39 26.48
CA ARG D 373 -14.74 -32.49 27.37
C ARG D 373 -16.06 -33.18 27.74
N ALA D 374 -16.72 -33.82 26.77
CA ALA D 374 -17.96 -34.60 27.02
C ALA D 374 -17.58 -35.78 27.95
N ALA D 375 -16.50 -36.51 27.64
CA ALA D 375 -16.02 -37.65 28.45
C ALA D 375 -15.57 -37.17 29.82
N SER D 376 -15.09 -35.91 29.94
CA SER D 376 -14.82 -35.29 31.26
C SER D 376 -16.14 -35.28 32.01
N GLY D 377 -17.15 -34.66 31.41
CA GLY D 377 -18.53 -34.58 31.94
C GLY D 377 -19.06 -35.91 32.46
N ARG D 378 -18.82 -37.01 31.72
CA ARG D 378 -19.27 -38.38 32.13
C ARG D 378 -18.48 -38.86 33.36
N ALA D 379 -17.17 -38.59 33.41
CA ALA D 379 -16.27 -38.98 34.54
C ALA D 379 -16.71 -38.27 35.83
N LEU D 380 -17.16 -37.01 35.71
CA LEU D 380 -17.64 -36.22 36.87
C LEU D 380 -18.99 -36.79 37.34
N ASN D 381 -19.85 -37.17 36.41
CA ASN D 381 -21.20 -37.74 36.72
C ASN D 381 -21.00 -38.99 37.59
N LEU D 382 -19.96 -39.78 37.30
CA LEU D 382 -19.53 -40.94 38.14
C LEU D 382 -18.97 -40.41 39.47
N LEU D 383 -18.06 -39.45 39.47
CA LEU D 383 -17.25 -39.08 40.67
C LEU D 383 -18.02 -38.19 41.66
N ALA D 384 -18.73 -37.15 41.19
CA ALA D 384 -19.27 -36.08 42.07
C ALA D 384 -20.20 -36.67 43.12
N PRO D 385 -21.19 -37.52 42.76
CA PRO D 385 -22.03 -38.22 43.74
C PRO D 385 -21.32 -38.65 45.04
N ARG D 386 -20.15 -39.30 44.98
CA ARG D 386 -19.47 -39.79 46.21
C ARG D 386 -18.34 -38.86 46.66
N LEU D 387 -18.41 -37.59 46.26
CA LEU D 387 -17.42 -36.54 46.64
C LEU D 387 -18.17 -35.29 47.08
N PRO D 388 -18.74 -35.25 48.31
CA PRO D 388 -19.48 -34.06 48.74
C PRO D 388 -18.59 -32.82 48.98
N GLU D 389 -17.26 -32.94 48.99
CA GLU D 389 -16.32 -31.77 49.04
C GLU D 389 -16.12 -31.16 47.64
N LEU D 390 -16.47 -31.89 46.56
CA LEU D 390 -16.12 -31.48 45.17
C LEU D 390 -17.06 -30.37 44.70
N LEU D 391 -16.50 -29.18 44.48
CA LEU D 391 -17.18 -28.05 43.80
C LEU D 391 -16.73 -27.96 42.33
N GLY D 392 -17.68 -27.81 41.42
CA GLY D 392 -17.47 -27.53 39.98
C GLY D 392 -17.88 -26.12 39.62
N GLY D 393 -17.44 -25.61 38.48
CA GLY D 393 -17.79 -24.24 38.04
C GLY D 393 -17.21 -23.95 36.67
N SER D 394 -17.61 -22.83 36.08
CA SER D 394 -17.15 -22.35 34.76
C SER D 394 -17.25 -20.83 34.72
N ALA D 395 -16.35 -20.18 33.98
CA ALA D 395 -16.38 -18.74 33.68
C ALA D 395 -17.28 -18.52 32.45
N ASP D 396 -18.59 -18.81 32.60
CA ASP D 396 -19.67 -18.55 31.61
C ASP D 396 -19.45 -19.44 30.38
N LEU D 397 -19.02 -20.68 30.61
CA LEU D 397 -18.82 -21.71 29.56
C LEU D 397 -19.30 -23.07 30.12
N THR D 398 -20.27 -23.05 31.05
CA THR D 398 -20.86 -24.27 31.66
C THR D 398 -21.27 -25.23 30.54
N PRO D 399 -22.03 -24.81 29.48
CA PRO D 399 -22.49 -25.75 28.46
C PRO D 399 -21.38 -26.28 27.55
N SER D 400 -20.28 -25.53 27.43
CA SER D 400 -19.20 -25.79 26.47
C SER D 400 -18.05 -26.56 27.13
N ASN D 401 -17.99 -26.52 28.46
CA ASN D 401 -16.88 -27.07 29.29
C ASN D 401 -17.28 -28.40 29.96
N ASN D 402 -18.58 -28.72 30.01
CA ASN D 402 -19.10 -29.96 30.66
C ASN D 402 -18.66 -30.05 32.12
N THR D 403 -18.77 -28.94 32.84
CA THR D 403 -18.23 -28.79 34.22
C THR D 403 -19.31 -28.99 35.27
N LYS D 404 -20.60 -28.88 34.92
CA LYS D 404 -21.71 -29.11 35.88
C LYS D 404 -22.04 -30.61 35.90
N ALA D 405 -21.56 -31.32 36.91
CA ALA D 405 -21.84 -32.76 37.16
C ALA D 405 -23.34 -32.94 37.44
N GLU D 406 -23.96 -34.00 36.91
CA GLU D 406 -25.40 -34.25 37.16
C GLU D 406 -25.57 -34.44 38.67
N GLY D 407 -26.61 -33.85 39.23
CA GLY D 407 -26.93 -33.87 40.67
C GLY D 407 -26.48 -32.61 41.36
N MET D 408 -25.49 -31.92 40.77
CA MET D 408 -24.99 -30.60 41.27
C MET D 408 -26.07 -29.54 41.08
N GLU D 409 -26.05 -28.49 41.92
CA GLU D 409 -26.99 -27.36 41.79
C GLU D 409 -26.23 -26.04 41.91
N ASP D 410 -26.72 -25.02 41.19
CA ASP D 410 -26.26 -23.62 41.31
C ASP D 410 -26.18 -23.29 42.80
N PHE D 411 -25.03 -22.72 43.21
CA PHE D 411 -24.87 -21.97 44.47
C PHE D 411 -25.47 -20.57 44.28
N SER D 412 -26.16 -20.04 45.28
CA SER D 412 -26.59 -18.63 45.32
C SER D 412 -26.76 -18.21 46.78
N ARG D 413 -26.99 -16.92 47.04
CA ARG D 413 -27.42 -16.41 48.37
C ARG D 413 -28.57 -17.29 48.91
N ALA D 414 -29.52 -17.65 48.04
CA ALA D 414 -30.81 -18.33 48.36
C ALA D 414 -30.62 -19.85 48.53
N ASN D 415 -29.72 -20.47 47.75
CA ASN D 415 -29.43 -21.93 47.80
C ASN D 415 -27.94 -22.12 48.06
N PRO D 416 -27.43 -21.75 49.27
CA PRO D 416 -25.99 -21.81 49.56
C PRO D 416 -25.41 -23.23 49.66
N LEU D 417 -26.25 -24.27 49.62
CA LEU D 417 -25.80 -25.69 49.53
C LEU D 417 -25.33 -26.05 48.12
N GLY D 418 -25.73 -25.27 47.10
CA GLY D 418 -25.34 -25.51 45.70
C GLY D 418 -23.84 -25.78 45.52
N ARG D 419 -23.50 -26.89 44.87
CA ARG D 419 -22.09 -27.33 44.63
C ARG D 419 -21.55 -26.83 43.28
N TYR D 420 -22.37 -26.17 42.44
CA TYR D 420 -21.89 -25.64 41.13
C TYR D 420 -21.79 -24.12 41.20
N LEU D 421 -20.75 -23.54 40.57
CA LEU D 421 -20.42 -22.09 40.67
C LEU D 421 -20.35 -21.43 39.29
N HIS D 422 -21.32 -20.56 38.99
CA HIS D 422 -21.32 -19.63 37.84
C HIS D 422 -20.40 -18.48 38.25
N PHE D 423 -19.26 -18.38 37.59
CA PHE D 423 -18.25 -17.33 37.83
C PHE D 423 -18.45 -16.16 36.89
N GLY D 424 -19.29 -16.30 35.84
CA GLY D 424 -19.36 -15.33 34.73
C GLY D 424 -18.00 -15.15 34.05
N VAL D 425 -17.84 -14.09 33.28
CA VAL D 425 -16.69 -13.90 32.37
C VAL D 425 -15.57 -13.20 33.15
N ARG D 426 -14.97 -13.97 34.06
CA ARG D 426 -14.05 -13.46 35.11
C ARG D 426 -13.03 -14.56 35.43
N GLU D 427 -12.12 -14.89 34.50
CA GLU D 427 -11.28 -16.10 34.62
C GLU D 427 -10.33 -15.88 35.80
N HIS D 428 -9.74 -14.70 35.86
CA HIS D 428 -8.71 -14.36 36.86
C HIS D 428 -9.31 -14.66 38.25
N ALA D 429 -10.43 -14.02 38.59
CA ALA D 429 -11.07 -14.20 39.91
C ALA D 429 -11.51 -15.66 40.10
N MET D 430 -11.98 -16.34 39.06
CA MET D 430 -12.30 -17.78 39.17
C MET D 430 -11.07 -18.49 39.71
N GLY D 431 -9.92 -18.32 39.06
CA GLY D 431 -8.61 -18.82 39.51
C GLY D 431 -8.37 -18.56 41.00
N ALA D 432 -8.23 -17.30 41.40
CA ALA D 432 -7.98 -16.91 42.81
C ALA D 432 -9.04 -17.51 43.76
N ILE D 433 -10.31 -17.58 43.35
CA ILE D 433 -11.42 -18.07 44.23
C ILE D 433 -11.38 -19.61 44.32
N LEU D 434 -11.02 -20.29 43.23
CA LEU D 434 -10.73 -21.73 43.24
C LEU D 434 -9.65 -21.95 44.30
N ASN D 435 -8.63 -21.10 44.30
CA ASN D 435 -7.50 -21.21 45.24
C ASN D 435 -8.10 -21.06 46.65
N GLY D 436 -8.64 -19.88 46.96
CA GLY D 436 -9.39 -19.64 48.21
C GLY D 436 -10.07 -20.90 48.71
N LEU D 437 -11.03 -21.42 47.95
CA LEU D 437 -11.83 -22.63 48.27
C LEU D 437 -10.92 -23.81 48.66
N ASN D 438 -9.78 -23.93 47.97
CA ASN D 438 -8.88 -25.11 48.08
C ASN D 438 -7.94 -24.90 49.27
N LEU D 439 -7.52 -23.67 49.53
CA LEU D 439 -6.74 -23.31 50.74
C LEU D 439 -7.56 -23.56 52.02
N HIS D 440 -8.88 -23.32 52.00
CA HIS D 440 -9.68 -23.16 53.24
C HIS D 440 -9.68 -24.44 54.08
N GLY D 441 -9.94 -25.60 53.47
CA GLY D 441 -10.26 -26.86 54.15
C GLY D 441 -11.74 -27.18 54.00
N GLY D 442 -12.09 -28.45 53.74
CA GLY D 442 -13.48 -28.91 53.57
C GLY D 442 -13.80 -29.26 52.12
N TYR D 443 -13.16 -28.62 51.13
CA TYR D 443 -13.59 -28.70 49.70
C TYR D 443 -12.43 -28.99 48.74
N ARG D 444 -12.77 -29.71 47.68
CA ARG D 444 -11.99 -29.75 46.42
C ARG D 444 -12.78 -29.13 45.25
N ALA D 445 -12.14 -28.17 44.56
CA ALA D 445 -12.79 -27.22 43.63
C ALA D 445 -11.99 -27.13 42.34
N TYR D 446 -12.71 -27.32 41.22
CA TYR D 446 -12.23 -27.13 39.83
C TYR D 446 -13.09 -26.08 39.14
N GLY D 447 -12.53 -25.48 38.09
CA GLY D 447 -13.19 -24.44 37.28
C GLY D 447 -12.79 -24.53 35.82
N GLY D 448 -13.77 -24.34 34.94
CA GLY D 448 -13.61 -24.42 33.47
C GLY D 448 -13.52 -23.05 32.82
N THR D 449 -12.62 -22.94 31.85
CA THR D 449 -12.72 -21.99 30.71
C THR D 449 -12.12 -22.70 29.51
N PHE D 450 -11.86 -21.94 28.45
CA PHE D 450 -11.18 -22.42 27.24
C PHE D 450 -9.69 -22.28 27.52
N LEU D 451 -8.85 -23.20 27.00
CA LEU D 451 -7.39 -23.16 27.25
C LEU D 451 -6.83 -21.77 26.93
N VAL D 452 -7.24 -21.15 25.82
CA VAL D 452 -6.64 -19.85 25.37
C VAL D 452 -6.78 -18.82 26.49
N PHE D 453 -7.88 -18.86 27.23
CA PHE D 453 -8.19 -17.86 28.27
C PHE D 453 -7.48 -18.21 29.58
N SER D 454 -6.61 -19.23 29.60
CA SER D 454 -5.62 -19.42 30.69
C SER D 454 -4.79 -18.14 30.80
N ASP D 455 -4.56 -17.45 29.69
CA ASP D 455 -3.86 -16.15 29.65
C ASP D 455 -4.47 -15.14 30.63
N TYR D 456 -5.79 -15.13 30.80
CA TYR D 456 -6.48 -14.14 31.66
C TYR D 456 -6.21 -14.47 33.12
N MET D 457 -5.94 -15.74 33.44
CA MET D 457 -5.91 -16.20 34.85
C MET D 457 -4.51 -16.63 35.25
N ARG D 458 -3.48 -16.24 34.49
CA ARG D 458 -2.10 -16.77 34.67
C ARG D 458 -1.59 -16.53 36.08
N PRO D 459 -1.70 -15.33 36.67
CA PRO D 459 -1.10 -15.11 37.99
C PRO D 459 -1.73 -15.95 39.11
N ALA D 460 -2.97 -16.40 38.96
CA ALA D 460 -3.64 -17.27 39.95
C ALA D 460 -3.19 -18.73 39.77
N ILE D 461 -2.88 -19.14 38.54
CA ILE D 461 -2.37 -20.51 38.30
C ILE D 461 -0.99 -20.55 38.93
N ARG D 462 -0.21 -19.51 38.74
CA ARG D 462 1.15 -19.43 39.29
C ARG D 462 1.07 -19.41 40.82
N LEU D 463 0.10 -18.73 41.41
CA LEU D 463 0.04 -18.69 42.90
C LEU D 463 -0.38 -20.07 43.45
N ALA D 464 -1.27 -20.83 42.79
CA ALA D 464 -1.58 -22.23 43.19
C ALA D 464 -0.28 -23.05 43.16
N ALA D 465 0.43 -22.99 42.05
CA ALA D 465 1.70 -23.69 41.80
C ALA D 465 2.68 -23.37 42.94
N LEU D 466 2.87 -22.08 43.24
CA LEU D 466 3.78 -21.60 44.31
C LEU D 466 3.33 -22.10 45.67
N MET D 467 2.03 -22.00 46.00
CA MET D 467 1.53 -22.34 47.36
C MET D 467 1.39 -23.85 47.54
N GLY D 468 1.47 -24.64 46.47
CA GLY D 468 1.14 -26.08 46.47
C GLY D 468 -0.34 -26.30 46.76
N VAL D 469 -1.22 -25.43 46.26
CA VAL D 469 -2.69 -25.64 46.38
C VAL D 469 -3.15 -26.49 45.21
N PRO D 470 -3.77 -27.66 45.45
CA PRO D 470 -4.18 -28.57 44.37
C PRO D 470 -5.43 -28.11 43.62
N THR D 471 -5.42 -26.88 43.10
CA THR D 471 -6.54 -26.36 42.29
C THR D 471 -6.58 -27.12 40.97
N VAL D 472 -7.76 -27.57 40.57
CA VAL D 472 -7.91 -28.21 39.23
C VAL D 472 -8.48 -27.17 38.25
N PHE D 473 -7.71 -26.86 37.21
CA PHE D 473 -8.16 -25.98 36.10
C PHE D 473 -8.53 -26.86 34.91
N VAL D 474 -9.80 -26.77 34.54
CA VAL D 474 -10.35 -27.50 33.38
C VAL D 474 -10.31 -26.54 32.18
N PHE D 475 -9.66 -26.96 31.12
CA PHE D 475 -9.46 -26.16 29.90
C PHE D 475 -9.91 -26.98 28.70
N THR D 476 -11.03 -26.60 28.06
CA THR D 476 -11.56 -27.27 26.84
C THR D 476 -11.07 -26.54 25.60
N HIS D 477 -11.56 -26.90 24.41
CA HIS D 477 -11.23 -26.16 23.16
C HIS D 477 -9.70 -25.92 23.11
N ASP D 478 -8.94 -27.02 23.24
CA ASP D 478 -7.48 -27.04 23.52
C ASP D 478 -6.61 -26.80 22.29
N SER D 479 -7.19 -26.69 21.09
CA SER D 479 -6.38 -26.61 19.85
C SER D 479 -7.21 -26.05 18.70
N ILE D 480 -6.55 -25.74 17.58
CA ILE D 480 -7.18 -25.35 16.28
C ILE D 480 -8.34 -26.29 15.90
N ALA D 481 -8.41 -27.51 16.45
CA ALA D 481 -9.47 -28.48 16.10
C ALA D 481 -10.84 -27.92 16.49
N LEU D 482 -10.88 -26.96 17.42
CA LEU D 482 -12.16 -26.34 17.91
C LEU D 482 -12.88 -25.69 16.74
N GLY D 483 -12.17 -25.30 15.68
CA GLY D 483 -12.78 -24.99 14.39
C GLY D 483 -13.06 -23.50 14.21
N GLU D 484 -14.31 -23.15 13.95
CA GLU D 484 -14.74 -21.87 13.32
C GLU D 484 -14.43 -20.64 14.19
N ASP D 485 -14.21 -20.77 15.50
CA ASP D 485 -14.05 -19.56 16.36
C ASP D 485 -12.75 -18.85 16.00
N GLY D 486 -11.77 -19.57 15.47
CA GLY D 486 -10.62 -18.95 14.79
C GLY D 486 -9.48 -18.59 15.74
N PRO D 487 -8.48 -17.84 15.24
CA PRO D 487 -7.19 -17.76 15.89
C PRO D 487 -7.17 -17.09 17.27
N THR D 488 -8.16 -16.28 17.62
CA THR D 488 -8.18 -15.62 18.95
C THR D 488 -8.58 -16.62 20.03
N HIS D 489 -9.23 -17.72 19.63
CA HIS D 489 -9.77 -18.79 20.52
C HIS D 489 -8.89 -20.05 20.47
N GLN D 490 -7.93 -20.13 19.53
CA GLN D 490 -7.15 -21.35 19.25
C GLN D 490 -5.84 -21.33 20.03
N PRO D 491 -5.66 -22.22 21.03
CA PRO D 491 -4.39 -22.29 21.73
C PRO D 491 -3.26 -22.62 20.76
N VAL D 492 -2.08 -22.10 21.04
CA VAL D 492 -0.83 -22.53 20.36
C VAL D 492 0.27 -22.69 21.43
N GLU D 493 0.71 -21.57 21.99
CA GLU D 493 1.79 -21.51 23.00
C GLU D 493 1.33 -22.02 24.37
N HIS D 494 0.05 -22.29 24.55
CA HIS D 494 -0.53 -22.47 25.90
C HIS D 494 0.06 -23.70 26.58
N LEU D 495 0.00 -24.87 25.94
CA LEU D 495 0.48 -26.14 26.54
C LEU D 495 1.88 -25.98 27.14
N MET D 496 2.84 -25.48 26.35
CA MET D 496 4.25 -25.38 26.81
C MET D 496 4.42 -24.26 27.82
N SER D 497 3.67 -23.15 27.70
CA SER D 497 3.77 -22.04 28.68
C SER D 497 3.37 -22.55 30.06
N LEU D 498 2.43 -23.48 30.14
CA LEU D 498 2.02 -24.06 31.44
C LEU D 498 3.08 -25.08 31.90
N ARG D 499 3.53 -25.95 31.01
CA ARG D 499 4.51 -27.02 31.35
C ARG D 499 5.82 -26.42 31.87
N ALA D 500 6.20 -25.22 31.46
CA ALA D 500 7.43 -24.58 31.99
C ALA D 500 7.20 -24.12 33.43
N MET D 501 5.96 -24.06 33.89
CA MET D 501 5.69 -23.55 35.25
C MET D 501 5.97 -24.67 36.24
N PRO D 502 6.90 -24.45 37.19
CA PRO D 502 7.13 -25.39 38.27
C PRO D 502 5.84 -25.70 39.04
N ASN D 503 5.73 -26.97 39.42
CA ASN D 503 4.64 -27.51 40.28
C ASN D 503 3.31 -27.24 39.59
N LEU D 504 3.19 -27.56 38.30
CA LEU D 504 1.90 -27.65 37.58
C LEU D 504 1.86 -28.95 36.78
N PHE D 505 0.94 -29.87 37.07
CA PHE D 505 0.65 -31.00 36.16
C PHE D 505 -0.20 -30.48 35.00
N VAL D 506 0.22 -30.86 33.79
CA VAL D 506 -0.46 -30.48 32.53
C VAL D 506 -0.81 -31.79 31.82
N ILE D 507 -2.04 -32.26 32.06
CA ILE D 507 -2.55 -33.58 31.62
C ILE D 507 -3.46 -33.37 30.41
N ARG D 508 -3.13 -34.02 29.29
CA ARG D 508 -3.86 -33.90 28.01
C ARG D 508 -4.35 -35.28 27.55
N PRO D 509 -5.49 -35.76 28.09
CA PRO D 509 -5.96 -37.12 27.81
C PRO D 509 -6.29 -37.31 26.34
N ALA D 510 -5.87 -38.44 25.78
CA ALA D 510 -6.03 -38.80 24.34
C ALA D 510 -7.49 -39.10 24.01
N ASP D 511 -8.30 -39.55 24.98
CA ASP D 511 -9.65 -40.08 24.71
C ASP D 511 -10.52 -40.12 25.98
N ALA D 512 -11.77 -40.59 25.83
CA ALA D 512 -12.77 -40.73 26.91
C ALA D 512 -12.16 -41.45 28.13
N TYR D 513 -11.44 -42.56 27.91
CA TYR D 513 -10.93 -43.45 29.00
C TYR D 513 -9.76 -42.74 29.70
N GLU D 514 -8.73 -42.34 28.95
CA GLU D 514 -7.61 -41.50 29.47
C GLU D 514 -8.15 -40.32 30.32
N THR D 515 -9.18 -39.61 29.82
CA THR D 515 -9.84 -38.49 30.56
C THR D 515 -10.24 -38.96 31.96
N PHE D 516 -10.92 -40.11 32.07
CA PHE D 516 -11.33 -40.65 33.39
C PHE D 516 -10.11 -40.76 34.32
N TYR D 517 -9.02 -41.38 33.89
CA TYR D 517 -7.79 -41.59 34.70
C TYR D 517 -7.11 -40.23 34.97
N ALA D 518 -7.21 -39.28 34.03
CA ALA D 518 -6.72 -37.89 34.21
C ALA D 518 -7.33 -37.27 35.48
N TRP D 519 -8.65 -37.34 35.64
CA TRP D 519 -9.38 -36.82 36.84
C TRP D 519 -8.84 -37.48 38.11
N LEU D 520 -8.64 -38.81 38.06
CA LEU D 520 -8.10 -39.61 39.18
C LEU D 520 -6.76 -39.02 39.62
N VAL D 521 -5.80 -38.87 38.70
CA VAL D 521 -4.47 -38.25 38.97
C VAL D 521 -4.67 -36.90 39.66
N ALA D 522 -5.45 -36.02 39.03
CA ALA D 522 -5.63 -34.62 39.48
C ALA D 522 -6.18 -34.63 40.91
N LEU D 523 -7.20 -35.46 41.16
CA LEU D 523 -7.84 -35.56 42.50
C LEU D 523 -6.80 -36.04 43.53
N ARG D 524 -6.02 -37.08 43.19
CA ARG D 524 -5.03 -37.68 44.10
C ARG D 524 -3.82 -36.76 44.25
N ARG D 525 -3.52 -35.93 43.23
CA ARG D 525 -2.38 -34.99 43.28
C ARG D 525 -2.70 -33.88 44.29
N LYS D 526 -2.00 -33.84 45.43
CA LYS D 526 -2.27 -32.88 46.52
C LYS D 526 -1.15 -31.86 46.57
N GLU D 527 -0.01 -32.16 45.94
CA GLU D 527 1.23 -31.32 45.98
C GLU D 527 0.97 -29.97 45.30
N GLY D 528 0.04 -29.90 44.34
CA GLY D 528 -0.12 -28.67 43.56
C GLY D 528 -1.20 -28.75 42.50
N PRO D 529 -1.38 -27.61 41.78
CA PRO D 529 -2.44 -27.50 40.80
C PRO D 529 -2.21 -28.50 39.68
N THR D 530 -3.32 -28.84 39.05
CA THR D 530 -3.37 -29.67 37.84
C THR D 530 -4.31 -28.98 36.84
N ALA D 531 -3.82 -28.82 35.62
CA ALA D 531 -4.59 -28.39 34.44
C ALA D 531 -4.98 -29.64 33.65
N LEU D 532 -6.30 -29.87 33.46
CA LEU D 532 -6.82 -30.92 32.55
C LEU D 532 -7.20 -30.27 31.23
N VAL D 533 -6.67 -30.79 30.13
CA VAL D 533 -6.73 -30.13 28.80
C VAL D 533 -7.54 -31.00 27.84
N LEU D 534 -8.75 -30.55 27.50
CA LEU D 534 -9.80 -31.34 26.81
C LEU D 534 -10.14 -30.74 25.42
N THR D 535 -10.80 -31.54 24.60
CA THR D 535 -11.12 -31.22 23.19
C THR D 535 -12.52 -30.65 23.09
N ARG D 536 -12.74 -29.78 22.12
CA ARG D 536 -14.10 -29.45 21.62
C ARG D 536 -14.61 -30.60 20.74
N GLN D 537 -13.87 -30.98 19.70
CA GLN D 537 -14.26 -32.00 18.70
C GLN D 537 -14.28 -33.39 19.32
N ALA D 538 -15.19 -34.24 18.82
CA ALA D 538 -15.22 -35.70 19.04
C ALA D 538 -13.90 -36.28 18.54
N VAL D 539 -13.34 -37.20 19.32
CA VAL D 539 -12.21 -38.09 18.89
C VAL D 539 -12.63 -39.54 19.16
N PRO D 540 -11.92 -40.53 18.57
CA PRO D 540 -12.28 -41.94 18.73
C PRO D 540 -11.86 -42.47 20.10
N LEU D 541 -12.53 -43.52 20.57
CA LEU D 541 -12.24 -44.24 21.86
C LEU D 541 -10.97 -45.07 21.69
N LEU D 542 -10.26 -45.30 22.80
CA LEU D 542 -9.29 -46.42 22.96
C LEU D 542 -9.89 -47.44 23.94
N SER D 543 -9.04 -48.22 24.59
CA SER D 543 -9.41 -49.32 25.52
C SER D 543 -9.29 -48.84 26.97
N PRO D 544 -10.22 -49.25 27.86
CA PRO D 544 -10.07 -48.97 29.28
C PRO D 544 -8.70 -49.41 29.83
N GLU D 545 -8.19 -50.57 29.35
CA GLU D 545 -6.96 -51.24 29.85
C GLU D 545 -5.72 -50.45 29.44
N LYS D 546 -5.63 -50.04 28.18
CA LYS D 546 -4.50 -49.23 27.62
C LYS D 546 -4.46 -47.84 28.27
N ALA D 547 -5.57 -47.12 28.22
CA ALA D 547 -5.70 -45.75 28.80
C ALA D 547 -5.23 -45.76 30.26
N ARG D 548 -5.27 -46.90 30.93
CA ARG D 548 -4.78 -47.04 32.34
C ARG D 548 -3.32 -46.57 32.43
N GLY D 549 -2.60 -46.61 31.31
CA GLY D 549 -1.19 -46.14 31.21
C GLY D 549 -0.99 -44.67 31.55
N LEU D 550 -2.01 -43.82 31.33
CA LEU D 550 -1.98 -42.37 31.69
C LEU D 550 -1.41 -42.19 33.10
N LEU D 551 -1.70 -43.13 34.01
CA LEU D 551 -1.30 -43.11 35.45
C LEU D 551 0.24 -43.01 35.58
N ARG D 552 0.96 -43.42 34.55
CA ARG D 552 2.45 -43.42 34.48
C ARG D 552 2.93 -42.24 33.62
N GLY D 553 2.02 -41.36 33.21
CA GLY D 553 2.34 -40.05 32.59
C GLY D 553 2.61 -40.20 31.11
N GLY D 554 3.42 -41.18 30.75
CA GLY D 554 3.61 -41.62 29.36
C GLY D 554 3.62 -43.13 29.34
N TYR D 555 3.20 -43.72 28.22
CA TYR D 555 3.12 -45.19 28.08
C TYR D 555 3.02 -45.56 26.61
N VAL D 556 3.54 -46.75 26.30
CA VAL D 556 3.50 -47.41 24.97
C VAL D 556 2.07 -47.86 24.75
N LEU D 557 1.40 -47.31 23.73
CA LEU D 557 -0.05 -47.54 23.48
C LEU D 557 -0.23 -48.64 22.43
N GLU D 558 0.49 -48.54 21.31
CA GLU D 558 0.46 -49.56 20.24
C GLU D 558 1.90 -49.86 19.84
N ASP D 559 2.45 -50.95 20.38
CA ASP D 559 3.82 -51.40 20.05
C ASP D 559 3.79 -52.12 18.70
N VAL D 560 4.97 -52.37 18.14
CA VAL D 560 5.17 -53.17 16.89
C VAL D 560 6.26 -54.21 17.16
N GLU D 561 6.53 -55.09 16.19
CA GLU D 561 7.70 -56.01 16.17
C GLU D 561 8.98 -55.22 15.86
N GLU D 562 9.91 -55.16 16.82
CA GLU D 562 11.32 -54.70 16.62
C GLU D 562 11.36 -53.28 16.07
N PRO D 563 10.75 -52.29 16.79
CA PRO D 563 10.45 -50.98 16.20
C PRO D 563 11.68 -50.23 15.67
N GLN D 564 11.57 -49.61 14.49
CA GLN D 564 12.65 -48.78 13.91
C GLN D 564 12.60 -47.37 14.52
N GLY D 565 11.57 -47.04 15.31
CA GLY D 565 11.38 -45.70 15.91
C GLY D 565 10.01 -45.49 16.53
N VAL D 566 9.70 -44.24 16.90
CA VAL D 566 8.58 -43.93 17.84
C VAL D 566 7.91 -42.61 17.44
N LEU D 567 6.57 -42.67 17.35
CA LEU D 567 5.68 -41.50 17.38
C LEU D 567 5.21 -41.27 18.82
N VAL D 568 5.56 -40.13 19.41
CA VAL D 568 5.05 -39.70 20.73
C VAL D 568 4.10 -38.54 20.49
N ALA D 569 2.90 -38.62 21.07
CA ALA D 569 1.80 -37.65 20.88
C ALA D 569 1.08 -37.46 22.22
N THR D 570 0.18 -36.48 22.25
CA THR D 570 -0.60 -36.06 23.44
C THR D 570 -2.02 -35.82 22.97
N GLY D 571 -2.98 -36.03 23.87
CA GLY D 571 -4.41 -35.75 23.62
C GLY D 571 -4.83 -36.24 22.27
N SER D 572 -5.53 -35.37 21.54
CA SER D 572 -6.12 -35.64 20.21
C SER D 572 -5.08 -36.20 19.24
N GLU D 573 -3.80 -35.86 19.39
CA GLU D 573 -2.76 -36.12 18.35
C GLU D 573 -2.34 -37.60 18.41
N VAL D 574 -2.57 -38.22 19.57
CA VAL D 574 -2.41 -39.69 19.82
C VAL D 574 -3.13 -40.44 18.70
N HIS D 575 -4.37 -40.05 18.39
CA HIS D 575 -5.20 -40.67 17.32
C HIS D 575 -4.57 -40.46 15.93
N LEU D 576 -4.03 -39.27 15.65
CA LEU D 576 -3.32 -38.98 14.37
C LEU D 576 -2.01 -39.79 14.30
N ALA D 577 -1.34 -39.99 15.43
CA ALA D 577 -0.07 -40.75 15.48
C ALA D 577 -0.36 -42.22 15.12
N LEU D 578 -1.50 -42.78 15.58
CA LEU D 578 -1.94 -44.16 15.24
C LEU D 578 -2.19 -44.27 13.73
N ARG D 579 -2.79 -43.25 13.13
CA ARG D 579 -3.09 -43.25 11.67
C ARG D 579 -1.76 -43.25 10.90
N ALA D 580 -0.79 -42.43 11.34
CA ALA D 580 0.56 -42.39 10.75
C ALA D 580 1.29 -43.74 10.95
N GLN D 581 1.02 -44.46 12.04
CA GLN D 581 1.63 -45.77 12.38
C GLN D 581 1.16 -46.81 11.36
N ALA D 582 -0.16 -46.93 11.18
CA ALA D 582 -0.79 -47.82 10.20
C ALA D 582 -0.27 -47.48 8.79
N LEU D 583 -0.04 -46.20 8.48
CA LEU D 583 0.31 -45.78 7.10
C LEU D 583 1.79 -46.07 6.84
N LEU D 584 2.58 -46.11 7.92
CA LEU D 584 4.01 -46.47 7.85
C LEU D 584 4.13 -47.99 7.65
N ARG D 585 3.18 -48.79 8.15
CA ARG D 585 3.14 -50.26 7.88
C ARG D 585 2.97 -50.50 6.37
N GLU D 586 2.06 -49.77 5.72
CA GLU D 586 1.79 -49.88 4.26
C GLU D 586 3.12 -49.84 3.50
N LYS D 587 4.09 -49.06 3.98
CA LYS D 587 5.47 -48.97 3.42
C LYS D 587 6.42 -49.95 4.13
N GLY D 588 5.87 -50.84 4.98
CA GLY D 588 6.62 -51.87 5.73
C GLY D 588 7.48 -51.29 6.85
N VAL D 589 7.26 -50.03 7.24
CA VAL D 589 8.02 -49.35 8.32
C VAL D 589 7.25 -49.54 9.63
N ARG D 590 7.98 -49.94 10.69
CA ARG D 590 7.41 -50.35 12.00
C ARG D 590 7.84 -49.33 13.06
N VAL D 591 6.87 -48.61 13.63
CA VAL D 591 7.08 -47.65 14.76
C VAL D 591 6.02 -47.95 15.83
N ARG D 592 6.41 -47.88 17.10
CA ARG D 592 5.42 -47.90 18.20
C ARG D 592 4.77 -46.51 18.26
N VAL D 593 3.62 -46.44 18.91
CA VAL D 593 2.97 -45.17 19.31
C VAL D 593 2.88 -45.12 20.83
N VAL D 594 3.51 -44.10 21.40
CA VAL D 594 3.45 -43.71 22.83
C VAL D 594 2.44 -42.58 23.03
N SER D 595 1.66 -42.69 24.11
CA SER D 595 0.76 -41.65 24.63
C SER D 595 1.54 -40.96 25.74
N LEU D 596 1.67 -39.63 25.68
CA LEU D 596 2.37 -38.80 26.71
C LEU D 596 1.39 -37.79 27.30
N PRO D 597 0.30 -38.22 27.96
CA PRO D 597 -0.69 -37.28 28.48
C PRO D 597 -0.14 -36.21 29.47
N SER D 598 1.02 -36.42 30.09
CA SER D 598 1.63 -35.46 31.05
C SER D 598 3.15 -35.67 31.10
N PHE D 599 3.90 -34.61 30.77
CA PHE D 599 5.38 -34.57 30.88
C PHE D 599 5.77 -34.78 32.34
N GLU D 600 5.03 -34.14 33.25
CA GLU D 600 5.43 -34.00 34.68
C GLU D 600 5.31 -35.39 35.32
N LEU D 601 4.17 -36.05 35.18
CA LEU D 601 3.96 -37.39 35.78
C LEU D 601 4.93 -38.39 35.12
N PHE D 602 5.24 -38.21 33.83
CA PHE D 602 6.20 -39.09 33.11
C PHE D 602 7.63 -38.88 33.63
N ALA D 603 8.12 -37.64 33.73
CA ALA D 603 9.50 -37.35 34.18
C ALA D 603 9.72 -37.90 35.61
N ALA D 604 8.66 -37.98 36.43
CA ALA D 604 8.71 -38.48 37.83
C ALA D 604 8.65 -40.02 37.92
N GLN D 605 8.50 -40.73 36.79
CA GLN D 605 8.64 -42.21 36.71
C GLN D 605 10.13 -42.56 36.77
N PRO D 606 10.51 -43.74 37.33
CA PRO D 606 11.89 -44.23 37.30
C PRO D 606 12.52 -44.23 35.90
N GLU D 607 13.82 -43.95 35.84
CA GLU D 607 14.59 -43.87 34.56
C GLU D 607 14.34 -45.11 33.70
N ALA D 608 14.52 -46.32 34.25
CA ALA D 608 14.31 -47.61 33.56
C ALA D 608 13.01 -47.58 32.74
N TYR D 609 11.90 -47.21 33.41
CA TYR D 609 10.55 -47.10 32.78
C TYR D 609 10.59 -46.20 31.54
N ARG D 610 11.26 -45.06 31.62
CA ARG D 610 11.20 -43.99 30.58
C ARG D 610 11.99 -44.43 29.35
N LYS D 611 13.15 -45.04 29.56
CA LYS D 611 13.99 -45.61 28.47
C LYS D 611 13.29 -46.85 27.89
N GLU D 612 12.46 -47.53 28.67
CA GLU D 612 11.61 -48.63 28.14
C GLU D 612 10.46 -48.04 27.32
N VAL D 613 9.95 -46.85 27.66
CA VAL D 613 8.90 -46.16 26.84
C VAL D 613 9.59 -45.50 25.63
N LEU D 614 10.74 -44.83 25.80
CA LEU D 614 11.41 -44.08 24.69
C LEU D 614 12.81 -44.63 24.45
N PRO D 615 12.99 -45.90 24.03
CA PRO D 615 14.31 -46.52 24.05
C PRO D 615 15.32 -45.61 23.37
N PRO D 616 16.38 -45.19 24.11
CA PRO D 616 17.37 -44.25 23.58
C PRO D 616 18.09 -44.90 22.39
N GLY D 617 18.40 -44.13 21.36
CA GLY D 617 18.95 -44.61 20.09
C GLY D 617 17.89 -44.68 19.01
N LEU D 618 16.62 -44.83 19.39
CA LEU D 618 15.49 -44.89 18.43
C LEU D 618 15.12 -43.47 18.00
N PRO D 619 15.02 -43.17 16.68
CA PRO D 619 14.47 -41.89 16.23
C PRO D 619 13.02 -41.71 16.72
N VAL D 620 12.71 -40.52 17.25
CA VAL D 620 11.38 -40.16 17.82
C VAL D 620 10.86 -38.94 17.05
N VAL D 621 9.62 -39.02 16.54
CA VAL D 621 8.82 -37.83 16.14
C VAL D 621 7.68 -37.63 17.16
N ALA D 622 7.58 -36.42 17.72
CA ALA D 622 6.44 -35.96 18.54
C ALA D 622 5.36 -35.35 17.62
N VAL D 623 4.10 -35.49 18.04
CA VAL D 623 2.93 -34.87 17.36
C VAL D 623 2.06 -34.16 18.41
N GLU D 624 1.82 -32.86 18.20
CA GLU D 624 1.05 -31.99 19.13
C GLU D 624 0.63 -30.70 18.40
N ALA D 625 -0.67 -30.42 18.40
CA ALA D 625 -1.27 -29.23 17.76
C ALA D 625 -0.99 -28.02 18.65
N GLY D 626 0.28 -27.62 18.77
CA GLY D 626 0.76 -26.60 19.72
C GLY D 626 2.20 -26.26 19.40
N ALA D 627 2.77 -25.28 20.10
CA ALA D 627 4.10 -24.71 19.82
C ALA D 627 5.11 -25.85 19.87
N SER D 628 6.16 -25.84 19.05
CA SER D 628 7.18 -26.92 19.02
C SER D 628 8.19 -26.77 20.18
N LEU D 629 8.37 -25.55 20.69
CA LEU D 629 9.47 -25.27 21.64
C LEU D 629 9.29 -26.17 22.89
N GLY D 630 10.32 -26.95 23.19
CA GLY D 630 10.36 -27.88 24.34
C GLY D 630 10.24 -29.34 23.91
N TRP D 631 9.86 -29.63 22.67
CA TRP D 631 9.64 -31.04 22.24
C TRP D 631 10.98 -31.74 22.01
N GLU D 632 12.05 -30.96 21.81
CA GLU D 632 13.46 -31.40 21.67
C GLU D 632 13.86 -32.16 22.94
N ARG D 633 13.14 -32.03 24.05
CA ARG D 633 13.46 -32.82 25.28
C ARG D 633 13.25 -34.32 25.02
N TYR D 634 12.24 -34.69 24.23
CA TYR D 634 11.84 -36.11 24.02
C TYR D 634 12.02 -36.53 22.54
N ALA D 635 11.82 -35.63 21.56
CA ALA D 635 11.72 -36.00 20.14
C ALA D 635 12.83 -35.35 19.31
N HIS D 636 13.35 -36.05 18.30
CA HIS D 636 14.38 -35.57 17.34
C HIS D 636 13.73 -34.59 16.35
N LYS D 637 12.48 -34.86 15.95
CA LYS D 637 11.64 -33.97 15.08
C LYS D 637 10.24 -33.84 15.68
N VAL D 638 9.46 -32.85 15.24
CA VAL D 638 8.17 -32.45 15.87
C VAL D 638 7.19 -32.10 14.76
N VAL D 639 6.00 -32.71 14.77
CA VAL D 639 4.87 -32.22 13.95
C VAL D 639 4.00 -31.31 14.84
N ALA D 640 4.23 -30.00 14.70
CA ALA D 640 3.78 -28.95 15.64
C ALA D 640 3.15 -27.80 14.87
N LEU D 641 2.68 -26.79 15.59
CA LEU D 641 2.10 -25.55 15.03
C LEU D 641 2.78 -24.36 15.71
N ASP D 642 3.51 -23.57 14.91
CA ASP D 642 4.31 -22.41 15.38
C ASP D 642 3.80 -21.19 14.61
N ARG D 643 2.48 -21.08 14.53
CA ARG D 643 1.78 -19.91 13.96
C ARG D 643 0.37 -19.86 14.56
N PHE D 644 -0.29 -18.71 14.52
CA PHE D 644 -1.70 -18.60 14.96
C PHE D 644 -2.55 -19.37 13.95
N GLY D 645 -3.76 -19.73 14.35
CA GLY D 645 -4.64 -20.61 13.55
C GLY D 645 -5.49 -19.85 12.55
N ALA D 646 -6.73 -20.31 12.38
CA ALA D 646 -7.60 -19.83 11.29
C ALA D 646 -9.04 -20.20 11.58
N SER D 647 -9.95 -19.29 11.21
CA SER D 647 -11.41 -19.49 11.28
C SER D 647 -11.80 -20.39 10.12
N ALA D 648 -11.88 -21.69 10.39
CA ALA D 648 -12.38 -22.71 9.43
C ALA D 648 -12.94 -23.89 10.22
N PRO D 649 -13.87 -24.67 9.63
CA PRO D 649 -14.43 -25.84 10.29
C PRO D 649 -13.39 -26.97 10.42
N TYR D 650 -13.58 -27.77 11.45
CA TYR D 650 -12.97 -29.10 11.63
C TYR D 650 -13.71 -30.13 10.79
N PRO D 651 -13.06 -31.18 10.23
CA PRO D 651 -11.61 -31.34 10.26
C PRO D 651 -10.76 -30.55 9.26
N GLU D 652 -11.34 -29.78 8.33
CA GLU D 652 -10.55 -29.07 7.28
C GLU D 652 -9.40 -28.29 7.93
N VAL D 653 -9.65 -27.51 9.00
CA VAL D 653 -8.67 -26.51 9.54
C VAL D 653 -7.45 -27.26 10.07
N TYR D 654 -7.69 -28.41 10.71
CA TYR D 654 -6.68 -29.29 11.34
C TYR D 654 -5.71 -29.80 10.26
N GLU D 655 -6.22 -30.23 9.10
CA GLU D 655 -5.42 -30.87 8.02
C GLU D 655 -4.54 -29.83 7.33
N ARG D 656 -5.11 -28.70 6.95
CA ARG D 656 -4.39 -27.65 6.19
C ARG D 656 -3.35 -26.95 7.06
N LEU D 657 -3.46 -27.01 8.37
CA LEU D 657 -2.37 -26.46 9.21
C LEU D 657 -1.37 -27.57 9.54
N GLY D 658 -1.43 -28.68 8.79
CA GLY D 658 -0.34 -29.65 8.61
C GLY D 658 -0.46 -30.90 9.48
N PHE D 659 -1.65 -31.18 10.05
CA PHE D 659 -1.88 -32.30 11.02
C PHE D 659 -2.60 -33.44 10.29
N THR D 660 -1.92 -34.01 9.29
CA THR D 660 -2.33 -35.16 8.44
C THR D 660 -1.47 -36.37 8.77
N PRO D 661 -2.00 -37.61 8.57
CA PRO D 661 -1.20 -38.83 8.73
C PRO D 661 0.05 -38.84 7.84
N GLU D 662 -0.07 -38.29 6.64
CA GLU D 662 0.99 -38.24 5.60
C GLU D 662 2.15 -37.36 6.07
N ARG D 663 1.87 -36.21 6.69
CA ARG D 663 2.90 -35.27 7.19
C ARG D 663 3.63 -35.91 8.37
N VAL D 664 2.93 -36.68 9.20
CA VAL D 664 3.56 -37.37 10.37
C VAL D 664 4.49 -38.48 9.83
N ALA D 665 4.01 -39.25 8.85
CA ALA D 665 4.76 -40.32 8.16
C ALA D 665 6.06 -39.76 7.55
N GLU D 666 5.93 -38.81 6.62
CA GLU D 666 7.07 -38.12 5.95
C GLU D 666 8.08 -37.71 7.00
N ALA D 667 7.60 -37.08 8.07
CA ALA D 667 8.45 -36.57 9.16
C ALA D 667 9.30 -37.72 9.71
N PHE D 668 8.72 -38.93 9.91
CA PHE D 668 9.49 -40.08 10.47
C PHE D 668 10.53 -40.57 9.43
N LEU D 669 10.13 -40.70 8.16
CA LEU D 669 11.03 -41.26 7.10
C LEU D 669 12.26 -40.38 6.91
N SER D 670 12.23 -39.12 7.36
CA SER D 670 13.37 -38.18 7.20
C SER D 670 14.40 -38.42 8.31
N LEU D 671 14.05 -39.25 9.31
CA LEU D 671 14.99 -39.67 10.39
C LEU D 671 15.63 -41.02 10.03
N VAL D 672 15.10 -41.75 9.04
CA VAL D 672 15.60 -43.08 8.57
C VAL D 672 15.80 -43.07 7.04
N1' TPP E . -3.78 8.42 -40.73
C2' TPP E . -2.58 8.46 -41.32
CM2 TPP E . -1.55 9.35 -40.70
N3' TPP E . -2.24 7.79 -42.44
C4' TPP E . -3.18 6.97 -42.97
N4' TPP E . -2.84 6.25 -44.06
C5' TPP E . -4.48 6.86 -42.40
C6' TPP E . -4.70 7.61 -41.26
C7' TPP E . -5.54 5.94 -42.94
N3 TPP E . -5.86 6.27 -44.31
C2 TPP E . -5.28 5.69 -45.39
S1 TPP E . -5.91 6.33 -46.88
C5 TPP E . -6.69 7.59 -45.93
C4 TPP E . -6.73 7.31 -44.61
CM4 TPP E . -7.43 8.11 -43.53
C6 TPP E . -7.24 8.85 -46.56
C7 TPP E . -7.82 8.58 -47.89
O7 TPP E . -8.31 9.82 -48.40
PA TPP E . -7.34 10.61 -49.37
O1A TPP E . -8.06 11.84 -49.83
O2A TPP E . -6.05 10.79 -48.65
O3A TPP E . -7.20 9.47 -50.49
PB TPP E . -7.90 9.07 -51.90
O1B TPP E . -8.72 7.83 -51.64
O2B TPP E . -6.70 8.82 -52.78
O3B TPP E . -8.70 10.29 -52.30
CA CA F . -9.09 12.34 -51.76
O1 MES G . 11.06 27.75 -22.99
C2 MES G . 10.99 26.44 -22.44
C3 MES G . 12.05 26.24 -21.37
N4 MES G . 13.41 26.57 -21.87
C5 MES G . 13.38 27.95 -22.46
C6 MES G . 12.35 27.98 -23.52
C7 MES G . 14.46 26.47 -20.81
C8 MES G . 15.82 26.92 -21.31
S MES G . 17.14 25.96 -20.65
O1S MES G . 16.53 24.75 -20.13
O2S MES G . 17.73 26.76 -19.62
O3S MES G . 18.06 25.71 -21.74
O1 MES H . -6.40 2.97 -46.38
C2 MES H . -5.77 2.12 -45.44
C3 MES H . -6.28 0.69 -45.56
N4 MES H . -7.76 0.68 -45.41
C5 MES H . -8.38 1.56 -46.43
C6 MES H . -7.82 2.94 -46.21
C7 MES H . -8.39 -0.69 -45.42
C8 MES H . -9.69 -0.59 -44.66
S MES H . -10.01 -1.95 -43.60
O1S MES H . -8.80 -2.24 -42.86
O2S MES H . -10.40 -3.01 -44.49
O3S MES H . -11.10 -1.48 -42.76
N1' TPP I . 8.14 22.33 -28.62
C2' TPP I . 6.94 22.33 -28.04
CM2 TPP I . 5.88 21.47 -28.64
N3' TPP I . 6.62 23.00 -26.93
C4' TPP I . 7.57 23.75 -26.36
N4' TPP I . 7.24 24.42 -25.25
C5' TPP I . 8.89 23.83 -26.94
C6' TPP I . 9.09 23.10 -28.08
C7' TPP I . 10.00 24.63 -26.30
N3 TPP I . 9.65 26.04 -26.26
C2 TPP I . 9.05 26.63 -25.22
S1 TPP I . 8.58 28.26 -25.59
C5 TPP I . 9.23 28.04 -27.21
C4 TPP I . 9.82 26.84 -27.38
CM4 TPP I . 10.47 26.31 -28.63
C6 TPP I . 9.01 29.08 -28.28
C7 TPP I . 9.21 30.48 -27.82
O7 TPP I . 8.85 31.32 -28.91
PA TPP I . 7.35 31.86 -28.95
O1A TPP I . 6.40 30.71 -28.93
O2A TPP I . 7.20 32.87 -30.04
O3A TPP I . 7.28 32.64 -27.55
PB TPP I . 7.60 34.11 -27.01
O1B TPP I . 9.03 34.13 -26.53
O2B TPP I . 6.59 34.13 -25.92
O3B TPP I . 7.36 35.13 -28.06
CA CA J . 7.17 34.98 -30.25
N1' TPP K . -13.56 -15.30 28.09
C2' TPP K . -13.11 -14.36 27.25
CM2 TPP K . -12.08 -13.40 27.75
N3' TPP K . -13.53 -14.20 25.98
C4' TPP K . -14.46 -15.05 25.51
N4' TPP K . -14.86 -14.90 24.23
C5' TPP K . -14.97 -16.09 26.31
C6' TPP K . -14.48 -16.16 27.60
C7' TPP K . -16.00 -17.07 25.77
N3 TPP K . -17.21 -16.36 25.35
C2 TPP K . -17.52 -16.04 24.08
S1 TPP K . -18.87 -14.97 24.00
C5 TPP K . -19.03 -15.06 25.74
C4 TPP K . -18.11 -15.87 26.30
CM4 TPP K . -17.95 -16.16 27.76
C6 TPP K . -20.05 -14.26 26.51
C7 TPP K . -21.33 -14.07 25.80
O7 TPP K . -22.18 -13.33 26.71
PA TPP K . -22.28 -11.73 26.57
O1A TPP K . -20.93 -11.12 26.73
O2A TPP K . -23.44 -11.39 27.45
O3A TPP K . -22.73 -11.59 25.04
PB TPP K . -24.15 -11.77 24.30
O1B TPP K . -24.49 -13.21 24.22
O2B TPP K . -23.81 -11.14 22.97
O3B TPP K . -25.22 -11.02 25.05
CA CA L . -25.39 -10.27 27.22
O1 MES M . 8.13 -2.21 45.07
C2 MES M . 8.77 -3.37 44.56
C3 MES M . 10.23 -3.42 44.95
N4 MES M . 10.95 -2.16 44.58
C5 MES M . 10.19 -0.98 45.08
C6 MES M . 8.76 -1.04 44.60
C7 MES M . 12.35 -2.17 45.09
C8 MES M . 13.20 -1.06 44.52
S MES M . 13.92 -1.53 42.96
O1S MES M . 13.54 -2.90 42.75
O2S MES M . 15.33 -1.32 43.13
O3S MES M . 13.35 -0.65 41.97
O1 MES N . -18.62 -18.05 22.16
C2 MES N . -17.53 -18.84 21.71
C3 MES N . -17.99 -20.03 20.90
N4 MES N . -19.02 -20.84 21.62
C5 MES N . -20.12 -19.96 22.14
C6 MES N . -19.53 -18.82 22.93
C7 MES N . -19.57 -21.93 20.75
C8 MES N . -20.16 -23.06 21.56
S MES N . -19.16 -24.52 21.53
O1S MES N . -17.80 -24.11 21.38
O2S MES N . -19.41 -25.19 22.78
O3S MES N . -19.62 -25.29 20.40
N1' TPP O . 1.96 -5.49 39.89
C2' TPP O . 1.52 -6.38 40.78
CM2 TPP O . 0.33 -7.20 40.40
N3' TPP O . 2.05 -6.59 41.99
C4' TPP O . 3.14 -5.85 42.33
N4' TPP O . 3.67 -6.07 43.56
C5' TPP O . 3.68 -4.90 41.44
C6' TPP O . 3.04 -4.76 40.22
C7' TPP O . 4.89 -4.06 41.78
N3 TPP O . 4.57 -3.22 42.93
C2 TPP O . 5.02 -3.47 44.15
S1 TPP O . 4.10 -2.63 45.34
C5 TPP O . 3.42 -1.63 44.07
C4 TPP O . 3.73 -2.11 42.84
CM4 TPP O . 3.24 -1.60 41.52
C6 TPP O . 2.56 -0.41 44.36
C7 TPP O . 2.83 0.26 45.69
O7 TPP O . 1.74 1.16 45.96
PA TPP O . 0.52 0.66 46.88
O1A TPP O . -0.46 1.78 46.99
O2A TPP O . 0.03 -0.68 46.42
O3A TPP O . 1.29 0.43 48.29
PB TPP O . 1.72 1.34 49.55
O1B TPP O . 2.00 2.71 48.97
O2B TPP O . 2.96 0.73 50.19
O3B TPP O . 0.49 1.30 50.48
CA CA P . -1.16 3.19 48.86
#